data_7RFF
#
_entry.id   7RFF
#
_cell.length_a   1.00
_cell.length_b   1.00
_cell.length_c   1.00
_cell.angle_alpha   90.00
_cell.angle_beta   90.00
_cell.angle_gamma   90.00
#
_symmetry.space_group_name_H-M   'P 1'
#
_entity_poly.entity_id   1
_entity_poly.type   'polypeptide(L)'
_entity_poly.pdbx_seq_one_letter_code
;MEGPLTPPPLQGGGAAAVPEPGARQHPGHETAAQRYSARLLQAGYEPESCFLLELSSVVLLAGVGVQMDRLRRASMADYL
ISGGTGYVPEDGLTAQQLFASADGLTYNDFLILPGFIDFIADEVDLTSALTRKITLKTPLISSPMDTVTEADMAIAMALM
GGIGFIHHNCTPEFQANEVRKVKKFEQGFITDPVVLSPSHTVGDVLEAKMRHGFSGIPITETGTMGSKLVGIVTSRDIDF
LAEKDHTTLLSEVMTPRIELVVAPAGVTLKEANEILQRSKKGKLPIVNDCDELVAIIARTDLKKNRDYPLASKDSQKQLL
CGAAVGTREDDKYRLDLLTQAGVDVIVLDSSQGNSVYQIAMVHYIKQKYPHLQVIGGNVVTAAQAKNLIDAGVDGLRVGM
GCGSICITQEVMACGRPQGTAVYKVAEYARRFGVPIIADGGIQTVGHVVKALALGASTVMMGSLLAATTEAPGEYFFSDG
VRLKKYRGMGSLDAMEKSSSSQKRYFSEGDKVKIAQGVSGSIQDKGSIQKFVPYLIAGIQHGCQDIGARSLSVLRSMMYS
GELKFEKRTMSAQIEGGVHGLHSYTFLPFTKSGCTEDSGGGRGGGGDAPQCPLLGTASLHN
;
_entity_poly.pdbx_strand_id   A,B,C,D,E,F,G,H
#
# COMPACT_ATOMS: atom_id res chain seq x y z
N HIS A 29 -17.42 11.08 26.85
CA HIS A 29 -16.74 12.33 27.30
C HIS A 29 -17.02 13.48 26.33
N GLU A 30 -16.97 14.72 26.80
CA GLU A 30 -17.11 15.89 25.93
C GLU A 30 -15.83 16.11 25.10
N THR A 31 -15.91 15.95 23.78
CA THR A 31 -14.76 16.14 22.88
C THR A 31 -14.33 17.61 22.82
N ALA A 32 -13.11 17.89 22.35
CA ALA A 32 -12.58 19.24 22.24
C ALA A 32 -13.51 20.20 21.47
N ALA A 33 -14.16 19.74 20.40
CA ALA A 33 -15.16 20.51 19.67
C ALA A 33 -16.37 20.86 20.55
N GLN A 34 -16.87 19.89 21.31
CA GLN A 34 -18.00 20.10 22.22
C GLN A 34 -17.64 21.06 23.36
N ARG A 35 -16.45 20.93 23.96
CA ARG A 35 -16.02 21.81 25.06
C ARG A 35 -15.72 23.23 24.58
N TYR A 36 -15.03 23.37 23.45
CA TYR A 36 -14.79 24.68 22.82
C TYR A 36 -16.10 25.38 22.47
N SER A 37 -17.00 24.72 21.73
CA SER A 37 -18.29 25.31 21.34
C SER A 37 -19.19 25.61 22.54
N ALA A 38 -19.21 24.78 23.58
CA ALA A 38 -19.94 25.06 24.81
C ALA A 38 -19.43 26.32 25.52
N ARG A 39 -18.10 26.46 25.69
CA ARG A 39 -17.52 27.63 26.36
C ARG A 39 -17.55 28.91 25.50
N LEU A 40 -17.61 28.79 24.18
CA LEU A 40 -17.85 29.92 23.27
C LEU A 40 -19.25 30.55 23.43
N LEU A 41 -20.20 29.91 24.13
CA LEU A 41 -21.47 30.53 24.53
C LEU A 41 -21.34 31.51 25.73
N GLN A 42 -20.22 31.51 26.46
CA GLN A 42 -20.05 32.32 27.69
C GLN A 42 -19.69 33.81 27.44
N ALA A 43 -19.62 34.23 26.18
CA ALA A 43 -19.48 35.61 25.72
C ALA A 43 -20.20 35.76 24.35
N GLY A 44 -20.26 36.96 23.72
CA GLY A 44 -21.04 37.12 22.51
C GLY A 44 -20.33 36.70 21.24
N TYR A 45 -19.64 35.56 21.24
CA TYR A 45 -18.87 35.04 20.11
C TYR A 45 -19.49 33.76 19.53
N MET A 76 -26.61 29.00 14.82
CA MET A 76 -27.61 28.17 14.18
C MET A 76 -27.19 27.69 12.77
N ALA A 77 -27.95 26.74 12.22
CA ALA A 77 -27.67 25.93 11.04
C ALA A 77 -26.48 24.97 11.18
N ASP A 78 -25.38 25.36 11.81
CA ASP A 78 -24.26 24.46 12.15
C ASP A 78 -24.69 23.30 13.07
N TYR A 79 -25.52 23.59 14.09
CA TYR A 79 -26.15 22.60 14.95
C TYR A 79 -27.06 21.64 14.17
N LEU A 80 -27.82 22.14 13.20
CA LEU A 80 -28.63 21.28 12.32
C LEU A 80 -27.78 20.49 11.32
N ILE A 81 -26.59 20.96 10.94
CA ILE A 81 -25.71 20.23 10.04
C ILE A 81 -25.12 19.01 10.74
N SER A 82 -24.48 19.12 11.90
CA SER A 82 -23.90 17.95 12.58
C SER A 82 -23.88 18.00 14.12
N GLY A 83 -24.90 18.57 14.74
CA GLY A 83 -25.02 18.58 16.21
C GLY A 83 -23.82 19.23 16.90
N GLY A 84 -23.26 18.55 17.89
CA GLY A 84 -22.08 19.03 18.64
C GLY A 84 -20.72 18.79 17.97
N THR A 85 -20.61 17.90 16.97
CA THR A 85 -19.33 17.57 16.31
C THR A 85 -18.95 18.61 15.24
N GLY A 86 -18.71 19.84 15.69
CA GLY A 86 -18.59 21.07 14.88
C GLY A 86 -17.24 21.34 14.22
N TYR A 87 -16.62 20.32 13.61
CA TYR A 87 -15.39 20.34 12.81
C TYR A 87 -14.08 20.66 13.55
N VAL A 88 -13.12 19.77 13.37
CA VAL A 88 -11.71 19.94 13.72
C VAL A 88 -10.87 19.47 12.53
N PRO A 89 -9.78 20.15 12.14
CA PRO A 89 -8.91 19.69 11.08
C PRO A 89 -8.32 18.32 11.34
N GLU A 90 -8.21 17.48 10.32
CA GLU A 90 -7.53 16.19 10.43
C GLU A 90 -6.01 16.42 10.59
N ASP A 91 -5.40 15.83 11.62
CA ASP A 91 -3.97 15.95 11.88
C ASP A 91 -3.52 14.88 12.89
N GLY A 92 -2.41 14.19 12.65
CA GLY A 92 -1.91 13.12 13.50
C GLY A 92 -2.62 11.77 13.33
N LEU A 93 -2.01 10.72 13.87
CA LEU A 93 -2.52 9.36 13.83
C LEU A 93 -3.42 9.08 15.03
N THR A 94 -4.42 8.23 14.92
CA THR A 94 -5.06 7.61 16.09
C THR A 94 -4.18 6.53 16.68
N ALA A 95 -4.39 6.11 17.93
CA ALA A 95 -3.60 5.02 18.52
C ALA A 95 -3.70 3.72 17.72
N GLN A 96 -4.86 3.42 17.14
CA GLN A 96 -5.01 2.29 16.23
C GLN A 96 -4.14 2.43 14.97
N GLN A 97 -4.12 3.59 14.32
CA GLN A 97 -3.27 3.88 13.17
C GLN A 97 -1.77 3.91 13.49
N LEU A 98 -1.38 4.34 14.69
CA LEU A 98 0.02 4.34 15.13
C LEU A 98 0.56 2.91 15.22
N PHE A 99 -0.21 2.00 15.79
CA PHE A 99 0.20 0.60 16.00
C PHE A 99 -0.18 -0.36 14.87
N ALA A 100 -0.97 0.07 13.88
CA ALA A 100 -1.26 -0.67 12.65
C ALA A 100 -0.06 -0.71 11.67
N SER A 101 1.13 -1.05 12.16
CA SER A 101 2.37 -1.16 11.40
C SER A 101 3.30 -2.20 12.03
N ALA A 102 4.24 -2.74 11.25
CA ALA A 102 5.12 -3.83 11.68
C ALA A 102 6.09 -3.44 12.82
N ASP A 103 6.52 -2.19 12.88
CA ASP A 103 7.47 -1.64 13.83
C ASP A 103 6.86 -1.46 15.23
N GLY A 104 7.44 -2.14 16.22
CA GLY A 104 7.10 -1.98 17.62
C GLY A 104 7.79 -0.76 18.23
N LEU A 105 7.04 0.01 19.02
CA LEU A 105 7.42 1.31 19.52
C LEU A 105 7.67 1.28 21.03
N THR A 106 8.71 1.97 21.48
CA THR A 106 8.89 2.38 22.87
C THR A 106 8.20 3.71 23.10
N TYR A 107 8.16 4.18 24.35
CA TYR A 107 7.70 5.53 24.65
C TYR A 107 8.52 6.65 23.98
N ASN A 108 9.76 6.42 23.58
CA ASN A 108 10.57 7.45 22.93
C ASN A 108 10.20 7.65 21.46
N ASP A 109 9.61 6.66 20.81
CA ASP A 109 9.33 6.68 19.38
C ASP A 109 8.11 7.50 18.96
N PHE A 110 7.34 8.03 19.90
CA PHE A 110 6.12 8.78 19.60
C PHE A 110 5.90 9.94 20.56
N LEU A 111 5.11 10.92 20.16
CA LEU A 111 4.56 11.99 21.01
C LEU A 111 3.05 11.97 20.92
N ILE A 112 2.41 12.37 22.01
CA ILE A 112 1.00 12.73 22.04
C ILE A 112 0.86 14.15 21.50
N LEU A 113 -0.14 14.46 20.68
CA LEU A 113 -0.35 15.83 20.20
C LEU A 113 -1.23 16.62 21.19
N PRO A 114 -0.94 17.91 21.45
CA PRO A 114 -1.70 18.73 22.40
C PRO A 114 -3.13 19.03 21.93
N GLY A 115 -4.05 19.20 22.89
CA GLY A 115 -5.48 19.33 22.63
C GLY A 115 -6.01 20.75 22.81
N PHE A 116 -7.05 20.89 23.62
CA PHE A 116 -7.67 22.14 24.01
C PHE A 116 -7.75 22.19 25.53
N ILE A 117 -7.34 23.29 26.15
CA ILE A 117 -7.30 23.43 27.61
C ILE A 117 -8.43 24.33 28.08
N ASP A 118 -9.32 23.78 28.90
CA ASP A 118 -10.44 24.49 29.50
C ASP A 118 -10.50 24.35 31.03
N PHE A 119 -9.40 23.97 31.68
CA PHE A 119 -9.32 23.65 33.10
C PHE A 119 -7.91 23.83 33.66
N ILE A 120 -7.80 24.03 34.98
CA ILE A 120 -6.55 24.14 35.73
C ILE A 120 -5.95 22.75 36.00
N ALA A 121 -4.62 22.60 35.93
CA ALA A 121 -3.97 21.28 36.07
C ALA A 121 -4.22 20.63 37.45
N ASP A 122 -4.26 21.43 38.51
CA ASP A 122 -4.55 20.99 39.88
C ASP A 122 -5.96 20.38 40.03
N GLU A 123 -6.86 20.59 39.07
CA GLU A 123 -8.20 20.01 39.03
C GLU A 123 -8.24 18.60 38.41
N VAL A 124 -7.17 18.14 37.72
CA VAL A 124 -7.15 16.84 37.02
C VAL A 124 -7.27 15.65 37.97
N ASP A 125 -8.27 14.80 37.76
CA ASP A 125 -8.52 13.59 38.53
C ASP A 125 -7.63 12.40 38.12
N LEU A 126 -6.84 11.87 39.05
CA LEU A 126 -5.94 10.74 38.81
C LEU A 126 -6.46 9.40 39.34
N THR A 127 -7.71 9.28 39.79
CA THR A 127 -8.24 8.00 40.27
C THR A 127 -8.20 6.92 39.19
N SER A 128 -7.82 5.69 39.56
CA SER A 128 -7.69 4.59 38.61
C SER A 128 -7.92 3.22 39.26
N ALA A 129 -8.21 2.21 38.44
CA ALA A 129 -8.42 0.84 38.89
C ALA A 129 -7.10 0.09 38.99
N LEU A 130 -6.85 -0.61 40.09
CA LEU A 130 -5.76 -1.58 40.22
C LEU A 130 -6.23 -2.96 39.76
N THR A 131 -7.42 -3.37 40.21
CA THR A 131 -8.09 -4.62 39.85
C THR A 131 -9.55 -4.35 39.54
N ARG A 132 -10.36 -5.39 39.30
CA ARG A 132 -11.82 -5.27 39.15
C ARG A 132 -12.53 -4.61 40.35
N LYS A 133 -12.01 -4.74 41.57
CA LYS A 133 -12.64 -4.28 42.83
C LYS A 133 -11.88 -3.22 43.63
N ILE A 134 -10.59 -3.01 43.37
CA ILE A 134 -9.72 -2.06 44.10
C ILE A 134 -9.42 -0.85 43.21
N THR A 135 -9.64 0.35 43.74
CA THR A 135 -9.30 1.61 43.08
C THR A 135 -8.42 2.48 43.97
N LEU A 136 -7.41 3.10 43.35
CA LEU A 136 -6.46 3.99 43.98
C LEU A 136 -6.79 5.44 43.60
N LYS A 137 -6.36 6.40 44.42
CA LYS A 137 -6.46 7.84 44.10
C LYS A 137 -5.25 8.38 43.34
N THR A 138 -4.18 7.59 43.21
CA THR A 138 -2.99 7.90 42.42
C THR A 138 -2.55 6.66 41.65
N PRO A 139 -2.11 6.77 40.38
CA PRO A 139 -1.83 5.63 39.51
C PRO A 139 -0.46 4.96 39.74
N LEU A 140 0.22 5.26 40.84
CA LEU A 140 1.61 4.89 41.11
C LEU A 140 1.66 3.71 42.06
N ILE A 141 2.47 2.72 41.70
CA ILE A 141 2.67 1.48 42.45
C ILE A 141 4.16 1.29 42.70
N SER A 142 4.60 0.82 43.86
CA SER A 142 5.99 0.41 44.05
C SER A 142 6.17 -1.06 43.70
N SER A 143 7.15 -1.36 42.84
CA SER A 143 7.39 -2.72 42.34
C SER A 143 7.75 -3.75 43.42
N PRO A 144 7.40 -5.04 43.25
CA PRO A 144 7.77 -6.13 44.14
C PRO A 144 9.24 -6.57 43.95
N MET A 145 10.16 -5.63 44.09
CA MET A 145 11.60 -5.88 44.07
C MET A 145 12.20 -5.80 45.48
N ASP A 146 13.11 -6.71 45.79
CA ASP A 146 13.87 -6.82 47.05
C ASP A 146 14.62 -5.54 47.44
N THR A 147 15.00 -4.79 46.42
CA THR A 147 15.69 -3.52 46.48
C THR A 147 14.77 -2.34 46.72
N VAL A 148 13.45 -2.54 46.76
CA VAL A 148 12.45 -1.46 46.68
C VAL A 148 11.41 -1.55 47.79
N THR A 149 10.64 -2.65 47.88
CA THR A 149 9.38 -2.64 48.64
C THR A 149 9.39 -3.62 49.80
N GLU A 150 9.61 -3.07 50.99
CA GLU A 150 9.25 -3.64 52.29
C GLU A 150 8.23 -2.73 53.00
N ALA A 151 7.85 -2.98 54.25
CA ALA A 151 6.65 -2.40 54.84
C ALA A 151 6.64 -0.87 54.92
N ASP A 152 7.75 -0.23 55.24
CA ASP A 152 7.84 1.23 55.29
C ASP A 152 7.70 1.85 53.90
N MET A 153 8.24 1.23 52.86
CA MET A 153 7.95 1.68 51.49
C MET A 153 6.48 1.48 51.15
N ALA A 154 5.89 0.34 51.49
CA ALA A 154 4.47 0.10 51.24
C ALA A 154 3.54 1.05 52.01
N ILE A 155 3.86 1.42 53.25
CA ILE A 155 3.14 2.42 54.03
C ILE A 155 3.22 3.78 53.33
N ALA A 156 4.41 4.24 52.95
CA ALA A 156 4.55 5.55 52.31
C ALA A 156 3.73 5.62 51.01
N MET A 157 3.83 4.60 50.16
CA MET A 157 3.01 4.48 48.95
C MET A 157 1.51 4.53 49.24
N ALA A 158 1.00 3.74 50.17
CA ALA A 158 -0.42 3.69 50.47
C ALA A 158 -0.95 5.03 51.02
N LEU A 159 -0.20 5.68 51.92
CA LEU A 159 -0.57 7.00 52.44
C LEU A 159 -0.65 8.05 51.33
N MET A 160 0.25 8.00 50.36
CA MET A 160 0.21 8.88 49.20
C MET A 160 -0.92 8.58 48.21
N GLY A 161 -1.68 7.49 48.37
CA GLY A 161 -2.78 7.11 47.49
C GLY A 161 -2.41 6.14 46.38
N GLY A 162 -1.20 5.58 46.39
CA GLY A 162 -0.80 4.45 45.56
C GLY A 162 -1.01 3.12 46.28
N ILE A 163 -0.19 2.12 45.98
CA ILE A 163 -0.04 0.89 46.75
C ILE A 163 1.41 0.40 46.59
N GLY A 164 1.92 -0.37 47.55
CA GLY A 164 3.16 -1.11 47.37
C GLY A 164 2.92 -2.60 47.38
N PHE A 165 3.62 -3.34 46.53
CA PHE A 165 3.63 -4.80 46.59
C PHE A 165 4.92 -5.24 47.27
N ILE A 166 4.83 -5.85 48.45
CA ILE A 166 6.01 -6.31 49.17
C ILE A 166 6.66 -7.48 48.42
N HIS A 167 7.99 -7.50 48.35
CA HIS A 167 8.74 -8.53 47.64
C HIS A 167 8.71 -9.89 48.35
N HIS A 168 9.15 -10.95 47.67
CA HIS A 168 9.12 -12.32 48.20
C HIS A 168 10.48 -13.04 48.17
N ASN A 169 11.58 -12.32 47.98
CA ASN A 169 12.94 -12.85 48.13
C ASN A 169 13.34 -12.90 49.62
N CYS A 170 12.48 -13.51 50.43
CA CYS A 170 12.59 -13.66 51.87
C CYS A 170 11.78 -14.88 52.33
N THR A 171 12.05 -15.38 53.53
CA THR A 171 11.29 -16.47 54.15
C THR A 171 9.81 -16.09 54.31
N PRO A 172 8.83 -17.02 54.15
CA PRO A 172 7.41 -16.69 54.17
C PRO A 172 6.94 -15.90 55.40
N GLU A 173 7.43 -16.19 56.60
CA GLU A 173 7.10 -15.42 57.80
C GLU A 173 7.57 -13.96 57.74
N PHE A 174 8.69 -13.65 57.09
CA PHE A 174 9.15 -12.26 56.97
C PHE A 174 8.24 -11.43 56.06
N GLN A 175 7.78 -11.99 54.94
CA GLN A 175 6.82 -11.28 54.10
C GLN A 175 5.50 -11.09 54.85
N ALA A 176 5.01 -12.14 55.52
CA ALA A 176 3.78 -12.04 56.30
C ALA A 176 3.88 -10.99 57.43
N ASN A 177 5.03 -10.88 58.08
CA ASN A 177 5.27 -9.86 59.09
C ASN A 177 5.28 -8.44 58.49
N GLU A 178 5.98 -8.23 57.37
CA GLU A 178 5.95 -6.93 56.70
C GLU A 178 4.54 -6.56 56.21
N VAL A 179 3.71 -7.52 55.76
CA VAL A 179 2.30 -7.25 55.43
C VAL A 179 1.49 -6.87 56.66
N ARG A 180 1.60 -7.64 57.76
CA ARG A 180 0.94 -7.35 59.05
C ARG A 180 1.27 -5.95 59.54
N LYS A 181 2.53 -5.55 59.42
CA LYS A 181 3.04 -4.22 59.78
C LYS A 181 2.37 -3.10 58.96
N VAL A 182 2.17 -3.27 57.65
CA VAL A 182 1.39 -2.32 56.83
C VAL A 182 -0.06 -2.26 57.28
N LYS A 183 -0.70 -3.40 57.51
CA LYS A 183 -2.13 -3.44 57.85
C LYS A 183 -2.45 -2.79 59.20
N LYS A 184 -1.58 -2.92 60.22
CA LYS A 184 -1.81 -2.34 61.56
C LYS A 184 -1.47 -0.85 61.72
N PHE A 185 -0.75 -0.23 60.79
CA PHE A 185 -0.43 1.21 60.82
C PHE A 185 -1.70 2.06 60.82
N ARG A 306 -5.10 14.17 59.18
CA ARG A 306 -5.83 14.49 57.96
C ARG A 306 -4.94 15.02 56.83
N ASP A 307 -3.63 15.16 57.06
CA ASP A 307 -2.64 15.63 56.09
C ASP A 307 -2.28 14.61 54.98
N TYR A 308 -2.97 13.46 54.95
CA TYR A 308 -2.98 12.52 53.82
C TYR A 308 -4.42 12.36 53.29
N PRO A 309 -4.90 13.25 52.40
CA PRO A 309 -6.26 13.16 51.87
C PRO A 309 -6.49 11.90 51.03
N LEU A 310 -5.47 11.51 50.26
CA LEU A 310 -5.57 10.52 49.18
C LEU A 310 -5.39 9.06 49.63
N ALA A 311 -5.30 8.77 50.93
CA ALA A 311 -4.83 7.49 51.45
C ALA A 311 -5.59 6.26 50.91
N SER A 312 -4.84 5.23 50.54
CA SER A 312 -5.38 3.94 50.09
C SER A 312 -5.73 3.05 51.25
N LYS A 313 -7.01 3.01 51.63
CA LYS A 313 -7.51 2.29 52.80
C LYS A 313 -8.62 1.30 52.41
N ASP A 314 -8.72 0.18 53.13
CA ASP A 314 -9.78 -0.81 52.96
C ASP A 314 -11.08 -0.41 53.69
N SER A 315 -12.10 -1.27 53.62
CA SER A 315 -13.39 -1.05 54.28
C SER A 315 -13.33 -0.97 55.81
N GLN A 316 -12.23 -1.42 56.43
CA GLN A 316 -11.97 -1.33 57.86
C GLN A 316 -11.01 -0.18 58.22
N LYS A 317 -10.70 0.70 57.26
CA LYS A 317 -9.83 1.87 57.35
C LYS A 317 -8.35 1.58 57.62
N GLN A 318 -7.91 0.33 57.43
CA GLN A 318 -6.50 -0.06 57.40
C GLN A 318 -5.89 0.24 56.02
N LEU A 319 -4.59 0.49 55.92
CA LEU A 319 -3.96 0.72 54.60
C LEU A 319 -4.06 -0.52 53.69
N LEU A 320 -4.17 -0.31 52.39
CA LEU A 320 -4.06 -1.39 51.40
C LEU A 320 -2.62 -1.89 51.28
N CYS A 321 -2.44 -3.20 51.19
CA CYS A 321 -1.15 -3.83 51.00
C CYS A 321 -1.19 -4.91 49.91
N GLY A 322 -0.21 -4.89 49.01
CA GLY A 322 0.05 -5.96 48.07
C GLY A 322 1.19 -6.87 48.50
N ALA A 323 1.20 -8.09 48.01
CA ALA A 323 2.27 -9.06 48.20
C ALA A 323 2.61 -9.78 46.90
N ALA A 324 3.85 -10.21 46.73
CA ALA A 324 4.24 -11.08 45.64
C ALA A 324 4.32 -12.53 46.09
N VAL A 325 3.98 -13.43 45.17
CA VAL A 325 4.00 -14.88 45.37
C VAL A 325 4.53 -15.52 44.08
N GLY A 326 5.26 -16.63 44.18
CA GLY A 326 5.69 -17.39 43.00
C GLY A 326 4.66 -18.42 42.55
N THR A 327 5.03 -19.30 41.62
CA THR A 327 4.12 -20.36 41.12
C THR A 327 4.63 -21.78 41.40
N ARG A 328 5.62 -21.93 42.28
CA ARG A 328 6.03 -23.24 42.84
C ARG A 328 4.99 -23.77 43.81
N GLU A 329 5.15 -25.02 44.24
CA GLU A 329 4.22 -25.66 45.19
C GLU A 329 4.27 -25.03 46.59
N ASP A 330 5.45 -24.74 47.14
CA ASP A 330 5.59 -24.18 48.49
C ASP A 330 5.02 -22.77 48.65
N ASP A 331 4.82 -22.04 47.54
CA ASP A 331 4.10 -20.77 47.55
C ASP A 331 2.64 -20.89 47.99
N LYS A 332 2.03 -22.09 47.94
CA LYS A 332 0.71 -22.33 48.52
C LYS A 332 0.70 -22.15 50.04
N TYR A 333 1.81 -22.41 50.72
CA TYR A 333 1.97 -22.12 52.14
C TYR A 333 2.22 -20.62 52.40
N ARG A 334 3.09 -19.98 51.63
CA ARG A 334 3.33 -18.53 51.72
C ARG A 334 2.03 -17.74 51.55
N LEU A 335 1.18 -18.13 50.61
CA LEU A 335 -0.10 -17.48 50.35
C LEU A 335 -1.07 -17.53 51.54
N ASP A 336 -1.03 -18.60 52.34
CA ASP A 336 -1.81 -18.69 53.57
C ASP A 336 -1.34 -17.68 54.62
N LEU A 337 -0.02 -17.59 54.86
CA LEU A 337 0.50 -16.62 55.82
C LEU A 337 0.21 -15.17 55.41
N LEU A 338 0.36 -14.85 54.12
CA LEU A 338 -0.03 -13.54 53.59
C LEU A 338 -1.53 -13.29 53.74
N THR A 339 -2.36 -14.32 53.65
CA THR A 339 -3.80 -14.19 53.89
C THR A 339 -4.10 -13.94 55.37
N GLN A 340 -3.44 -14.66 56.30
CA GLN A 340 -3.60 -14.40 57.74
C GLN A 340 -3.08 -13.02 58.16
N ALA A 341 -2.03 -12.51 57.50
CA ALA A 341 -1.59 -11.12 57.66
C ALA A 341 -2.59 -10.09 57.11
N GLY A 342 -3.59 -10.51 56.33
CA GLY A 342 -4.66 -9.65 55.83
C GLY A 342 -4.33 -8.91 54.54
N VAL A 343 -3.52 -9.48 53.65
CA VAL A 343 -3.20 -8.88 52.35
C VAL A 343 -4.46 -8.63 51.49
N ASP A 344 -4.47 -7.55 50.70
CA ASP A 344 -5.62 -7.16 49.88
C ASP A 344 -5.53 -7.66 48.42
N VAL A 345 -4.32 -7.83 47.89
CA VAL A 345 -4.06 -8.15 46.49
C VAL A 345 -2.72 -8.86 46.35
N ILE A 346 -2.69 -9.92 45.54
CA ILE A 346 -1.53 -10.77 45.25
C ILE A 346 -1.06 -10.53 43.82
N VAL A 347 0.22 -10.37 43.57
CA VAL A 347 0.78 -10.39 42.22
C VAL A 347 1.56 -11.69 42.01
N LEU A 348 1.25 -12.44 40.96
CA LEU A 348 1.97 -13.67 40.66
C LEU A 348 3.22 -13.30 39.90
N ASP A 349 4.37 -13.53 40.42
CA ASP A 349 5.65 -13.06 39.97
C ASP A 349 6.31 -14.10 39.05
N SER A 350 6.30 -13.86 37.74
CA SER A 350 6.97 -14.69 36.73
C SER A 350 7.37 -13.85 35.52
N SER A 351 8.47 -14.20 34.85
CA SER A 351 8.93 -13.49 33.64
C SER A 351 8.04 -13.74 32.43
N GLN A 352 7.36 -14.89 32.40
CA GLN A 352 6.48 -15.34 31.33
C GLN A 352 5.26 -15.97 31.99
N GLY A 353 4.19 -15.19 32.15
CA GLY A 353 3.04 -15.58 32.99
C GLY A 353 2.08 -16.55 32.36
N ASN A 354 2.17 -16.80 31.06
CA ASN A 354 1.24 -17.67 30.36
C ASN A 354 1.67 -19.14 30.44
N SER A 355 1.37 -19.79 31.54
CA SER A 355 1.83 -21.15 31.81
C SER A 355 0.81 -21.95 32.57
N VAL A 356 0.85 -23.28 32.41
CA VAL A 356 0.01 -24.20 33.20
C VAL A 356 0.21 -23.99 34.70
N TYR A 357 1.44 -23.69 35.12
CA TYR A 357 1.82 -23.47 36.51
C TYR A 357 1.16 -22.24 37.11
N GLN A 358 1.14 -21.13 36.37
CA GLN A 358 0.46 -19.93 36.83
C GLN A 358 -1.06 -20.04 36.76
N ILE A 359 -1.61 -20.64 35.72
CA ILE A 359 -3.05 -20.83 35.59
C ILE A 359 -3.57 -21.74 36.70
N ALA A 360 -2.86 -22.82 37.02
CA ALA A 360 -3.14 -23.66 38.17
C ALA A 360 -3.10 -22.87 39.49
N MET A 361 -2.12 -21.98 39.68
CA MET A 361 -2.09 -21.10 40.84
C MET A 361 -3.29 -20.14 40.88
N VAL A 362 -3.67 -19.44 39.81
CA VAL A 362 -4.84 -18.54 39.82
C VAL A 362 -6.12 -19.31 40.16
N HIS A 363 -6.33 -20.50 39.58
CA HIS A 363 -7.46 -21.36 39.93
C HIS A 363 -7.46 -21.76 41.40
N TYR A 364 -6.30 -22.12 41.95
CA TYR A 364 -6.17 -22.40 43.38
C TYR A 364 -6.52 -21.20 44.26
N ILE A 365 -5.98 -20.00 43.99
CA ILE A 365 -6.27 -18.80 44.80
C ILE A 365 -7.76 -18.49 44.78
N LYS A 366 -8.41 -18.55 43.61
CA LYS A 366 -9.84 -18.27 43.47
C LYS A 366 -10.72 -19.25 44.23
N GLN A 367 -10.36 -20.53 44.23
CA GLN A 367 -11.11 -21.55 44.95
C GLN A 367 -10.92 -21.43 46.47
N LYS A 368 -9.69 -21.29 46.96
CA LYS A 368 -9.37 -21.30 48.40
C LYS A 368 -9.58 -19.96 49.11
N TYR A 369 -9.49 -18.84 48.40
CA TYR A 369 -9.64 -17.49 48.94
C TYR A 369 -10.54 -16.65 48.04
N PRO A 370 -11.86 -16.85 48.01
CA PRO A 370 -12.69 -16.19 47.00
C PRO A 370 -12.81 -14.70 47.16
N HIS A 371 -12.28 -14.09 48.22
CA HIS A 371 -12.25 -12.65 48.44
C HIS A 371 -10.99 -11.97 47.89
N LEU A 372 -9.97 -12.75 47.49
CA LEU A 372 -8.63 -12.25 47.24
C LEU A 372 -8.44 -11.88 45.78
N GLN A 373 -7.83 -10.72 45.51
CA GLN A 373 -7.63 -10.25 44.15
C GLN A 373 -6.25 -10.65 43.67
N VAL A 374 -6.16 -11.11 42.42
CA VAL A 374 -4.92 -11.63 41.84
C VAL A 374 -4.55 -10.86 40.59
N ILE A 375 -3.27 -10.55 40.45
CA ILE A 375 -2.70 -9.88 39.28
C ILE A 375 -1.75 -10.86 38.58
N GLY A 376 -1.96 -11.04 37.28
CA GLY A 376 -1.35 -12.14 36.53
C GLY A 376 0.01 -11.87 35.90
N GLY A 377 1.06 -12.44 36.49
CA GLY A 377 2.30 -12.79 35.79
C GLY A 377 3.02 -11.62 35.17
N ASN A 378 3.68 -11.87 34.05
CA ASN A 378 3.95 -10.87 33.05
C ASN A 378 3.44 -11.36 31.70
N VAL A 379 2.80 -10.48 30.95
CA VAL A 379 2.29 -10.71 29.60
C VAL A 379 2.65 -9.56 28.67
N VAL A 380 2.80 -9.83 27.39
CA VAL A 380 3.09 -8.83 26.35
C VAL A 380 2.26 -9.02 25.09
N THR A 381 1.49 -10.10 24.98
CA THR A 381 0.56 -10.36 23.86
C THR A 381 -0.85 -10.63 24.35
N ALA A 382 -1.84 -10.35 23.50
CA ALA A 382 -3.24 -10.59 23.79
C ALA A 382 -3.59 -12.09 23.97
N ALA A 383 -2.80 -13.02 23.41
CA ALA A 383 -3.00 -14.45 23.60
C ALA A 383 -2.69 -14.91 25.04
N GLN A 384 -1.58 -14.39 25.58
CA GLN A 384 -1.24 -14.57 26.98
C GLN A 384 -2.30 -13.95 27.88
N ALA A 385 -2.75 -12.74 27.55
CA ALA A 385 -3.79 -12.04 28.30
C ALA A 385 -5.09 -12.83 28.32
N LYS A 386 -5.51 -13.42 27.19
CA LYS A 386 -6.68 -14.31 27.11
C LYS A 386 -6.59 -15.47 28.09
N ASN A 387 -5.52 -16.28 28.04
CA ASN A 387 -5.43 -17.46 28.91
C ASN A 387 -5.48 -17.10 30.40
N LEU A 388 -4.91 -15.97 30.82
CA LEU A 388 -5.01 -15.54 32.21
C LEU A 388 -6.35 -14.89 32.55
N ILE A 389 -6.96 -14.09 31.68
CA ILE A 389 -8.30 -13.54 31.91
C ILE A 389 -9.33 -14.67 32.00
N ASP A 390 -9.16 -15.73 31.23
CA ASP A 390 -10.00 -16.92 31.27
C ASP A 390 -9.78 -17.76 32.55
N ALA A 391 -8.57 -17.77 33.13
CA ALA A 391 -8.30 -18.38 34.43
C ALA A 391 -8.95 -17.65 35.61
N GLY A 392 -9.45 -16.43 35.40
CA GLY A 392 -10.20 -15.65 36.39
C GLY A 392 -9.39 -14.57 37.08
N VAL A 393 -8.25 -14.13 36.52
CA VAL A 393 -7.39 -13.08 37.07
C VAL A 393 -8.06 -11.69 37.08
N ASP A 394 -7.73 -10.81 38.04
CA ASP A 394 -8.41 -9.51 38.25
C ASP A 394 -7.64 -8.29 37.70
N GLY A 395 -6.37 -8.47 37.37
CA GLY A 395 -5.51 -7.50 36.71
C GLY A 395 -4.38 -8.22 35.99
N LEU A 396 -3.63 -7.52 35.15
CA LEU A 396 -2.45 -8.07 34.47
C LEU A 396 -1.29 -7.10 34.59
N ARG A 397 -0.07 -7.62 34.64
CA ARG A 397 1.17 -6.83 34.59
C ARG A 397 1.80 -6.99 33.23
N VAL A 398 2.11 -5.88 32.57
CA VAL A 398 2.62 -5.87 31.20
C VAL A 398 4.06 -5.45 31.17
N GLY A 399 4.90 -6.25 30.51
CA GLY A 399 6.32 -6.00 30.53
C GLY A 399 7.14 -7.24 30.27
N MET A 400 8.29 -7.17 29.60
CA MET A 400 9.18 -8.33 29.45
C MET A 400 10.63 -7.90 29.15
N GLU A 410 19.05 -8.51 28.01
CA GLU A 410 19.76 -8.27 26.74
C GLU A 410 19.88 -9.55 25.89
N VAL A 411 19.82 -10.71 26.54
CA VAL A 411 20.11 -12.04 25.98
C VAL A 411 18.93 -12.98 26.05
N MET A 412 17.68 -12.49 25.98
CA MET A 412 16.47 -13.28 26.23
C MET A 412 15.77 -13.91 24.99
N ALA A 413 15.97 -13.37 23.78
CA ALA A 413 15.23 -13.69 22.52
C ALA A 413 13.70 -13.42 22.52
N CYS A 414 12.98 -13.76 23.58
CA CYS A 414 11.62 -13.31 23.81
C CYS A 414 11.54 -11.89 24.35
N GLY A 415 10.46 -11.20 24.04
CA GLY A 415 10.12 -9.91 24.63
C GLY A 415 9.19 -9.12 23.75
N ARG A 416 9.00 -7.84 24.06
CA ARG A 416 8.31 -6.88 23.19
C ARG A 416 8.70 -5.43 23.52
N PRO A 417 8.69 -4.48 22.56
CA PRO A 417 8.75 -3.05 22.83
C PRO A 417 7.60 -2.59 23.72
N GLN A 418 7.90 -1.88 24.79
CA GLN A 418 6.95 -1.70 25.90
C GLN A 418 5.72 -0.85 25.56
N GLY A 419 5.85 0.14 24.68
CA GLY A 419 4.72 0.95 24.21
C GLY A 419 3.71 0.12 23.43
N THR A 420 4.18 -0.70 22.49
CA THR A 420 3.33 -1.67 21.78
C THR A 420 2.72 -2.70 22.72
N ALA A 421 3.49 -3.25 23.66
CA ALA A 421 2.96 -4.22 24.61
C ALA A 421 1.84 -3.65 25.49
N VAL A 422 2.00 -2.43 26.03
CA VAL A 422 0.96 -1.80 26.83
C VAL A 422 -0.29 -1.55 26.01
N TYR A 423 -0.19 -1.00 24.80
CA TYR A 423 -1.35 -0.79 23.96
C TYR A 423 -2.06 -2.10 23.58
N LYS A 424 -1.36 -3.11 23.06
CA LYS A 424 -1.98 -4.37 22.60
C LYS A 424 -2.68 -5.11 23.71
N VAL A 425 -2.04 -5.29 24.87
CA VAL A 425 -2.66 -6.00 26.00
C VAL A 425 -3.80 -5.19 26.61
N ALA A 426 -3.68 -3.86 26.72
CA ALA A 426 -4.76 -3.04 27.26
C ALA A 426 -5.99 -3.02 26.36
N GLU A 427 -5.85 -2.95 25.05
CA GLU A 427 -6.97 -2.99 24.12
C GLU A 427 -7.73 -4.31 24.23
N TYR A 428 -7.02 -5.44 24.38
CA TYR A 428 -7.65 -6.73 24.64
C TYR A 428 -8.33 -6.79 26.01
N ALA A 429 -7.64 -6.43 27.09
CA ALA A 429 -8.17 -6.56 28.45
C ALA A 429 -9.35 -5.63 28.73
N ARG A 430 -9.40 -4.45 28.09
CA ARG A 430 -10.50 -3.48 28.09
C ARG A 430 -11.84 -4.09 27.67
N ARG A 431 -11.84 -5.11 26.81
CA ARG A 431 -13.04 -5.86 26.38
C ARG A 431 -13.72 -6.62 27.52
N PHE A 432 -12.99 -6.95 28.57
CA PHE A 432 -13.42 -7.74 29.72
C PHE A 432 -13.47 -6.93 31.02
N GLY A 433 -13.19 -5.63 30.98
CA GLY A 433 -13.09 -4.77 32.15
C GLY A 433 -11.91 -5.07 33.07
N VAL A 434 -10.79 -5.58 32.55
CA VAL A 434 -9.60 -5.92 33.34
C VAL A 434 -8.56 -4.81 33.25
N PRO A 435 -8.07 -4.25 34.37
CA PRO A 435 -7.06 -3.20 34.32
C PRO A 435 -5.64 -3.73 34.09
N ILE A 436 -4.78 -2.89 33.53
CA ILE A 436 -3.39 -3.20 33.20
C ILE A 436 -2.44 -2.37 34.04
N ILE A 437 -1.41 -3.01 34.59
CA ILE A 437 -0.25 -2.32 35.16
C ILE A 437 0.87 -2.29 34.12
N ALA A 438 1.37 -1.11 33.77
CA ALA A 438 2.57 -0.96 32.95
C ALA A 438 3.83 -1.06 33.81
N ASP A 439 4.74 -2.02 33.53
CA ASP A 439 5.87 -2.28 34.40
C ASP A 439 7.15 -2.26 33.56
N GLY A 440 8.07 -1.34 33.89
CA GLY A 440 9.36 -1.20 33.21
C GLY A 440 9.31 -0.28 32.00
N GLY A 441 10.46 0.19 31.56
CA GLY A 441 10.62 1.22 30.53
C GLY A 441 10.23 2.62 30.97
N ILE A 442 9.87 2.81 32.24
CA ILE A 442 9.40 4.07 32.79
C ILE A 442 10.56 4.74 33.50
N GLN A 443 10.94 5.92 33.02
CA GLN A 443 12.11 6.68 33.50
C GLN A 443 11.80 8.15 33.79
N THR A 444 10.83 8.74 33.10
CA THR A 444 10.48 10.16 33.20
C THR A 444 8.98 10.32 33.38
N VAL A 445 8.51 11.48 33.86
CA VAL A 445 7.08 11.81 33.88
C VAL A 445 6.46 11.67 32.48
N GLY A 446 7.21 11.96 31.43
CA GLY A 446 6.74 11.80 30.05
C GLY A 446 6.33 10.38 29.74
N HIS A 447 7.12 9.41 30.20
CA HIS A 447 6.83 7.98 30.02
C HIS A 447 5.64 7.54 30.86
N VAL A 448 5.42 8.14 32.03
CA VAL A 448 4.24 7.84 32.85
C VAL A 448 2.99 8.32 32.14
N VAL A 449 2.97 9.53 31.60
CA VAL A 449 1.82 10.06 30.87
C VAL A 449 1.55 9.28 29.58
N LYS A 450 2.59 8.85 28.85
CA LYS A 450 2.45 8.00 27.67
C LYS A 450 1.90 6.62 28.00
N ALA A 451 2.44 5.92 29.00
CA ALA A 451 1.91 4.63 29.42
C ALA A 451 0.44 4.75 29.84
N LEU A 452 0.10 5.78 30.59
CA LEU A 452 -1.29 6.03 31.01
C LEU A 452 -2.18 6.29 29.81
N ALA A 453 -1.75 7.12 28.86
CA ALA A 453 -2.50 7.45 27.66
C ALA A 453 -2.72 6.26 26.74
N LEU A 454 -1.77 5.32 26.64
CA LEU A 454 -1.90 4.08 25.87
C LEU A 454 -2.77 2.99 26.52
N GLY A 455 -3.36 3.23 27.68
CA GLY A 455 -4.38 2.36 28.25
C GLY A 455 -3.98 1.61 29.51
N ALA A 456 -2.77 1.79 30.04
CA ALA A 456 -2.47 1.31 31.40
C ALA A 456 -3.32 2.07 32.41
N SER A 457 -3.87 1.39 33.41
CA SER A 457 -4.60 2.06 34.50
C SER A 457 -3.65 2.55 35.59
N THR A 458 -2.53 1.89 35.76
CA THR A 458 -1.52 2.17 36.78
C THR A 458 -0.13 1.87 36.22
N VAL A 459 0.86 2.55 36.78
CA VAL A 459 2.25 2.42 36.39
C VAL A 459 3.04 1.99 37.62
N MET A 460 3.92 1.03 37.44
CA MET A 460 4.73 0.46 38.50
C MET A 460 6.13 1.08 38.48
N MET A 461 6.37 2.06 39.36
CA MET A 461 7.66 2.69 39.56
C MET A 461 8.65 1.62 40.02
N GLY A 462 9.69 1.33 39.22
CA GLY A 462 10.57 0.24 39.59
C GLY A 462 11.81 0.66 40.35
N SER A 463 12.60 1.55 39.76
CA SER A 463 13.86 1.97 40.34
C SER A 463 13.85 3.43 40.77
N LEU A 464 13.07 4.30 40.12
CA LEU A 464 12.91 5.70 40.52
C LEU A 464 12.60 5.88 42.03
N LEU A 465 11.88 4.92 42.61
CA LEU A 465 11.70 4.82 44.06
C LEU A 465 12.94 4.28 44.78
N ALA A 466 13.70 3.38 44.16
CA ALA A 466 14.92 2.91 44.80
C ALA A 466 15.86 4.09 44.94
N ALA A 467 16.81 4.04 45.89
CA ALA A 467 17.63 5.19 46.24
C ALA A 467 16.79 6.39 46.72
N THR A 468 15.86 6.10 47.64
CA THR A 468 15.11 7.04 48.49
C THR A 468 15.12 6.51 49.92
N THR A 469 14.78 7.37 50.89
CA THR A 469 14.77 7.05 52.33
C THR A 469 13.97 5.80 52.68
N GLU A 470 12.88 5.54 51.96
CA GLU A 470 12.00 4.40 52.20
C GLU A 470 12.59 3.04 51.77
N ALA A 471 13.46 3.00 50.77
CA ALA A 471 13.94 1.75 50.21
C ALA A 471 14.89 1.07 51.19
N PRO A 472 14.83 -0.28 51.29
CA PRO A 472 15.68 -1.08 52.16
C PRO A 472 17.17 -0.71 52.11
N GLY A 526 16.10 10.69 48.14
CA GLY A 526 14.96 11.54 48.44
C GLY A 526 14.01 10.92 49.47
N SER A 527 12.75 11.35 49.46
CA SER A 527 11.66 10.81 50.28
C SER A 527 10.40 10.60 49.47
N ILE A 528 9.72 9.47 49.62
CA ILE A 528 8.47 9.15 48.89
C ILE A 528 7.40 10.23 49.14
N GLN A 529 7.35 10.76 50.36
CA GLN A 529 6.45 11.84 50.78
C GLN A 529 6.64 13.16 50.01
N LYS A 530 7.79 13.34 49.33
CA LYS A 530 8.14 14.51 48.52
C LYS A 530 8.23 14.20 47.02
N PHE A 531 8.74 13.03 46.66
CA PHE A 531 8.93 12.62 45.27
C PHE A 531 7.62 12.25 44.56
N VAL A 532 6.69 11.52 45.18
CA VAL A 532 5.46 11.17 44.45
C VAL A 532 4.52 12.38 44.25
N PRO A 533 4.47 13.42 45.10
CA PRO A 533 3.86 14.70 44.73
C PRO A 533 4.47 15.36 43.50
N TYR A 534 5.78 15.25 43.28
CA TYR A 534 6.42 15.74 42.06
C TYR A 534 5.95 14.96 40.82
N LEU A 535 5.87 13.63 40.90
CA LEU A 535 5.30 12.81 39.83
C LEU A 535 3.83 13.17 39.58
N ILE A 536 3.01 13.27 40.62
CA ILE A 536 1.59 13.59 40.54
C ILE A 536 1.37 14.93 39.85
N ALA A 537 2.08 15.99 40.26
CA ALA A 537 1.98 17.29 39.61
C ALA A 537 2.43 17.27 38.14
N GLY A 538 3.46 16.48 37.82
CA GLY A 538 3.91 16.24 36.46
C GLY A 538 2.86 15.53 35.59
N ILE A 539 2.24 14.47 36.09
CA ILE A 539 1.14 13.77 35.41
C ILE A 539 -0.04 14.73 35.17
N GLN A 540 -0.36 15.59 36.13
CA GLN A 540 -1.45 16.56 35.98
C GLN A 540 -1.15 17.63 34.92
N HIS A 541 0.07 18.16 34.85
CA HIS A 541 0.47 19.05 33.76
C HIS A 541 0.50 18.33 32.41
N GLY A 542 0.91 17.07 32.36
CA GLY A 542 0.81 16.25 31.16
C GLY A 542 -0.63 16.12 30.69
N CYS A 543 -1.56 15.73 31.56
CA CYS A 543 -2.97 15.65 31.18
C CYS A 543 -3.58 17.01 30.79
N GLN A 544 -3.17 18.10 31.43
CA GLN A 544 -3.64 19.42 31.07
C GLN A 544 -3.21 19.81 29.64
N ASP A 545 -1.95 19.61 29.25
CA ASP A 545 -1.51 19.91 27.89
C ASP A 545 -2.18 19.05 26.81
N ILE A 546 -2.48 17.80 27.15
CA ILE A 546 -3.28 16.88 26.33
C ILE A 546 -4.75 17.29 26.26
N GLY A 547 -5.24 18.08 27.23
CA GLY A 547 -6.63 18.53 27.29
C GLY A 547 -7.60 17.53 27.89
N ALA A 548 -7.13 16.62 28.74
CA ALA A 548 -7.96 15.61 29.42
C ALA A 548 -8.16 15.93 30.91
N ARG A 549 -9.42 16.07 31.37
CA ARG A 549 -9.78 16.40 32.77
C ARG A 549 -9.51 15.31 33.80
N SER A 550 -9.30 14.09 33.35
CA SER A 550 -9.20 12.88 34.15
C SER A 550 -8.42 11.82 33.38
N LEU A 551 -7.81 10.85 34.06
CA LEU A 551 -7.19 9.72 33.37
C LEU A 551 -8.18 8.78 32.69
N SER A 552 -9.40 8.62 33.20
CA SER A 552 -10.44 7.85 32.49
C SER A 552 -10.96 8.58 31.25
N VAL A 553 -11.03 9.91 31.31
CA VAL A 553 -11.29 10.76 30.13
C VAL A 553 -10.15 10.62 29.13
N LEU A 554 -8.89 10.71 29.54
CA LEU A 554 -7.72 10.48 28.69
C LEU A 554 -7.81 9.15 27.93
N ARG A 555 -8.12 8.03 28.61
CA ARG A 555 -8.21 6.72 27.95
C ARG A 555 -9.40 6.64 27.03
N SER A 556 -10.53 7.26 27.37
CA SER A 556 -11.68 7.37 26.48
C SER A 556 -11.40 8.19 25.20
N MET A 557 -10.61 9.27 25.25
CA MET A 557 -10.17 10.02 24.06
C MET A 557 -9.23 9.19 23.18
N MET A 558 -8.38 8.34 23.77
CA MET A 558 -7.48 7.47 23.03
C MET A 558 -8.23 6.38 22.27
N TYR A 559 -9.14 5.64 22.89
CA TYR A 559 -9.87 4.58 22.21
C TYR A 559 -10.90 5.08 21.18
N SER A 560 -11.38 6.31 21.32
CA SER A 560 -12.30 6.95 20.38
C SER A 560 -11.61 7.66 19.20
N GLY A 561 -10.28 7.72 19.17
CA GLY A 561 -9.55 8.41 18.10
C GLY A 561 -9.51 9.93 18.20
N GLU A 562 -10.01 10.53 19.27
CA GLU A 562 -9.88 11.97 19.50
C GLU A 562 -8.44 12.34 19.87
N LEU A 563 -7.78 11.56 20.72
CA LEU A 563 -6.38 11.73 21.04
C LEU A 563 -5.52 11.30 19.84
N LYS A 564 -4.56 12.14 19.47
CA LYS A 564 -3.72 11.96 18.29
C LYS A 564 -2.25 11.82 18.67
N PHE A 565 -1.52 11.07 17.86
CA PHE A 565 -0.15 10.68 18.09
C PHE A 565 0.69 10.96 16.85
N GLU A 566 1.97 11.18 17.04
CA GLU A 566 2.93 11.29 15.94
C GLU A 566 4.14 10.43 16.24
N LYS A 567 4.66 9.74 15.23
CA LYS A 567 5.88 8.95 15.32
C LYS A 567 7.10 9.86 15.17
N ARG A 568 8.25 9.50 15.76
CA ARG A 568 9.52 10.22 15.69
C ARG A 568 10.62 9.32 15.15
N THR A 569 11.20 9.67 14.02
CA THR A 569 12.50 9.10 13.59
C THR A 569 13.60 9.50 14.58
N MET A 570 14.73 8.79 14.63
CA MET A 570 15.76 9.02 15.66
C MET A 570 16.24 10.47 15.73
N SER A 571 16.47 11.13 14.60
CA SER A 571 16.88 12.54 14.59
C SER A 571 15.84 13.48 15.23
N ALA A 572 14.54 13.17 15.14
CA ALA A 572 13.48 13.90 15.83
C ALA A 572 13.46 13.64 17.34
N GLN A 573 13.86 12.45 17.78
CA GLN A 573 14.08 12.15 19.19
C GLN A 573 15.31 12.92 19.71
N ILE A 574 16.38 13.01 18.93
CA ILE A 574 17.60 13.76 19.25
C ILE A 574 17.32 15.26 19.40
N GLU A 575 16.48 15.85 18.55
CA GLU A 575 16.17 17.29 18.63
C GLU A 575 15.26 17.67 19.82
N GLY A 576 14.53 16.71 20.40
CA GLY A 576 13.93 16.84 21.73
C GLY A 576 14.91 16.54 22.89
N GLY A 577 15.83 15.60 22.70
CA GLY A 577 16.81 15.14 23.68
C GLY A 577 16.33 13.92 24.46
N VAL A 578 16.96 12.76 24.24
CA VAL A 578 16.51 11.46 24.80
C VAL A 578 17.66 10.53 25.24
N HIS A 579 18.93 10.93 25.06
CA HIS A 579 20.10 10.05 25.18
C HIS A 579 21.32 10.74 25.78
N HIS B 29 3.73 32.05 -10.25
CA HIS B 29 5.17 32.27 -10.52
C HIS B 29 5.59 31.54 -11.79
N GLU B 30 6.63 32.02 -12.47
CA GLU B 30 7.20 31.34 -13.64
C GLU B 30 7.97 30.09 -13.21
N THR B 31 7.49 28.90 -13.59
CA THR B 31 8.12 27.62 -13.26
C THR B 31 9.48 27.45 -13.95
N ALA B 32 10.32 26.53 -13.48
CA ALA B 32 11.64 26.27 -14.06
C ALA B 32 11.58 25.99 -15.58
N ALA B 33 10.58 25.25 -16.06
CA ALA B 33 10.36 25.02 -17.49
C ALA B 33 10.04 26.32 -18.24
N GLN B 34 9.18 27.17 -17.67
CA GLN B 34 8.83 28.47 -18.26
C GLN B 34 10.04 29.40 -18.31
N ARG B 35 10.84 29.47 -17.25
CA ARG B 35 12.05 30.33 -17.20
C ARG B 35 13.16 29.82 -18.11
N TYR B 36 13.41 28.50 -18.13
CA TYR B 36 14.36 27.88 -19.03
C TYR B 36 13.99 28.15 -20.49
N SER B 37 12.76 27.82 -20.89
CA SER B 37 12.30 28.03 -22.26
C SER B 37 12.25 29.50 -22.66
N ALA B 38 11.86 30.41 -21.77
CA ALA B 38 11.88 31.85 -22.04
C ALA B 38 13.30 32.37 -22.31
N ARG B 39 14.29 31.97 -21.51
CA ARG B 39 15.69 32.39 -21.71
C ARG B 39 16.39 31.67 -22.87
N LEU B 40 15.95 30.47 -23.25
CA LEU B 40 16.43 29.80 -24.48
C LEU B 40 16.03 30.54 -25.77
N LEU B 41 15.10 31.50 -25.73
CA LEU B 41 14.83 32.42 -26.85
C LEU B 41 15.90 33.51 -27.02
N GLN B 42 16.81 33.72 -26.07
CA GLN B 42 17.82 34.79 -26.08
C GLN B 42 19.11 34.46 -26.87
N ALA B 43 19.10 33.37 -27.64
CA ALA B 43 20.14 32.91 -28.58
C ALA B 43 19.49 32.01 -29.66
N GLY B 44 20.21 31.51 -30.68
CA GLY B 44 19.58 30.74 -31.72
C GLY B 44 19.40 29.26 -31.39
N TYR B 45 19.04 28.93 -30.15
CA TYR B 45 18.93 27.56 -29.64
C TYR B 45 17.49 27.18 -29.32
N MET B 76 8.13 25.46 -31.80
CA MET B 76 6.85 25.22 -32.42
C MET B 76 6.42 23.75 -32.34
N ALA B 77 5.12 23.50 -32.45
CA ALA B 77 4.39 22.28 -32.10
C ALA B 77 4.45 21.92 -30.61
N ASP B 78 5.57 22.07 -29.92
CA ASP B 78 5.69 21.95 -28.47
C ASP B 78 4.75 22.92 -27.72
N TYR B 79 4.68 24.17 -28.14
CA TYR B 79 3.76 25.17 -27.62
C TYR B 79 2.29 24.80 -27.86
N LEU B 80 1.97 24.25 -29.04
CA LEU B 80 0.62 23.73 -29.32
C LEU B 80 0.30 22.44 -28.57
N ILE B 81 1.30 21.62 -28.20
CA ILE B 81 1.07 20.42 -27.40
C ILE B 81 0.68 20.80 -25.97
N SER B 82 1.44 21.66 -25.28
CA SER B 82 1.12 21.98 -23.87
C SER B 82 1.59 23.35 -23.36
N GLY B 83 1.51 24.39 -24.19
CA GLY B 83 1.82 25.76 -23.76
C GLY B 83 3.25 25.91 -23.20
N GLY B 84 3.37 26.57 -22.06
CA GLY B 84 4.65 26.77 -21.35
C GLY B 84 5.13 25.60 -20.49
N THR B 85 4.28 24.60 -20.18
CA THR B 85 4.65 23.47 -19.29
C THR B 85 5.45 22.40 -20.06
N GLY B 86 6.63 22.77 -20.56
CA GLY B 86 7.40 22.05 -21.58
C GLY B 86 8.28 20.87 -21.13
N TYR B 87 7.76 20.02 -20.24
CA TYR B 87 8.35 18.78 -19.71
C TYR B 87 9.60 18.95 -18.83
N VAL B 88 9.50 18.39 -17.62
CA VAL B 88 10.62 18.14 -16.70
C VAL B 88 10.50 16.68 -16.23
N PRO B 89 11.61 15.93 -16.12
CA PRO B 89 11.57 14.57 -15.59
C PRO B 89 11.00 14.52 -14.17
N GLU B 90 10.19 13.52 -13.86
CA GLU B 90 9.70 13.29 -12.51
C GLU B 90 10.86 12.84 -11.59
N ASP B 91 11.03 13.50 -10.45
CA ASP B 91 12.08 13.17 -9.49
C ASP B 91 11.81 13.84 -8.14
N GLY B 92 12.02 13.14 -7.02
CA GLY B 92 11.73 13.66 -5.69
C GLY B 92 10.24 13.71 -5.32
N LEU B 93 9.97 13.99 -4.05
CA LEU B 93 8.63 14.09 -3.48
C LEU B 93 8.15 15.53 -3.50
N THR B 94 6.86 15.79 -3.65
CA THR B 94 6.28 17.09 -3.27
C THR B 94 6.19 17.23 -1.74
N ALA B 95 6.04 18.44 -1.21
CA ALA B 95 5.88 18.62 0.24
C ALA B 95 4.67 17.86 0.79
N GLN B 96 3.58 17.77 0.03
CA GLN B 96 2.43 16.95 0.39
C GLN B 96 2.79 15.45 0.46
N GLN B 97 3.52 14.91 -0.52
CA GLN B 97 4.01 13.52 -0.51
C GLN B 97 5.06 13.24 0.58
N LEU B 98 5.89 14.21 0.95
CA LEU B 98 6.87 14.04 2.02
C LEU B 98 6.17 13.84 3.37
N PHE B 99 5.14 14.64 3.65
CA PHE B 99 4.41 14.60 4.92
C PHE B 99 3.18 13.69 4.93
N ALA B 100 2.76 13.15 3.78
CA ALA B 100 1.74 12.09 3.66
C ALA B 100 2.27 10.71 4.12
N SER B 101 2.84 10.65 5.31
CA SER B 101 3.38 9.45 5.95
C SER B 101 3.32 9.58 7.48
N ALA B 102 3.35 8.46 8.19
CA ALA B 102 3.15 8.40 9.63
C ALA B 102 4.26 9.07 10.46
N ASP B 103 5.45 9.28 9.90
CA ASP B 103 6.65 9.64 10.67
C ASP B 103 6.94 11.13 10.65
N GLY B 104 7.10 11.72 11.82
CA GLY B 104 7.35 13.15 11.98
C GLY B 104 8.80 13.50 11.69
N LEU B 105 9.01 14.49 10.84
CA LEU B 105 10.31 14.91 10.33
C LEU B 105 10.74 16.21 11.01
N THR B 106 12.00 16.29 11.38
CA THR B 106 12.70 17.54 11.68
C THR B 106 13.54 17.94 10.49
N TYR B 107 14.12 19.15 10.50
CA TYR B 107 14.89 19.67 9.37
C TYR B 107 16.06 18.79 8.94
N ASN B 108 16.63 17.97 9.82
CA ASN B 108 17.73 17.07 9.47
C ASN B 108 17.28 15.86 8.65
N ASP B 109 15.99 15.52 8.66
CA ASP B 109 15.47 14.33 8.02
C ASP B 109 15.20 14.48 6.51
N PHE B 110 15.37 15.66 5.92
CA PHE B 110 15.07 15.89 4.52
C PHE B 110 16.01 16.92 3.88
N LEU B 111 16.11 16.91 2.55
CA LEU B 111 16.78 17.92 1.74
C LEU B 111 15.81 18.48 0.70
N ILE B 112 16.05 19.71 0.28
CA ILE B 112 15.37 20.36 -0.84
C ILE B 112 16.20 20.07 -2.09
N LEU B 113 15.61 19.52 -3.15
CA LEU B 113 16.35 19.23 -4.37
C LEU B 113 16.62 20.52 -5.16
N PRO B 114 17.82 20.71 -5.74
CA PRO B 114 18.16 21.93 -6.46
C PRO B 114 17.38 22.09 -7.77
N GLY B 115 17.13 23.34 -8.15
CA GLY B 115 16.31 23.72 -9.31
C GLY B 115 17.12 24.28 -10.47
N PHE B 116 16.57 25.27 -11.16
CA PHE B 116 17.22 26.00 -12.24
C PHE B 116 17.59 27.42 -11.81
N ILE B 117 18.82 27.86 -12.06
CA ILE B 117 19.31 29.18 -11.65
C ILE B 117 19.37 30.12 -12.85
N ASP B 118 18.63 31.22 -12.79
CA ASP B 118 18.61 32.25 -13.83
C ASP B 118 18.82 33.68 -13.30
N PHE B 119 19.36 33.81 -12.08
CA PHE B 119 19.51 35.08 -11.37
C PHE B 119 20.69 35.03 -10.39
N ILE B 120 21.23 36.21 -10.07
CA ILE B 120 22.29 36.41 -9.08
C ILE B 120 21.72 36.32 -7.65
N ALA B 121 22.42 35.70 -6.69
CA ALA B 121 21.89 35.51 -5.34
C ALA B 121 21.61 36.83 -4.61
N ASP B 122 22.44 37.84 -4.82
CA ASP B 122 22.27 39.19 -4.27
C ASP B 122 20.98 39.89 -4.74
N GLU B 123 20.31 39.37 -5.78
CA GLU B 123 19.02 39.84 -6.28
C GLU B 123 17.80 39.24 -5.55
N VAL B 124 17.96 38.18 -4.75
CA VAL B 124 16.86 37.46 -4.09
C VAL B 124 16.12 38.32 -3.06
N ASP B 125 14.82 38.51 -3.24
CA ASP B 125 13.95 39.28 -2.35
C ASP B 125 13.52 38.50 -1.10
N LEU B 126 13.84 39.01 0.09
CA LEU B 126 13.55 38.39 1.38
C LEU B 126 12.34 39.01 2.12
N THR B 127 11.57 39.93 1.51
CA THR B 127 10.42 40.51 2.20
C THR B 127 9.39 39.45 2.61
N SER B 128 8.83 39.56 3.81
CA SER B 128 7.87 38.58 4.34
C SER B 128 6.86 39.20 5.30
N ALA B 129 5.74 38.52 5.53
CA ALA B 129 4.71 38.94 6.46
C ALA B 129 5.02 38.49 7.89
N LEU B 130 4.91 39.38 8.87
CA LEU B 130 4.89 39.03 10.29
C LEU B 130 3.46 38.76 10.75
N THR B 131 2.53 39.61 10.36
CA THR B 131 1.09 39.51 10.67
C THR B 131 0.28 39.81 9.41
N ARG B 132 -1.05 39.87 9.52
CA ARG B 132 -1.93 40.33 8.44
C ARG B 132 -1.62 41.75 7.91
N LYS B 133 -1.04 42.64 8.72
CA LYS B 133 -0.79 44.06 8.39
C LYS B 133 0.67 44.53 8.43
N ILE B 134 1.57 43.80 9.09
CA ILE B 134 2.99 44.15 9.25
C ILE B 134 3.85 43.26 8.35
N THR B 135 4.73 43.85 7.55
CA THR B 135 5.72 43.16 6.73
C THR B 135 7.13 43.65 7.00
N LEU B 136 8.06 42.71 7.08
CA LEU B 136 9.48 42.95 7.30
C LEU B 136 10.23 42.84 5.96
N LYS B 137 11.39 43.46 5.85
CA LYS B 137 12.31 43.27 4.71
C LYS B 137 13.27 42.11 4.90
N THR B 138 13.33 41.53 6.08
CA THR B 138 14.14 40.35 6.43
C THR B 138 13.30 39.40 7.29
N PRO B 139 13.36 38.07 7.08
CA PRO B 139 12.49 37.09 7.74
C PRO B 139 12.90 36.74 9.18
N LEU B 140 13.80 37.50 9.81
CA LEU B 140 14.45 37.15 11.06
C LEU B 140 13.86 37.96 12.22
N ILE B 141 13.61 37.28 13.32
CA ILE B 141 13.01 37.82 14.55
C ILE B 141 13.87 37.42 15.74
N SER B 142 14.07 38.28 16.73
CA SER B 142 14.71 37.88 18.00
C SER B 142 13.66 37.42 19.00
N SER B 143 13.86 36.23 19.57
CA SER B 143 12.88 35.61 20.48
C SER B 143 12.61 36.42 21.76
N PRO B 144 11.40 36.36 22.32
CA PRO B 144 11.03 36.96 23.60
C PRO B 144 11.59 36.18 24.80
N MET B 145 12.90 35.97 24.83
CA MET B 145 13.62 35.37 25.94
C MET B 145 14.42 36.43 26.70
N ASP B 146 14.40 36.35 28.03
CA ASP B 146 15.08 37.23 28.98
C ASP B 146 16.59 37.28 28.81
N THR B 147 17.14 36.22 28.25
CA THR B 147 18.54 36.05 27.88
C THR B 147 18.87 36.68 26.54
N VAL B 148 17.91 37.23 25.80
CA VAL B 148 18.06 37.63 24.39
C VAL B 148 17.62 39.05 24.11
N THR B 149 16.35 39.40 24.39
CA THR B 149 15.72 40.59 23.80
C THR B 149 15.28 41.62 24.84
N GLU B 150 16.12 42.63 25.00
CA GLU B 150 15.78 43.94 25.57
C GLU B 150 15.98 45.04 24.51
N ALA B 151 15.87 46.33 24.85
CA ALA B 151 15.69 47.37 23.84
C ALA B 151 16.84 47.52 22.83
N ASP B 152 18.08 47.38 23.26
CA ASP B 152 19.24 47.45 22.37
C ASP B 152 19.26 46.28 21.37
N MET B 153 18.86 45.08 21.80
CA MET B 153 18.68 43.96 20.85
C MET B 153 17.52 44.24 19.90
N ALA B 154 16.39 44.74 20.38
CA ALA B 154 15.25 45.06 19.54
C ALA B 154 15.56 46.18 18.52
N ILE B 155 16.31 47.21 18.90
CA ILE B 155 16.79 48.26 17.99
C ILE B 155 17.67 47.65 16.91
N ALA B 156 18.67 46.85 17.27
CA ALA B 156 19.57 46.27 16.28
C ALA B 156 18.80 45.42 15.27
N MET B 157 17.90 44.54 15.73
CA MET B 157 17.01 43.77 14.86
C MET B 157 16.17 44.65 13.93
N ALA B 158 15.50 45.68 14.43
CA ALA B 158 14.64 46.52 13.61
C ALA B 158 15.44 47.30 12.56
N LEU B 159 16.61 47.85 12.90
CA LEU B 159 17.48 48.53 11.95
C LEU B 159 17.94 47.60 10.83
N MET B 160 18.24 46.35 11.18
CA MET B 160 18.59 45.33 10.20
C MET B 160 17.42 44.83 9.33
N GLY B 161 16.17 45.25 9.59
CA GLY B 161 15.00 44.87 8.80
C GLY B 161 14.22 43.66 9.32
N GLY B 162 14.57 43.15 10.50
CA GLY B 162 13.76 42.20 11.26
C GLY B 162 12.84 42.89 12.26
N ILE B 163 12.54 42.24 13.37
CA ILE B 163 11.90 42.82 14.55
C ILE B 163 12.39 42.08 15.79
N GLY B 164 12.39 42.72 16.95
CA GLY B 164 12.58 42.03 18.23
C GLY B 164 11.32 42.06 19.07
N PHE B 165 11.02 40.97 19.77
CA PHE B 165 9.98 40.95 20.79
C PHE B 165 10.64 41.03 22.16
N ILE B 166 10.42 42.11 22.90
CA ILE B 166 11.01 42.27 24.23
C ILE B 166 10.37 41.27 25.21
N HIS B 167 11.18 40.67 26.08
CA HIS B 167 10.72 39.66 27.05
C HIS B 167 9.85 40.26 28.16
N HIS B 168 9.19 39.41 28.95
CA HIS B 168 8.31 39.82 30.05
C HIS B 168 8.64 39.19 31.40
N ASN B 169 9.84 38.63 31.57
CA ASN B 169 10.38 38.24 32.88
C ASN B 169 10.93 39.48 33.63
N CYS B 170 10.11 40.52 33.70
CA CYS B 170 10.42 41.81 34.31
C CYS B 170 9.12 42.49 34.75
N THR B 171 9.23 43.48 35.64
CA THR B 171 8.08 44.26 36.12
C THR B 171 7.43 45.04 34.96
N PRO B 172 6.09 45.22 34.92
CA PRO B 172 5.41 45.82 33.78
C PRO B 172 5.95 47.17 33.32
N GLU B 173 6.38 48.05 34.22
CA GLU B 173 7.03 49.32 33.88
C GLU B 173 8.38 49.14 33.17
N PHE B 174 9.17 48.12 33.49
CA PHE B 174 10.46 47.89 32.84
C PHE B 174 10.29 47.46 31.38
N GLN B 175 9.33 46.57 31.09
CA GLN B 175 9.05 46.24 29.70
C GLN B 175 8.54 47.47 28.95
N ALA B 176 7.61 48.23 29.54
CA ALA B 176 7.12 49.44 28.92
C ALA B 176 8.22 50.47 28.65
N ASN B 177 9.21 50.59 29.54
CA ASN B 177 10.36 51.48 29.35
C ASN B 177 11.26 51.00 28.20
N GLU B 178 11.60 49.72 28.14
CA GLU B 178 12.37 49.18 27.01
C GLU B 178 11.61 49.33 25.68
N VAL B 179 10.29 49.17 25.65
CA VAL B 179 9.49 49.42 24.43
C VAL B 179 9.53 50.89 24.03
N ARG B 180 9.30 51.82 24.98
CA ARG B 180 9.40 53.28 24.76
C ARG B 180 10.76 53.68 24.20
N LYS B 181 11.82 53.09 24.73
CA LYS B 181 13.21 53.27 24.27
C LYS B 181 13.41 52.85 22.81
N VAL B 182 12.85 51.72 22.38
CA VAL B 182 12.87 51.31 20.96
C VAL B 182 12.10 52.30 20.09
N LYS B 183 10.90 52.72 20.51
CA LYS B 183 10.05 53.61 19.70
C LYS B 183 10.65 55.00 19.51
N LYS B 184 11.35 55.57 20.50
CA LYS B 184 11.95 56.91 20.39
C LYS B 184 13.31 56.99 19.67
N PHE B 185 13.98 55.87 19.38
CA PHE B 185 15.24 55.83 18.64
C PHE B 185 15.09 56.43 17.23
N ARG B 306 21.70 56.83 6.44
CA ARG B 306 21.14 56.09 5.30
C ARG B 306 21.78 54.70 5.11
N ASP B 307 22.72 54.32 5.96
CA ASP B 307 23.41 53.03 5.96
C ASP B 307 22.57 51.85 6.50
N TYR B 308 21.28 52.06 6.76
CA TYR B 308 20.29 51.02 7.03
C TYR B 308 19.13 51.10 6.02
N PRO B 309 19.27 50.51 4.82
CA PRO B 309 18.21 50.55 3.80
C PRO B 309 16.95 49.78 4.20
N LEU B 310 17.13 48.66 4.90
CA LEU B 310 16.11 47.64 5.18
C LEU B 310 15.22 47.95 6.41
N ALA B 311 15.39 49.08 7.07
CA ALA B 311 14.90 49.32 8.43
C ALA B 311 13.38 49.09 8.60
N SER B 312 13.01 48.41 9.67
CA SER B 312 11.61 48.15 10.04
C SER B 312 11.02 49.33 10.79
N LYS B 313 10.28 50.18 10.09
CA LYS B 313 9.70 51.43 10.61
C LYS B 313 8.18 51.47 10.41
N ASP B 314 7.47 52.13 11.31
CA ASP B 314 6.03 52.38 11.21
C ASP B 314 5.69 53.59 10.31
N SER B 315 4.41 53.90 10.17
CA SER B 315 3.93 55.05 9.38
C SER B 315 4.40 56.42 9.90
N GLN B 316 4.87 56.50 11.14
CA GLN B 316 5.46 57.71 11.75
C GLN B 316 7.00 57.69 11.72
N LYS B 317 7.60 56.73 10.99
CA LYS B 317 9.04 56.52 10.80
C LYS B 317 9.82 56.13 12.07
N GLN B 318 9.14 55.70 13.13
CA GLN B 318 9.74 55.10 14.32
C GLN B 318 9.98 53.61 14.12
N LEU B 319 10.99 53.01 14.75
CA LEU B 319 11.26 51.58 14.61
C LEU B 319 10.07 50.73 15.11
N LEU B 320 9.83 49.58 14.48
CA LEU B 320 8.84 48.61 14.97
C LEU B 320 9.35 47.88 16.22
N CYS B 321 8.47 47.67 17.19
CA CYS B 321 8.76 46.92 18.40
C CYS B 321 7.67 45.90 18.73
N GLY B 322 8.07 44.68 19.06
CA GLY B 322 7.22 43.67 19.64
C GLY B 322 7.38 43.58 21.16
N ALA B 323 6.35 43.08 21.84
CA ALA B 323 6.39 42.81 23.27
C ALA B 323 5.75 41.45 23.55
N ALA B 324 6.16 40.78 24.63
CA ALA B 324 5.53 39.56 25.10
C ALA B 324 4.61 39.85 26.29
N VAL B 325 3.50 39.12 26.34
CA VAL B 325 2.48 39.22 27.38
C VAL B 325 2.02 37.81 27.73
N GLY B 326 1.72 37.54 29.01
CA GLY B 326 1.15 36.26 29.44
C GLY B 326 -0.39 36.25 29.34
N THR B 327 -1.04 35.23 29.88
CA THR B 327 -2.50 35.09 29.84
C THR B 327 -3.16 35.01 31.21
N ARG B 328 -2.42 35.41 32.27
CA ARG B 328 -2.99 35.68 33.60
C ARG B 328 -3.80 36.98 33.59
N GLU B 329 -4.55 37.25 34.64
CA GLU B 329 -5.37 38.46 34.77
C GLU B 329 -4.52 39.75 34.85
N ASP B 330 -3.42 39.74 35.60
CA ASP B 330 -2.58 40.94 35.77
C ASP B 330 -1.85 41.39 34.50
N ASP B 331 -1.71 40.51 33.50
CA ASP B 331 -1.22 40.88 32.17
C ASP B 331 -2.14 41.87 31.43
N LYS B 332 -3.42 42.00 31.81
CA LYS B 332 -4.29 43.06 31.25
C LYS B 332 -3.80 44.47 31.61
N TYR B 333 -3.15 44.64 32.76
CA TYR B 333 -2.51 45.90 33.14
C TYR B 333 -1.17 46.11 32.39
N ARG B 334 -0.32 45.08 32.31
CA ARG B 334 0.92 45.14 31.52
C ARG B 334 0.65 45.55 30.08
N LEU B 335 -0.39 45.01 29.46
CA LEU B 335 -0.79 45.33 28.10
C LEU B 335 -1.14 46.81 27.87
N ASP B 336 -1.73 47.46 28.87
CA ASP B 336 -1.99 48.91 28.82
C ASP B 336 -0.69 49.71 28.76
N LEU B 337 0.27 49.41 29.65
CA LEU B 337 1.55 50.11 29.66
C LEU B 337 2.33 49.90 28.35
N LEU B 338 2.35 48.67 27.83
CA LEU B 338 2.94 48.39 26.52
C LEU B 338 2.24 49.16 25.39
N THR B 339 0.94 49.36 25.49
CA THR B 339 0.20 50.15 24.51
C THR B 339 0.51 51.63 24.62
N GLN B 340 0.60 52.19 25.83
CA GLN B 340 1.04 53.58 26.03
C GLN B 340 2.51 53.80 25.62
N ALA B 341 3.37 52.80 25.75
CA ALA B 341 4.72 52.82 25.18
C ALA B 341 4.75 52.78 23.64
N GLY B 342 3.62 52.51 22.98
CA GLY B 342 3.50 52.53 21.52
C GLY B 342 3.90 51.23 20.82
N VAL B 343 3.76 50.07 21.45
CA VAL B 343 4.07 48.77 20.83
C VAL B 343 3.26 48.51 19.55
N ASP B 344 3.86 47.83 18.57
CA ASP B 344 3.24 47.56 17.28
C ASP B 344 2.57 46.17 17.19
N VAL B 345 3.07 45.18 17.94
CA VAL B 345 2.63 43.80 17.89
C VAL B 345 2.89 43.10 19.22
N ILE B 346 1.95 42.28 19.69
CA ILE B 346 2.00 41.52 20.94
C ILE B 346 2.13 40.04 20.61
N VAL B 347 3.01 39.31 21.29
CA VAL B 347 3.04 37.85 21.25
C VAL B 347 2.50 37.29 22.55
N LEU B 348 1.48 36.44 22.50
CA LEU B 348 0.96 35.80 23.69
C LEU B 348 1.85 34.63 24.01
N ASP B 349 2.51 34.68 25.15
CA ASP B 349 3.61 33.79 25.48
C ASP B 349 3.10 32.63 26.34
N SER B 350 2.83 31.48 25.72
CA SER B 350 2.39 30.25 26.39
C SER B 350 2.93 29.01 25.70
N SER B 351 3.25 27.94 26.43
CA SER B 351 3.79 26.70 25.86
C SER B 351 2.75 25.88 25.09
N GLN B 352 1.48 26.06 25.42
CA GLN B 352 0.35 25.42 24.77
C GLN B 352 -0.73 26.50 24.61
N GLY B 353 -0.81 27.10 23.42
CA GLY B 353 -1.62 28.30 23.19
C GLY B 353 -3.11 28.07 23.04
N ASN B 354 -3.53 26.84 22.77
CA ASN B 354 -4.93 26.53 22.56
C ASN B 354 -5.66 26.36 23.88
N SER B 355 -6.10 27.45 24.48
CA SER B 355 -6.73 27.45 25.80
C SER B 355 -7.81 28.51 25.90
N VAL B 356 -8.78 28.30 26.78
CA VAL B 356 -9.80 29.31 27.09
C VAL B 356 -9.16 30.61 27.58
N TYR B 357 -8.05 30.52 28.31
CA TYR B 357 -7.32 31.65 28.87
C TYR B 357 -6.67 32.52 27.79
N GLN B 358 -6.05 31.91 26.78
CA GLN B 358 -5.48 32.64 25.68
C GLN B 358 -6.54 33.17 24.71
N ILE B 359 -7.60 32.43 24.45
CA ILE B 359 -8.69 32.88 23.58
C ILE B 359 -9.42 34.06 24.20
N ALA B 360 -9.70 34.01 25.51
CA ALA B 360 -10.21 35.15 26.27
C ALA B 360 -9.28 36.37 26.19
N MET B 361 -7.95 36.18 26.28
CA MET B 361 -7.01 37.27 26.09
C MET B 361 -7.06 37.83 24.67
N VAL B 362 -7.03 37.04 23.60
CA VAL B 362 -7.12 37.55 22.22
C VAL B 362 -8.40 38.35 21.99
N HIS B 363 -9.55 37.85 22.46
CA HIS B 363 -10.83 38.56 22.41
C HIS B 363 -10.76 39.90 23.15
N TYR B 364 -10.16 39.95 24.33
CA TYR B 364 -9.95 41.18 25.07
C TYR B 364 -9.06 42.18 24.31
N ILE B 365 -7.90 41.76 23.78
CA ILE B 365 -7.00 42.67 23.05
C ILE B 365 -7.71 43.25 21.83
N LYS B 366 -8.42 42.44 21.05
CA LYS B 366 -9.16 42.89 19.86
C LYS B 366 -10.26 43.88 20.19
N GLN B 367 -10.97 43.68 21.28
CA GLN B 367 -12.05 44.58 21.70
C GLN B 367 -11.49 45.90 22.23
N LYS B 368 -10.49 45.87 23.12
CA LYS B 368 -9.96 47.06 23.81
C LYS B 368 -8.95 47.87 23.01
N TYR B 369 -8.21 47.24 22.10
CA TYR B 369 -7.17 47.87 21.28
C TYR B 369 -7.32 47.44 19.82
N PRO B 370 -8.33 47.94 19.07
CA PRO B 370 -8.62 47.37 17.75
C PRO B 370 -7.55 47.63 16.72
N HIS B 371 -6.49 48.39 17.02
CA HIS B 371 -5.34 48.64 16.13
C HIS B 371 -4.17 47.67 16.37
N LEU B 372 -4.20 46.88 17.44
CA LEU B 372 -3.05 46.13 17.91
C LEU B 372 -3.02 44.73 17.30
N GLN B 373 -1.86 44.29 16.81
CA GLN B 373 -1.72 42.99 16.17
C GLN B 373 -1.26 41.99 17.20
N VAL B 374 -1.84 40.79 17.18
CA VAL B 374 -1.59 39.75 18.17
C VAL B 374 -1.09 38.48 17.49
N ILE B 375 -0.10 37.83 18.10
CA ILE B 375 0.45 36.57 17.65
C ILE B 375 0.15 35.50 18.69
N GLY B 376 -0.44 34.39 18.26
CA GLY B 376 -1.05 33.41 19.14
C GLY B 376 -0.13 32.32 19.66
N GLY B 377 0.27 32.41 20.93
CA GLY B 377 0.64 31.26 21.75
C GLY B 377 1.82 30.48 21.23
N ASN B 378 1.78 29.18 21.47
CA ASN B 378 2.47 28.20 20.65
C ASN B 378 1.46 27.14 20.21
N VAL B 379 1.53 26.74 18.95
CA VAL B 379 0.71 25.68 18.36
C VAL B 379 1.56 24.75 17.52
N VAL B 380 1.15 23.50 17.38
CA VAL B 380 1.82 22.47 16.56
C VAL B 380 0.85 21.65 15.72
N THR B 381 -0.46 21.80 15.90
CA THR B 381 -1.50 21.15 15.09
C THR B 381 -2.47 22.15 14.50
N ALA B 382 -3.11 21.78 13.39
CA ALA B 382 -4.11 22.60 12.71
C ALA B 382 -5.39 22.83 13.54
N ALA B 383 -5.72 21.96 14.49
CA ALA B 383 -6.83 22.15 15.41
C ALA B 383 -6.63 23.31 16.39
N GLN B 384 -5.43 23.39 16.97
CA GLN B 384 -5.01 24.51 17.77
C GLN B 384 -5.02 25.80 16.96
N ALA B 385 -4.48 25.75 15.74
CA ALA B 385 -4.44 26.88 14.83
C ALA B 385 -5.85 27.37 14.48
N LYS B 386 -6.82 26.49 14.24
CA LYS B 386 -8.22 26.84 14.03
C LYS B 386 -8.79 27.64 15.19
N ASN B 387 -8.72 27.15 16.42
CA ASN B 387 -9.31 27.85 17.56
C ASN B 387 -8.73 29.24 17.78
N LEU B 388 -7.45 29.46 17.50
CA LEU B 388 -6.85 30.78 17.60
C LEU B 388 -7.13 31.66 16.39
N ILE B 389 -7.15 31.14 15.16
CA ILE B 389 -7.52 31.92 13.97
C ILE B 389 -8.98 32.37 14.08
N ASP B 390 -9.84 31.54 14.66
CA ASP B 390 -11.23 31.85 14.93
C ASP B 390 -11.41 32.90 16.04
N ALA B 391 -10.52 32.95 17.04
CA ALA B 391 -10.49 34.02 18.04
C ALA B 391 -10.08 35.40 17.47
N GLY B 392 -9.54 35.43 16.25
CA GLY B 392 -9.18 36.66 15.55
C GLY B 392 -7.70 37.02 15.62
N VAL B 393 -6.81 36.08 15.90
CA VAL B 393 -5.35 36.31 15.95
C VAL B 393 -4.74 36.63 14.58
N ASP B 394 -3.66 37.42 14.50
CA ASP B 394 -3.07 37.93 13.25
C ASP B 394 -1.83 37.18 12.76
N GLY B 395 -1.24 36.36 13.60
CA GLY B 395 -0.15 35.46 13.31
C GLY B 395 -0.14 34.31 14.31
N LEU B 396 0.61 33.26 14.07
CA LEU B 396 0.81 32.15 15.00
C LEU B 396 2.28 31.84 15.17
N ARG B 397 2.69 31.41 16.35
CA ARG B 397 4.03 30.91 16.62
C ARG B 397 3.98 29.39 16.68
N VAL B 398 4.85 28.72 15.94
CA VAL B 398 4.84 27.27 15.80
C VAL B 398 6.07 26.67 16.44
N GLY B 399 5.85 25.69 17.31
CA GLY B 399 6.95 25.16 18.09
C GLY B 399 6.48 24.59 19.41
N MET B 400 7.09 23.52 19.93
CA MET B 400 6.77 22.98 21.27
C MET B 400 7.91 22.13 21.83
N GLU B 410 10.81 16.49 27.66
CA GLU B 410 11.45 15.23 28.07
C GLU B 410 10.66 14.60 29.21
N VAL B 411 10.27 15.42 30.19
CA VAL B 411 9.10 15.22 31.04
C VAL B 411 7.78 15.47 30.29
N MET B 412 7.84 16.04 29.08
CA MET B 412 6.74 16.81 28.51
C MET B 412 5.57 15.98 27.98
N ALA B 413 5.82 14.73 27.56
CA ALA B 413 4.87 13.75 27.00
C ALA B 413 4.21 14.11 25.66
N CYS B 414 3.86 15.37 25.46
CA CYS B 414 3.16 15.88 24.30
C CYS B 414 3.93 17.01 23.63
N GLY B 415 3.81 17.12 22.31
CA GLY B 415 4.63 18.01 21.48
C GLY B 415 4.66 17.57 20.03
N ARG B 416 5.60 18.04 19.21
CA ARG B 416 5.74 17.58 17.82
C ARG B 416 7.14 17.79 17.22
N PRO B 417 7.58 16.96 16.27
CA PRO B 417 8.72 17.24 15.38
C PRO B 417 8.55 18.52 14.57
N GLN B 418 9.53 19.42 14.61
CA GLN B 418 9.34 20.81 14.18
C GLN B 418 9.12 21.01 12.68
N GLY B 419 9.73 20.21 11.82
CA GLY B 419 9.51 20.27 10.37
C GLY B 419 8.07 19.92 10.00
N THR B 420 7.54 18.83 10.55
CA THR B 420 6.12 18.49 10.41
C THR B 420 5.20 19.55 11.01
N ALA B 421 5.50 20.08 12.20
CA ALA B 421 4.68 21.12 12.81
C ALA B 421 4.60 22.40 11.96
N VAL B 422 5.73 22.87 11.44
CA VAL B 422 5.75 24.06 10.58
C VAL B 422 4.96 23.83 9.30
N TYR B 423 5.14 22.70 8.61
CA TYR B 423 4.35 22.42 7.42
C TYR B 423 2.84 22.29 7.71
N LYS B 424 2.42 21.47 8.68
CA LYS B 424 1.00 21.24 8.97
C LYS B 424 0.27 22.51 9.37
N VAL B 425 0.82 23.30 10.29
CA VAL B 425 0.18 24.54 10.73
C VAL B 425 0.20 25.59 9.62
N ALA B 426 1.28 25.74 8.86
CA ALA B 426 1.34 26.71 7.78
C ALA B 426 0.37 26.40 6.64
N GLU B 427 0.20 25.14 6.26
CA GLU B 427 -0.75 24.73 5.23
C GLU B 427 -2.18 25.07 5.65
N TYR B 428 -2.54 24.86 6.91
CA TYR B 428 -3.82 25.29 7.44
C TYR B 428 -3.98 26.81 7.50
N ALA B 429 -3.02 27.54 8.07
CA ALA B 429 -3.11 28.99 8.24
C ALA B 429 -3.11 29.78 6.91
N ARG B 430 -2.43 29.25 5.88
CA ARG B 430 -2.41 29.72 4.49
C ARG B 430 -3.82 29.82 3.87
N ARG B 431 -4.77 28.99 4.29
CA ARG B 431 -6.18 29.03 3.87
C ARG B 431 -6.89 30.32 4.28
N PHE B 432 -6.38 31.01 5.29
CA PHE B 432 -6.95 32.22 5.91
C PHE B 432 -6.06 33.45 5.75
N GLY B 433 -4.92 33.36 5.06
CA GLY B 433 -3.95 34.44 4.96
C GLY B 433 -3.27 34.81 6.28
N VAL B 434 -3.07 33.85 7.19
CA VAL B 434 -2.39 34.07 8.47
C VAL B 434 -0.93 33.62 8.37
N PRO B 435 0.06 34.49 8.65
CA PRO B 435 1.46 34.11 8.60
C PRO B 435 1.90 33.30 9.83
N ILE B 436 2.96 32.52 9.68
CA ILE B 436 3.52 31.62 10.70
C ILE B 436 4.94 32.02 11.04
N ILE B 437 5.26 32.07 12.33
CA ILE B 437 6.63 32.15 12.83
C ILE B 437 7.10 30.75 13.21
N ALA B 438 8.20 30.27 12.62
CA ALA B 438 8.87 29.04 13.05
C ALA B 438 9.80 29.33 14.25
N ASP B 439 9.60 28.68 15.39
CA ASP B 439 10.34 28.99 16.61
C ASP B 439 10.95 27.72 17.17
N GLY B 440 12.29 27.67 17.24
CA GLY B 440 13.02 26.54 17.76
C GLY B 440 13.30 25.48 16.69
N GLY B 441 14.23 24.58 16.97
CA GLY B 441 14.78 23.64 16.00
C GLY B 441 15.75 24.26 14.99
N ILE B 442 16.05 25.55 15.13
CA ILE B 442 16.84 26.31 14.16
C ILE B 442 18.25 26.51 14.73
N GLN B 443 19.24 26.06 13.99
CA GLN B 443 20.65 26.06 14.41
C GLN B 443 21.61 26.54 13.30
N THR B 444 21.27 26.32 12.04
CA THR B 444 22.12 26.59 10.89
C THR B 444 21.34 27.38 9.85
N VAL B 445 22.02 28.04 8.92
CA VAL B 445 21.37 28.67 7.77
C VAL B 445 20.51 27.67 7.00
N GLY B 446 20.96 26.41 6.91
CA GLY B 446 20.21 25.37 6.22
C GLY B 446 18.83 25.12 6.85
N HIS B 447 18.73 25.15 8.17
CA HIS B 447 17.45 25.06 8.87
C HIS B 447 16.57 26.30 8.66
N VAL B 448 17.15 27.49 8.50
CA VAL B 448 16.37 28.71 8.20
C VAL B 448 15.74 28.60 6.83
N VAL B 449 16.51 28.17 5.82
CA VAL B 449 15.99 27.96 4.45
C VAL B 449 14.95 26.85 4.41
N LYS B 450 15.13 25.75 5.13
CA LYS B 450 14.11 24.69 5.22
C LYS B 450 12.84 25.15 5.89
N ALA B 451 12.90 25.81 7.05
CA ALA B 451 11.72 26.35 7.69
C ALA B 451 10.98 27.31 6.78
N LEU B 452 11.71 28.19 6.09
CA LEU B 452 11.12 29.14 5.14
C LEU B 452 10.44 28.42 4.00
N ALA B 453 11.10 27.41 3.41
CA ALA B 453 10.58 26.63 2.30
C ALA B 453 9.35 25.81 2.67
N LEU B 454 9.22 25.32 3.90
CA LEU B 454 8.04 24.61 4.41
C LEU B 454 6.84 25.51 4.75
N GLY B 455 6.93 26.83 4.57
CA GLY B 455 5.79 27.72 4.70
C GLY B 455 5.81 28.67 5.87
N ALA B 456 6.83 28.67 6.73
CA ALA B 456 7.02 29.76 7.68
C ALA B 456 7.27 31.07 6.95
N SER B 457 6.64 32.15 7.34
CA SER B 457 6.94 33.47 6.76
C SER B 457 8.13 34.13 7.42
N THR B 458 8.42 33.78 8.67
CA THR B 458 9.51 34.32 9.47
C THR B 458 10.05 33.26 10.40
N VAL B 459 11.30 33.40 10.79
CA VAL B 459 12.00 32.49 11.67
C VAL B 459 12.47 33.27 12.88
N MET B 460 12.27 32.72 14.06
CA MET B 460 12.63 33.34 15.32
C MET B 460 13.95 32.78 15.81
N MET B 461 15.04 33.53 15.61
CA MET B 461 16.37 33.23 16.11
C MET B 461 16.33 33.21 17.63
N GLY B 462 16.56 32.05 18.26
CA GLY B 462 16.41 31.98 19.69
C GLY B 462 17.67 32.20 20.48
N SER B 463 18.68 31.37 20.21
CA SER B 463 19.93 31.40 20.96
C SER B 463 21.10 31.85 20.11
N LEU B 464 21.08 31.63 18.79
CA LEU B 464 22.10 32.13 17.86
C LEU B 464 22.40 33.63 18.04
N LEU B 465 21.39 34.42 18.43
CA LEU B 465 21.57 35.80 18.83
C LEU B 465 22.14 35.93 20.25
N ALA B 466 21.82 35.02 21.17
CA ALA B 466 22.38 35.10 22.51
C ALA B 466 23.89 34.92 22.39
N ALA B 467 24.66 35.47 23.33
CA ALA B 467 26.12 35.58 23.22
C ALA B 467 26.58 36.37 21.98
N THR B 468 25.83 37.42 21.63
CA THR B 468 26.28 38.56 20.81
C THR B 468 26.25 39.84 21.64
N THR B 469 26.96 40.86 21.19
CA THR B 469 27.19 42.14 21.91
C THR B 469 25.90 42.85 22.31
N GLU B 470 24.85 42.74 21.51
CA GLU B 470 23.57 43.41 21.71
C GLU B 470 22.63 42.69 22.71
N ALA B 471 22.96 41.49 23.19
CA ALA B 471 22.18 40.79 24.21
C ALA B 471 22.46 41.34 25.63
N PRO B 472 21.55 41.10 26.61
CA PRO B 472 21.77 41.39 28.02
C PRO B 472 23.06 40.77 28.58
N GLY B 526 30.09 38.01 18.78
CA GLY B 526 29.81 38.80 17.59
C GLY B 526 28.89 40.00 17.83
N SER B 527 28.38 40.60 16.76
CA SER B 527 27.40 41.69 16.79
C SER B 527 26.29 41.46 15.78
N ILE B 528 25.04 41.75 16.15
CA ILE B 528 23.86 41.65 15.29
C ILE B 528 24.06 42.39 13.96
N GLN B 529 24.72 43.55 14.00
CA GLN B 529 25.02 44.37 12.82
C GLN B 529 25.90 43.65 11.76
N LYS B 530 26.59 42.57 12.14
CA LYS B 530 27.49 41.77 11.29
C LYS B 530 27.02 40.31 11.12
N PHE B 531 26.40 39.72 12.14
CA PHE B 531 25.87 38.37 12.10
C PHE B 531 24.59 38.23 11.28
N VAL B 532 23.61 39.14 11.38
CA VAL B 532 22.39 38.96 10.56
C VAL B 532 22.62 39.22 9.06
N PRO B 533 23.55 40.07 8.60
CA PRO B 533 24.01 40.06 7.20
C PRO B 533 24.60 38.72 6.74
N TYR B 534 25.29 37.98 7.61
CA TYR B 534 25.77 36.65 7.31
C TYR B 534 24.61 35.65 7.12
N LEU B 535 23.60 35.69 7.99
CA LEU B 535 22.38 34.89 7.81
C LEU B 535 21.66 35.26 6.52
N ILE B 536 21.46 36.55 6.25
CA ILE B 536 20.78 37.07 5.06
C ILE B 536 21.49 36.59 3.79
N ALA B 537 22.81 36.73 3.71
CA ALA B 537 23.57 36.24 2.56
C ALA B 537 23.47 34.72 2.41
N GLY B 538 23.44 33.96 3.51
CA GLY B 538 23.21 32.53 3.51
C GLY B 538 21.83 32.14 3.00
N ILE B 539 20.75 32.81 3.44
CA ILE B 539 19.39 32.58 2.96
C ILE B 539 19.30 32.88 1.46
N GLN B 540 19.94 33.94 0.98
CA GLN B 540 19.94 34.27 -0.44
C GLN B 540 20.67 33.23 -1.30
N HIS B 541 21.79 32.66 -0.84
CA HIS B 541 22.41 31.52 -1.51
C HIS B 541 21.52 30.27 -1.45
N GLY B 542 20.87 30.00 -0.31
CA GLY B 542 19.96 28.85 -0.22
C GLY B 542 18.80 28.94 -1.20
N CYS B 543 18.17 30.11 -1.35
CA CYS B 543 17.17 30.34 -2.39
C CYS B 543 17.72 30.28 -3.82
N GLN B 544 18.93 30.76 -4.06
CA GLN B 544 19.53 30.69 -5.39
C GLN B 544 19.78 29.25 -5.83
N ASP B 545 20.27 28.36 -4.97
CA ASP B 545 20.44 26.95 -5.31
C ASP B 545 19.12 26.23 -5.60
N ILE B 546 18.07 26.60 -4.88
CA ILE B 546 16.69 26.16 -5.08
C ILE B 546 16.09 26.72 -6.37
N GLY B 547 16.60 27.83 -6.88
CA GLY B 547 16.08 28.50 -8.08
C GLY B 547 14.86 29.38 -7.83
N ALA B 548 14.68 29.88 -6.60
CA ALA B 548 13.59 30.78 -6.23
C ALA B 548 14.05 32.25 -6.12
N ARG B 549 13.45 33.17 -6.89
CA ARG B 549 13.79 34.61 -6.92
C ARG B 549 13.42 35.40 -5.65
N SER B 550 12.53 34.86 -4.85
CA SER B 550 11.91 35.52 -3.70
C SER B 550 11.44 34.45 -2.72
N LEU B 551 11.29 34.78 -1.44
CA LEU B 551 10.68 33.85 -0.48
C LEU B 551 9.21 33.59 -0.74
N SER B 552 8.44 34.53 -1.28
CA SER B 552 7.05 34.27 -1.67
C SER B 552 6.95 33.38 -2.91
N VAL B 553 7.90 33.53 -3.84
CA VAL B 553 8.07 32.58 -4.96
C VAL B 553 8.47 31.21 -4.45
N LEU B 554 9.39 31.10 -3.49
CA LEU B 554 9.77 29.83 -2.87
C LEU B 554 8.56 29.10 -2.28
N ARG B 555 7.69 29.79 -1.52
CA ARG B 555 6.50 29.15 -0.94
C ARG B 555 5.47 28.80 -2.00
N SER B 556 5.34 29.62 -3.04
CA SER B 556 4.52 29.33 -4.21
C SER B 556 4.97 28.05 -4.94
N MET B 557 6.27 27.86 -5.17
CA MET B 557 6.82 26.61 -5.70
C MET B 557 6.56 25.42 -4.76
N MET B 558 6.59 25.58 -3.45
CA MET B 558 6.35 24.49 -2.52
C MET B 558 4.90 24.01 -2.54
N TYR B 559 3.93 24.91 -2.47
CA TYR B 559 2.52 24.53 -2.45
C TYR B 559 2.00 24.01 -3.80
N SER B 560 2.62 24.38 -4.91
CA SER B 560 2.24 23.92 -6.26
C SER B 560 2.82 22.57 -6.66
N GLY B 561 3.76 22.01 -5.92
CA GLY B 561 4.40 20.72 -6.21
C GLY B 561 5.63 20.81 -7.12
N GLU B 562 6.04 22.01 -7.51
CA GLU B 562 7.25 22.26 -8.29
C GLU B 562 8.52 22.05 -7.49
N LEU B 563 8.56 22.54 -6.24
CA LEU B 563 9.67 22.30 -5.33
C LEU B 563 9.64 20.85 -4.85
N LYS B 564 10.79 20.18 -4.89
CA LYS B 564 10.90 18.75 -4.59
C LYS B 564 11.80 18.50 -3.40
N PHE B 565 11.49 17.45 -2.65
CA PHE B 565 12.11 17.09 -1.40
C PHE B 565 12.57 15.64 -1.45
N GLU B 566 13.61 15.31 -0.71
CA GLU B 566 14.01 13.92 -0.49
C GLU B 566 14.24 13.67 0.99
N LYS B 567 13.80 12.52 1.48
CA LYS B 567 14.00 12.07 2.85
C LYS B 567 15.41 11.49 3.01
N ARG B 568 16.11 11.79 4.10
CA ARG B 568 17.42 11.22 4.46
C ARG B 568 17.27 10.18 5.57
N THR B 569 17.60 8.93 5.31
CA THR B 569 17.86 7.95 6.38
C THR B 569 19.09 8.36 7.20
N MET B 570 19.28 7.86 8.42
CA MET B 570 20.34 8.35 9.32
C MET B 570 21.75 8.32 8.73
N SER B 571 22.13 7.24 8.04
CA SER B 571 23.45 7.17 7.40
C SER B 571 23.65 8.25 6.32
N ALA B 572 22.59 8.70 5.66
CA ALA B 572 22.64 9.83 4.71
C ALA B 572 22.76 11.18 5.41
N GLN B 573 22.18 11.34 6.60
CA GLN B 573 22.43 12.50 7.45
C GLN B 573 23.90 12.53 7.88
N ILE B 574 24.47 11.38 8.26
CA ILE B 574 25.87 11.21 8.66
C ILE B 574 26.83 11.53 7.50
N GLU B 575 26.56 11.07 6.28
CA GLU B 575 27.46 11.29 5.14
C GLU B 575 27.49 12.75 4.65
N GLY B 576 26.45 13.55 4.94
CA GLY B 576 26.52 15.01 4.87
C GLY B 576 27.22 15.63 6.09
N GLY B 577 26.81 15.26 7.30
CA GLY B 577 27.37 15.69 8.59
C GLY B 577 26.35 16.40 9.46
N VAL B 578 25.99 15.83 10.63
CA VAL B 578 24.93 16.34 11.52
C VAL B 578 25.17 16.15 13.03
N HIS B 579 26.08 15.24 13.43
CA HIS B 579 26.25 14.81 14.83
C HIS B 579 27.65 14.26 15.10
N HIS C 29 23.77 -9.63 -22.58
CA HIS C 29 24.71 -10.40 -21.74
C HIS C 29 24.13 -11.76 -21.39
N GLU C 30 24.98 -12.77 -21.17
CA GLU C 30 24.53 -14.08 -20.67
C GLU C 30 24.13 -13.95 -19.19
N THR C 31 22.85 -14.17 -18.88
CA THR C 31 22.36 -14.17 -17.49
C THR C 31 22.92 -15.34 -16.68
N ALA C 32 22.86 -15.30 -15.36
CA ALA C 32 23.32 -16.38 -14.48
C ALA C 32 22.74 -17.75 -14.86
N ALA C 33 21.45 -17.82 -15.24
CA ALA C 33 20.82 -19.05 -15.71
C ALA C 33 21.42 -19.55 -17.03
N GLN C 34 21.68 -18.65 -17.98
CA GLN C 34 22.32 -19.00 -19.25
C GLN C 34 23.76 -19.47 -19.03
N ARG C 35 24.54 -18.78 -18.19
CA ARG C 35 25.92 -19.17 -17.88
C ARG C 35 26.00 -20.52 -17.18
N TYR C 36 25.15 -20.73 -16.18
CA TYR C 36 25.05 -22.00 -15.45
C TYR C 36 24.65 -23.15 -16.40
N SER C 37 23.54 -23.01 -17.12
CA SER C 37 23.06 -24.06 -18.02
C SER C 37 24.00 -24.34 -19.20
N ALA C 38 24.69 -23.34 -19.74
CA ALA C 38 25.72 -23.54 -20.77
C ALA C 38 26.89 -24.37 -20.25
N ARG C 39 27.42 -24.05 -19.06
CA ARG C 39 28.58 -24.76 -18.49
C ARG C 39 28.23 -26.14 -17.91
N LEU C 40 26.99 -26.37 -17.51
CA LEU C 40 26.49 -27.70 -17.12
C LEU C 40 26.46 -28.72 -18.29
N LEU C 41 26.65 -28.30 -19.53
CA LEU C 41 26.89 -29.20 -20.68
C LEU C 41 28.34 -29.73 -20.80
N GLN C 42 29.30 -29.18 -20.05
CA GLN C 42 30.73 -29.54 -20.13
C GLN C 42 31.11 -30.83 -19.40
N ALA C 43 30.15 -31.50 -18.75
CA ALA C 43 30.22 -32.83 -18.17
C ALA C 43 28.84 -33.52 -18.33
N GLY C 44 28.64 -34.74 -17.80
CA GLY C 44 27.40 -35.46 -18.03
C GLY C 44 26.28 -35.05 -17.09
N TYR C 45 26.12 -33.75 -16.84
CA TYR C 45 25.13 -33.18 -15.90
C TYR C 45 24.22 -32.17 -16.62
N MET C 76 16.14 -31.36 -22.06
CA MET C 76 15.01 -31.41 -22.97
C MET C 76 13.66 -31.26 -22.25
N ALA C 77 12.64 -30.82 -23.00
CA ALA C 77 11.39 -30.22 -22.54
C ALA C 77 11.56 -28.92 -21.74
N ASP C 78 12.59 -28.76 -20.90
CA ASP C 78 12.91 -27.49 -20.25
C ASP C 78 13.22 -26.37 -21.25
N TYR C 79 14.01 -26.67 -22.29
CA TYR C 79 14.30 -25.77 -23.40
C TYR C 79 13.04 -25.37 -24.18
N LEU C 80 12.12 -26.32 -24.42
CA LEU C 80 10.84 -26.03 -25.06
C LEU C 80 9.88 -25.25 -24.15
N ILE C 81 9.98 -25.37 -22.83
CA ILE C 81 9.14 -24.60 -21.91
C ILE C 81 9.52 -23.13 -21.93
N SER C 82 10.78 -22.74 -21.75
CA SER C 82 11.15 -21.31 -21.77
C SER C 82 12.57 -21.00 -22.22
N GLY C 83 13.11 -21.71 -23.22
CA GLY C 83 14.40 -21.40 -23.82
C GLY C 83 15.55 -21.45 -22.80
N GLY C 84 16.40 -20.41 -22.80
CA GLY C 84 17.54 -20.29 -21.89
C GLY C 84 17.19 -19.77 -20.48
N THR C 85 16.04 -19.15 -20.26
CA THR C 85 15.65 -18.58 -18.94
C THR C 85 15.07 -19.65 -18.00
N GLY C 86 15.91 -20.62 -17.65
CA GLY C 86 15.58 -21.88 -16.97
C GLY C 86 15.48 -21.82 -15.44
N TYR C 87 14.74 -20.84 -14.91
CA TYR C 87 14.36 -20.65 -13.52
C TYR C 87 15.48 -20.31 -12.52
N VAL C 88 15.30 -19.20 -11.83
CA VAL C 88 16.04 -18.76 -10.66
C VAL C 88 15.02 -18.35 -9.59
N PRO C 89 15.20 -18.70 -8.30
CA PRO C 89 14.30 -18.26 -7.25
C PRO C 89 14.23 -16.74 -7.14
N GLU C 90 13.05 -16.19 -6.90
CA GLU C 90 12.89 -14.77 -6.61
C GLU C 90 13.52 -14.45 -5.25
N ASP C 91 14.39 -13.44 -5.18
CA ASP C 91 15.02 -12.99 -3.95
C ASP C 91 15.68 -11.62 -4.16
N GLY C 92 15.58 -10.71 -3.19
CA GLY C 92 16.11 -9.35 -3.30
C GLY C 92 15.30 -8.40 -4.20
N LEU C 93 15.62 -7.12 -4.12
CA LEU C 93 14.99 -6.05 -4.90
C LEU C 93 15.75 -5.80 -6.19
N THR C 94 15.09 -5.39 -7.26
CA THR C 94 15.77 -4.76 -8.41
C THR C 94 16.18 -3.32 -8.07
N ALA C 95 17.10 -2.71 -8.81
CA ALA C 95 17.49 -1.32 -8.55
C ALA C 95 16.29 -0.35 -8.65
N GLN C 96 15.37 -0.60 -9.57
CA GLN C 96 14.12 0.14 -9.67
C GLN C 96 13.24 -0.01 -8.42
N GLN C 97 13.06 -1.23 -7.91
CA GLN C 97 12.34 -1.50 -6.66
C GLN C 97 13.03 -0.95 -5.41
N LEU C 98 14.36 -0.89 -5.37
CA LEU C 98 15.12 -0.31 -4.26
C LEU C 98 14.88 1.19 -4.14
N PHE C 99 14.90 1.91 -5.27
CA PHE C 99 14.74 3.37 -5.30
C PHE C 99 13.29 3.85 -5.48
N ALA C 100 12.33 2.96 -5.76
CA ALA C 100 10.90 3.26 -5.76
C ALA C 100 10.31 3.42 -4.35
N SER C 101 10.95 4.23 -3.52
CA SER C 101 10.54 4.57 -2.15
C SER C 101 11.04 5.98 -1.77
N ALA C 102 10.40 6.59 -0.78
CA ALA C 102 10.63 7.99 -0.39
C ALA C 102 12.04 8.24 0.21
N ASP C 103 12.62 7.24 0.87
CA ASP C 103 13.91 7.29 1.55
C ASP C 103 15.08 7.30 0.56
N GLY C 104 15.86 8.38 0.58
CA GLY C 104 17.10 8.48 -0.18
C GLY C 104 18.23 7.72 0.51
N LEU C 105 19.01 6.97 -0.28
CA LEU C 105 20.00 6.02 0.17
C LEU C 105 21.40 6.49 -0.19
N THR C 106 22.35 6.30 0.70
CA THR C 106 23.78 6.34 0.41
C THR C 106 24.32 4.92 0.25
N TYR C 107 25.56 4.78 -0.18
CA TYR C 107 26.17 3.45 -0.36
C TYR C 107 26.15 2.56 0.87
N ASN C 108 26.10 3.10 2.09
CA ASN C 108 26.04 2.31 3.32
C ASN C 108 24.68 1.64 3.54
N ASP C 109 23.61 2.13 2.93
CA ASP C 109 22.25 1.69 3.20
C ASP C 109 21.83 0.43 2.44
N PHE C 110 22.64 -0.10 1.54
CA PHE C 110 22.30 -1.26 0.72
C PHE C 110 23.50 -2.16 0.45
N LEU C 111 23.24 -3.43 0.12
CA LEU C 111 24.21 -4.38 -0.38
C LEU C 111 23.78 -4.91 -1.74
N ILE C 112 24.74 -5.27 -2.58
CA ILE C 112 24.52 -6.04 -3.79
C ILE C 112 24.49 -7.52 -3.40
N LEU C 113 23.52 -8.29 -3.85
CA LEU C 113 23.46 -9.71 -3.56
C LEU C 113 24.40 -10.49 -4.51
N PRO C 114 25.16 -11.48 -4.03
CA PRO C 114 26.09 -12.25 -4.86
C PRO C 114 25.38 -13.12 -5.90
N GLY C 115 26.02 -13.28 -7.05
CA GLY C 115 25.51 -14.02 -8.20
C GLY C 115 26.17 -15.38 -8.41
N PHE C 116 26.37 -15.76 -9.67
CA PHE C 116 27.05 -16.98 -10.09
C PHE C 116 28.43 -16.66 -10.69
N ILE C 117 29.48 -17.35 -10.23
CA ILE C 117 30.85 -17.12 -10.69
C ILE C 117 31.30 -18.20 -11.66
N ASP C 118 31.67 -17.82 -12.88
CA ASP C 118 32.23 -18.73 -13.88
C ASP C 118 33.55 -18.28 -14.50
N PHE C 119 34.26 -17.35 -13.86
CA PHE C 119 35.46 -16.69 -14.38
C PHE C 119 36.41 -16.27 -13.25
N ILE C 120 37.69 -16.14 -13.58
CA ILE C 120 38.75 -15.65 -12.69
C ILE C 120 38.66 -14.12 -12.55
N ALA C 121 38.89 -13.56 -11.36
CA ALA C 121 38.73 -12.13 -11.13
C ALA C 121 39.70 -11.27 -11.97
N ASP C 122 40.93 -11.73 -12.18
CA ASP C 122 41.93 -11.08 -13.02
C ASP C 122 41.50 -10.93 -14.50
N GLU C 123 40.46 -11.66 -14.94
CA GLU C 123 39.88 -11.58 -16.27
C GLU C 123 38.84 -10.45 -16.45
N VAL C 124 38.34 -9.84 -15.36
CA VAL C 124 37.28 -8.82 -15.40
C VAL C 124 37.71 -7.55 -16.13
N ASP C 125 36.97 -7.16 -17.16
CA ASP C 125 37.21 -5.96 -17.96
C ASP C 125 36.65 -4.68 -17.31
N LEU C 126 37.51 -3.69 -17.08
CA LEU C 126 37.17 -2.42 -16.45
C LEU C 126 37.07 -1.23 -17.42
N THR C 127 37.11 -1.43 -18.75
CA THR C 127 37.00 -0.30 -19.67
C THR C 127 35.65 0.41 -19.54
N SER C 128 35.65 1.75 -19.59
CA SER C 128 34.45 2.54 -19.41
C SER C 128 34.50 3.88 -20.17
N ALA C 129 33.34 4.48 -20.40
CA ALA C 129 33.23 5.78 -21.05
C ALA C 129 33.41 6.92 -20.04
N LEU C 130 34.22 7.92 -20.39
CA LEU C 130 34.30 9.20 -19.69
C LEU C 130 33.31 10.20 -20.32
N THR C 131 33.30 10.27 -21.64
CA THR C 131 32.39 11.12 -22.43
C THR C 131 31.81 10.30 -23.58
N ARG C 132 31.04 10.93 -24.48
CA ARG C 132 30.54 10.29 -25.70
C ARG C 132 31.65 9.77 -26.65
N LYS C 133 32.87 10.30 -26.59
CA LYS C 133 33.99 9.94 -27.49
C LYS C 133 35.29 9.43 -26.84
N ILE C 134 35.46 9.64 -25.53
CA ILE C 134 36.66 9.23 -24.78
C ILE C 134 36.33 8.03 -23.89
N THR C 135 37.13 6.98 -23.98
CA THR C 135 37.06 5.80 -23.11
C THR C 135 38.39 5.53 -22.44
N LEU C 136 38.32 5.12 -21.18
CA LEU C 136 39.44 4.77 -20.33
C LEU C 136 39.49 3.25 -20.17
N LYS C 137 40.66 2.70 -19.84
CA LYS C 137 40.81 1.27 -19.49
C LYS C 137 40.61 1.00 -17.99
N THR C 138 40.50 2.05 -17.17
CA THR C 138 40.21 1.98 -15.74
C THR C 138 39.20 3.08 -15.36
N PRO C 139 38.22 2.83 -14.49
CA PRO C 139 37.14 3.77 -14.18
C PRO C 139 37.50 4.89 -13.19
N LEU C 140 38.79 5.11 -12.92
CA LEU C 140 39.29 5.96 -11.85
C LEU C 140 39.75 7.31 -12.39
N ILE C 141 39.28 8.38 -11.78
CA ILE C 141 39.61 9.76 -12.14
C ILE C 141 40.15 10.48 -10.91
N SER C 142 41.18 11.31 -11.01
CA SER C 142 41.58 12.17 -9.88
C SER C 142 40.84 13.51 -9.96
N SER C 143 40.22 13.90 -8.85
CA SER C 143 39.35 15.09 -8.82
C SER C 143 40.08 16.41 -9.13
N PRO C 144 39.38 17.41 -9.69
CA PRO C 144 39.89 18.76 -9.93
C PRO C 144 39.97 19.61 -8.65
N MET C 145 40.64 19.10 -7.63
CA MET C 145 40.92 19.81 -6.38
C MET C 145 42.38 20.24 -6.31
N ASP C 146 42.62 21.46 -5.83
CA ASP C 146 43.94 22.09 -5.70
C ASP C 146 44.91 21.34 -4.77
N THR C 147 44.33 20.56 -3.88
CA THR C 147 44.99 19.65 -2.96
C THR C 147 45.36 18.32 -3.59
N VAL C 148 44.98 18.06 -4.84
CA VAL C 148 45.03 16.73 -5.47
C VAL C 148 45.73 16.74 -6.81
N THR C 149 45.25 17.49 -7.80
CA THR C 149 45.60 17.26 -9.20
C THR C 149 46.31 18.44 -9.85
N GLU C 150 47.63 18.32 -9.92
CA GLU C 150 48.51 19.03 -10.85
C GLU C 150 49.21 18.02 -11.79
N ALA C 151 50.15 18.44 -12.63
CA ALA C 151 50.55 17.63 -13.79
C ALA C 151 51.14 16.26 -13.46
N ASP C 152 51.94 16.13 -12.41
CA ASP C 152 52.50 14.84 -12.00
C ASP C 152 51.42 13.88 -11.50
N MET C 153 50.40 14.36 -10.80
CA MET C 153 49.23 13.53 -10.48
C MET C 153 48.45 13.17 -11.74
N ALA C 154 48.25 14.09 -12.67
CA ALA C 154 47.56 13.79 -13.92
C ALA C 154 48.33 12.79 -14.81
N ILE C 155 49.66 12.90 -14.89
CA ILE C 155 50.54 11.92 -15.54
C ILE C 155 50.41 10.57 -14.85
N ALA C 156 50.54 10.51 -13.52
CA ALA C 156 50.43 9.24 -12.82
C ALA C 156 49.13 8.56 -13.17
N MET C 157 47.99 9.24 -13.02
CA MET C 157 46.65 8.73 -13.38
C MET C 157 46.52 8.24 -14.82
N ALA C 158 46.96 9.02 -15.80
CA ALA C 158 46.81 8.64 -17.19
C ALA C 158 47.62 7.39 -17.55
N LEU C 159 48.86 7.27 -17.07
CA LEU C 159 49.68 6.08 -17.29
C LEU C 159 49.03 4.82 -16.74
N MET C 160 48.37 4.93 -15.59
CA MET C 160 47.62 3.82 -15.01
C MET C 160 46.32 3.45 -15.72
N GLY C 161 45.85 4.25 -16.67
CA GLY C 161 44.63 4.00 -17.44
C GLY C 161 43.38 4.74 -16.97
N GLY C 162 43.52 5.66 -16.02
CA GLY C 162 42.50 6.63 -15.64
C GLY C 162 42.67 7.96 -16.39
N ILE C 163 42.27 9.06 -15.78
CA ILE C 163 42.59 10.43 -16.21
C ILE C 163 42.65 11.33 -14.98
N GLY C 164 43.40 12.42 -15.02
CA GLY C 164 43.33 13.48 -14.03
C GLY C 164 42.75 14.74 -14.63
N PHE C 165 41.93 15.46 -13.87
CA PHE C 165 41.50 16.81 -14.23
C PHE C 165 42.31 17.80 -13.40
N ILE C 166 43.14 18.61 -14.05
CA ILE C 166 43.95 19.62 -13.35
C ILE C 166 43.05 20.71 -12.79
N HIS C 167 43.31 21.16 -11.56
CA HIS C 167 42.52 22.17 -10.87
C HIS C 167 42.68 23.57 -11.46
N HIS C 168 41.82 24.51 -11.08
CA HIS C 168 41.83 25.89 -11.60
C HIS C 168 41.92 26.97 -10.54
N ASN C 169 42.30 26.64 -9.30
CA ASN C 169 42.66 27.63 -8.26
C ASN C 169 44.10 28.13 -8.46
N CYS C 170 44.39 28.59 -9.68
CA CYS C 170 45.68 29.07 -10.16
C CYS C 170 45.47 30.03 -11.34
N THR C 171 46.49 30.84 -11.63
CA THR C 171 46.46 31.77 -12.78
C THR C 171 46.33 31.00 -14.11
N PRO C 172 45.61 31.50 -15.13
CA PRO C 172 45.36 30.75 -16.36
C PRO C 172 46.59 30.16 -17.05
N GLU C 173 47.72 30.86 -17.07
CA GLU C 173 48.98 30.36 -17.61
C GLU C 173 49.54 29.16 -16.83
N PHE C 174 49.38 29.10 -15.51
CA PHE C 174 49.86 27.96 -14.73
C PHE C 174 49.07 26.69 -15.02
N GLN C 175 47.74 26.78 -15.16
CA GLN C 175 46.96 25.61 -15.55
C GLN C 175 47.35 25.16 -16.97
N ALA C 176 47.48 26.10 -17.90
CA ALA C 176 47.92 25.78 -19.26
C ALA C 176 49.31 25.13 -19.28
N ASN C 177 50.25 25.57 -18.43
CA ASN C 177 51.56 24.97 -18.32
C ASN C 177 51.51 23.53 -17.78
N GLU C 178 50.74 23.29 -16.72
CA GLU C 178 50.56 21.93 -16.20
C GLU C 178 49.87 21.02 -17.22
N VAL C 179 48.91 21.52 -18.01
CA VAL C 179 48.30 20.72 -19.10
C VAL C 179 49.31 20.40 -20.18
N ARG C 180 50.08 21.40 -20.65
CA ARG C 180 51.16 21.22 -21.64
C ARG C 180 52.18 20.18 -21.19
N LYS C 181 52.54 20.20 -19.91
CA LYS C 181 53.44 19.26 -19.27
C LYS C 181 52.91 17.82 -19.30
N VAL C 182 51.61 17.59 -19.05
CA VAL C 182 51.00 16.26 -19.21
C VAL C 182 51.05 15.82 -20.68
N LYS C 183 50.71 16.71 -21.62
CA LYS C 183 50.62 16.33 -23.03
C LYS C 183 51.97 15.96 -23.64
N LYS C 184 53.06 16.67 -23.31
CA LYS C 184 54.40 16.39 -23.87
C LYS C 184 55.16 15.20 -23.26
N PHE C 185 54.68 14.60 -22.17
CA PHE C 185 55.28 13.41 -21.55
C PHE C 185 55.32 12.22 -22.53
N ARG C 306 57.26 -0.59 -21.88
CA ARG C 306 56.00 -1.25 -22.15
C ARG C 306 55.27 -1.71 -20.87
N ASP C 307 55.78 -1.33 -19.69
CA ASP C 307 55.22 -1.67 -18.38
C ASP C 307 53.97 -0.86 -17.97
N TYR C 308 53.39 -0.08 -18.89
CA TYR C 308 52.06 0.53 -18.78
C TYR C 308 51.14 0.07 -19.92
N PRO C 309 50.49 -1.11 -19.81
CA PRO C 309 49.58 -1.60 -20.86
C PRO C 309 48.32 -0.74 -21.01
N LEU C 310 47.83 -0.21 -19.89
CA LEU C 310 46.52 0.43 -19.77
C LEU C 310 46.48 1.91 -20.16
N ALA C 311 47.59 2.50 -20.59
CA ALA C 311 47.77 3.95 -20.63
C ALA C 311 46.69 4.71 -21.42
N SER C 312 46.19 5.79 -20.84
CA SER C 312 45.21 6.68 -21.47
C SER C 312 45.89 7.66 -22.41
N LYS C 313 45.88 7.36 -23.71
CA LYS C 313 46.56 8.10 -24.76
C LYS C 313 45.59 8.53 -25.86
N ASP C 314 45.86 9.67 -26.49
CA ASP C 314 45.11 10.19 -27.63
C ASP C 314 45.54 9.55 -28.97
N SER C 315 44.94 9.97 -30.08
CA SER C 315 45.28 9.50 -31.43
C SER C 315 46.73 9.78 -31.85
N GLN C 316 47.43 10.71 -31.19
CA GLN C 316 48.84 11.03 -31.43
C GLN C 316 49.77 10.39 -30.39
N LYS C 317 49.26 9.44 -29.59
CA LYS C 317 49.96 8.67 -28.55
C LYS C 317 50.48 9.51 -27.36
N GLN C 318 50.02 10.75 -27.22
CA GLN C 318 50.25 11.60 -26.04
C GLN C 318 49.23 11.27 -24.94
N LEU C 319 49.56 11.46 -23.66
CA LEU C 319 48.63 11.16 -22.56
C LEU C 319 47.37 12.03 -22.62
N LEU C 320 46.23 11.50 -22.20
CA LEU C 320 45.01 12.28 -22.02
C LEU C 320 45.10 13.19 -20.80
N CYS C 321 44.64 14.43 -20.93
CA CYS C 321 44.58 15.38 -19.83
C CYS C 321 43.23 16.09 -19.77
N GLY C 322 42.66 16.18 -18.57
CA GLY C 322 41.50 17.01 -18.27
C GLY C 322 41.90 18.34 -17.62
N ALA C 323 41.06 19.35 -17.74
CA ALA C 323 41.19 20.63 -17.07
C ALA C 323 39.85 21.07 -16.47
N ALA C 324 39.89 21.83 -15.40
CA ALA C 324 38.71 22.48 -14.85
C ALA C 324 38.64 23.94 -15.28
N VAL C 325 37.41 24.43 -15.49
CA VAL C 325 37.12 25.80 -15.90
C VAL C 325 35.88 26.27 -15.12
N GLY C 326 35.80 27.55 -14.76
CA GLY C 326 34.59 28.11 -14.15
C GLY C 326 33.58 28.62 -15.18
N THR C 327 32.52 29.28 -14.74
CA THR C 327 31.46 29.79 -15.64
C THR C 327 31.35 31.32 -15.61
N ARG C 328 32.37 32.01 -15.09
CA ARG C 328 32.54 33.47 -15.21
C ARG C 328 32.99 33.86 -16.62
N GLU C 329 32.99 35.15 -16.93
CA GLU C 329 33.38 35.65 -18.25
C GLU C 329 34.88 35.48 -18.53
N ASP C 330 35.77 35.72 -17.56
CA ASP C 330 37.22 35.59 -17.74
C ASP C 330 37.69 34.15 -17.97
N ASP C 331 36.88 33.15 -17.59
CA ASP C 331 37.14 31.75 -17.94
C ASP C 331 37.11 31.49 -19.46
N LYS C 332 36.49 32.36 -20.27
CA LYS C 332 36.60 32.26 -21.74
C LYS C 332 38.02 32.48 -22.24
N TYR C 333 38.86 33.22 -21.51
CA TYR C 333 40.29 33.35 -21.81
C TYR C 333 41.11 32.15 -21.34
N ARG C 334 40.86 31.68 -20.11
CA ARG C 334 41.48 30.45 -19.59
C ARG C 334 41.26 29.26 -20.52
N LEU C 335 40.06 29.10 -21.05
CA LEU C 335 39.70 28.04 -21.97
C LEU C 335 40.53 28.02 -23.27
N ASP C 336 40.89 29.19 -23.79
CA ASP C 336 41.75 29.30 -24.97
C ASP C 336 43.16 28.79 -24.65
N LEU C 337 43.75 29.20 -23.53
CA LEU C 337 45.08 28.73 -23.13
C LEU C 337 45.11 27.21 -22.89
N LEU C 338 44.10 26.66 -22.23
CA LEU C 338 43.95 25.21 -22.07
C LEU C 338 43.79 24.50 -23.41
N THR C 339 43.15 25.14 -24.39
CA THR C 339 43.03 24.58 -25.74
C THR C 339 44.36 24.62 -26.49
N GLN C 340 45.13 25.70 -26.42
CA GLN C 340 46.47 25.79 -27.01
C GLN C 340 47.46 24.81 -26.36
N ALA C 341 47.33 24.54 -25.06
CA ALA C 341 48.05 23.47 -24.37
C ALA C 341 47.65 22.05 -24.82
N GLY C 342 46.55 21.90 -25.55
CA GLY C 342 46.11 20.61 -26.12
C GLY C 342 45.25 19.75 -25.20
N VAL C 343 44.46 20.35 -24.30
CA VAL C 343 43.55 19.61 -23.41
C VAL C 343 42.53 18.75 -24.18
N ASP C 344 42.18 17.57 -23.65
CA ASP C 344 41.27 16.63 -24.31
C ASP C 344 39.81 16.77 -23.85
N VAL C 345 39.58 17.19 -22.61
CA VAL C 345 38.26 17.25 -21.97
C VAL C 345 38.24 18.33 -20.88
N ILE C 346 37.16 19.10 -20.82
CA ILE C 346 36.91 20.18 -19.87
C ILE C 346 35.84 19.77 -18.89
N VAL C 347 36.00 20.01 -17.60
CA VAL C 347 34.93 19.89 -16.61
C VAL C 347 34.50 21.29 -16.17
N LEU C 348 33.22 21.61 -16.26
CA LEU C 348 32.72 22.88 -15.77
C LEU C 348 32.50 22.74 -14.27
N ASP C 349 33.27 23.48 -13.49
CA ASP C 349 33.36 23.32 -12.05
C ASP C 349 32.38 24.26 -11.34
N SER C 350 31.23 23.76 -10.91
CA SER C 350 30.20 24.50 -10.17
C SER C 350 29.43 23.59 -9.22
N SER C 351 28.96 24.10 -8.08
CA SER C 351 28.23 23.29 -7.09
C SER C 351 26.78 23.01 -7.51
N GLN C 352 26.20 23.85 -8.35
CA GLN C 352 24.85 23.75 -8.87
C GLN C 352 24.94 24.06 -10.37
N GLY C 353 25.11 23.02 -11.17
CA GLY C 353 25.42 23.15 -12.59
C GLY C 353 24.28 23.59 -13.48
N ASN C 354 23.05 23.57 -12.97
CA ASN C 354 21.87 23.85 -13.77
C ASN C 354 21.56 25.34 -13.78
N SER C 355 22.33 26.11 -14.54
CA SER C 355 22.23 27.56 -14.55
C SER C 355 22.38 28.11 -15.95
N VAL C 356 21.79 29.28 -16.18
CA VAL C 356 21.96 30.02 -17.44
C VAL C 356 23.43 30.27 -17.75
N TYR C 357 24.23 30.52 -16.71
CA TYR C 357 25.67 30.79 -16.81
C TYR C 357 26.44 29.58 -17.32
N GLN C 358 26.13 28.38 -16.82
CA GLN C 358 26.77 27.17 -17.29
C GLN C 358 26.27 26.74 -18.67
N ILE C 359 24.99 26.88 -18.97
CA ILE C 359 24.44 26.54 -20.28
C ILE C 359 25.01 27.47 -21.36
N ALA C 360 25.11 28.78 -21.08
CA ALA C 360 25.80 29.72 -21.94
C ALA C 360 27.27 29.33 -22.17
N MET C 361 27.99 28.87 -21.14
CA MET C 361 29.34 28.35 -21.31
C MET C 361 29.37 27.10 -22.19
N VAL C 362 28.54 26.07 -21.98
CA VAL C 362 28.54 24.87 -22.83
C VAL C 362 28.27 25.20 -24.29
N HIS C 363 27.30 26.07 -24.57
CA HIS C 363 27.02 26.55 -25.94
C HIS C 363 28.21 27.28 -26.54
N TYR C 364 28.91 28.12 -25.79
CA TYR C 364 30.14 28.77 -26.23
C TYR C 364 31.25 27.76 -26.56
N ILE C 365 31.52 26.78 -25.68
CA ILE C 365 32.58 25.79 -25.93
C ILE C 365 32.27 24.99 -27.19
N LYS C 366 31.03 24.53 -27.38
CA LYS C 366 30.62 23.76 -28.56
C LYS C 366 30.74 24.55 -29.86
N GLN C 367 30.39 25.82 -29.84
CA GLN C 367 30.50 26.69 -31.00
C GLN C 367 31.97 27.00 -31.34
N LYS C 368 32.79 27.41 -30.37
CA LYS C 368 34.16 27.88 -30.61
C LYS C 368 35.20 26.76 -30.75
N TYR C 369 34.97 25.61 -30.12
CA TYR C 369 35.90 24.48 -30.11
C TYR C 369 35.13 23.19 -30.40
N PRO C 370 34.69 22.93 -31.64
CA PRO C 370 33.77 21.80 -31.88
C PRO C 370 34.40 20.43 -31.68
N HIS C 371 35.70 20.33 -31.42
CA HIS C 371 36.40 19.07 -31.13
C HIS C 371 36.49 18.76 -29.62
N LEU C 372 36.12 19.70 -28.75
CA LEU C 372 36.40 19.63 -27.34
C LEU C 372 35.24 19.01 -26.56
N GLN C 373 35.53 18.09 -25.65
CA GLN C 373 34.51 17.40 -24.87
C GLN C 373 34.31 18.11 -23.55
N VAL C 374 33.04 18.27 -23.15
CA VAL C 374 32.68 19.02 -21.95
C VAL C 374 31.90 18.14 -20.98
N ILE C 375 32.20 18.26 -19.70
CA ILE C 375 31.53 17.56 -18.63
C ILE C 375 30.81 18.58 -17.75
N GLY C 376 29.52 18.36 -17.52
CA GLY C 376 28.63 19.37 -16.97
C GLY C 376 28.52 19.43 -15.46
N GLY C 377 29.11 20.46 -14.85
CA GLY C 377 28.68 21.02 -13.57
C GLY C 377 28.75 20.06 -12.42
N ASN C 378 27.82 20.23 -11.50
CA ASN C 378 27.33 19.16 -10.64
C ASN C 378 25.81 19.13 -10.76
N VAL C 379 25.25 17.92 -10.82
CA VAL C 379 23.82 17.66 -10.86
C VAL C 379 23.46 16.51 -9.93
N VAL C 380 22.22 16.49 -9.43
CA VAL C 380 21.69 15.41 -8.58
C VAL C 380 20.27 15.00 -8.95
N THR C 381 19.61 15.71 -9.85
CA THR C 381 18.28 15.36 -10.37
C THR C 381 18.27 15.25 -11.88
N ALA C 382 17.33 14.47 -12.42
CA ALA C 382 17.13 14.30 -13.84
C ALA C 382 16.69 15.59 -14.57
N ALA C 383 16.08 16.55 -13.88
CA ALA C 383 15.74 17.86 -14.45
C ALA C 383 16.97 18.72 -14.78
N GLN C 384 17.94 18.72 -13.88
CA GLN C 384 19.23 19.33 -14.09
C GLN C 384 19.99 18.66 -15.23
N ALA C 385 20.05 17.32 -15.24
CA ALA C 385 20.71 16.57 -16.28
C ALA C 385 20.07 16.84 -17.62
N LYS C 386 18.74 17.00 -17.70
CA LYS C 386 18.04 17.33 -18.94
C LYS C 386 18.52 18.64 -19.53
N ASN C 387 18.48 19.74 -18.77
CA ASN C 387 18.88 21.05 -19.30
C ASN C 387 20.34 21.07 -19.78
N LEU C 388 21.24 20.32 -19.12
CA LEU C 388 22.62 20.23 -19.59
C LEU C 388 22.79 19.27 -20.75
N ILE C 389 22.05 18.16 -20.80
CA ILE C 389 22.15 17.27 -21.94
C ILE C 389 21.60 17.92 -23.18
N ASP C 390 20.59 18.78 -23.03
CA ASP C 390 19.99 19.61 -24.07
C ASP C 390 20.93 20.73 -24.53
N ALA C 391 21.77 21.29 -23.64
CA ALA C 391 22.83 22.24 -24.01
C ALA C 391 23.95 21.63 -24.86
N GLY C 392 24.05 20.30 -24.92
CA GLY C 392 25.00 19.56 -25.74
C GLY C 392 26.20 19.03 -24.98
N VAL C 393 26.13 18.95 -23.66
CA VAL C 393 27.20 18.41 -22.81
C VAL C 393 27.45 16.93 -23.10
N ASP C 394 28.66 16.45 -22.85
CA ASP C 394 29.04 15.08 -23.20
C ASP C 394 29.19 14.15 -22.01
N GLY C 395 29.34 14.67 -20.81
CA GLY C 395 29.31 13.85 -19.61
C GLY C 395 28.66 14.68 -18.53
N LEU C 396 28.44 14.06 -17.40
CA LEU C 396 27.88 14.77 -16.27
C LEU C 396 28.63 14.36 -15.03
N ARG C 397 28.67 15.24 -14.05
CA ARG C 397 29.29 14.96 -12.77
C ARG C 397 28.21 14.99 -11.71
N VAL C 398 28.01 13.88 -11.03
CA VAL C 398 26.96 13.77 -10.04
C VAL C 398 27.54 13.95 -8.66
N GLY C 399 26.80 14.63 -7.81
CA GLY C 399 27.27 14.88 -6.47
C GLY C 399 26.89 16.26 -5.97
N MET C 400 26.64 16.45 -4.67
CA MET C 400 26.35 17.78 -4.10
C MET C 400 26.65 17.81 -2.61
N GLU C 410 27.83 21.14 4.67
CA GLU C 410 26.82 20.42 5.44
C GLU C 410 25.66 21.33 5.91
N VAL C 411 25.85 22.65 5.86
CA VAL C 411 24.83 23.68 6.16
C VAL C 411 24.09 24.19 4.91
N MET C 412 24.05 23.42 3.82
CA MET C 412 23.66 23.92 2.49
C MET C 412 22.15 23.98 2.15
N ALA C 413 21.26 23.30 2.88
CA ALA C 413 19.83 23.07 2.58
C ALA C 413 19.51 22.29 1.28
N CYS C 414 20.17 22.58 0.17
CA CYS C 414 20.16 21.75 -1.03
C CYS C 414 21.10 20.56 -0.92
N GLY C 415 20.77 19.50 -1.64
CA GLY C 415 21.66 18.36 -1.82
C GLY C 415 20.88 17.11 -2.20
N ARG C 416 21.53 15.95 -2.16
CA ARG C 416 20.88 14.64 -2.25
C ARG C 416 21.75 13.53 -1.65
N PRO C 417 21.18 12.44 -1.10
CA PRO C 417 21.90 11.20 -0.81
C PRO C 417 22.56 10.62 -2.06
N GLN C 418 23.86 10.33 -1.99
CA GLN C 418 24.68 10.12 -3.19
C GLN C 418 24.34 8.84 -3.99
N GLY C 419 23.92 7.76 -3.33
CA GLY C 419 23.47 6.55 -4.02
C GLY C 419 22.22 6.79 -4.85
N THR C 420 21.21 7.45 -4.29
CA THR C 420 20.02 7.88 -5.04
C THR C 420 20.37 8.85 -6.16
N ALA C 421 21.24 9.84 -5.93
CA ALA C 421 21.62 10.79 -6.96
C ALA C 421 22.33 10.13 -8.15
N VAL C 422 23.28 9.23 -7.90
CA VAL C 422 23.96 8.50 -8.96
C VAL C 422 22.97 7.66 -9.75
N TYR C 423 22.08 6.93 -9.08
CA TYR C 423 21.12 6.10 -9.79
C TYR C 423 20.13 6.92 -10.62
N LYS C 424 19.50 7.96 -10.06
CA LYS C 424 18.54 8.79 -10.78
C LYS C 424 19.16 9.51 -11.97
N VAL C 425 20.33 10.14 -11.83
CA VAL C 425 20.92 10.86 -12.94
C VAL C 425 21.42 9.89 -13.99
N ALA C 426 21.96 8.75 -13.58
CA ALA C 426 22.45 7.83 -14.59
C ALA C 426 21.31 7.21 -15.36
N GLU C 427 20.21 6.83 -14.71
CA GLU C 427 19.06 6.25 -15.39
C GLU C 427 18.50 7.23 -16.40
N TYR C 428 18.39 8.52 -16.08
CA TYR C 428 17.98 9.52 -17.05
C TYR C 428 19.00 9.70 -18.17
N ALA C 429 20.27 9.93 -17.87
CA ALA C 429 21.24 10.23 -18.91
C ALA C 429 21.48 9.04 -19.82
N ARG C 430 21.30 7.79 -19.36
CA ARG C 430 21.45 6.54 -20.12
C ARG C 430 20.49 6.45 -21.31
N ARG C 431 19.36 7.16 -21.26
CA ARG C 431 18.40 7.32 -22.37
C ARG C 431 19.00 8.04 -23.57
N PHE C 432 20.05 8.84 -23.37
CA PHE C 432 20.70 9.68 -24.36
C PHE C 432 22.15 9.24 -24.67
N GLY C 433 22.64 8.16 -24.02
CA GLY C 433 24.01 7.70 -24.19
C GLY C 433 25.06 8.64 -23.60
N VAL C 434 24.74 9.38 -22.54
CA VAL C 434 25.67 10.27 -21.84
C VAL C 434 26.22 9.55 -20.60
N PRO C 435 27.55 9.42 -20.42
CA PRO C 435 28.13 8.79 -19.24
C PRO C 435 28.08 9.71 -18.00
N ILE C 436 28.16 9.13 -16.82
CA ILE C 436 28.02 9.84 -15.56
C ILE C 436 29.27 9.62 -14.75
N ILE C 437 29.74 10.62 -14.00
CA ILE C 437 30.85 10.50 -13.06
C ILE C 437 30.29 10.64 -11.65
N ALA C 438 30.46 9.61 -10.82
CA ALA C 438 30.13 9.66 -9.40
C ALA C 438 31.24 10.39 -8.65
N ASP C 439 30.91 11.50 -7.97
CA ASP C 439 31.90 12.32 -7.31
C ASP C 439 31.49 12.53 -5.86
N GLY C 440 32.32 12.06 -4.93
CA GLY C 440 32.09 12.18 -3.49
C GLY C 440 31.25 11.03 -2.93
N GLY C 441 31.21 10.91 -1.61
CA GLY C 441 30.63 9.78 -0.90
C GLY C 441 31.45 8.49 -0.96
N ILE C 442 32.64 8.54 -1.55
CA ILE C 442 33.47 7.35 -1.79
C ILE C 442 34.60 7.30 -0.77
N GLN C 443 34.67 6.21 -0.02
CA GLN C 443 35.66 6.00 1.05
C GLN C 443 36.35 4.63 0.94
N THR C 444 35.68 3.61 0.40
CA THR C 444 36.15 2.23 0.38
C THR C 444 36.00 1.66 -1.03
N VAL C 445 36.62 0.51 -1.31
CA VAL C 445 36.43 -0.14 -2.60
C VAL C 445 34.99 -0.60 -2.76
N GLY C 446 34.31 -0.90 -1.66
CA GLY C 446 32.92 -1.30 -1.70
C GLY C 446 32.03 -0.17 -2.21
N HIS C 447 32.30 1.07 -1.83
CA HIS C 447 31.62 2.24 -2.40
C HIS C 447 31.93 2.42 -3.88
N VAL C 448 33.12 2.06 -4.37
CA VAL C 448 33.39 2.18 -5.79
C VAL C 448 32.61 1.16 -6.56
N VAL C 449 32.55 -0.09 -6.10
CA VAL C 449 31.76 -1.14 -6.76
C VAL C 449 30.27 -0.82 -6.74
N LYS C 450 29.75 -0.24 -5.67
CA LYS C 450 28.36 0.22 -5.58
C LYS C 450 28.07 1.37 -6.54
N ALA C 451 28.88 2.42 -6.55
CA ALA C 451 28.68 3.52 -7.49
C ALA C 451 28.71 3.02 -8.94
N LEU C 452 29.64 2.13 -9.26
CA LEU C 452 29.75 1.54 -10.60
C LEU C 452 28.51 0.71 -10.93
N ALA C 453 28.05 -0.13 -10.01
CA ALA C 453 26.88 -0.97 -10.21
C ALA C 453 25.59 -0.16 -10.38
N LEU C 454 25.47 1.02 -9.78
CA LEU C 454 24.32 1.91 -9.93
C LEU C 454 24.30 2.75 -11.21
N GLY C 455 25.30 2.70 -12.10
CA GLY C 455 25.23 3.36 -13.39
C GLY C 455 26.30 4.42 -13.63
N ALA C 456 27.03 4.86 -12.59
CA ALA C 456 28.20 5.67 -12.85
C ALA C 456 29.20 4.86 -13.67
N SER C 457 29.68 5.41 -14.76
CA SER C 457 30.67 4.76 -15.62
C SER C 457 32.10 5.00 -15.14
N THR C 458 32.33 6.05 -14.37
CA THR C 458 33.61 6.39 -13.76
C THR C 458 33.37 6.98 -12.38
N VAL C 459 34.37 6.82 -11.52
CA VAL C 459 34.34 7.31 -10.15
C VAL C 459 35.50 8.27 -9.98
N MET C 460 35.27 9.40 -9.34
CA MET C 460 36.25 10.44 -9.15
C MET C 460 36.81 10.38 -7.73
N MET C 461 37.99 9.75 -7.55
CA MET C 461 38.65 9.67 -6.26
C MET C 461 39.03 11.05 -5.79
N GLY C 462 38.48 11.49 -4.68
CA GLY C 462 38.69 12.86 -4.27
C GLY C 462 39.83 13.07 -3.32
N SER C 463 39.80 12.38 -2.19
CA SER C 463 40.79 12.55 -1.14
C SER C 463 41.66 11.33 -0.95
N LEU C 464 41.08 10.14 -1.08
CA LEU C 464 41.89 8.93 -0.97
C LEU C 464 43.19 9.07 -1.71
N LEU C 465 43.22 9.84 -2.79
CA LEU C 465 44.46 10.07 -3.50
C LEU C 465 45.32 11.10 -2.79
N ALA C 466 44.69 12.16 -2.28
CA ALA C 466 45.43 13.15 -1.51
C ALA C 466 46.21 12.42 -0.43
N ALA C 467 47.34 12.96 -0.02
CA ALA C 467 48.24 12.31 0.91
C ALA C 467 49.03 11.19 0.26
N THR C 468 49.31 11.27 -1.03
CA THR C 468 50.18 10.34 -1.71
C THR C 468 51.34 11.07 -2.37
N THR C 469 52.29 10.29 -2.86
CA THR C 469 53.55 10.85 -3.36
C THR C 469 53.35 11.93 -4.40
N GLU C 470 52.30 11.82 -5.22
CA GLU C 470 52.13 12.72 -6.34
C GLU C 470 51.42 14.01 -5.97
N ALA C 471 50.50 13.96 -5.01
CA ALA C 471 49.74 15.15 -4.67
C ALA C 471 50.68 16.30 -4.36
N PRO C 472 50.28 17.56 -4.67
CA PRO C 472 51.00 18.78 -4.27
C PRO C 472 51.40 18.82 -2.79
N GLY C 526 51.35 6.87 0.32
CA GLY C 526 51.77 5.85 -0.63
C GLY C 526 52.04 6.46 -1.99
N SER C 527 52.09 5.61 -3.01
CA SER C 527 52.28 6.08 -4.37
C SER C 527 51.15 5.60 -5.26
N ILE C 528 50.70 6.48 -6.15
CA ILE C 528 49.65 6.12 -7.10
C ILE C 528 50.06 4.86 -7.85
N GLN C 529 51.28 4.86 -8.39
CA GLN C 529 51.84 3.74 -9.14
C GLN C 529 51.71 2.43 -8.35
N LYS C 530 51.48 2.52 -7.02
CA LYS C 530 51.34 1.36 -6.17
C LYS C 530 49.95 1.20 -5.60
N PHE C 531 49.14 2.27 -5.62
CA PHE C 531 47.85 2.25 -4.96
C PHE C 531 46.68 2.09 -5.90
N VAL C 532 46.81 2.43 -7.18
CA VAL C 532 45.65 2.22 -8.04
C VAL C 532 45.54 0.74 -8.38
N PRO C 533 46.62 -0.01 -8.59
CA PRO C 533 46.46 -1.45 -8.81
C PRO C 533 45.72 -2.13 -7.67
N TYR C 534 45.91 -1.64 -6.45
CA TYR C 534 45.15 -2.17 -5.33
C TYR C 534 43.67 -1.89 -5.51
N LEU C 535 43.30 -0.66 -5.83
CA LEU C 535 41.91 -0.34 -6.09
C LEU C 535 41.34 -1.19 -7.21
N ILE C 536 42.10 -1.38 -8.28
CA ILE C 536 41.70 -2.12 -9.47
C ILE C 536 41.45 -3.58 -9.14
N ALA C 537 42.34 -4.22 -8.36
CA ALA C 537 42.10 -5.59 -7.92
C ALA C 537 40.89 -5.66 -7.00
N GLY C 538 40.66 -4.63 -6.20
CA GLY C 538 39.46 -4.62 -5.39
C GLY C 538 38.20 -4.59 -6.23
N ILE C 539 38.14 -3.72 -7.25
CA ILE C 539 36.99 -3.63 -8.16
C ILE C 539 36.77 -4.96 -8.89
N GLN C 540 37.84 -5.63 -9.32
CA GLN C 540 37.74 -6.92 -10.00
C GLN C 540 37.22 -8.04 -9.09
N HIS C 541 37.63 -8.11 -7.82
CA HIS C 541 37.06 -9.06 -6.86
C HIS C 541 35.60 -8.73 -6.55
N GLY C 542 35.25 -7.45 -6.42
CA GLY C 542 33.86 -7.06 -6.30
C GLY C 542 33.04 -7.53 -7.47
N CYS C 543 33.42 -7.26 -8.71
CA CYS C 543 32.67 -7.76 -9.88
C CYS C 543 32.63 -9.29 -9.95
N GLN C 544 33.68 -9.97 -9.54
CA GLN C 544 33.67 -11.42 -9.49
C GLN C 544 32.62 -11.96 -8.52
N ASP C 545 32.50 -11.43 -7.30
CA ASP C 545 31.49 -11.89 -6.33
C ASP C 545 30.05 -11.66 -6.81
N ILE C 546 29.85 -10.56 -7.51
CA ILE C 546 28.59 -10.19 -8.19
C ILE C 546 28.31 -11.10 -9.39
N GLY C 547 29.33 -11.71 -9.97
CA GLY C 547 29.23 -12.57 -11.15
C GLY C 547 29.18 -11.81 -12.47
N ALA C 548 29.70 -10.58 -12.55
CA ALA C 548 29.76 -9.79 -13.77
C ALA C 548 31.17 -9.79 -14.40
N ARG C 549 31.30 -10.26 -15.66
CA ARG C 549 32.59 -10.33 -16.39
C ARG C 549 33.22 -8.99 -16.76
N SER C 550 32.46 -7.93 -16.71
CA SER C 550 32.81 -6.60 -17.20
C SER C 550 31.96 -5.56 -16.49
N LEU C 551 32.41 -4.31 -16.40
CA LEU C 551 31.58 -3.22 -15.89
C LEU C 551 30.38 -2.88 -16.78
N SER C 552 30.47 -3.01 -18.10
CA SER C 552 29.30 -2.82 -18.97
C SER C 552 28.29 -3.97 -18.83
N VAL C 553 28.76 -5.19 -18.59
CA VAL C 553 27.91 -6.32 -18.20
C VAL C 553 27.24 -6.06 -16.85
N LEU C 554 27.98 -5.61 -15.84
CA LEU C 554 27.44 -5.23 -14.53
C LEU C 554 26.30 -4.23 -14.66
N ARG C 555 26.46 -3.17 -15.47
CA ARG C 555 25.39 -2.17 -15.62
C ARG C 555 24.20 -2.73 -16.39
N SER C 556 24.45 -3.58 -17.39
CA SER C 556 23.37 -4.26 -18.11
C SER C 556 22.56 -5.23 -17.22
N MET C 557 23.18 -5.94 -16.28
CA MET C 557 22.47 -6.73 -15.26
C MET C 557 21.68 -5.85 -14.30
N MET C 558 22.17 -4.65 -13.96
CA MET C 558 21.44 -3.75 -13.08
C MET C 558 20.17 -3.20 -13.73
N TYR C 559 20.24 -2.71 -14.95
CA TYR C 559 19.05 -2.15 -15.61
C TYR C 559 18.03 -3.20 -16.05
N SER C 560 18.43 -4.44 -16.27
CA SER C 560 17.53 -5.54 -16.67
C SER C 560 16.82 -6.23 -15.51
N GLY C 561 17.16 -5.95 -14.25
CA GLY C 561 16.55 -6.56 -13.07
C GLY C 561 17.19 -7.88 -12.62
N GLU C 562 18.25 -8.34 -13.29
CA GLU C 562 18.99 -9.54 -12.89
C GLU C 562 19.84 -9.30 -11.64
N LEU C 563 20.53 -8.16 -11.56
CA LEU C 563 21.26 -7.78 -10.35
C LEU C 563 20.29 -7.38 -9.26
N LYS C 564 20.48 -7.92 -8.06
CA LYS C 564 19.58 -7.75 -6.93
C LYS C 564 20.26 -7.03 -5.77
N PHE C 565 19.47 -6.29 -5.02
CA PHE C 565 19.90 -5.41 -3.96
C PHE C 565 19.11 -5.69 -2.70
N GLU C 566 19.68 -5.46 -1.53
CA GLU C 566 18.97 -5.48 -0.26
C GLU C 566 19.27 -4.23 0.53
N LYS C 567 18.26 -3.67 1.21
CA LYS C 567 18.40 -2.53 2.09
C LYS C 567 18.89 -2.98 3.47
N ARG C 568 19.73 -2.19 4.13
CA ARG C 568 20.23 -2.41 5.49
C ARG C 568 19.68 -1.35 6.43
N THR C 569 18.92 -1.73 7.45
CA THR C 569 18.69 -0.85 8.61
C THR C 569 20.00 -0.62 9.38
N MET C 570 20.13 0.42 10.21
CA MET C 570 21.40 0.81 10.84
C MET C 570 22.09 -0.32 11.59
N SER C 571 21.33 -1.07 12.39
CA SER C 571 21.76 -2.29 13.07
C SER C 571 22.42 -3.34 12.15
N ALA C 572 21.94 -3.49 10.92
CA ALA C 572 22.56 -4.37 9.92
C ALA C 572 23.86 -3.79 9.33
N GLN C 573 23.96 -2.46 9.23
CA GLN C 573 25.21 -1.78 8.90
C GLN C 573 26.25 -1.95 10.03
N ILE C 574 25.82 -1.88 11.30
CA ILE C 574 26.66 -2.09 12.49
C ILE C 574 27.23 -3.51 12.52
N GLU C 575 26.44 -4.53 12.19
CA GLU C 575 26.92 -5.93 12.22
C GLU C 575 27.88 -6.28 11.06
N GLY C 576 27.87 -5.51 9.96
CA GLY C 576 28.94 -5.51 8.96
C GLY C 576 30.15 -4.65 9.32
N GLY C 577 29.94 -3.55 10.06
CA GLY C 577 30.95 -2.59 10.50
C GLY C 577 31.07 -1.39 9.54
N VAL C 578 30.67 -0.20 10.00
CA VAL C 578 30.63 1.05 9.19
C VAL C 578 31.00 2.34 9.95
N HIS C 579 31.02 2.33 11.29
CA HIS C 579 31.16 3.54 12.12
C HIS C 579 31.72 3.22 13.51
N HIS D 29 2.49 -30.49 14.76
CA HIS D 29 2.68 -30.22 16.20
C HIS D 29 1.37 -29.73 16.84
N GLU D 30 1.18 -29.95 18.14
CA GLU D 30 0.03 -29.40 18.88
C GLU D 30 0.21 -27.88 19.08
N THR D 31 -0.67 -27.08 18.48
CA THR D 31 -0.62 -25.61 18.60
C THR D 31 -0.98 -25.15 20.01
N ALA D 32 -0.65 -23.92 20.39
CA ALA D 32 -0.91 -23.37 21.71
C ALA D 32 -2.39 -23.50 22.15
N ALA D 33 -3.34 -23.31 21.23
CA ALA D 33 -4.77 -23.55 21.49
C ALA D 33 -5.08 -25.01 21.81
N GLN D 34 -4.50 -25.95 21.06
CA GLN D 34 -4.67 -27.38 21.30
C GLN D 34 -4.05 -27.80 22.63
N ARG D 35 -2.83 -27.32 22.96
CA ARG D 35 -2.18 -27.65 24.23
C ARG D 35 -2.91 -27.06 25.44
N TYR D 36 -3.31 -25.79 25.36
CA TYR D 36 -4.10 -25.13 26.39
C TYR D 36 -5.43 -25.86 26.62
N SER D 37 -6.23 -26.06 25.58
CA SER D 37 -7.54 -26.72 25.70
C SER D 37 -7.43 -28.18 26.14
N ALA D 38 -6.41 -28.92 25.71
CA ALA D 38 -6.17 -30.29 26.20
C ALA D 38 -5.87 -30.33 27.69
N ARG D 39 -5.00 -29.45 28.21
CA ARG D 39 -4.66 -29.42 29.64
C ARG D 39 -5.75 -28.78 30.52
N LEU D 40 -6.61 -27.94 29.97
CA LEU D 40 -7.83 -27.47 30.65
C LEU D 40 -8.86 -28.59 30.93
N LEU D 41 -8.72 -29.79 30.34
CA LEU D 41 -9.51 -30.97 30.73
C LEU D 41 -9.03 -31.66 32.03
N GLN D 42 -7.83 -31.33 32.54
CA GLN D 42 -7.24 -32.01 33.72
C GLN D 42 -7.78 -31.53 35.09
N ALA D 43 -8.75 -30.62 35.08
CA ALA D 43 -9.52 -30.14 36.24
C ALA D 43 -10.95 -29.79 35.78
N GLY D 44 -11.85 -29.34 36.67
CA GLY D 44 -13.22 -29.10 36.25
C GLY D 44 -13.46 -27.76 35.60
N TYR D 45 -12.54 -27.31 34.74
CA TYR D 45 -12.59 -26.00 34.05
C TYR D 45 -12.77 -26.14 32.54
N MET D 76 -18.35 -28.93 24.97
CA MET D 76 -19.09 -29.24 23.76
C MET D 76 -19.58 -27.97 23.02
N ALA D 77 -20.05 -28.14 21.78
CA ALA D 77 -20.48 -27.12 20.81
C ALA D 77 -19.38 -26.21 20.27
N ASP D 78 -18.41 -25.78 21.08
CA ASP D 78 -17.20 -25.11 20.59
C ASP D 78 -16.34 -26.04 19.70
N TYR D 79 -16.22 -27.31 20.08
CA TYR D 79 -15.63 -28.38 19.26
C TYR D 79 -16.33 -28.54 17.92
N LEU D 80 -17.67 -28.46 17.88
CA LEU D 80 -18.42 -28.50 16.62
C LEU D 80 -18.29 -27.22 15.79
N ILE D 81 -17.96 -26.08 16.39
CA ILE D 81 -17.71 -24.85 15.63
C ILE D 81 -16.40 -24.94 14.86
N SER D 82 -15.27 -25.30 15.48
CA SER D 82 -13.99 -25.39 14.72
C SER D 82 -12.95 -26.35 15.27
N GLY D 83 -13.35 -27.52 15.75
CA GLY D 83 -12.42 -28.56 16.21
C GLY D 83 -11.54 -28.09 17.37
N GLY D 84 -10.23 -28.34 17.27
CA GLY D 84 -9.24 -27.94 18.27
C GLY D 84 -8.72 -26.50 18.15
N THR D 85 -8.90 -25.80 17.02
CA THR D 85 -8.36 -24.44 16.80
C THR D 85 -9.25 -23.35 17.43
N GLY D 86 -9.41 -23.43 18.75
CA GLY D 86 -10.40 -22.70 19.55
C GLY D 86 -10.06 -21.27 19.95
N TYR D 87 -9.64 -20.46 18.97
CA TYR D 87 -9.40 -19.00 19.05
C TYR D 87 -8.22 -18.55 19.91
N VAL D 88 -7.33 -17.79 19.26
CA VAL D 88 -6.29 -16.97 19.87
C VAL D 88 -6.37 -15.58 19.24
N PRO D 89 -6.20 -14.49 19.98
CA PRO D 89 -6.17 -13.15 19.41
C PRO D 89 -5.05 -13.00 18.39
N GLU D 90 -5.31 -12.29 17.29
CA GLU D 90 -4.27 -11.92 16.33
C GLU D 90 -3.34 -10.88 16.95
N ASP D 91 -2.02 -11.12 16.93
CA ASP D 91 -1.02 -10.22 17.48
C ASP D 91 0.38 -10.61 16.99
N GLY D 92 1.15 -9.67 16.47
CA GLY D 92 2.48 -9.92 15.90
C GLY D 92 2.47 -10.43 14.46
N LEU D 93 3.62 -10.37 13.81
CA LEU D 93 3.83 -10.77 12.41
C LEU D 93 4.16 -12.26 12.33
N THR D 94 3.78 -12.95 11.26
CA THR D 94 4.41 -14.24 10.92
C THR D 94 5.81 -14.03 10.35
N ALA D 95 6.67 -15.05 10.32
CA ALA D 95 8.00 -14.92 9.72
C ALA D 95 7.93 -14.50 8.24
N GLN D 96 6.93 -14.98 7.50
CA GLN D 96 6.67 -14.53 6.14
C GLN D 96 6.32 -13.04 6.07
N GLN D 97 5.43 -12.54 6.93
CA GLN D 97 5.09 -11.12 7.04
C GLN D 97 6.24 -10.23 7.53
N LEU D 98 7.13 -10.74 8.39
CA LEU D 98 8.30 -10.00 8.86
C LEU D 98 9.29 -9.72 7.71
N PHE D 99 9.56 -10.71 6.88
CA PHE D 99 10.51 -10.61 5.79
C PHE D 99 9.90 -10.16 4.44
N ALA D 100 8.58 -10.06 4.33
CA ALA D 100 7.87 -9.48 3.18
C ALA D 100 7.97 -7.94 3.12
N SER D 101 9.16 -7.40 3.27
CA SER D 101 9.49 -5.98 3.18
C SER D 101 10.94 -5.78 2.72
N ALA D 102 11.26 -4.60 2.17
CA ALA D 102 12.54 -4.30 1.55
C ALA D 102 13.74 -4.32 2.52
N ASP D 103 13.52 -4.01 3.80
CA ASP D 103 14.52 -3.92 4.85
C ASP D 103 15.06 -5.29 5.28
N GLY D 104 16.34 -5.55 5.04
CA GLY D 104 17.04 -6.71 5.56
C GLY D 104 17.35 -6.55 7.04
N LEU D 105 17.10 -7.61 7.82
CA LEU D 105 17.15 -7.62 9.26
C LEU D 105 18.31 -8.49 9.75
N THR D 106 18.99 -8.05 10.81
CA THR D 106 19.84 -8.91 11.64
C THR D 106 19.10 -9.30 12.90
N TYR D 107 19.67 -10.20 13.70
CA TYR D 107 19.02 -10.69 14.92
C TYR D 107 18.61 -9.59 15.91
N ASN D 108 19.25 -8.44 15.92
CA ASN D 108 18.91 -7.34 16.82
C ASN D 108 17.62 -6.61 16.42
N ASP D 109 17.16 -6.73 15.19
CA ASP D 109 16.04 -5.97 14.66
C ASP D 109 14.67 -6.55 15.00
N PHE D 110 14.59 -7.72 15.63
CA PHE D 110 13.32 -8.37 15.92
C PHE D 110 13.34 -9.14 17.24
N LEU D 111 12.17 -9.40 17.80
CA LEU D 111 11.95 -10.29 18.93
C LEU D 111 10.95 -11.38 18.54
N ILE D 112 11.08 -12.55 19.16
CA ILE D 112 10.09 -13.61 19.10
C ILE D 112 9.07 -13.36 20.21
N LEU D 113 7.78 -13.35 19.92
CA LEU D 113 6.78 -13.13 20.96
C LEU D 113 6.56 -14.40 21.80
N PRO D 114 6.42 -14.30 23.13
CA PRO D 114 6.25 -15.47 23.99
C PRO D 114 4.92 -16.19 23.77
N GLY D 115 4.93 -17.50 23.98
CA GLY D 115 3.79 -18.40 23.76
C GLY D 115 3.16 -18.92 25.04
N PHE D 116 2.70 -20.16 25.02
CA PHE D 116 2.12 -20.88 26.16
C PHE D 116 3.06 -21.98 26.67
N ILE D 117 3.33 -22.02 27.97
CA ILE D 117 4.26 -22.97 28.58
C ILE D 117 3.51 -24.10 29.28
N ASP D 118 3.71 -25.34 28.84
CA ASP D 118 3.13 -26.54 29.44
C ASP D 118 4.18 -27.60 29.84
N PHE D 119 5.45 -27.24 29.93
CA PHE D 119 6.58 -28.15 30.11
C PHE D 119 7.78 -27.46 30.79
N ILE D 120 8.65 -28.26 31.41
CA ILE D 120 9.90 -27.82 32.07
C ILE D 120 11.02 -27.61 31.04
N ALA D 121 11.87 -26.60 31.20
CA ALA D 121 12.91 -26.28 30.21
C ALA D 121 13.91 -27.43 30.00
N ASP D 122 14.28 -28.14 31.06
CA ASP D 122 15.17 -29.31 31.02
C ASP D 122 14.61 -30.47 30.17
N GLU D 123 13.32 -30.45 29.82
CA GLU D 123 12.67 -31.43 28.95
C GLU D 123 12.79 -31.10 27.44
N VAL D 124 13.23 -29.89 27.07
CA VAL D 124 13.30 -29.44 25.66
C VAL D 124 14.34 -30.23 24.85
N ASP D 125 13.90 -30.88 23.78
CA ASP D 125 14.74 -31.64 22.86
C ASP D 125 15.49 -30.76 21.85
N LEU D 126 16.83 -30.85 21.85
CA LEU D 126 17.70 -30.07 20.97
C LEU D 126 18.27 -30.87 19.79
N THR D 127 17.82 -32.10 19.53
CA THR D 127 18.34 -32.87 18.38
C THR D 127 18.07 -32.16 17.05
N SER D 128 19.04 -32.18 16.13
CA SER D 128 18.92 -31.49 14.85
C SER D 128 19.75 -32.14 13.74
N ALA D 129 19.41 -31.84 12.49
CA ALA D 129 20.13 -32.34 11.32
C ALA D 129 21.32 -31.45 10.99
N LEU D 130 22.48 -32.06 10.75
CA LEU D 130 23.65 -31.40 10.18
C LEU D 130 23.63 -31.51 8.66
N THR D 131 23.34 -32.70 8.15
CA THR D 131 23.18 -33.02 6.73
C THR D 131 21.94 -33.87 6.52
N ARG D 132 21.72 -34.37 5.30
CA ARG D 132 20.65 -35.33 5.02
C ARG D 132 20.73 -36.63 5.84
N LYS D 133 21.93 -37.10 6.23
CA LYS D 133 22.16 -38.38 6.93
C LYS D 133 22.74 -38.31 8.35
N ILE D 134 23.33 -37.18 8.75
CA ILE D 134 23.96 -36.99 10.06
C ILE D 134 23.09 -36.10 10.95
N THR D 135 22.81 -36.55 12.17
CA THR D 135 22.08 -35.79 13.19
C THR D 135 22.85 -35.71 14.49
N LEU D 136 22.87 -34.52 15.08
CA LEU D 136 23.51 -34.21 16.33
C LEU D 136 22.46 -34.18 17.45
N LYS D 137 22.88 -34.39 18.70
CA LYS D 137 22.01 -34.19 19.88
C LYS D 137 22.03 -32.75 20.40
N THR D 138 22.91 -31.90 19.87
CA THR D 138 23.02 -30.48 20.21
C THR D 138 23.29 -29.67 18.94
N PRO D 139 22.70 -28.47 18.76
CA PRO D 139 22.78 -27.70 17.51
C PRO D 139 24.09 -26.92 17.31
N LEU D 140 25.12 -27.16 18.11
CA LEU D 140 26.33 -26.36 18.21
C LEU D 140 27.47 -26.98 17.43
N ILE D 141 28.12 -26.19 16.59
CA ILE D 141 29.25 -26.60 15.76
C ILE D 141 30.41 -25.64 16.03
N SER D 142 31.66 -26.11 16.11
CA SER D 142 32.81 -25.20 16.16
C SER D 142 33.29 -24.90 14.74
N SER D 143 33.47 -23.62 14.43
CA SER D 143 33.82 -23.16 13.07
C SER D 143 35.16 -23.69 12.55
N PRO D 144 35.32 -23.88 11.24
CA PRO D 144 36.57 -24.29 10.60
C PRO D 144 37.59 -23.15 10.50
N MET D 145 37.86 -22.48 11.62
CA MET D 145 38.86 -21.42 11.74
C MET D 145 40.12 -21.92 12.44
N ASP D 146 41.28 -21.53 11.92
CA ASP D 146 42.62 -21.91 12.43
C ASP D 146 42.88 -21.49 13.87
N THR D 147 42.20 -20.44 14.30
CA THR D 147 42.17 -19.92 15.65
C THR D 147 41.26 -20.71 16.58
N VAL D 148 40.52 -21.70 16.09
CA VAL D 148 39.42 -22.36 16.83
C VAL D 148 39.53 -23.87 16.85
N THR D 149 39.53 -24.54 15.69
CA THR D 149 39.25 -25.98 15.64
C THR D 149 40.42 -26.81 15.12
N GLU D 150 41.16 -27.38 16.05
CA GLU D 150 42.02 -28.55 15.85
C GLU D 150 41.48 -29.74 16.67
N ALA D 151 42.18 -30.87 16.75
CA ALA D 151 41.58 -32.13 17.20
C ALA D 151 41.02 -32.11 18.63
N ASP D 152 41.68 -31.48 19.58
CA ASP D 152 41.20 -31.38 20.95
C ASP D 152 39.92 -30.56 21.05
N MET D 153 39.78 -29.49 20.25
CA MET D 153 38.50 -28.77 20.15
C MET D 153 37.44 -29.63 19.48
N ALA D 154 37.76 -30.34 18.41
CA ALA D 154 36.81 -31.23 17.75
C ALA D 154 36.35 -32.40 18.65
N ILE D 155 37.25 -33.00 19.42
CA ILE D 155 36.93 -33.99 20.45
C ILE D 155 36.01 -33.37 21.49
N ALA D 156 36.36 -32.20 22.05
CA ALA D 156 35.54 -31.58 23.08
C ALA D 156 34.12 -31.41 22.57
N MET D 157 33.94 -30.78 21.39
CA MET D 157 32.65 -30.59 20.73
C MET D 157 31.86 -31.89 20.51
N ALA D 158 32.47 -32.93 19.96
CA ALA D 158 31.76 -34.16 19.66
C ALA D 158 31.28 -34.87 20.93
N LEU D 159 32.08 -34.90 22.00
CA LEU D 159 31.67 -35.48 23.28
C LEU D 159 30.45 -34.77 23.86
N MET D 160 30.39 -33.46 23.72
CA MET D 160 29.23 -32.68 24.15
C MET D 160 27.98 -32.85 23.30
N GLY D 161 28.06 -33.49 22.13
CA GLY D 161 26.92 -33.72 21.23
C GLY D 161 26.78 -32.74 20.07
N GLY D 162 27.77 -31.87 19.88
CA GLY D 162 27.94 -31.09 18.66
C GLY D 162 28.83 -31.80 17.64
N ILE D 163 29.53 -31.03 16.82
CA ILE D 163 30.63 -31.50 15.98
C ILE D 163 31.64 -30.36 15.82
N GLY D 164 32.91 -30.65 15.57
CA GLY D 164 33.87 -29.66 15.12
C GLY D 164 34.31 -29.92 13.69
N PHE D 165 34.50 -28.88 12.91
CA PHE D 165 35.14 -28.97 11.60
C PHE D 165 36.58 -28.49 11.74
N ILE D 166 37.55 -29.37 11.53
CA ILE D 166 38.96 -29.00 11.64
C ILE D 166 39.35 -28.05 10.49
N HIS D 167 40.15 -27.03 10.78
CA HIS D 167 40.59 -26.03 9.80
C HIS D 167 41.57 -26.59 8.76
N HIS D 168 41.84 -25.82 7.71
CA HIS D 168 42.75 -26.24 6.62
C HIS D 168 43.84 -25.22 6.26
N ASN D 169 44.13 -24.25 7.14
CA ASN D 169 45.31 -23.39 7.02
C ASN D 169 46.57 -24.14 7.53
N CYS D 170 46.79 -25.35 7.02
CA CYS D 170 47.84 -26.28 7.39
C CYS D 170 48.13 -27.25 6.23
N THR D 171 49.28 -27.91 6.25
CA THR D 171 49.64 -28.90 5.22
C THR D 171 48.68 -30.09 5.23
N PRO D 172 48.33 -30.73 4.10
CA PRO D 172 47.32 -31.78 4.05
C PRO D 172 47.50 -32.93 5.05
N GLU D 173 48.72 -33.37 5.30
CA GLU D 173 49.03 -34.40 6.29
C GLU D 173 48.69 -33.97 7.73
N PHE D 174 48.84 -32.69 8.10
CA PHE D 174 48.50 -32.21 9.45
C PHE D 174 47.00 -32.25 9.69
N GLN D 175 46.19 -31.83 8.71
CA GLN D 175 44.74 -31.94 8.86
C GLN D 175 44.33 -33.42 8.95
N ALA D 176 44.88 -34.28 8.11
CA ALA D 176 44.61 -35.71 8.18
C ALA D 176 45.01 -36.32 9.53
N ASN D 177 46.13 -35.89 10.12
CA ASN D 177 46.54 -36.34 11.44
C ASN D 177 45.57 -35.89 12.54
N GLU D 178 45.15 -34.63 12.54
CA GLU D 178 44.15 -34.14 13.50
C GLU D 178 42.81 -34.85 13.32
N VAL D 179 42.38 -35.18 12.10
CA VAL D 179 41.16 -35.96 11.87
C VAL D 179 41.32 -37.38 12.41
N ARG D 180 42.43 -38.06 12.10
CA ARG D 180 42.77 -39.41 12.61
C ARG D 180 42.74 -39.44 14.14
N LYS D 181 43.28 -38.41 14.78
CA LYS D 181 43.29 -38.24 16.23
C LYS D 181 41.87 -38.15 16.82
N VAL D 182 40.95 -37.39 16.21
CA VAL D 182 39.54 -37.36 16.63
C VAL D 182 38.89 -38.73 16.47
N LYS D 183 39.11 -39.42 15.35
CA LYS D 183 38.46 -40.71 15.08
C LYS D 183 38.90 -41.82 16.03
N LYS D 184 40.18 -41.89 16.43
CA LYS D 184 40.67 -42.96 17.32
C LYS D 184 40.40 -42.75 18.83
N PHE D 185 39.98 -41.58 19.27
CA PHE D 185 39.60 -41.30 20.66
C PHE D 185 38.46 -42.20 21.13
N ARG D 306 30.38 -42.85 31.11
CA ARG D 306 28.98 -42.65 30.72
C ARG D 306 28.48 -41.22 31.02
N ASP D 307 29.34 -40.34 31.52
CA ASP D 307 29.07 -38.93 31.82
C ASP D 307 29.01 -38.01 30.58
N TYR D 308 29.06 -38.59 29.39
CA TYR D 308 28.71 -37.94 28.12
C TYR D 308 27.54 -38.66 27.45
N PRO D 309 26.28 -38.39 27.84
CA PRO D 309 25.11 -39.05 27.25
C PRO D 309 24.90 -38.65 25.79
N LEU D 310 25.21 -37.40 25.45
CA LEU D 310 24.87 -36.76 24.18
C LEU D 310 25.87 -37.01 23.04
N ALA D 311 26.90 -37.82 23.25
CA ALA D 311 28.07 -37.90 22.37
C ALA D 311 27.75 -38.16 20.90
N SER D 312 28.37 -37.39 20.01
CA SER D 312 28.24 -37.55 18.56
C SER D 312 29.15 -38.65 18.03
N LYS D 313 28.59 -39.83 17.79
CA LYS D 313 29.31 -41.04 17.40
C LYS D 313 28.76 -41.64 16.12
N ASP D 314 29.62 -42.29 15.33
CA ASP D 314 29.27 -43.01 14.11
C ASP D 314 28.79 -44.44 14.36
N SER D 315 28.47 -45.18 13.29
CA SER D 315 28.03 -46.58 13.35
C SER D 315 29.07 -47.55 13.97
N GLN D 316 30.33 -47.15 14.08
CA GLN D 316 31.41 -47.91 14.69
C GLN D 316 31.78 -47.39 16.10
N LYS D 317 30.96 -46.49 16.66
CA LYS D 317 31.07 -45.85 17.98
C LYS D 317 32.30 -44.94 18.16
N GLN D 318 32.95 -44.53 17.08
CA GLN D 318 33.98 -43.49 17.06
C GLN D 318 33.34 -42.10 16.98
N LEU D 319 33.99 -41.05 17.49
CA LEU D 319 33.44 -39.69 17.44
C LEU D 319 33.29 -39.18 16.00
N LEU D 320 32.27 -38.38 15.72
CA LEU D 320 32.13 -37.70 14.44
C LEU D 320 33.15 -36.58 14.29
N CYS D 321 33.74 -36.44 13.10
CA CYS D 321 34.67 -35.38 12.77
C CYS D 321 34.35 -34.75 11.42
N GLY D 322 34.35 -33.42 11.38
CA GLY D 322 34.31 -32.64 10.14
C GLY D 322 35.68 -32.13 9.74
N ALA D 323 35.86 -31.86 8.46
CA ALA D 323 37.06 -31.24 7.89
C ALA D 323 36.69 -30.14 6.90
N ALA D 324 37.55 -29.15 6.75
CA ALA D 324 37.41 -28.12 5.73
C ALA D 324 38.35 -28.38 4.54
N VAL D 325 37.87 -28.05 3.35
CA VAL D 325 38.58 -28.23 2.09
C VAL D 325 38.32 -27.01 1.19
N GLY D 326 39.30 -26.58 0.41
CA GLY D 326 39.11 -25.51 -0.59
C GLY D 326 38.59 -26.05 -1.92
N THR D 327 38.61 -25.22 -2.98
CA THR D 327 38.11 -25.61 -4.32
C THR D 327 39.17 -25.48 -5.41
N ARG D 328 40.45 -25.38 -5.03
CA ARG D 328 41.61 -25.50 -5.94
C ARG D 328 41.83 -26.95 -6.36
N GLU D 329 42.70 -27.20 -7.33
CA GLU D 329 43.00 -28.55 -7.80
C GLU D 329 43.71 -29.40 -6.75
N ASP D 330 44.67 -28.86 -5.99
CA ASP D 330 45.43 -29.62 -4.99
C ASP D 330 44.58 -30.08 -3.80
N ASP D 331 43.42 -29.46 -3.56
CA ASP D 331 42.47 -29.95 -2.56
C ASP D 331 41.91 -31.34 -2.89
N LYS D 332 41.98 -31.81 -4.15
CA LYS D 332 41.64 -33.20 -4.50
C LYS D 332 42.59 -34.21 -3.85
N TYR D 333 43.84 -33.84 -3.58
CA TYR D 333 44.77 -34.67 -2.81
C TYR D 333 44.50 -34.59 -1.30
N ARG D 334 44.28 -33.38 -0.76
CA ARG D 334 43.88 -33.20 0.64
C ARG D 334 42.66 -34.03 1.00
N LEU D 335 41.64 -34.03 0.13
CA LEU D 335 40.40 -34.78 0.33
C LEU D 335 40.61 -36.29 0.44
N ASP D 336 41.57 -36.86 -0.27
CA ASP D 336 41.93 -38.27 -0.14
C ASP D 336 42.51 -38.58 1.24
N LEU D 337 43.46 -37.77 1.72
CA LEU D 337 44.05 -37.99 3.05
C LEU D 337 43.00 -37.86 4.17
N LEU D 338 42.11 -36.86 4.09
CA LEU D 338 40.98 -36.72 5.01
C LEU D 338 40.05 -37.93 4.95
N THR D 339 39.87 -38.53 3.77
CA THR D 339 39.07 -39.74 3.62
C THR D 339 39.75 -40.96 4.23
N GLN D 340 41.06 -41.14 4.02
CA GLN D 340 41.83 -42.22 4.68
C GLN D 340 41.87 -42.06 6.21
N ALA D 341 41.90 -40.83 6.72
CA ALA D 341 41.75 -40.53 8.15
C ALA D 341 40.33 -40.84 8.69
N GLY D 342 39.34 -41.08 7.83
CA GLY D 342 38.00 -41.50 8.21
C GLY D 342 37.03 -40.36 8.52
N VAL D 343 37.18 -39.19 7.90
CA VAL D 343 36.27 -38.04 8.09
C VAL D 343 34.81 -38.38 7.74
N ASP D 344 33.85 -37.81 8.48
CA ASP D 344 32.43 -38.08 8.29
C ASP D 344 31.71 -37.06 7.37
N VAL D 345 32.19 -35.82 7.34
CA VAL D 345 31.56 -34.70 6.63
C VAL D 345 32.59 -33.64 6.25
N ILE D 346 32.49 -33.12 5.04
CA ILE D 346 33.37 -32.11 4.45
C ILE D 346 32.62 -30.80 4.33
N VAL D 347 33.23 -29.68 4.70
CA VAL D 347 32.70 -28.34 4.39
C VAL D 347 33.56 -27.70 3.30
N LEU D 348 32.96 -27.28 2.20
CA LEU D 348 33.69 -26.57 1.17
C LEU D 348 33.81 -25.13 1.58
N ASP D 349 35.04 -24.68 1.78
CA ASP D 349 35.33 -23.41 2.43
C ASP D 349 35.57 -22.32 1.37
N SER D 350 34.56 -21.48 1.11
CA SER D 350 34.64 -20.34 0.20
C SER D 350 33.74 -19.20 0.65
N SER D 351 34.11 -17.95 0.40
CA SER D 351 33.32 -16.77 0.77
C SER D 351 32.08 -16.57 -0.10
N GLN D 352 32.10 -17.11 -1.32
CA GLN D 352 31.04 -17.05 -2.31
C GLN D 352 30.94 -18.44 -2.95
N GLY D 353 30.07 -19.30 -2.43
CA GLY D 353 30.04 -20.72 -2.78
C GLY D 353 29.42 -21.06 -4.12
N ASN D 354 28.73 -20.13 -4.75
CA ASN D 354 28.03 -20.35 -6.00
C ASN D 354 28.95 -20.15 -7.20
N SER D 355 29.76 -21.14 -7.51
CA SER D 355 30.78 -21.03 -8.56
C SER D 355 30.96 -22.34 -9.30
N VAL D 356 31.43 -22.27 -10.55
CA VAL D 356 31.80 -23.46 -11.33
C VAL D 356 32.83 -24.31 -10.61
N TYR D 357 33.75 -23.68 -9.89
CA TYR D 357 34.83 -24.33 -9.15
C TYR D 357 34.31 -25.17 -8.00
N GLN D 358 33.37 -24.64 -7.22
CA GLN D 358 32.74 -25.39 -6.15
C GLN D 358 31.77 -26.46 -6.64
N ILE D 359 31.00 -26.20 -7.68
CA ILE D 359 30.08 -27.19 -8.24
C ILE D 359 30.85 -28.36 -8.84
N ALA D 360 31.94 -28.10 -9.56
CA ALA D 360 32.86 -29.12 -10.02
C ALA D 360 33.44 -29.94 -8.85
N MET D 361 33.82 -29.31 -7.74
CA MET D 361 34.28 -30.01 -6.55
C MET D 361 33.17 -30.89 -5.96
N VAL D 362 31.93 -30.42 -5.75
CA VAL D 362 30.83 -31.25 -5.22
C VAL D 362 30.57 -32.47 -6.12
N HIS D 363 30.52 -32.29 -7.44
CA HIS D 363 30.38 -33.40 -8.40
C HIS D 363 31.52 -34.41 -8.28
N TYR D 364 32.76 -33.94 -8.12
CA TYR D 364 33.91 -34.81 -7.88
C TYR D 364 33.78 -35.60 -6.57
N ILE D 365 33.46 -34.96 -5.44
CA ILE D 365 33.33 -35.66 -4.16
C ILE D 365 32.24 -36.74 -4.24
N LYS D 366 31.08 -36.43 -4.83
CA LYS D 366 29.97 -37.37 -4.98
C LYS D 366 30.32 -38.58 -5.83
N GLN D 367 31.04 -38.38 -6.93
CA GLN D 367 31.43 -39.46 -7.82
C GLN D 367 32.52 -40.35 -7.19
N LYS D 368 33.57 -39.76 -6.60
CA LYS D 368 34.72 -40.51 -6.07
C LYS D 368 34.50 -41.10 -4.68
N TYR D 369 33.68 -40.48 -3.84
CA TYR D 369 33.42 -40.89 -2.46
C TYR D 369 31.92 -40.90 -2.18
N PRO D 370 31.15 -41.87 -2.71
CA PRO D 370 29.69 -41.77 -2.65
C PRO D 370 29.12 -41.89 -1.25
N HIS D 371 29.92 -42.18 -0.22
CA HIS D 371 29.51 -42.24 1.19
C HIS D 371 29.68 -40.91 1.93
N LEU D 372 30.37 -39.93 1.34
CA LEU D 372 30.84 -38.75 2.05
C LEU D 372 29.85 -37.59 1.94
N GLN D 373 29.57 -36.93 3.06
CA GLN D 373 28.60 -35.84 3.11
C GLN D 373 29.31 -34.52 2.91
N VAL D 374 28.74 -33.64 2.09
CA VAL D 374 29.34 -32.36 1.73
C VAL D 374 28.44 -31.20 2.12
N ILE D 375 29.03 -30.14 2.65
CA ILE D 375 28.35 -28.91 3.00
C ILE D 375 28.86 -27.77 2.12
N GLY D 376 27.95 -27.04 1.50
CA GLY D 376 28.26 -26.13 0.40
C GLY D 376 28.60 -24.70 0.78
N GLY D 377 29.88 -24.36 0.73
CA GLY D 377 30.35 -22.99 0.48
C GLY D 377 29.94 -21.99 1.53
N ASN D 378 29.69 -20.77 1.08
CA ASN D 378 28.78 -19.85 1.74
C ASN D 378 27.77 -19.35 0.73
N VAL D 379 26.51 -19.25 1.14
CA VAL D 379 25.39 -18.72 0.37
C VAL D 379 24.56 -17.76 1.21
N VAL D 380 23.91 -16.81 0.57
CA VAL D 380 22.98 -15.85 1.21
C VAL D 380 21.69 -15.64 0.44
N THR D 381 21.57 -16.19 -0.77
CA THR D 381 20.34 -16.14 -1.58
C THR D 381 19.88 -17.54 -2.01
N ALA D 382 18.58 -17.68 -2.27
CA ALA D 382 17.98 -18.91 -2.75
C ALA D 382 18.50 -19.35 -4.13
N ALA D 383 18.97 -18.44 -4.98
CA ALA D 383 19.56 -18.78 -6.27
C ALA D 383 20.91 -19.52 -6.16
N GLN D 384 21.74 -19.07 -5.23
CA GLN D 384 22.97 -19.75 -4.85
C GLN D 384 22.67 -21.14 -4.26
N ALA D 385 21.74 -21.23 -3.31
CA ALA D 385 21.35 -22.48 -2.71
C ALA D 385 20.82 -23.43 -3.75
N LYS D 386 20.10 -22.97 -4.77
CA LYS D 386 19.59 -23.82 -5.86
C LYS D 386 20.73 -24.47 -6.62
N ASN D 387 21.69 -23.71 -7.14
CA ASN D 387 22.78 -24.29 -7.92
C ASN D 387 23.60 -25.31 -7.12
N LEU D 388 23.77 -25.12 -5.81
CA LEU D 388 24.45 -26.10 -4.97
C LEU D 388 23.57 -27.28 -4.60
N ILE D 389 22.28 -27.08 -4.35
CA ILE D 389 21.40 -28.19 -4.05
C ILE D 389 21.22 -29.08 -5.27
N ASP D 390 21.27 -28.50 -6.46
CA ASP D 390 21.25 -29.19 -7.75
C ASP D 390 22.58 -29.92 -8.04
N ALA D 391 23.72 -29.43 -7.57
CA ALA D 391 25.00 -30.15 -7.63
C ALA D 391 25.05 -31.41 -6.75
N GLY D 392 24.10 -31.57 -5.82
CA GLY D 392 23.98 -32.73 -4.95
C GLY D 392 24.55 -32.54 -3.56
N VAL D 393 24.75 -31.30 -3.12
CA VAL D 393 25.23 -30.98 -1.77
C VAL D 393 24.22 -31.41 -0.69
N ASP D 394 24.69 -31.68 0.52
CA ASP D 394 23.84 -32.21 1.58
C ASP D 394 23.54 -31.23 2.70
N GLY D 395 24.31 -30.16 2.82
CA GLY D 395 23.97 -29.09 3.74
C GLY D 395 24.43 -27.81 3.11
N LEU D 396 24.12 -26.71 3.75
CA LEU D 396 24.54 -25.42 3.26
C LEU D 396 25.01 -24.60 4.44
N ARG D 397 25.93 -23.67 4.19
CA ARG D 397 26.41 -22.76 5.20
C ARG D 397 26.02 -21.36 4.81
N VAL D 398 25.25 -20.69 5.64
CA VAL D 398 24.74 -19.37 5.35
C VAL D 398 25.59 -18.33 6.04
N GLY D 399 25.85 -17.23 5.36
CA GLY D 399 26.67 -16.18 5.94
C GLY D 399 27.50 -15.46 4.91
N MET D 400 27.73 -14.16 5.04
CA MET D 400 28.67 -13.42 4.15
C MET D 400 29.15 -12.12 4.80
N GLU D 410 33.74 -6.23 5.61
CA GLU D 410 33.79 -4.82 5.98
C GLU D 410 33.72 -3.88 4.76
N VAL D 411 34.40 -4.23 3.66
CA VAL D 411 34.53 -3.41 2.47
C VAL D 411 34.32 -4.19 1.18
N MET D 412 33.51 -5.25 1.20
CA MET D 412 33.35 -6.14 0.06
C MET D 412 32.23 -5.73 -0.88
N ALA D 413 31.22 -4.97 -0.44
CA ALA D 413 29.99 -4.59 -1.18
C ALA D 413 28.99 -5.70 -1.60
N CYS D 414 29.43 -6.94 -1.80
CA CYS D 414 28.54 -8.09 -1.72
C CYS D 414 28.25 -8.47 -0.28
N GLY D 415 27.05 -9.01 -0.01
CA GLY D 415 26.72 -9.60 1.27
C GLY D 415 25.23 -9.64 1.52
N ARG D 416 24.82 -9.93 2.76
CA ARG D 416 23.43 -9.79 3.21
C ARG D 416 23.32 -9.66 4.73
N PRO D 417 22.28 -8.97 5.27
CA PRO D 417 21.92 -9.06 6.68
C PRO D 417 21.59 -10.49 7.12
N GLN D 418 22.20 -10.96 8.19
CA GLN D 418 22.25 -12.39 8.50
C GLN D 418 20.91 -13.03 8.89
N GLY D 419 19.99 -12.28 9.52
CA GLY D 419 18.64 -12.77 9.83
C GLY D 419 17.83 -13.05 8.57
N THR D 420 17.82 -12.11 7.63
CA THR D 420 17.22 -12.30 6.32
C THR D 420 17.90 -13.43 5.53
N ALA D 421 19.22 -13.51 5.50
CA ALA D 421 19.92 -14.58 4.79
C ALA D 421 19.58 -15.97 5.33
N VAL D 422 19.57 -16.15 6.65
CA VAL D 422 19.23 -17.43 7.26
C VAL D 422 17.79 -17.80 6.93
N TYR D 423 16.85 -16.87 7.04
CA TYR D 423 15.45 -17.17 6.72
C TYR D 423 15.26 -17.48 5.23
N LYS D 424 15.74 -16.67 4.31
CA LYS D 424 15.57 -16.91 2.86
C LYS D 424 16.21 -18.22 2.40
N VAL D 425 17.44 -18.53 2.82
CA VAL D 425 18.08 -19.76 2.37
C VAL D 425 17.43 -20.96 3.01
N ALA D 426 17.02 -20.86 4.26
CA ALA D 426 16.42 -22.01 4.90
C ALA D 426 15.05 -22.29 4.31
N GLU D 427 14.24 -21.27 4.04
CA GLU D 427 12.92 -21.48 3.44
C GLU D 427 13.05 -22.11 2.07
N TYR D 428 14.05 -21.73 1.27
CA TYR D 428 14.25 -22.39 -0.01
C TYR D 428 14.76 -23.82 0.17
N ALA D 429 15.80 -24.04 0.96
CA ALA D 429 16.37 -25.38 1.07
C ALA D 429 15.43 -26.35 1.73
N ARG D 430 14.52 -25.90 2.60
CA ARG D 430 13.51 -26.72 3.30
C ARG D 430 12.55 -27.43 2.34
N ARG D 431 12.37 -26.90 1.13
CA ARG D 431 11.62 -27.54 0.03
C ARG D 431 12.24 -28.84 -0.45
N PHE D 432 13.55 -29.01 -0.25
CA PHE D 432 14.33 -30.16 -0.69
C PHE D 432 14.81 -31.04 0.46
N GLY D 433 14.51 -30.70 1.71
CA GLY D 433 14.98 -31.43 2.90
C GLY D 433 16.47 -31.27 3.17
N VAL D 434 17.08 -30.14 2.80
CA VAL D 434 18.49 -29.83 3.03
C VAL D 434 18.62 -28.94 4.28
N PRO D 435 19.40 -29.32 5.31
CA PRO D 435 19.59 -28.49 6.50
C PRO D 435 20.53 -27.32 6.24
N ILE D 436 20.44 -26.29 7.08
CA ILE D 436 21.18 -25.04 6.91
C ILE D 436 21.99 -24.82 8.16
N ILE D 437 23.21 -24.29 8.03
CA ILE D 437 24.06 -23.87 9.14
C ILE D 437 24.13 -22.35 9.14
N ALA D 438 23.69 -21.71 10.22
CA ALA D 438 23.87 -20.27 10.43
C ALA D 438 25.29 -20.00 10.92
N ASP D 439 26.04 -19.20 10.17
CA ASP D 439 27.45 -18.96 10.49
C ASP D 439 27.69 -17.45 10.55
N GLY D 440 28.08 -16.95 11.71
CA GLY D 440 28.37 -15.54 11.94
C GLY D 440 27.15 -14.73 12.35
N GLY D 441 27.37 -13.51 12.83
CA GLY D 441 26.33 -12.67 13.43
C GLY D 441 25.88 -13.11 14.82
N ILE D 442 26.48 -14.15 15.39
CA ILE D 442 26.06 -14.76 16.65
C ILE D 442 26.98 -14.30 17.77
N GLN D 443 26.41 -13.64 18.78
CA GLN D 443 27.15 -13.09 19.92
C GLN D 443 26.57 -13.48 21.28
N THR D 444 25.29 -13.88 21.35
CA THR D 444 24.55 -14.12 22.59
C THR D 444 23.68 -15.35 22.43
N VAL D 445 23.16 -15.90 23.54
CA VAL D 445 22.26 -17.03 23.43
C VAL D 445 20.97 -16.62 22.73
N GLY D 446 20.59 -15.35 22.83
CA GLY D 446 19.40 -14.83 22.16
C GLY D 446 19.53 -14.89 20.65
N HIS D 447 20.72 -14.61 20.11
CA HIS D 447 21.01 -14.80 18.69
C HIS D 447 20.99 -16.27 18.29
N VAL D 448 21.37 -17.21 19.17
CA VAL D 448 21.29 -18.61 18.82
C VAL D 448 19.84 -19.05 18.73
N VAL D 449 19.00 -18.65 19.67
CA VAL D 449 17.56 -18.99 19.66
C VAL D 449 16.87 -18.37 18.45
N LYS D 450 17.20 -17.13 18.07
CA LYS D 450 16.68 -16.49 16.85
C LYS D 450 17.13 -17.18 15.57
N ALA D 451 18.42 -17.48 15.41
CA ALA D 451 18.89 -18.22 14.24
C ALA D 451 18.18 -19.57 14.12
N LEU D 452 18.03 -20.28 15.23
CA LEU D 452 17.34 -21.57 15.25
C LEU D 452 15.88 -21.41 14.88
N ALA D 453 15.19 -20.44 15.45
CA ALA D 453 13.78 -20.17 15.17
C ALA D 453 13.51 -19.78 13.71
N LEU D 454 14.46 -19.13 13.03
CA LEU D 454 14.36 -18.77 11.61
C LEU D 454 14.65 -19.90 10.62
N GLY D 455 15.03 -21.11 11.04
CA GLY D 455 15.16 -22.24 10.13
C GLY D 455 16.56 -22.83 10.05
N ALA D 456 17.59 -22.17 10.58
CA ALA D 456 18.86 -22.83 10.75
C ALA D 456 18.69 -24.03 11.67
N SER D 457 19.14 -25.18 11.25
CA SER D 457 19.09 -26.40 12.07
C SER D 457 20.28 -26.53 13.02
N THR D 458 21.39 -25.87 12.71
CA THR D 458 22.59 -25.80 13.54
C THR D 458 23.21 -24.42 13.43
N VAL D 459 23.95 -24.04 14.47
CA VAL D 459 24.62 -22.76 14.57
C VAL D 459 26.09 -23.02 14.75
N MET D 460 26.93 -22.29 14.03
CA MET D 460 28.37 -22.46 14.05
C MET D 460 29.02 -21.39 14.92
N MET D 461 29.36 -21.72 16.17
CA MET D 461 30.02 -20.81 17.09
C MET D 461 31.40 -20.47 16.57
N GLY D 462 31.64 -19.19 16.29
CA GLY D 462 32.88 -18.83 15.64
C GLY D 462 33.99 -18.42 16.56
N SER D 463 33.75 -17.42 17.40
CA SER D 463 34.77 -16.89 18.28
C SER D 463 34.44 -17.13 19.74
N LEU D 464 33.18 -17.04 20.13
CA LEU D 464 32.80 -17.33 21.50
C LEU D 464 33.53 -18.55 22.03
N LEU D 465 33.84 -19.51 21.17
CA LEU D 465 34.62 -20.65 21.60
C LEU D 465 36.09 -20.29 21.71
N ALA D 466 36.60 -19.53 20.74
CA ALA D 466 37.99 -19.08 20.82
C ALA D 466 38.19 -18.43 22.17
N ALA D 467 39.41 -18.47 22.69
CA ALA D 467 39.72 -18.00 24.04
C ALA D 467 39.24 -18.98 25.10
N THR D 468 39.16 -20.27 24.79
CA THR D 468 38.84 -21.29 25.77
C THR D 468 39.97 -22.32 25.83
N THR D 469 39.89 -23.19 26.84
CA THR D 469 40.98 -24.11 27.14
C THR D 469 41.39 -24.93 25.92
N GLU D 470 40.45 -25.26 25.05
CA GLU D 470 40.74 -26.18 23.96
C GLU D 470 41.33 -25.50 22.74
N ALA D 471 40.94 -24.26 22.47
CA ALA D 471 41.41 -23.59 21.27
C ALA D 471 42.94 -23.63 21.22
N PRO D 472 43.53 -23.71 20.01
CA PRO D 472 44.98 -23.61 19.80
C PRO D 472 45.66 -22.44 20.51
N GLY D 526 37.49 -20.02 29.55
CA GLY D 526 36.82 -21.12 30.21
C GLY D 526 37.11 -22.44 29.54
N SER D 527 36.28 -23.44 29.80
CA SER D 527 36.43 -24.75 29.17
C SER D 527 35.14 -25.12 28.44
N ILE D 528 35.29 -25.72 27.27
CA ILE D 528 34.12 -26.18 26.52
C ILE D 528 33.27 -27.08 27.39
N GLN D 529 33.92 -28.07 28.02
CA GLN D 529 33.27 -29.03 28.91
C GLN D 529 32.41 -28.31 29.95
N LYS D 530 32.65 -27.01 30.18
CA LYS D 530 31.91 -26.23 31.15
C LYS D 530 31.05 -25.15 30.51
N PHE D 531 31.33 -24.79 29.26
CA PHE D 531 30.65 -23.67 28.63
C PHE D 531 29.57 -24.07 27.65
N VAL D 532 29.60 -25.28 27.09
CA VAL D 532 28.49 -25.60 26.19
C VAL D 532 27.25 -25.93 27.00
N PRO D 533 27.33 -26.58 28.15
CA PRO D 533 26.12 -26.79 28.95
C PRO D 533 25.42 -25.49 29.29
N TYR D 534 26.20 -24.42 29.48
CA TYR D 534 25.61 -23.12 29.70
C TYR D 534 24.82 -22.68 28.47
N LEU D 535 25.43 -22.77 27.29
CA LEU D 535 24.71 -22.42 26.07
C LEU D 535 23.46 -23.26 25.90
N ILE D 536 23.54 -24.55 26.18
CA ILE D 536 22.46 -25.53 26.03
C ILE D 536 21.30 -25.18 26.97
N ALA D 537 21.58 -24.84 28.23
CA ALA D 537 20.53 -24.41 29.14
C ALA D 537 19.93 -23.09 28.68
N GLY D 538 20.74 -22.22 28.09
CA GLY D 538 20.19 -20.99 27.55
C GLY D 538 19.22 -21.26 26.42
N ILE D 539 19.57 -22.12 25.46
CA ILE D 539 18.69 -22.47 24.34
C ILE D 539 17.40 -23.11 24.85
N GLN D 540 17.48 -23.97 25.87
CA GLN D 540 16.30 -24.61 26.44
C GLN D 540 15.37 -23.63 27.16
N HIS D 541 15.88 -22.64 27.91
CA HIS D 541 15.05 -21.58 28.46
C HIS D 541 14.44 -20.68 27.39
N GLY D 542 15.19 -20.37 26.33
CA GLY D 542 14.64 -19.68 25.19
C GLY D 542 13.49 -20.44 24.57
N CYS D 543 13.64 -21.72 24.24
CA CYS D 543 12.52 -22.51 23.69
C CYS D 543 11.34 -22.63 24.65
N GLN D 544 11.58 -22.72 25.96
CA GLN D 544 10.51 -22.74 26.93
C GLN D 544 9.71 -21.43 26.91
N ASP D 545 10.33 -20.26 26.89
CA ASP D 545 9.59 -18.99 26.85
C ASP D 545 8.75 -18.83 25.57
N ILE D 546 9.24 -19.35 24.46
CA ILE D 546 8.55 -19.44 23.17
C ILE D 546 7.41 -20.46 23.20
N GLY D 547 7.45 -21.44 24.10
CA GLY D 547 6.46 -22.50 24.23
C GLY D 547 6.65 -23.66 23.26
N ALA D 548 7.88 -23.90 22.78
CA ALA D 548 8.22 -25.00 21.88
C ALA D 548 8.96 -26.15 22.60
N ARG D 549 8.41 -27.37 22.58
CA ARG D 549 8.98 -28.57 23.24
C ARG D 549 10.27 -29.12 22.64
N SER D 550 10.59 -28.73 21.42
CA SER D 550 11.68 -29.25 20.61
C SER D 550 12.08 -28.20 19.58
N LEU D 551 13.32 -28.23 19.08
CA LEU D 551 13.72 -27.36 17.97
C LEU D 551 13.00 -27.68 16.65
N SER D 552 12.62 -28.92 16.38
CA SER D 552 11.82 -29.23 15.18
C SER D 552 10.38 -28.75 15.31
N VAL D 553 9.81 -28.82 16.52
CA VAL D 553 8.54 -28.16 16.87
C VAL D 553 8.66 -26.66 16.73
N LEU D 554 9.72 -26.01 17.20
CA LEU D 554 9.97 -24.57 17.02
C LEU D 554 9.94 -24.18 15.54
N ARG D 555 10.65 -24.91 14.66
CA ARG D 555 10.65 -24.58 13.23
C ARG D 555 9.30 -24.84 12.58
N SER D 556 8.59 -25.87 13.04
CA SER D 556 7.22 -26.16 12.63
C SER D 556 6.24 -25.04 12.99
N MET D 557 6.32 -24.47 14.19
CA MET D 557 5.55 -23.29 14.57
C MET D 557 5.92 -22.06 13.73
N MET D 558 7.19 -21.91 13.34
CA MET D 558 7.60 -20.77 12.53
C MET D 558 7.05 -20.81 11.10
N TYR D 559 7.16 -21.94 10.41
CA TYR D 559 6.67 -22.03 9.03
C TYR D 559 5.14 -22.07 8.92
N SER D 560 4.42 -22.49 9.96
CA SER D 560 2.95 -22.55 9.97
C SER D 560 2.27 -21.22 10.34
N GLY D 561 3.00 -20.21 10.79
CA GLY D 561 2.46 -18.91 11.18
C GLY D 561 2.00 -18.81 12.63
N GLU D 562 2.15 -19.86 13.42
CA GLU D 562 1.83 -19.86 14.85
C GLU D 562 2.82 -19.02 15.66
N LEU D 563 4.12 -19.14 15.38
CA LEU D 563 5.15 -18.35 16.00
C LEU D 563 5.10 -16.92 15.45
N LYS D 564 5.12 -15.93 16.34
CA LYS D 564 4.95 -14.52 15.97
C LYS D 564 6.19 -13.71 16.32
N PHE D 565 6.43 -12.68 15.53
CA PHE D 565 7.61 -11.84 15.56
C PHE D 565 7.21 -10.38 15.64
N GLU D 566 8.02 -9.56 16.26
CA GLU D 566 7.87 -8.10 16.23
C GLU D 566 9.18 -7.44 15.84
N LYS D 567 9.12 -6.37 15.08
CA LYS D 567 10.26 -5.59 14.62
C LYS D 567 10.60 -4.51 15.64
N ARG D 568 11.84 -4.43 16.11
CA ARG D 568 12.35 -3.38 17.01
C ARG D 568 12.94 -2.21 16.21
N THR D 569 12.33 -1.04 16.26
CA THR D 569 13.05 0.18 15.86
C THR D 569 14.23 0.44 16.80
N MET D 570 15.22 1.24 16.43
CA MET D 570 16.50 1.36 17.14
C MET D 570 16.35 1.74 18.62
N SER D 571 15.45 2.66 18.96
CA SER D 571 15.21 2.99 20.37
C SER D 571 14.63 1.83 21.20
N ALA D 572 13.91 0.88 20.60
CA ALA D 572 13.50 -0.37 21.25
C ALA D 572 14.63 -1.37 21.44
N GLN D 573 15.64 -1.33 20.57
CA GLN D 573 16.88 -2.07 20.79
C GLN D 573 17.64 -1.47 22.00
N ILE D 574 17.63 -0.14 22.15
CA ILE D 574 18.17 0.57 23.33
C ILE D 574 17.36 0.26 24.60
N GLU D 575 16.03 0.17 24.52
CA GLU D 575 15.16 -0.17 25.66
C GLU D 575 15.50 -1.53 26.30
N GLY D 576 15.89 -2.53 25.50
CA GLY D 576 16.45 -3.79 26.00
C GLY D 576 17.95 -3.72 26.33
N GLY D 577 18.73 -3.03 25.51
CA GLY D 577 20.19 -2.89 25.60
C GLY D 577 20.92 -3.78 24.58
N VAL D 578 21.68 -3.16 23.66
CA VAL D 578 22.39 -3.85 22.54
C VAL D 578 23.75 -3.27 22.18
N HIS D 579 24.10 -2.07 22.65
CA HIS D 579 25.28 -1.29 22.23
C HIS D 579 25.73 -0.31 23.32
N HIS E 29 17.08 -15.48 -24.74
CA HIS E 29 16.48 -14.99 -26.00
C HIS E 29 16.96 -13.57 -26.29
N GLU E 30 16.95 -13.15 -27.55
CA GLU E 30 17.30 -11.78 -27.94
C GLU E 30 16.13 -10.81 -27.67
N THR E 31 16.30 -9.91 -26.70
CA THR E 31 15.26 -8.94 -26.31
C THR E 31 14.98 -7.91 -27.40
N ALA E 32 13.83 -7.22 -27.36
CA ALA E 32 13.45 -6.23 -28.35
C ALA E 32 14.53 -5.14 -28.55
N ALA E 33 15.17 -4.66 -27.49
CA ALA E 33 16.29 -3.72 -27.59
C ALA E 33 17.50 -4.33 -28.31
N GLN E 34 17.84 -5.58 -28.01
CA GLN E 34 18.95 -6.29 -28.65
C GLN E 34 18.68 -6.51 -30.14
N ARG E 35 17.47 -6.92 -30.52
CA ARG E 35 17.10 -7.13 -31.93
C ARG E 35 17.00 -5.83 -32.71
N TYR E 36 16.38 -4.80 -32.14
CA TYR E 36 16.29 -3.47 -32.73
C TYR E 36 17.69 -2.89 -32.98
N SER E 37 18.54 -2.83 -31.96
CA SER E 37 19.90 -2.29 -32.10
C SER E 37 20.78 -3.12 -33.05
N ALA E 38 20.64 -4.46 -33.07
CA ALA E 38 21.33 -5.30 -34.05
C ALA E 38 20.92 -4.97 -35.49
N ARG E 39 19.61 -4.89 -35.77
CA ARG E 39 19.11 -4.59 -37.12
C ARG E 39 19.33 -3.13 -37.55
N LEU E 40 19.45 -2.20 -36.62
CA LEU E 40 19.86 -0.81 -36.91
C LEU E 40 21.29 -0.68 -37.46
N LEU E 41 22.14 -1.72 -37.38
CA LEU E 41 23.44 -1.76 -38.05
C LEU E 41 23.37 -2.07 -39.56
N GLN E 42 22.21 -2.49 -40.10
CA GLN E 42 22.06 -2.89 -41.51
C GLN E 42 21.90 -1.71 -42.50
N ALA E 43 21.93 -0.47 -42.01
CA ALA E 43 21.99 0.78 -42.77
C ALA E 43 22.84 1.81 -42.00
N GLY E 44 23.07 3.02 -42.52
CA GLY E 44 23.93 3.98 -41.86
C GLY E 44 23.27 4.79 -40.77
N TYR E 45 22.42 4.16 -39.95
CA TYR E 45 21.67 4.80 -38.85
C TYR E 45 22.17 4.34 -37.47
N MET E 76 29.15 3.62 -30.49
CA MET E 76 30.05 3.56 -29.37
C MET E 76 29.59 4.41 -28.17
N ALA E 77 30.24 4.19 -27.02
CA ALA E 77 29.95 4.75 -25.69
C ALA E 77 28.63 4.28 -25.07
N ASP E 78 27.53 4.15 -25.80
CA ASP E 78 26.31 3.52 -25.31
C ASP E 78 26.50 2.02 -25.01
N TYR E 79 27.27 1.30 -25.83
CA TYR E 79 27.71 -0.06 -25.57
C TYR E 79 28.53 -0.17 -24.28
N LEU E 80 29.41 0.80 -24.00
CA LEU E 80 30.15 0.85 -22.74
C LEU E 80 29.29 1.23 -21.54
N ILE E 81 28.19 1.94 -21.72
CA ILE E 81 27.27 2.28 -20.63
C ILE E 81 26.52 1.03 -20.16
N SER E 82 25.86 0.26 -21.02
CA SER E 82 25.11 -0.93 -20.58
C SER E 82 25.00 -2.08 -21.59
N GLY E 83 26.04 -2.33 -22.38
CA GLY E 83 26.06 -3.46 -23.31
C GLY E 83 24.91 -3.39 -24.33
N GLY E 84 24.19 -4.51 -24.50
CA GLY E 84 23.04 -4.61 -25.41
C GLY E 84 21.69 -4.13 -24.84
N THR E 85 21.54 -3.94 -23.52
CA THR E 85 20.27 -3.52 -22.89
C THR E 85 20.08 -2.00 -22.98
N GLY E 86 19.95 -1.50 -24.21
CA GLY E 86 20.03 -0.09 -24.62
C GLY E 86 18.74 0.73 -24.51
N TYR E 87 18.05 0.64 -23.37
CA TYR E 87 16.87 1.43 -22.97
C TYR E 87 15.58 1.20 -23.77
N VAL E 88 14.53 0.82 -23.03
CA VAL E 88 13.13 0.83 -23.45
C VAL E 88 12.33 1.54 -22.36
N PRO E 89 11.35 2.40 -22.69
CA PRO E 89 10.51 3.04 -21.69
C PRO E 89 9.74 2.02 -20.86
N GLU E 90 9.59 2.29 -19.56
CA GLU E 90 8.74 1.51 -18.67
C GLU E 90 7.26 1.69 -19.07
N ASP E 91 6.55 0.60 -19.29
CA ASP E 91 5.12 0.59 -19.58
C ASP E 91 4.52 -0.81 -19.36
N GLY E 92 3.29 -0.91 -18.88
CA GLY E 92 2.64 -2.19 -18.59
C GLY E 92 3.18 -2.95 -17.38
N LEU E 93 2.50 -4.03 -17.02
CA LEU E 93 2.84 -4.92 -15.92
C LEU E 93 3.63 -6.11 -16.43
N THR E 94 4.55 -6.66 -15.64
CA THR E 94 5.06 -8.03 -15.87
C THR E 94 4.00 -9.06 -15.49
N ALA E 95 4.09 -10.31 -15.95
CA ALA E 95 3.15 -11.37 -15.55
C ALA E 95 3.14 -11.58 -14.03
N GLN E 96 4.29 -11.45 -13.37
CA GLN E 96 4.37 -11.49 -11.92
C GLN E 96 3.61 -10.32 -11.25
N GLN E 97 3.75 -9.09 -11.74
CA GLN E 97 3.01 -7.93 -11.26
C GLN E 97 1.50 -7.99 -11.57
N LEU E 98 1.08 -8.59 -12.69
CA LEU E 98 -0.32 -8.78 -13.03
C LEU E 98 -1.01 -9.70 -12.03
N PHE E 99 -0.38 -10.82 -11.68
CA PHE E 99 -0.97 -11.82 -10.79
C PHE E 99 -0.64 -11.63 -9.30
N ALA E 100 0.25 -10.70 -8.93
CA ALA E 100 0.52 -10.27 -7.55
C ALA E 100 -0.61 -9.40 -6.96
N SER E 101 -1.86 -9.83 -7.10
CA SER E 101 -3.05 -9.17 -6.57
C SER E 101 -4.15 -10.19 -6.26
N ALA E 102 -5.10 -9.83 -5.40
CA ALA E 102 -6.13 -10.73 -4.88
C ALA E 102 -7.10 -11.26 -5.96
N ASP E 103 -7.39 -10.45 -6.98
CA ASP E 103 -8.33 -10.73 -8.05
C ASP E 103 -7.79 -11.79 -9.02
N GLY E 104 -8.48 -12.92 -9.12
CA GLY E 104 -8.24 -13.94 -10.13
C GLY E 104 -8.82 -13.53 -11.48
N LEU E 105 -8.05 -13.74 -12.54
CA LEU E 105 -8.30 -13.24 -13.89
C LEU E 105 -8.60 -14.39 -14.84
N THR E 106 -9.53 -14.21 -15.76
CA THR E 106 -9.64 -15.04 -16.97
C THR E 106 -9.04 -14.31 -18.15
N TYR E 107 -8.94 -14.97 -19.31
CA TYR E 107 -8.34 -14.39 -20.50
C TYR E 107 -8.99 -13.09 -20.98
N ASN E 108 -10.25 -12.82 -20.64
CA ASN E 108 -10.92 -11.56 -20.99
C ASN E 108 -10.44 -10.37 -20.17
N ASP E 109 -9.85 -10.58 -18.99
CA ASP E 109 -9.49 -9.52 -18.07
C ASP E 109 -8.16 -8.84 -18.37
N PHE E 110 -7.40 -9.28 -19.37
CA PHE E 110 -6.10 -8.71 -19.67
C PHE E 110 -5.79 -8.73 -21.17
N LEU E 111 -4.86 -7.89 -21.60
CA LEU E 111 -4.25 -7.91 -22.92
C LEU E 111 -2.74 -8.02 -22.79
N ILE E 112 -2.12 -8.66 -23.77
CA ILE E 112 -0.67 -8.61 -23.98
C ILE E 112 -0.35 -7.30 -24.69
N LEU E 113 0.70 -6.57 -24.33
CA LEU E 113 1.08 -5.35 -25.05
C LEU E 113 1.97 -5.69 -26.26
N PRO E 114 1.81 -5.04 -27.41
CA PRO E 114 2.62 -5.31 -28.60
C PRO E 114 4.09 -4.95 -28.43
N GLY E 115 4.96 -5.73 -29.08
CA GLY E 115 6.41 -5.60 -29.02
C GLY E 115 7.02 -5.01 -30.29
N PHE E 116 8.19 -5.50 -30.68
CA PHE E 116 8.90 -5.13 -31.90
C PHE E 116 8.89 -6.27 -32.91
N ILE E 117 8.54 -5.99 -34.16
CA ILE E 117 8.43 -7.01 -35.22
C ILE E 117 9.61 -6.94 -36.17
N ASP E 118 10.37 -8.03 -36.25
CA ASP E 118 11.53 -8.16 -37.13
C ASP E 118 11.51 -9.42 -38.00
N PHE E 119 10.34 -10.04 -38.18
CA PHE E 119 10.17 -11.31 -38.87
C PHE E 119 8.76 -11.46 -39.45
N ILE E 120 8.62 -12.32 -40.46
CA ILE E 120 7.35 -12.69 -41.11
C ILE E 120 6.57 -13.68 -40.24
N ALA E 121 5.23 -13.56 -40.14
CA ALA E 121 4.43 -14.42 -39.27
C ALA E 121 4.50 -15.91 -39.65
N ASP E 122 4.52 -16.22 -40.94
CA ASP E 122 4.68 -17.57 -41.48
C ASP E 122 6.00 -18.25 -41.07
N GLU E 123 6.98 -17.50 -40.55
CA GLU E 123 8.25 -18.01 -40.03
C GLU E 123 8.18 -18.45 -38.54
N VAL E 124 7.14 -18.09 -37.78
CA VAL E 124 7.03 -18.37 -36.34
C VAL E 124 6.97 -19.87 -36.03
N ASP E 125 7.89 -20.35 -35.21
CA ASP E 125 7.98 -21.75 -34.77
C ASP E 125 6.98 -22.08 -33.63
N LEU E 126 6.11 -23.05 -33.84
CA LEU E 126 5.09 -23.49 -32.88
C LEU E 126 5.41 -24.81 -32.16
N THR E 127 6.62 -25.37 -32.29
CA THR E 127 6.93 -26.62 -31.58
C THR E 127 6.82 -26.47 -30.06
N SER E 128 6.29 -27.47 -29.37
CA SER E 128 6.10 -27.43 -27.92
C SER E 128 6.14 -28.81 -27.27
N ALA E 129 6.35 -28.86 -25.95
CA ALA E 129 6.35 -30.10 -25.19
C ALA E 129 4.94 -30.47 -24.73
N LEU E 130 4.55 -31.72 -24.93
CA LEU E 130 3.36 -32.32 -24.33
C LEU E 130 3.69 -32.89 -22.95
N THR E 131 4.81 -33.61 -22.86
CA THR E 131 5.34 -34.21 -21.64
C THR E 131 6.85 -34.03 -21.57
N ARG E 132 7.52 -34.57 -20.55
CA ARG E 132 8.98 -34.59 -20.46
C ARG E 132 9.69 -35.17 -21.70
N LYS E 133 9.10 -36.16 -22.39
CA LYS E 133 9.71 -36.84 -23.56
C LYS E 133 9.01 -36.64 -24.91
N ILE E 134 7.75 -36.23 -24.96
CA ILE E 134 7.00 -36.07 -26.23
C ILE E 134 6.91 -34.59 -26.60
N THR E 135 7.25 -34.25 -27.83
CA THR E 135 7.10 -32.91 -28.39
C THR E 135 6.30 -32.93 -29.70
N LEU E 136 5.42 -31.96 -29.85
CA LEU E 136 4.54 -31.77 -30.99
C LEU E 136 5.06 -30.60 -31.85
N LYS E 137 4.70 -30.57 -33.13
CA LYS E 137 4.98 -29.43 -34.02
C LYS E 137 3.89 -28.35 -33.99
N THR E 138 2.74 -28.65 -33.40
CA THR E 138 1.62 -27.72 -33.19
C THR E 138 1.12 -27.86 -31.76
N PRO E 139 0.79 -26.77 -31.04
CA PRO E 139 0.46 -26.78 -29.61
C PRO E 139 -0.97 -27.23 -29.29
N LEU E 140 -1.67 -27.87 -30.22
CA LEU E 140 -3.11 -28.12 -30.14
C LEU E 140 -3.40 -29.59 -29.89
N ILE E 141 -4.33 -29.86 -29.00
CA ILE E 141 -4.72 -31.20 -28.57
C ILE E 141 -6.24 -31.32 -28.65
N SER E 142 -6.79 -32.46 -29.09
CA SER E 142 -8.23 -32.71 -28.98
C SER E 142 -8.56 -33.34 -27.63
N SER E 143 -9.51 -32.76 -26.90
CA SER E 143 -9.86 -33.20 -25.55
C SER E 143 -10.40 -34.65 -25.47
N PRO E 144 -10.16 -35.36 -24.36
CA PRO E 144 -10.70 -36.70 -24.10
C PRO E 144 -12.19 -36.67 -23.74
N MET E 145 -13.02 -36.09 -24.60
CA MET E 145 -14.47 -36.07 -24.48
C MET E 145 -15.12 -37.00 -25.51
N ASP E 146 -16.14 -37.73 -25.06
CA ASP E 146 -16.92 -38.69 -25.87
C ASP E 146 -17.62 -38.10 -27.08
N THR E 147 -17.87 -36.80 -26.99
CA THR E 147 -18.43 -35.95 -28.04
C THR E 147 -17.39 -35.49 -29.04
N VAL E 148 -16.10 -35.78 -28.84
CA VAL E 148 -14.98 -35.17 -29.58
C VAL E 148 -14.02 -36.19 -30.18
N THR E 149 -13.39 -37.03 -29.37
CA THR E 149 -12.18 -37.76 -29.79
C THR E 149 -12.35 -39.27 -29.79
N GLU E 150 -12.59 -39.81 -30.98
CA GLU E 150 -12.34 -41.21 -31.33
C GLU E 150 -11.27 -41.29 -32.44
N ALA E 151 -11.00 -42.45 -33.04
CA ALA E 151 -9.78 -42.66 -33.82
C ALA E 151 -9.61 -41.73 -35.03
N ASP E 152 -10.66 -41.45 -35.78
CA ASP E 152 -10.61 -40.55 -36.93
C ASP E 152 -10.31 -39.11 -36.51
N MET E 153 -10.83 -38.64 -35.37
CA MET E 153 -10.42 -37.35 -34.82
C MET E 153 -8.96 -37.39 -34.37
N ALA E 154 -8.52 -38.44 -33.69
CA ALA E 154 -7.13 -38.56 -33.25
C ALA E 154 -6.14 -38.64 -34.43
N ILE E 155 -6.47 -39.34 -35.51
CA ILE E 155 -5.69 -39.38 -36.75
C ILE E 155 -5.58 -37.98 -37.34
N ALA E 156 -6.69 -37.25 -37.51
CA ALA E 156 -6.64 -35.92 -38.11
C ALA E 156 -5.76 -34.98 -37.28
N MET E 157 -5.92 -34.96 -35.95
CA MET E 157 -5.04 -34.21 -35.06
C MET E 157 -3.57 -34.57 -35.19
N ALA E 158 -3.21 -35.86 -35.19
CA ALA E 158 -1.82 -36.26 -35.29
C ALA E 158 -1.20 -35.90 -36.65
N LEU E 159 -1.93 -36.10 -37.76
CA LEU E 159 -1.44 -35.69 -39.09
C LEU E 159 -1.17 -34.19 -39.16
N MET E 160 -2.04 -33.37 -38.55
CA MET E 160 -1.87 -31.93 -38.49
C MET E 160 -0.76 -31.46 -37.54
N GLY E 161 -0.15 -32.35 -36.77
CA GLY E 161 0.99 -32.06 -35.90
C GLY E 161 0.63 -31.77 -34.44
N GLY E 162 -0.62 -32.00 -34.05
CA GLY E 162 -1.07 -32.05 -32.66
C GLY E 162 -1.10 -33.47 -32.12
N ILE E 163 -2.00 -33.76 -31.19
CA ILE E 163 -2.33 -35.14 -30.77
C ILE E 163 -3.79 -35.18 -30.36
N GLY E 164 -4.42 -36.34 -30.40
CA GLY E 164 -5.75 -36.53 -29.79
C GLY E 164 -5.67 -37.51 -28.64
N PHE E 165 -6.42 -37.26 -27.57
CA PHE E 165 -6.62 -38.23 -26.50
C PHE E 165 -7.99 -38.88 -26.68
N ILE E 166 -8.03 -40.18 -26.97
CA ILE E 166 -9.28 -40.89 -27.15
C ILE E 166 -10.02 -40.98 -25.81
N HIS E 167 -11.34 -40.78 -25.82
CA HIS E 167 -12.18 -40.81 -24.62
C HIS E 167 -12.33 -42.21 -24.03
N HIS E 168 -12.89 -42.30 -22.81
CA HIS E 168 -13.07 -43.59 -22.11
C HIS E 168 -14.49 -43.83 -21.59
N ASN E 169 -15.49 -43.11 -22.10
CA ASN E 169 -16.91 -43.43 -21.88
C ASN E 169 -17.34 -44.58 -22.82
N CYS E 170 -16.61 -45.69 -22.76
CA CYS E 170 -16.77 -46.89 -23.58
C CYS E 170 -16.13 -48.10 -22.88
N THR E 171 -16.50 -49.31 -23.31
CA THR E 171 -15.91 -50.55 -22.82
C THR E 171 -14.39 -50.62 -23.13
N PRO E 172 -13.53 -51.19 -22.27
CA PRO E 172 -12.08 -51.16 -22.47
C PRO E 172 -11.58 -51.62 -23.84
N GLU E 173 -12.17 -52.67 -24.42
CA GLU E 173 -11.82 -53.14 -25.76
C GLU E 173 -12.12 -52.12 -26.86
N PHE E 174 -13.18 -51.31 -26.76
CA PHE E 174 -13.47 -50.29 -27.76
C PHE E 174 -12.42 -49.18 -27.77
N GLN E 175 -11.96 -48.73 -26.59
CA GLN E 175 -10.90 -47.74 -26.54
C GLN E 175 -9.60 -48.33 -27.11
N ALA E 176 -9.25 -49.56 -26.73
CA ALA E 176 -8.08 -50.23 -27.27
C ALA E 176 -8.15 -50.41 -28.79
N ASN E 177 -9.32 -50.69 -29.34
CA ASN E 177 -9.53 -50.77 -30.79
C ASN E 177 -9.32 -49.43 -31.48
N GLU E 178 -9.89 -48.34 -30.97
CA GLU E 178 -9.66 -47.00 -31.53
C GLU E 178 -8.18 -46.60 -31.41
N VAL E 179 -7.48 -46.95 -30.33
CA VAL E 179 -6.03 -46.68 -30.22
C VAL E 179 -5.25 -47.48 -31.25
N ARG E 180 -5.51 -48.78 -31.39
CA ARG E 180 -4.89 -49.67 -32.41
C ARG E 180 -5.08 -49.11 -33.82
N LYS E 181 -6.26 -48.60 -34.11
CA LYS E 181 -6.62 -47.97 -35.38
C LYS E 181 -5.81 -46.72 -35.67
N VAL E 182 -5.57 -45.84 -34.69
CA VAL E 182 -4.64 -44.70 -34.85
C VAL E 182 -3.22 -45.18 -35.10
N LYS E 183 -2.73 -46.18 -34.35
CA LYS E 183 -1.33 -46.62 -34.45
C LYS E 183 -1.02 -47.30 -35.78
N LYS E 184 -1.93 -48.06 -36.38
CA LYS E 184 -1.69 -48.75 -37.67
C LYS E 184 -1.82 -47.88 -38.93
N PHE E 185 -2.43 -46.70 -38.86
CA PHE E 185 -2.59 -45.78 -39.99
C PHE E 185 -1.26 -45.38 -40.61
N ARG E 306 3.33 -36.99 -48.82
CA ARG E 306 4.27 -36.03 -48.22
C ARG E 306 3.60 -34.68 -47.86
N ASP E 307 2.31 -34.52 -48.12
CA ASP E 307 1.54 -33.29 -47.90
C ASP E 307 1.15 -33.03 -46.42
N TYR E 308 1.68 -33.80 -45.48
CA TYR E 308 1.63 -33.52 -44.04
C TYR E 308 3.06 -33.37 -43.48
N PRO E 309 3.67 -32.17 -43.53
CA PRO E 309 5.02 -31.95 -43.00
C PRO E 309 5.09 -32.08 -41.47
N LEU E 310 4.03 -31.65 -40.78
CA LEU E 310 4.00 -31.45 -39.33
C LEU E 310 3.71 -32.72 -38.51
N ALA E 311 3.54 -33.89 -39.13
CA ALA E 311 2.91 -35.05 -38.52
C ALA E 311 3.55 -35.52 -37.21
N SER E 312 2.71 -35.83 -36.22
CA SER E 312 3.12 -36.35 -34.92
C SER E 312 3.33 -37.86 -34.99
N LYS E 313 4.58 -38.31 -35.10
CA LYS E 313 4.96 -39.72 -35.27
C LYS E 313 5.98 -40.17 -34.22
N ASP E 314 5.94 -41.45 -33.86
CA ASP E 314 6.91 -42.08 -32.95
C ASP E 314 8.19 -42.52 -33.68
N SER E 315 9.13 -43.13 -32.95
CA SER E 315 10.40 -43.63 -33.50
C SER E 315 10.25 -44.75 -34.55
N GLN E 316 9.07 -45.37 -34.64
CA GLN E 316 8.73 -46.38 -35.64
C GLN E 316 7.85 -45.80 -36.78
N LYS E 317 7.71 -44.47 -36.83
CA LYS E 317 6.99 -43.68 -37.84
C LYS E 317 5.47 -43.92 -37.88
N GLN E 318 4.91 -44.50 -36.81
CA GLN E 318 3.47 -44.57 -36.58
C GLN E 318 2.96 -43.29 -35.91
N LEU E 319 1.70 -42.89 -36.11
CA LEU E 319 1.16 -41.68 -35.48
C LEU E 319 1.14 -41.79 -33.96
N LEU E 320 1.32 -40.68 -33.25
CA LEU E 320 1.14 -40.63 -31.80
C LEU E 320 -0.34 -40.69 -31.41
N CYS E 321 -0.65 -41.42 -30.34
CA CYS E 321 -1.99 -41.51 -29.81
C CYS E 321 -2.01 -41.38 -28.28
N GLY E 322 -2.94 -40.58 -27.77
CA GLY E 322 -3.26 -40.51 -26.36
C GLY E 322 -4.51 -41.29 -26.00
N ALA E 323 -4.63 -41.71 -24.75
CA ALA E 323 -5.81 -42.35 -24.20
C ALA E 323 -6.17 -41.77 -22.83
N ALA E 324 -7.44 -41.83 -22.45
CA ALA E 324 -7.89 -41.44 -21.13
C ALA E 324 -8.19 -42.67 -20.27
N VAL E 325 -7.88 -42.56 -18.99
CA VAL E 325 -8.04 -43.63 -17.99
C VAL E 325 -8.56 -43.00 -16.70
N GLY E 326 -9.41 -43.68 -15.95
CA GLY E 326 -9.86 -43.24 -14.62
C GLY E 326 -8.95 -43.74 -13.50
N THR E 327 -9.36 -43.54 -12.25
CA THR E 327 -8.56 -43.93 -11.06
C THR E 327 -9.24 -44.97 -10.18
N ARG E 328 -10.29 -45.64 -10.70
CA ARG E 328 -10.88 -46.85 -10.11
C ARG E 328 -9.96 -48.05 -10.28
N GLU E 329 -10.23 -49.14 -9.57
CA GLU E 329 -9.43 -50.37 -9.66
C GLU E 329 -9.52 -51.03 -11.04
N ASP E 330 -10.69 -51.07 -11.67
CA ASP E 330 -10.88 -51.73 -12.97
C ASP E 330 -10.15 -51.03 -14.12
N ASP E 331 -9.80 -49.76 -13.98
CA ASP E 331 -8.95 -49.06 -14.94
C ASP E 331 -7.54 -49.66 -15.06
N LYS E 332 -7.06 -50.43 -14.08
CA LYS E 332 -5.80 -51.17 -14.21
C LYS E 332 -5.83 -52.22 -15.32
N TYR E 333 -7.01 -52.75 -15.66
CA TYR E 333 -7.20 -53.65 -16.80
C TYR E 333 -7.30 -52.89 -18.13
N ARG E 334 -8.07 -51.78 -18.16
CA ARG E 334 -8.13 -50.89 -19.33
C ARG E 334 -6.74 -50.42 -19.76
N LEU E 335 -5.89 -50.05 -18.80
CA LEU E 335 -4.53 -49.58 -19.05
C LEU E 335 -3.64 -50.63 -19.72
N ASP E 336 -3.84 -51.91 -19.41
CA ASP E 336 -3.14 -53.01 -20.08
C ASP E 336 -3.55 -53.11 -21.55
N LEU E 337 -4.85 -53.08 -21.85
CA LEU E 337 -5.32 -53.13 -23.24
C LEU E 337 -4.85 -51.93 -24.06
N LEU E 338 -4.87 -50.73 -23.48
CA LEU E 338 -4.30 -49.54 -24.11
C LEU E 338 -2.79 -49.67 -24.34
N THR E 339 -2.07 -50.34 -23.44
CA THR E 339 -0.65 -50.63 -23.64
C THR E 339 -0.44 -51.65 -24.76
N GLN E 340 -1.21 -52.73 -24.84
CA GLN E 340 -1.14 -53.68 -25.95
C GLN E 340 -1.49 -53.04 -27.30
N ALA E 341 -2.42 -52.09 -27.33
CA ALA E 341 -2.71 -51.27 -28.51
C ALA E 341 -1.58 -50.31 -28.91
N GLY E 342 -0.56 -50.12 -28.07
CA GLY E 342 0.62 -49.31 -28.38
C GLY E 342 0.46 -47.80 -28.10
N VAL E 343 -0.35 -47.42 -27.11
CA VAL E 343 -0.55 -46.01 -26.73
C VAL E 343 0.77 -45.32 -26.31
N ASP E 344 0.91 -44.04 -26.63
CA ASP E 344 2.11 -43.25 -26.35
C ASP E 344 2.03 -42.45 -25.04
N VAL E 345 0.84 -41.99 -24.66
CA VAL E 345 0.64 -41.17 -23.46
C VAL E 345 -0.76 -41.38 -22.86
N ILE E 346 -0.86 -41.40 -21.54
CA ILE E 346 -2.10 -41.57 -20.77
C ILE E 346 -2.44 -40.27 -20.08
N VAL E 347 -3.70 -39.83 -20.13
CA VAL E 347 -4.19 -38.75 -19.26
C VAL E 347 -5.09 -39.34 -18.18
N LEU E 348 -4.78 -39.08 -16.91
CA LEU E 348 -5.62 -39.53 -15.82
C LEU E 348 -6.78 -38.56 -15.71
N ASP E 349 -7.99 -39.04 -15.93
CA ASP E 349 -9.17 -38.21 -16.10
C ASP E 349 -9.91 -38.06 -14.77
N SER E 350 -9.75 -36.91 -14.10
CA SER E 350 -10.47 -36.58 -12.86
C SER E 350 -10.69 -35.08 -12.73
N SER E 351 -11.78 -34.66 -12.09
CA SER E 351 -12.10 -33.23 -11.89
C SER E 351 -11.22 -32.57 -10.82
N GLN E 352 -10.66 -33.35 -9.90
CA GLN E 352 -9.79 -32.94 -8.81
C GLN E 352 -8.69 -33.98 -8.69
N GLY E 353 -7.55 -33.75 -9.34
CA GLY E 353 -6.52 -34.77 -9.52
C GLY E 353 -5.63 -35.03 -8.31
N ASN E 354 -5.68 -34.16 -7.30
CA ASN E 354 -4.83 -34.28 -6.12
C ASN E 354 -5.43 -35.21 -5.08
N SER E 355 -5.27 -36.51 -5.28
CA SER E 355 -5.90 -37.52 -4.44
C SER E 355 -5.00 -38.72 -4.24
N VAL E 356 -5.20 -39.44 -3.14
CA VAL E 356 -4.52 -40.72 -2.89
C VAL E 356 -4.78 -41.72 -4.02
N TYR E 357 -5.99 -41.71 -4.58
CA TYR E 357 -6.40 -42.59 -5.66
C TYR E 357 -5.65 -42.34 -6.96
N GLN E 358 -5.46 -41.08 -7.34
CA GLN E 358 -4.68 -40.75 -8.52
C GLN E 358 -3.18 -40.93 -8.30
N ILE E 359 -2.64 -40.60 -7.13
CA ILE E 359 -1.22 -40.78 -6.84
C ILE E 359 -0.86 -42.27 -6.84
N ALA E 360 -1.70 -43.11 -6.24
CA ALA E 360 -1.59 -44.55 -6.33
C ALA E 360 -1.61 -45.05 -7.78
N MET E 361 -2.48 -44.50 -8.64
CA MET E 361 -2.47 -44.83 -10.07
C MET E 361 -1.18 -44.40 -10.75
N VAL E 362 -0.66 -43.18 -10.58
CA VAL E 362 0.62 -42.76 -11.20
C VAL E 362 1.77 -43.67 -10.78
N HIS E 363 1.88 -44.01 -9.49
CA HIS E 363 2.87 -44.96 -8.99
C HIS E 363 2.73 -46.34 -9.64
N TYR E 364 1.52 -46.85 -9.81
CA TYR E 364 1.27 -48.09 -10.53
C TYR E 364 1.73 -48.02 -11.99
N ILE E 365 1.35 -46.97 -12.74
CA ILE E 365 1.73 -46.87 -14.16
C ILE E 365 3.25 -46.81 -14.29
N LYS E 366 3.94 -46.03 -13.46
CA LYS E 366 5.41 -45.92 -13.49
C LYS E 366 6.11 -47.22 -13.18
N GLN E 367 5.60 -47.99 -12.22
CA GLN E 367 6.18 -49.27 -11.85
C GLN E 367 5.94 -50.32 -12.95
N LYS E 368 4.71 -50.49 -13.44
CA LYS E 368 4.33 -51.56 -14.36
C LYS E 368 4.69 -51.28 -15.83
N TYR E 369 4.74 -50.02 -16.24
CA TYR E 369 5.01 -49.61 -17.62
C TYR E 369 6.04 -48.46 -17.64
N PRO E 370 7.33 -48.72 -17.39
CA PRO E 370 8.29 -47.62 -17.19
C PRO E 370 8.55 -46.80 -18.44
N HIS E 371 8.02 -47.17 -19.61
CA HIS E 371 8.14 -46.43 -20.87
C HIS E 371 6.99 -45.43 -21.08
N LEU E 372 5.93 -45.49 -20.27
CA LEU E 372 4.66 -44.84 -20.59
C LEU E 372 4.57 -43.47 -19.92
N GLN E 373 4.23 -42.45 -20.70
CA GLN E 373 4.12 -41.07 -20.25
C GLN E 373 2.74 -40.83 -19.64
N VAL E 374 2.66 -40.13 -18.52
CA VAL E 374 1.40 -39.90 -17.79
C VAL E 374 1.16 -38.42 -17.59
N ILE E 375 -0.07 -37.98 -17.78
CA ILE E 375 -0.51 -36.62 -17.54
C ILE E 375 -1.52 -36.59 -16.40
N GLY E 376 -1.29 -35.71 -15.43
CA GLY E 376 -1.96 -35.76 -14.14
C GLY E 376 -3.26 -34.95 -14.02
N GLY E 377 -4.39 -35.63 -14.05
CA GLY E 377 -5.63 -35.19 -13.39
C GLY E 377 -6.19 -33.90 -13.95
N ASN E 378 -6.81 -33.13 -13.07
CA ASN E 378 -6.90 -31.69 -13.21
C ASN E 378 -6.37 -31.05 -11.93
N VAL E 379 -5.61 -29.97 -12.08
CA VAL E 379 -5.07 -29.16 -10.98
C VAL E 379 -5.26 -27.68 -11.28
N VAL E 380 -5.35 -26.85 -10.25
CA VAL E 380 -5.46 -25.38 -10.37
C VAL E 380 -4.59 -24.64 -9.36
N THR E 381 -3.95 -25.33 -8.42
CA THR E 381 -3.00 -24.74 -7.47
C THR E 381 -1.66 -25.44 -7.50
N ALA E 382 -0.61 -24.73 -7.10
CA ALA E 382 0.75 -25.27 -7.03
C ALA E 382 0.93 -26.39 -6.00
N ALA E 383 0.09 -26.47 -4.96
CA ALA E 383 0.08 -27.56 -3.98
C ALA E 383 -0.36 -28.90 -4.58
N GLN E 384 -1.40 -28.86 -5.41
CA GLN E 384 -1.85 -29.99 -6.19
C GLN E 384 -0.78 -30.45 -7.19
N ALA E 385 -0.19 -29.51 -7.94
CA ALA E 385 0.86 -29.81 -8.88
C ALA E 385 2.05 -30.42 -8.20
N LYS E 386 2.41 -29.99 -6.97
CA LYS E 386 3.51 -30.57 -6.20
C LYS E 386 3.27 -32.04 -5.91
N ASN E 387 2.15 -32.40 -5.31
CA ASN E 387 1.89 -33.81 -4.96
C ASN E 387 1.90 -34.72 -6.19
N LEU E 388 1.45 -34.24 -7.36
CA LEU E 388 1.51 -35.04 -8.59
C LEU E 388 2.89 -35.03 -9.22
N ILE E 389 3.64 -33.93 -9.25
CA ILE E 389 5.02 -33.93 -9.75
C ILE E 389 5.91 -34.83 -8.88
N ASP E 390 5.65 -34.88 -7.58
CA ASP E 390 6.35 -35.75 -6.65
C ASP E 390 5.98 -37.23 -6.85
N ALA E 391 4.76 -37.55 -7.28
CA ALA E 391 4.35 -38.91 -7.66
C ALA E 391 5.02 -39.41 -8.96
N GLY E 392 5.63 -38.53 -9.75
CA GLY E 392 6.39 -38.87 -10.95
C GLY E 392 5.67 -38.61 -12.27
N VAL E 393 4.66 -37.74 -12.30
CA VAL E 393 3.88 -37.41 -13.50
C VAL E 393 4.71 -36.62 -14.54
N ASP E 394 4.44 -36.77 -15.84
CA ASP E 394 5.24 -36.18 -16.93
C ASP E 394 4.66 -34.91 -17.54
N GLY E 395 3.39 -34.61 -17.27
CA GLY E 395 2.68 -33.40 -17.64
C GLY E 395 1.50 -33.18 -16.69
N LEU E 396 0.83 -32.03 -16.79
CA LEU E 396 -0.28 -31.70 -15.93
C LEU E 396 -1.37 -31.09 -16.80
N ARG E 397 -2.61 -31.23 -16.37
CA ARG E 397 -3.74 -30.63 -17.04
C ARG E 397 -4.37 -29.62 -16.11
N VAL E 398 -4.41 -28.37 -16.52
CA VAL E 398 -4.92 -27.30 -15.70
C VAL E 398 -6.34 -26.99 -16.09
N GLY E 399 -7.18 -26.71 -15.11
CA GLY E 399 -8.57 -26.43 -15.39
C GLY E 399 -9.50 -26.91 -14.31
N MET E 400 -10.59 -26.21 -14.00
CA MET E 400 -11.63 -26.71 -13.05
C MET E 400 -12.96 -25.98 -13.26
N GLU E 410 -20.90 -24.16 -10.20
CA GLU E 410 -22.16 -23.48 -9.86
C GLU E 410 -22.84 -24.22 -8.70
N VAL E 411 -22.93 -25.54 -8.86
CA VAL E 411 -22.98 -26.54 -7.80
C VAL E 411 -21.65 -26.65 -7.03
N MET E 412 -20.55 -26.16 -7.61
CA MET E 412 -19.22 -26.70 -7.35
C MET E 412 -18.50 -26.21 -6.08
N ALA E 413 -18.59 -24.91 -5.75
CA ALA E 413 -17.81 -24.21 -4.71
C ALA E 413 -16.27 -24.19 -4.86
N CYS E 414 -15.65 -25.31 -5.24
CA CYS E 414 -14.27 -25.37 -5.68
C CYS E 414 -14.10 -24.86 -7.10
N GLY E 415 -12.92 -24.30 -7.39
CA GLY E 415 -12.50 -23.98 -8.74
C GLY E 415 -11.39 -22.96 -8.76
N ARG E 416 -11.08 -22.40 -9.93
CA ARG E 416 -10.25 -21.19 -10.07
C ARG E 416 -10.50 -20.48 -11.39
N PRO E 417 -10.33 -19.15 -11.48
CA PRO E 417 -10.24 -18.42 -12.75
C PRO E 417 -9.09 -18.92 -13.63
N GLN E 418 -9.37 -19.25 -14.89
CA GLN E 418 -8.47 -20.07 -15.71
C GLN E 418 -7.14 -19.40 -16.09
N GLY E 419 -7.10 -18.08 -16.29
CA GLY E 419 -5.86 -17.34 -16.55
C GLY E 419 -4.91 -17.40 -15.36
N THR E 420 -5.41 -17.14 -14.15
CA THR E 420 -4.66 -17.32 -12.91
C THR E 420 -4.22 -18.76 -12.69
N ALA E 421 -5.09 -19.74 -12.90
CA ALA E 421 -4.73 -21.15 -12.72
C ALA E 421 -3.62 -21.60 -13.67
N VAL E 422 -3.70 -21.25 -14.95
CA VAL E 422 -2.64 -21.59 -15.92
C VAL E 422 -1.34 -20.95 -15.52
N TYR E 423 -1.33 -19.67 -15.15
CA TYR E 423 -0.10 -19.00 -14.76
C TYR E 423 0.51 -19.59 -13.49
N LYS E 424 -0.25 -19.72 -12.39
CA LYS E 424 0.27 -20.22 -11.11
C LYS E 424 0.80 -21.64 -11.21
N VAL E 425 0.05 -22.55 -11.84
CA VAL E 425 0.52 -23.93 -11.99
C VAL E 425 1.70 -24.03 -12.95
N ALA E 426 1.73 -23.29 -14.06
CA ALA E 426 2.85 -23.37 -14.96
C ALA E 426 4.10 -22.81 -14.32
N GLU E 427 4.01 -21.71 -13.57
CA GLU E 427 5.16 -21.13 -12.89
C GLU E 427 5.74 -22.12 -11.89
N TYR E 428 4.92 -22.84 -11.12
CA TYR E 428 5.41 -23.87 -10.24
C TYR E 428 6.01 -25.05 -11.01
N ALA E 429 5.30 -25.63 -11.98
CA ALA E 429 5.79 -26.82 -12.64
C ALA E 429 7.04 -26.54 -13.47
N ARG E 430 7.24 -25.33 -13.98
CA ARG E 430 8.40 -24.88 -14.78
C ARG E 430 9.71 -25.01 -14.00
N ARG E 431 9.66 -24.98 -12.66
CA ARG E 431 10.81 -25.25 -11.77
C ARG E 431 11.35 -26.67 -11.89
N PHE E 432 10.56 -27.60 -12.38
CA PHE E 432 10.86 -29.03 -12.48
C PHE E 432 10.94 -29.53 -13.94
N GLY E 433 10.81 -28.64 -14.92
CA GLY E 433 10.75 -28.99 -16.34
C GLY E 433 9.52 -29.80 -16.75
N VAL E 434 8.38 -29.62 -16.09
CA VAL E 434 7.12 -30.33 -16.39
C VAL E 434 6.21 -29.43 -17.24
N PRO E 435 5.74 -29.85 -18.43
CA PRO E 435 4.85 -29.04 -19.25
C PRO E 435 3.41 -29.04 -18.73
N ILE E 436 2.64 -28.04 -19.13
CA ILE E 436 1.28 -27.83 -18.63
C ILE E 436 0.36 -27.80 -19.83
N ILE E 437 -0.84 -28.36 -19.71
CA ILE E 437 -1.91 -28.28 -20.71
C ILE E 437 -2.99 -27.36 -20.17
N ALA E 438 -3.32 -26.28 -20.88
CA ALA E 438 -4.45 -25.43 -20.57
C ALA E 438 -5.73 -26.05 -21.14
N ASP E 439 -6.71 -26.35 -20.28
CA ASP E 439 -7.91 -27.05 -20.70
C ASP E 439 -9.12 -26.25 -20.25
N GLY E 440 -9.94 -25.81 -21.20
CA GLY E 440 -11.16 -25.05 -20.94
C GLY E 440 -10.90 -23.55 -20.81
N GLY E 441 -11.96 -22.76 -20.89
CA GLY E 441 -11.87 -21.29 -20.99
C GLY E 441 -11.41 -20.79 -22.35
N ILE E 442 -11.22 -21.68 -23.32
CA ILE E 442 -10.66 -21.37 -24.63
C ILE E 442 -11.79 -21.34 -25.65
N GLN E 443 -11.93 -20.22 -26.34
CA GLN E 443 -13.04 -19.96 -27.28
C GLN E 443 -12.59 -19.28 -28.58
N THR E 444 -11.56 -18.43 -28.52
CA THR E 444 -11.06 -17.65 -29.65
C THR E 444 -9.57 -17.89 -29.81
N VAL E 445 -9.01 -17.60 -30.99
CA VAL E 445 -7.55 -17.60 -31.18
C VAL E 445 -6.85 -16.72 -30.15
N GLY E 446 -7.47 -15.61 -29.75
CA GLY E 446 -6.92 -14.71 -28.73
C GLY E 446 -6.71 -15.39 -27.40
N HIS E 447 -7.62 -16.26 -26.97
CA HIS E 447 -7.47 -17.07 -25.76
C HIS E 447 -6.38 -18.14 -25.92
N VAL E 448 -6.15 -18.68 -27.11
CA VAL E 448 -5.07 -19.63 -27.35
C VAL E 448 -3.73 -18.93 -27.20
N VAL E 449 -3.55 -17.74 -27.77
CA VAL E 449 -2.31 -16.98 -27.64
C VAL E 449 -2.06 -16.52 -26.20
N LYS E 450 -3.10 -16.12 -25.46
CA LYS E 450 -3.00 -15.78 -24.04
C LYS E 450 -2.63 -16.97 -23.17
N ALA E 451 -3.30 -18.12 -23.31
CA ALA E 451 -2.93 -19.31 -22.57
C ALA E 451 -1.49 -19.71 -22.84
N LEU E 452 -1.04 -19.71 -24.10
CA LEU E 452 0.35 -20.00 -24.45
C LEU E 452 1.32 -19.01 -23.82
N ALA E 453 1.02 -17.72 -23.92
CA ALA E 453 1.90 -16.68 -23.36
C ALA E 453 2.03 -16.77 -21.83
N LEU E 454 1.03 -17.27 -21.11
CA LEU E 454 1.07 -17.48 -19.66
C LEU E 454 1.79 -18.75 -19.19
N GLY E 455 2.29 -19.62 -20.07
CA GLY E 455 3.10 -20.76 -19.66
C GLY E 455 2.53 -22.11 -20.02
N ALA E 456 1.26 -22.22 -20.42
CA ALA E 456 0.78 -23.46 -21.01
C ALA E 456 1.58 -23.75 -22.27
N SER E 457 2.13 -24.96 -22.36
CA SER E 457 2.90 -25.41 -23.52
C SER E 457 2.01 -25.95 -24.64
N THR E 458 0.82 -26.40 -24.29
CA THR E 458 -0.20 -26.89 -25.22
C THR E 458 -1.58 -26.49 -24.72
N VAL E 459 -2.52 -26.39 -25.65
CA VAL E 459 -3.89 -26.02 -25.38
C VAL E 459 -4.79 -27.14 -25.87
N MET E 460 -5.77 -27.51 -25.07
CA MET E 460 -6.68 -28.60 -25.36
C MET E 460 -8.00 -28.04 -25.87
N MET E 461 -8.18 -28.05 -27.19
CA MET E 461 -9.41 -27.65 -27.87
C MET E 461 -10.53 -28.57 -27.41
N GLY E 462 -11.56 -28.04 -26.75
CA GLY E 462 -12.58 -28.92 -26.22
C GLY E 462 -13.80 -29.08 -27.09
N SER E 463 -14.44 -27.96 -27.44
CA SER E 463 -15.67 -27.98 -28.20
C SER E 463 -15.51 -27.38 -29.58
N LEU E 464 -14.59 -26.43 -29.78
CA LEU E 464 -14.29 -25.86 -31.10
C LEU E 464 -14.04 -26.93 -32.17
N LEU E 465 -13.47 -28.08 -31.78
CA LEU E 465 -13.38 -29.26 -32.63
C LEU E 465 -14.72 -30.00 -32.76
N ALA E 466 -15.55 -30.03 -31.71
CA ALA E 466 -16.84 -30.68 -31.84
C ALA E 466 -17.65 -29.93 -32.87
N ALA E 467 -18.63 -30.58 -33.49
CA ALA E 467 -19.35 -30.05 -34.65
C ALA E 467 -18.41 -29.73 -35.82
N THR E 468 -17.56 -30.70 -36.15
CA THR E 468 -16.76 -30.82 -37.38
C THR E 468 -16.87 -32.26 -37.89
N THR E 469 -16.49 -32.50 -39.16
CA THR E 469 -16.62 -33.80 -39.85
C THR E 469 -15.97 -34.95 -39.08
N GLU E 470 -14.88 -34.70 -38.38
CA GLU E 470 -14.13 -35.71 -37.63
C GLU E 470 -14.82 -36.19 -36.34
N ALA E 471 -15.63 -35.34 -35.69
CA ALA E 471 -16.23 -35.67 -34.42
C ALA E 471 -17.28 -36.76 -34.59
N PRO E 472 -17.44 -37.68 -33.62
CA PRO E 472 -18.47 -38.71 -33.59
C PRO E 472 -19.88 -38.20 -33.88
N GLY E 526 -17.27 -28.10 -40.07
CA GLY E 526 -16.11 -27.99 -40.92
C GLY E 526 -15.28 -29.28 -41.01
N SER E 527 -13.98 -29.15 -41.24
CA SER E 527 -13.02 -30.27 -41.27
C SER E 527 -11.77 -29.90 -40.49
N ILE E 528 -11.23 -30.81 -39.69
CA ILE E 528 -10.01 -30.58 -38.89
C ILE E 528 -8.83 -30.23 -39.79
N GLN E 529 -8.77 -30.83 -40.98
CA GLN E 529 -7.76 -30.56 -42.01
C GLN E 529 -7.75 -29.10 -42.50
N LYS E 530 -8.84 -28.36 -42.33
CA LYS E 530 -9.01 -26.95 -42.72
C LYS E 530 -9.07 -25.99 -41.52
N PHE E 531 -9.68 -26.40 -40.41
CA PHE E 531 -9.82 -25.57 -39.21
C PHE E 531 -8.53 -25.41 -38.42
N VAL E 532 -7.71 -26.45 -38.22
CA VAL E 532 -6.49 -26.24 -37.42
C VAL E 532 -5.42 -25.42 -38.15
N PRO E 533 -5.26 -25.42 -39.49
CA PRO E 533 -4.47 -24.41 -40.18
C PRO E 533 -4.94 -22.98 -39.96
N TYR E 534 -6.24 -22.74 -39.79
CA TYR E 534 -6.77 -21.43 -39.42
C TYR E 534 -6.34 -21.03 -38.01
N LEU E 535 -6.43 -21.94 -37.03
CA LEU E 535 -5.91 -21.71 -35.68
C LEU E 535 -4.40 -21.43 -35.71
N ILE E 536 -3.62 -22.25 -36.41
CA ILE E 536 -2.16 -22.15 -36.52
C ILE E 536 -1.76 -20.79 -37.10
N ALA E 537 -2.37 -20.36 -38.20
CA ALA E 537 -2.08 -19.06 -38.79
C ALA E 537 -2.46 -17.89 -37.87
N GLY E 538 -3.55 -18.02 -37.12
CA GLY E 538 -3.97 -17.08 -36.09
C GLY E 538 -2.98 -16.99 -34.92
N ILE E 539 -2.48 -18.11 -34.41
CA ILE E 539 -1.43 -18.16 -33.38
C ILE E 539 -0.15 -17.51 -33.90
N GLN E 540 0.23 -17.74 -35.15
CA GLN E 540 1.42 -17.13 -35.73
C GLN E 540 1.30 -15.61 -35.88
N HIS E 541 0.15 -15.08 -36.30
CA HIS E 541 -0.10 -13.63 -36.29
C HIS E 541 -0.10 -13.06 -34.88
N GLY E 542 -0.69 -13.76 -33.89
CA GLY E 542 -0.60 -13.36 -32.51
C GLY E 542 0.83 -13.26 -32.06
N CYS E 543 1.66 -14.27 -32.25
CA CYS E 543 3.08 -14.19 -31.85
C CYS E 543 3.86 -13.10 -32.61
N GLN E 544 3.54 -12.85 -33.88
CA GLN E 544 4.17 -11.79 -34.63
C GLN E 544 3.87 -10.40 -34.05
N ASP E 545 2.63 -10.10 -33.70
CA ASP E 545 2.27 -8.80 -33.10
C ASP E 545 2.93 -8.57 -31.74
N ILE E 546 3.09 -9.64 -30.98
CA ILE E 546 3.81 -9.70 -29.71
C ILE E 546 5.32 -9.58 -29.89
N GLY E 547 5.85 -9.87 -31.08
CA GLY E 547 7.27 -9.81 -31.41
C GLY E 547 8.08 -11.03 -30.96
N ALA E 548 7.45 -12.21 -30.80
CA ALA E 548 8.12 -13.46 -30.42
C ALA E 548 8.28 -14.42 -31.61
N ARG E 549 9.51 -14.82 -31.95
CA ARG E 549 9.84 -15.72 -33.09
C ARG E 549 9.38 -17.18 -32.92
N SER E 550 9.06 -17.58 -31.70
CA SER E 550 8.78 -18.95 -31.30
C SER E 550 7.93 -18.93 -30.05
N LEU E 551 7.18 -20.00 -29.78
CA LEU E 551 6.47 -20.14 -28.50
C LEU E 551 7.38 -20.32 -27.29
N SER E 552 8.56 -20.94 -27.44
CA SER E 552 9.53 -21.02 -26.33
C SER E 552 10.19 -19.67 -26.07
N VAL E 553 10.43 -18.87 -27.11
CA VAL E 553 10.82 -17.47 -27.00
C VAL E 553 9.74 -16.65 -26.30
N LEU E 554 8.47 -16.79 -26.70
CA LEU E 554 7.34 -16.13 -26.05
C LEU E 554 7.31 -16.40 -24.55
N ARG E 555 7.41 -17.66 -24.10
CA ARG E 555 7.41 -17.97 -22.67
C ARG E 555 8.65 -17.44 -21.96
N SER E 556 9.81 -17.46 -22.61
CA SER E 556 11.02 -16.85 -22.05
C SER E 556 10.92 -15.34 -21.88
N MET E 557 10.27 -14.60 -22.78
CA MET E 557 9.95 -13.18 -22.61
C MET E 557 8.96 -12.95 -21.47
N MET E 558 8.01 -13.87 -21.25
CA MET E 558 7.05 -13.73 -20.16
C MET E 558 7.70 -13.91 -18.78
N TYR E 559 8.49 -14.95 -18.58
CA TYR E 559 9.12 -15.18 -17.26
C TYR E 559 10.25 -14.20 -16.93
N SER E 560 10.87 -13.56 -17.92
CA SER E 560 11.95 -12.57 -17.73
C SER E 560 11.47 -11.14 -17.48
N GLY E 561 10.18 -10.85 -17.66
CA GLY E 561 9.60 -9.52 -17.45
C GLY E 561 9.62 -8.61 -18.68
N GLU E 562 10.12 -9.09 -19.82
CA GLU E 562 10.11 -8.36 -21.07
C GLU E 562 8.71 -8.26 -21.70
N LEU E 563 7.94 -9.35 -21.67
CA LEU E 563 6.56 -9.33 -22.12
C LEU E 563 5.70 -8.60 -21.09
N LYS E 564 4.88 -7.67 -21.55
CA LYS E 564 4.07 -6.79 -20.70
C LYS E 564 2.59 -7.01 -20.91
N PHE E 565 1.82 -6.81 -19.86
CA PHE E 565 0.40 -7.08 -19.77
C PHE E 565 -0.33 -5.85 -19.25
N GLU E 566 -1.57 -5.67 -19.63
CA GLU E 566 -2.46 -4.66 -19.07
C GLU E 566 -3.78 -5.31 -18.68
N LYS E 567 -4.33 -4.90 -17.54
CA LYS E 567 -5.62 -5.34 -17.04
C LYS E 567 -6.75 -4.53 -17.69
N ARG E 568 -7.87 -5.13 -18.02
CA ARG E 568 -9.08 -4.49 -18.57
C ARG E 568 -10.19 -4.48 -17.53
N THR E 569 -10.65 -3.31 -17.11
CA THR E 569 -11.96 -3.19 -16.45
C THR E 569 -13.07 -3.54 -17.45
N MET E 570 -14.28 -3.87 -16.99
CA MET E 570 -15.37 -4.34 -17.88
C MET E 570 -15.64 -3.44 -19.08
N SER E 571 -15.64 -2.14 -18.88
CA SER E 571 -15.78 -1.16 -19.97
C SER E 571 -14.72 -1.32 -21.08
N ALA E 572 -13.48 -1.69 -20.76
CA ALA E 572 -12.44 -1.98 -21.75
C ALA E 572 -12.65 -3.33 -22.46
N GLN E 573 -13.25 -4.30 -21.78
CA GLN E 573 -13.68 -5.53 -22.43
C GLN E 573 -14.81 -5.22 -23.43
N ILE E 574 -15.75 -4.33 -23.08
CA ILE E 574 -16.80 -3.82 -23.98
C ILE E 574 -16.21 -3.01 -25.15
N GLU E 575 -15.16 -2.22 -24.93
CA GLU E 575 -14.47 -1.44 -25.98
C GLU E 575 -13.86 -2.31 -27.09
N GLY E 576 -13.39 -3.52 -26.77
CA GLY E 576 -13.03 -4.54 -27.76
C GLY E 576 -14.20 -5.40 -28.25
N GLY E 577 -15.16 -5.71 -27.38
CA GLY E 577 -16.31 -6.58 -27.63
C GLY E 577 -16.06 -8.01 -27.14
N VAL E 578 -16.86 -8.49 -26.18
CA VAL E 578 -16.67 -9.80 -25.50
C VAL E 578 -17.96 -10.53 -25.13
N HIS E 579 -19.12 -9.86 -25.10
CA HIS E 579 -20.39 -10.40 -24.57
C HIS E 579 -21.62 -9.74 -25.23
N HIS F 29 0.35 28.91 -18.27
CA HIS F 29 -1.08 29.32 -18.26
C HIS F 29 -1.46 29.87 -16.90
N GLU F 30 -2.46 30.75 -16.84
CA GLU F 30 -3.02 31.21 -15.56
C GLU F 30 -3.90 30.11 -14.94
N THR F 31 -3.51 29.63 -13.76
CA THR F 31 -4.28 28.61 -13.03
C THR F 31 -5.63 29.15 -12.53
N ALA F 32 -6.56 28.29 -12.13
CA ALA F 32 -7.86 28.69 -11.58
C ALA F 32 -7.72 29.71 -10.42
N ALA F 33 -6.76 29.53 -9.52
CA ALA F 33 -6.49 30.47 -8.44
C ALA F 33 -6.00 31.84 -8.94
N GLN F 34 -5.12 31.85 -9.94
CA GLN F 34 -4.64 33.09 -10.56
C GLN F 34 -5.76 33.82 -11.29
N ARG F 35 -6.59 33.10 -12.06
CA ARG F 35 -7.75 33.68 -12.77
C ARG F 35 -8.79 34.22 -11.81
N TYR F 36 -9.16 33.47 -10.78
CA TYR F 36 -10.10 33.91 -9.76
C TYR F 36 -9.60 35.15 -9.03
N SER F 37 -8.39 35.11 -8.46
CA SER F 37 -7.84 36.22 -7.68
C SER F 37 -7.62 37.48 -8.51
N ALA F 38 -7.17 37.39 -9.76
CA ALA F 38 -7.04 38.53 -10.65
C ALA F 38 -8.39 39.20 -10.97
N ARG F 39 -9.43 38.41 -11.28
CA ARG F 39 -10.75 38.94 -11.60
C ARG F 39 -11.51 39.47 -10.38
N LEU F 40 -11.21 38.96 -9.19
CA LEU F 40 -11.71 39.52 -7.93
C LEU F 40 -11.24 40.96 -7.65
N LEU F 41 -10.22 41.47 -8.36
CA LEU F 41 -9.84 42.89 -8.32
C LEU F 41 -10.75 43.83 -9.13
N GLN F 42 -11.64 43.31 -9.99
CA GLN F 42 -12.48 44.13 -10.90
C GLN F 42 -13.76 44.72 -10.25
N ALA F 43 -13.93 44.56 -8.93
CA ALA F 43 -14.95 45.20 -8.09
C ALA F 43 -14.38 45.40 -6.67
N GLY F 44 -15.15 45.89 -5.67
CA GLY F 44 -14.59 46.14 -4.36
C GLY F 44 -14.48 44.89 -3.51
N TYR F 45 -14.08 43.75 -4.10
CA TYR F 45 -13.94 42.45 -3.45
C TYR F 45 -12.52 41.89 -3.64
N MET F 76 -3.03 42.82 1.32
CA MET F 76 -1.71 42.19 1.25
C MET F 76 -1.65 40.93 2.14
N ALA F 77 -0.45 40.56 2.61
CA ALA F 77 -0.09 39.36 3.38
C ALA F 77 -0.27 38.03 2.65
N ASP F 78 -1.38 37.76 1.96
CA ASP F 78 -1.58 36.53 1.17
C ASP F 78 -0.57 36.42 0.00
N TYR F 79 -0.32 37.50 -0.72
CA TYR F 79 0.71 37.60 -1.74
C TYR F 79 2.12 37.36 -1.18
N LEU F 80 2.41 37.85 0.03
CA LEU F 80 3.67 37.56 0.71
C LEU F 80 3.77 36.13 1.24
N ILE F 81 2.66 35.47 1.57
CA ILE F 81 2.67 34.07 2.00
C ILE F 81 2.99 33.16 0.83
N SER F 82 2.31 33.26 -0.32
CA SER F 82 2.47 32.26 -1.40
C SER F 82 2.34 32.81 -2.83
N GLY F 83 2.57 34.11 -3.04
CA GLY F 83 2.61 34.69 -4.38
C GLY F 83 1.26 34.58 -5.09
N GLY F 84 1.27 34.01 -6.29
CA GLY F 84 0.06 33.77 -7.10
C GLY F 84 -0.75 32.52 -6.72
N THR F 85 -0.15 31.53 -6.05
CA THR F 85 -0.90 30.36 -5.55
C THR F 85 -1.80 30.80 -4.39
N GLY F 86 -3.10 30.50 -4.47
CA GLY F 86 -4.14 31.17 -3.65
C GLY F 86 -4.95 30.28 -2.72
N TYR F 87 -4.50 29.05 -2.50
CA TYR F 87 -5.23 27.93 -1.90
C TYR F 87 -6.44 27.48 -2.72
N VAL F 88 -6.41 26.20 -3.10
CA VAL F 88 -7.53 25.44 -3.64
C VAL F 88 -7.65 24.16 -2.83
N PRO F 89 -8.85 23.74 -2.39
CA PRO F 89 -9.02 22.48 -1.70
C PRO F 89 -8.52 21.29 -2.54
N GLU F 90 -7.85 20.34 -1.90
CA GLU F 90 -7.46 19.09 -2.57
C GLU F 90 -8.71 18.25 -2.87
N ASP F 91 -8.86 17.82 -4.11
CA ASP F 91 -9.98 16.98 -4.55
C ASP F 91 -9.69 16.38 -5.93
N GLY F 92 -10.04 15.13 -6.16
CA GLY F 92 -9.77 14.43 -7.41
C GLY F 92 -8.32 14.01 -7.62
N LEU F 93 -8.10 13.14 -8.60
CA LEU F 93 -6.79 12.60 -8.98
C LEU F 93 -6.15 13.48 -10.04
N THR F 94 -4.83 13.60 -10.07
CA THR F 94 -4.12 14.09 -11.27
C THR F 94 -4.09 13.00 -12.35
N ALA F 95 -3.86 13.33 -13.61
CA ALA F 95 -3.77 12.31 -14.67
C ALA F 95 -2.68 11.28 -14.37
N GLN F 96 -1.55 11.70 -13.79
CA GLN F 96 -0.51 10.78 -13.33
C GLN F 96 -1.02 9.82 -12.24
N GLN F 97 -1.76 10.30 -11.23
CA GLN F 97 -2.38 9.47 -10.20
C GLN F 97 -3.51 8.57 -10.71
N LEU F 98 -4.27 8.99 -11.72
CA LEU F 98 -5.33 8.20 -12.33
C LEU F 98 -4.76 6.94 -12.99
N PHE F 99 -3.68 7.07 -13.73
CA PHE F 99 -3.03 5.97 -14.45
C PHE F 99 -1.94 5.23 -13.65
N ALA F 100 -1.66 5.63 -12.41
CA ALA F 100 -0.74 4.94 -11.49
C ALA F 100 -1.26 3.61 -10.92
N SER F 101 -2.14 2.90 -11.64
CA SER F 101 -2.76 1.63 -11.24
C SER F 101 -2.75 0.61 -12.39
N ALA F 102 -2.93 -0.66 -12.06
CA ALA F 102 -2.85 -1.77 -12.99
C ALA F 102 -3.95 -1.76 -14.08
N ASP F 103 -5.15 -1.28 -13.75
CA ASP F 103 -6.32 -1.27 -14.60
C ASP F 103 -6.24 -0.21 -15.71
N GLY F 104 -6.24 -0.65 -16.97
CA GLY F 104 -6.33 0.22 -18.13
C GLY F 104 -7.76 0.74 -18.30
N LEU F 105 -7.86 2.04 -18.60
CA LEU F 105 -9.11 2.78 -18.63
C LEU F 105 -9.50 3.13 -20.05
N THR F 106 -10.78 2.99 -20.35
CA THR F 106 -11.45 3.58 -21.52
C THR F 106 -11.95 4.97 -21.18
N TYR F 107 -12.39 5.76 -22.17
CA TYR F 107 -13.01 7.06 -21.90
C TYR F 107 -14.26 6.99 -21.00
N ASN F 108 -14.97 5.87 -20.94
CA ASN F 108 -16.14 5.71 -20.08
C ASN F 108 -15.78 5.50 -18.60
N ASP F 109 -14.56 5.12 -18.29
CA ASP F 109 -14.15 4.78 -16.92
C ASP F 109 -13.79 5.98 -16.06
N PHE F 110 -13.77 7.19 -16.59
CA PHE F 110 -13.38 8.37 -15.84
C PHE F 110 -14.17 9.61 -16.26
N LEU F 111 -14.21 10.62 -15.40
CA LEU F 111 -14.69 11.97 -15.68
C LEU F 111 -13.61 12.98 -15.39
N ILE F 112 -13.60 14.07 -16.14
CA ILE F 112 -12.85 15.26 -15.81
C ILE F 112 -13.66 16.04 -14.77
N LEU F 113 -13.05 16.63 -13.75
CA LEU F 113 -13.79 17.44 -12.78
C LEU F 113 -13.90 18.90 -13.27
N PRO F 114 -15.04 19.58 -13.07
CA PRO F 114 -15.22 20.95 -13.52
C PRO F 114 -14.33 21.95 -12.76
N GLY F 115 -13.93 23.02 -13.45
CA GLY F 115 -13.02 24.05 -12.96
C GLY F 115 -13.70 25.38 -12.68
N PHE F 116 -12.99 26.48 -12.94
CA PHE F 116 -13.49 27.85 -12.84
C PHE F 116 -13.68 28.47 -14.22
N ILE F 117 -14.85 29.05 -14.49
CA ILE F 117 -15.19 29.63 -15.79
C ILE F 117 -15.10 31.16 -15.75
N ASP F 118 -14.28 31.75 -16.60
CA ASP F 118 -14.17 33.20 -16.75
C ASP F 118 -14.27 33.71 -18.19
N PHE F 119 -14.82 32.91 -19.11
CA PHE F 119 -14.86 33.19 -20.54
C PHE F 119 -16.07 32.52 -21.21
N ILE F 120 -16.50 33.07 -22.35
CA ILE F 120 -17.58 32.54 -23.20
C ILE F 120 -17.09 31.34 -24.01
N ALA F 121 -17.90 30.29 -24.20
CA ALA F 121 -17.45 29.09 -24.90
C ALA F 121 -17.06 29.33 -26.37
N ASP F 122 -17.77 30.23 -27.05
CA ASP F 122 -17.47 30.67 -28.41
C ASP F 122 -16.07 31.31 -28.57
N GLU F 123 -15.42 31.68 -27.47
CA GLU F 123 -14.06 32.23 -27.43
C GLU F 123 -12.95 31.17 -27.35
N VAL F 124 -13.28 29.90 -27.05
CA VAL F 124 -12.30 28.82 -26.86
C VAL F 124 -11.53 28.50 -28.15
N ASP F 125 -10.21 28.59 -28.11
CA ASP F 125 -9.31 28.30 -29.23
C ASP F 125 -9.04 26.79 -29.41
N LEU F 126 -9.32 26.26 -30.60
CA LEU F 126 -9.15 24.85 -30.94
C LEU F 126 -7.94 24.56 -31.84
N THR F 127 -7.04 25.51 -32.11
CA THR F 127 -5.88 25.22 -32.94
C THR F 127 -4.99 24.13 -32.35
N SER F 128 -4.48 23.23 -33.17
CA SER F 128 -3.65 22.11 -32.72
C SER F 128 -2.63 21.65 -33.75
N ALA F 129 -1.59 20.93 -33.31
CA ALA F 129 -0.57 20.37 -34.18
C ALA F 129 -1.01 19.00 -34.74
N LEU F 130 -0.88 18.81 -36.05
CA LEU F 130 -0.99 17.51 -36.69
C LEU F 130 0.37 16.80 -36.70
N THR F 131 1.42 17.54 -37.05
CA THR F 131 2.81 17.07 -37.07
C THR F 131 3.72 18.13 -36.44
N ARG F 132 5.04 17.93 -36.50
CA ARG F 132 6.02 18.95 -36.10
C ARG F 132 5.89 20.30 -36.85
N LYS F 133 5.39 20.30 -38.09
CA LYS F 133 5.31 21.51 -38.96
C LYS F 133 3.91 21.96 -39.41
N ILE F 134 2.92 21.06 -39.38
CA ILE F 134 1.55 21.32 -39.84
C ILE F 134 0.62 21.54 -38.64
N THR F 135 -0.13 22.63 -38.63
CA THR F 135 -1.14 22.94 -37.62
C THR F 135 -2.49 23.23 -38.24
N LEU F 136 -3.53 22.69 -37.63
CA LEU F 136 -4.91 22.83 -38.03
C LEU F 136 -5.62 23.84 -37.13
N LYS F 137 -6.72 24.43 -37.59
CA LYS F 137 -7.58 25.29 -36.77
C LYS F 137 -8.69 24.52 -36.05
N THR F 138 -8.88 23.25 -36.36
CA THR F 138 -9.81 22.33 -35.70
C THR F 138 -9.14 20.97 -35.51
N PRO F 139 -9.32 20.26 -34.39
CA PRO F 139 -8.61 19.03 -34.07
C PRO F 139 -9.19 17.75 -34.70
N LEU F 140 -10.06 17.87 -35.70
CA LEU F 140 -10.83 16.77 -36.28
C LEU F 140 -10.18 16.35 -37.59
N ILE F 141 -10.01 15.04 -37.76
CA ILE F 141 -9.40 14.41 -38.92
C ILE F 141 -10.36 13.33 -39.44
N SER F 142 -10.49 13.14 -40.76
CA SER F 142 -11.24 11.99 -41.28
C SER F 142 -10.31 10.80 -41.50
N SER F 143 -10.68 9.64 -40.96
CA SER F 143 -9.83 8.45 -41.00
C SER F 143 -9.53 7.95 -42.42
N PRO F 144 -8.36 7.33 -42.67
CA PRO F 144 -7.99 6.72 -43.95
C PRO F 144 -8.70 5.38 -44.18
N MET F 145 -10.03 5.39 -44.15
CA MET F 145 -10.87 4.22 -44.44
C MET F 145 -11.58 4.39 -45.78
N ASP F 146 -11.65 3.30 -46.55
CA ASP F 146 -12.29 3.23 -47.88
C ASP F 146 -13.78 3.58 -47.88
N THR F 147 -14.40 3.39 -46.73
CA THR F 147 -15.78 3.72 -46.43
C THR F 147 -15.98 5.18 -46.08
N VAL F 148 -14.91 5.99 -45.97
CA VAL F 148 -14.96 7.33 -45.37
C VAL F 148 -14.33 8.40 -46.26
N THR F 149 -13.05 8.27 -46.64
CA THR F 149 -12.26 9.41 -47.13
C THR F 149 -11.76 9.21 -48.56
N GLU F 150 -12.50 9.81 -49.49
CA GLU F 150 -12.04 10.17 -50.83
C GLU F 150 -12.05 11.70 -51.00
N ALA F 151 -11.80 12.26 -52.18
CA ALA F 151 -11.44 13.67 -52.33
C ALA F 151 -12.50 14.66 -51.85
N ASP F 152 -13.77 14.41 -52.09
CA ASP F 152 -14.86 15.27 -51.64
C ASP F 152 -14.98 15.27 -50.11
N MET F 153 -14.77 14.14 -49.45
CA MET F 153 -14.65 14.13 -47.98
C MET F 153 -13.42 14.91 -47.51
N ALA F 154 -12.28 14.72 -48.14
CA ALA F 154 -11.06 15.44 -47.77
C ALA F 154 -11.18 16.96 -48.00
N ILE F 155 -11.85 17.42 -49.06
CA ILE F 155 -12.17 18.82 -49.29
C ILE F 155 -13.06 19.35 -48.17
N ALA F 156 -14.17 18.68 -47.85
CA ALA F 156 -15.07 19.17 -46.81
C ALA F 156 -14.34 19.33 -45.47
N MET F 157 -13.56 18.31 -45.07
CA MET F 157 -12.73 18.38 -43.86
C MET F 157 -11.75 19.54 -43.86
N ALA F 158 -11.00 19.75 -44.95
CA ALA F 158 -10.03 20.84 -45.01
C ALA F 158 -10.69 22.22 -44.96
N LEU F 159 -11.80 22.43 -45.66
CA LEU F 159 -12.56 23.68 -45.60
C LEU F 159 -13.07 23.98 -44.19
N MET F 160 -13.51 22.95 -43.46
CA MET F 160 -13.94 23.10 -42.08
C MET F 160 -12.81 23.33 -41.08
N GLY F 161 -11.55 23.20 -41.49
CA GLY F 161 -10.36 23.45 -40.66
C GLY F 161 -9.70 22.20 -40.06
N GLY F 162 -10.15 21.01 -40.45
CA GLY F 162 -9.49 19.74 -40.17
C GLY F 162 -8.55 19.33 -41.30
N ILE F 163 -8.39 18.03 -41.50
CA ILE F 163 -7.74 17.44 -42.68
C ILE F 163 -8.38 16.07 -42.95
N GLY F 164 -8.35 15.59 -44.19
CA GLY F 164 -8.69 14.20 -44.48
C GLY F 164 -7.47 13.43 -44.98
N PHE F 165 -7.34 12.18 -44.56
CA PHE F 165 -6.36 11.27 -45.14
C PHE F 165 -7.08 10.36 -46.13
N ILE F 166 -6.79 10.49 -47.42
CA ILE F 166 -7.40 9.63 -48.44
C ILE F 166 -6.94 8.19 -48.26
N HIS F 167 -7.85 7.23 -48.40
CA HIS F 167 -7.57 5.80 -48.21
C HIS F 167 -6.71 5.21 -49.35
N HIS F 168 -6.20 4.00 -49.15
CA HIS F 168 -5.34 3.32 -50.12
C HIS F 168 -5.82 1.94 -50.57
N ASN F 169 -7.10 1.62 -50.38
CA ASN F 169 -7.76 0.52 -51.11
C ASN F 169 -8.12 0.98 -52.54
N CYS F 170 -7.08 1.41 -53.25
CA CYS F 170 -7.08 2.04 -54.56
C CYS F 170 -5.92 1.48 -55.38
N THR F 171 -6.06 1.45 -56.71
CA THR F 171 -4.90 1.44 -57.59
C THR F 171 -4.10 2.74 -57.38
N PRO F 172 -2.75 2.75 -57.38
CA PRO F 172 -1.97 3.94 -57.04
C PRO F 172 -2.35 5.23 -57.77
N GLU F 173 -2.68 5.15 -59.06
CA GLU F 173 -3.14 6.31 -59.84
C GLU F 173 -4.47 6.88 -59.34
N PHE F 174 -5.40 6.06 -58.84
CA PHE F 174 -6.68 6.56 -58.34
C PHE F 174 -6.51 7.37 -57.05
N GLN F 175 -5.64 6.90 -56.13
CA GLN F 175 -5.35 7.68 -54.94
C GLN F 175 -4.64 8.98 -55.33
N ALA F 176 -3.66 8.93 -56.22
CA ALA F 176 -2.98 10.12 -56.70
C ALA F 176 -3.94 11.11 -57.38
N ASN F 177 -4.94 10.63 -58.12
CA ASN F 177 -5.96 11.46 -58.73
C ASN F 177 -6.85 12.14 -57.68
N GLU F 178 -7.33 11.40 -56.68
CA GLU F 178 -8.11 12.00 -55.59
C GLU F 178 -7.27 13.02 -54.80
N VAL F 179 -5.97 12.80 -54.58
CA VAL F 179 -5.09 13.80 -53.94
C VAL F 179 -4.96 15.05 -54.81
N ARG F 180 -4.67 14.90 -56.11
CA ARG F 180 -4.59 15.99 -57.09
C ARG F 180 -5.86 16.85 -57.09
N LYS F 181 -7.02 16.18 -57.04
CA LYS F 181 -8.34 16.81 -56.99
C LYS F 181 -8.53 17.68 -55.74
N VAL F 182 -8.08 17.24 -54.56
CA VAL F 182 -8.09 18.07 -53.34
C VAL F 182 -7.18 19.29 -53.50
N LYS F 183 -5.97 19.10 -54.02
CA LYS F 183 -4.99 20.20 -54.12
C LYS F 183 -5.43 21.30 -55.08
N LYS F 184 -6.03 20.97 -56.22
CA LYS F 184 -6.47 21.97 -57.22
C LYS F 184 -7.76 22.73 -56.90
N PHE F 185 -8.54 22.32 -55.89
CA PHE F 185 -9.77 22.99 -55.47
C PHE F 185 -9.52 24.45 -55.04
N ARG F 306 -15.31 33.84 -48.47
CA ARG F 306 -14.79 34.10 -47.13
C ARG F 306 -15.58 33.38 -46.03
N ASP F 307 -16.61 32.61 -46.38
CA ASP F 307 -17.47 31.85 -45.46
C ASP F 307 -16.81 30.56 -44.90
N TYR F 308 -15.53 30.32 -45.20
CA TYR F 308 -14.68 29.33 -44.54
C TYR F 308 -13.45 30.02 -43.90
N PRO F 309 -13.57 30.59 -42.68
CA PRO F 309 -12.46 31.28 -42.03
C PRO F 309 -11.33 30.34 -41.63
N LEU F 310 -11.70 29.12 -41.21
CA LEU F 310 -10.82 28.14 -40.57
C LEU F 310 -10.02 27.26 -41.53
N ALA F 311 -10.10 27.48 -42.84
CA ALA F 311 -9.66 26.54 -43.87
C ALA F 311 -8.18 26.11 -43.73
N SER F 312 -7.93 24.80 -43.86
CA SER F 312 -6.60 24.21 -43.81
C SER F 312 -5.90 24.32 -45.15
N LYS F 313 -5.03 25.32 -45.30
CA LYS F 313 -4.33 25.67 -46.55
C LYS F 313 -2.81 25.68 -46.38
N ASP F 314 -2.09 25.33 -47.44
CA ASP F 314 -0.62 25.38 -47.49
C ASP F 314 -0.09 26.78 -47.81
N SER F 315 1.23 26.92 -47.91
CA SER F 315 1.91 28.19 -48.25
C SER F 315 1.53 28.75 -49.63
N GLN F 316 0.97 27.94 -50.53
CA GLN F 316 0.49 28.33 -51.85
C GLN F 316 -1.04 28.52 -51.90
N LYS F 317 -1.70 28.53 -50.73
CA LYS F 317 -3.14 28.71 -50.51
C LYS F 317 -4.03 27.61 -51.11
N GLN F 318 -3.46 26.45 -51.44
CA GLN F 318 -4.18 25.23 -51.79
C GLN F 318 -4.57 24.46 -50.52
N LEU F 319 -5.66 23.69 -50.53
CA LEU F 319 -6.08 22.91 -49.36
C LEU F 319 -5.03 21.86 -48.97
N LEU F 320 -4.89 21.57 -47.68
CA LEU F 320 -4.07 20.47 -47.19
C LEU F 320 -4.72 19.12 -47.48
N CYS F 321 -3.92 18.14 -47.92
CA CYS F 321 -4.37 16.78 -48.15
C CYS F 321 -3.41 15.76 -47.53
N GLY F 322 -3.97 14.76 -46.85
CA GLY F 322 -3.24 13.58 -46.40
C GLY F 322 -3.50 12.37 -47.30
N ALA F 323 -2.58 11.42 -47.29
CA ALA F 323 -2.71 10.14 -47.99
C ALA F 323 -2.26 8.99 -47.09
N ALA F 324 -2.85 7.82 -47.25
CA ALA F 324 -2.36 6.61 -46.62
C ALA F 324 -1.47 5.79 -47.57
N VAL F 325 -0.47 5.14 -47.00
CA VAL F 325 0.50 4.30 -47.69
C VAL F 325 0.79 3.07 -46.84
N GLY F 326 1.00 1.91 -47.45
CA GLY F 326 1.43 0.70 -46.73
C GLY F 326 2.94 0.59 -46.59
N THR F 327 3.45 -0.51 -46.03
CA THR F 327 4.89 -0.71 -45.79
C THR F 327 5.47 -1.86 -46.60
N ARG F 328 4.75 -2.34 -47.63
CA ARG F 328 5.27 -3.26 -48.66
C ARG F 328 6.22 -2.53 -49.61
N GLU F 329 6.93 -3.27 -50.45
CA GLU F 329 7.88 -2.71 -51.43
C GLU F 329 7.19 -1.86 -52.51
N ASP F 330 6.06 -2.30 -53.05
CA ASP F 330 5.37 -1.59 -54.14
C ASP F 330 4.75 -0.24 -53.70
N ASP F 331 4.55 -0.02 -52.40
CA ASP F 331 4.16 1.28 -51.87
C ASP F 331 5.22 2.37 -52.12
N LYS F 332 6.48 2.02 -52.40
CA LYS F 332 7.50 3.00 -52.82
C LYS F 332 7.17 3.65 -54.16
N TYR F 333 6.43 2.97 -55.05
CA TYR F 333 5.91 3.57 -56.28
C TYR F 333 4.67 4.44 -56.03
N ARG F 334 3.71 3.94 -55.22
CA ARG F 334 2.53 4.71 -54.81
C ARG F 334 2.91 6.05 -54.18
N LEU F 335 3.91 6.05 -53.30
CA LEU F 335 4.41 7.25 -52.63
C LEU F 335 4.94 8.32 -53.59
N ASP F 336 5.56 7.92 -54.71
CA ASP F 336 6.00 8.86 -55.73
C ASP F 336 4.80 9.56 -56.39
N LEU F 337 3.77 8.80 -56.80
CA LEU F 337 2.58 9.40 -57.41
C LEU F 337 1.86 10.35 -56.46
N LEU F 338 1.70 9.97 -55.19
CA LEU F 338 1.14 10.86 -54.17
C LEU F 338 1.99 12.12 -53.98
N THR F 339 3.31 12.02 -54.13
CA THR F 339 4.19 13.18 -54.07
C THR F 339 4.04 14.07 -55.30
N GLN F 340 3.95 13.51 -56.52
CA GLN F 340 3.68 14.28 -57.74
C GLN F 340 2.29 14.93 -57.73
N ALA F 341 1.29 14.31 -57.09
CA ALA F 341 0.00 14.91 -56.82
C ALA F 341 0.04 16.05 -55.78
N GLY F 342 1.16 16.24 -55.07
CA GLY F 342 1.36 17.35 -54.13
C GLY F 342 0.83 17.12 -52.72
N VAL F 343 0.81 15.88 -52.23
CA VAL F 343 0.36 15.55 -50.86
C VAL F 343 1.21 16.26 -49.79
N ASP F 344 0.59 16.66 -48.67
CA ASP F 344 1.26 17.39 -47.59
C ASP F 344 1.77 16.50 -46.45
N VAL F 345 1.12 15.36 -46.21
CA VAL F 345 1.40 14.47 -45.10
C VAL F 345 0.97 13.04 -45.41
N ILE F 346 1.80 12.06 -45.05
CA ILE F 346 1.61 10.63 -45.28
C ILE F 346 1.33 9.95 -43.94
N VAL F 347 0.35 9.07 -43.87
CA VAL F 347 0.15 8.17 -42.73
C VAL F 347 0.56 6.77 -43.12
N LEU F 348 1.45 6.13 -42.37
CA LEU F 348 1.82 4.75 -42.63
C LEU F 348 0.77 3.85 -41.99
N ASP F 349 0.03 3.13 -42.81
CA ASP F 349 -1.16 2.41 -42.39
C ASP F 349 -0.81 0.96 -42.01
N SER F 350 -0.67 0.68 -40.72
CA SER F 350 -0.40 -0.66 -40.18
C SER F 350 -1.04 -0.85 -38.81
N SER F 351 -1.45 -2.07 -38.45
CA SER F 351 -2.07 -2.36 -37.15
C SER F 351 -1.06 -2.41 -36.00
N GLN F 352 0.20 -2.70 -36.30
CA GLN F 352 1.31 -2.79 -35.36
C GLN F 352 2.49 -2.09 -36.02
N GLY F 353 2.67 -0.80 -35.72
CA GLY F 353 3.61 0.06 -36.42
C GLY F 353 5.07 -0.15 -36.07
N ASN F 354 5.37 -0.86 -34.99
CA ASN F 354 6.72 -1.00 -34.49
C ASN F 354 7.43 -2.17 -35.16
N SER F 355 7.84 -1.98 -36.41
CA SER F 355 8.41 -3.04 -37.22
C SER F 355 9.58 -2.56 -38.05
N VAL F 356 10.49 -3.48 -38.39
CA VAL F 356 11.60 -3.20 -39.32
C VAL F 356 11.10 -2.67 -40.65
N TYR F 357 9.96 -3.18 -41.12
CA TYR F 357 9.32 -2.80 -42.38
C TYR F 357 8.83 -1.36 -42.38
N GLN F 358 8.20 -0.93 -41.30
CA GLN F 358 7.78 0.46 -41.16
C GLN F 358 8.94 1.41 -40.91
N ILE F 359 9.92 1.05 -40.11
CA ILE F 359 11.09 1.89 -39.83
C ILE F 359 11.93 2.09 -41.11
N ALA F 360 12.13 1.03 -41.89
CA ALA F 360 12.73 1.11 -43.21
C ALA F 360 11.94 2.06 -44.14
N MET F 361 10.61 2.02 -44.13
CA MET F 361 9.80 2.96 -44.89
C MET F 361 9.98 4.40 -44.41
N VAL F 362 9.90 4.70 -43.10
CA VAL F 362 10.12 6.08 -42.59
C VAL F 362 11.48 6.61 -42.99
N HIS F 363 12.55 5.82 -42.85
CA HIS F 363 13.89 6.19 -43.30
C HIS F 363 13.95 6.47 -44.80
N TYR F 364 13.31 5.65 -45.63
CA TYR F 364 13.18 5.91 -47.06
C TYR F 364 12.47 7.23 -47.37
N ILE F 365 11.30 7.50 -46.77
CA ILE F 365 10.56 8.75 -47.03
C ILE F 365 11.40 9.97 -46.65
N LYS F 366 12.09 9.96 -45.50
CA LYS F 366 12.94 11.07 -45.06
C LYS F 366 14.14 11.29 -45.95
N GLN F 367 14.75 10.23 -46.48
CA GLN F 367 15.86 10.34 -47.41
C GLN F 367 15.41 10.87 -48.78
N LYS F 368 14.36 10.28 -49.38
CA LYS F 368 13.93 10.58 -50.75
C LYS F 368 13.07 11.84 -50.89
N TYR F 369 12.32 12.21 -49.85
CA TYR F 369 11.41 13.35 -49.86
C TYR F 369 11.59 14.18 -48.59
N PRO F 370 12.67 14.96 -48.44
CA PRO F 370 12.96 15.58 -47.14
C PRO F 370 11.97 16.66 -46.72
N HIS F 371 11.02 17.04 -47.57
CA HIS F 371 9.96 18.01 -47.26
C HIS F 371 8.68 17.35 -46.70
N LEU F 372 8.55 16.03 -46.78
CA LEU F 372 7.30 15.32 -46.58
C LEU F 372 7.14 14.87 -45.13
N GLN F 373 5.98 15.11 -44.53
CA GLN F 373 5.71 14.78 -43.14
C GLN F 373 5.09 13.40 -43.06
N VAL F 374 5.55 12.60 -42.11
CA VAL F 374 5.13 11.20 -41.94
C VAL F 374 4.51 10.99 -40.57
N ILE F 375 3.41 10.25 -40.53
CA ILE F 375 2.73 9.85 -39.30
C ILE F 375 2.84 8.33 -39.15
N GLY F 376 3.30 7.89 -38.00
CA GLY F 376 3.75 6.51 -37.79
C GLY F 376 2.71 5.52 -37.31
N GLY F 377 2.28 4.63 -38.20
CA GLY F 377 1.77 3.29 -37.85
C GLY F 377 0.52 3.32 -37.01
N ASN F 378 0.39 2.30 -36.17
CA ASN F 378 -0.37 2.39 -34.94
C ASN F 378 0.53 1.94 -33.80
N VAL F 379 0.49 2.66 -32.69
CA VAL F 379 1.23 2.36 -31.45
C VAL F 379 0.33 2.53 -30.23
N VAL F 380 0.61 1.80 -29.17
CA VAL F 380 -0.12 1.86 -27.89
C VAL F 380 0.79 1.85 -26.67
N THR F 381 2.10 1.67 -26.84
CA THR F 381 3.09 1.75 -25.76
C THR F 381 4.20 2.73 -26.10
N ALA F 382 4.84 3.27 -25.07
CA ALA F 382 5.97 4.18 -25.19
C ALA F 382 7.21 3.56 -25.85
N ALA F 383 7.38 2.23 -25.79
CA ALA F 383 8.47 1.52 -26.47
C ALA F 383 8.34 1.54 -28.01
N GLN F 384 7.13 1.28 -28.48
CA GLN F 384 6.79 1.43 -29.89
C GLN F 384 6.99 2.88 -30.34
N ALA F 385 6.52 3.84 -29.53
CA ALA F 385 6.66 5.26 -29.82
C ALA F 385 8.12 5.68 -29.92
N LYS F 386 8.99 5.20 -29.02
CA LYS F 386 10.44 5.44 -29.07
C LYS F 386 11.04 5.01 -30.40
N ASN F 387 10.86 3.77 -30.84
CA ASN F 387 11.49 3.29 -32.06
C ASN F 387 11.04 4.06 -33.31
N LEU F 388 9.77 4.51 -33.37
CA LEU F 388 9.33 5.35 -34.47
C LEU F 388 9.79 6.80 -34.34
N ILE F 389 9.81 7.41 -33.16
CA ILE F 389 10.33 8.77 -32.97
C ILE F 389 11.83 8.80 -33.31
N ASP F 390 12.56 7.75 -32.96
CA ASP F 390 13.96 7.55 -33.33
C ASP F 390 14.18 7.35 -34.84
N ALA F 391 13.26 6.70 -35.56
CA ALA F 391 13.28 6.61 -37.02
C ALA F 391 13.08 7.97 -37.73
N GLY F 392 12.60 8.98 -37.01
CA GLY F 392 12.43 10.34 -37.49
C GLY F 392 11.00 10.70 -37.89
N VAL F 393 9.99 9.99 -37.40
CA VAL F 393 8.56 10.28 -37.68
C VAL F 393 8.08 11.63 -37.09
N ASP F 394 7.11 12.30 -37.69
CA ASP F 394 6.65 13.65 -37.31
C ASP F 394 5.35 13.69 -36.50
N GLY F 395 4.62 12.58 -36.44
CA GLY F 395 3.46 12.35 -35.61
C GLY F 395 3.26 10.86 -35.40
N LEU F 396 2.40 10.47 -34.48
CA LEU F 396 2.04 9.06 -34.24
C LEU F 396 0.53 8.92 -34.20
N ARG F 397 0.02 7.78 -34.65
CA ARG F 397 -1.38 7.41 -34.51
C ARG F 397 -1.51 6.38 -33.39
N VAL F 398 -2.40 6.63 -32.44
CA VAL F 398 -2.54 5.81 -31.24
C VAL F 398 -3.86 5.07 -31.25
N GLY F 399 -3.82 3.77 -31.06
CA GLY F 399 -5.00 2.96 -31.20
C GLY F 399 -4.68 1.54 -31.59
N MET F 400 -5.43 0.53 -31.15
CA MET F 400 -5.23 -0.88 -31.58
C MET F 400 -6.50 -1.71 -31.36
N GLU F 410 -10.13 -9.70 -30.54
CA GLU F 410 -11.18 -10.72 -30.57
C GLU F 410 -10.69 -11.98 -31.32
N VAL F 411 -9.84 -11.74 -32.31
CA VAL F 411 -8.79 -12.67 -32.75
C VAL F 411 -7.42 -12.09 -32.37
N MET F 412 -7.34 -10.95 -31.67
CA MET F 412 -6.11 -10.14 -31.61
C MET F 412 -5.10 -10.54 -30.52
N ALA F 413 -5.54 -10.98 -29.33
CA ALA F 413 -4.73 -11.27 -28.13
C ALA F 413 -3.96 -10.08 -27.51
N CYS F 414 -3.45 -9.18 -28.33
CA CYS F 414 -2.61 -8.06 -27.94
C CYS F 414 -3.21 -6.72 -28.40
N GLY F 415 -3.00 -5.67 -27.61
CA GLY F 415 -3.69 -4.39 -27.78
C GLY F 415 -3.71 -3.58 -26.49
N ARG F 416 -4.54 -2.54 -26.39
CA ARG F 416 -4.65 -1.75 -25.14
C ARG F 416 -5.98 -0.99 -25.00
N PRO F 417 -6.48 -0.74 -23.77
CA PRO F 417 -7.54 0.22 -23.50
C PRO F 417 -7.20 1.64 -23.96
N GLN F 418 -8.08 2.28 -24.72
CA GLN F 418 -7.71 3.45 -25.52
C GLN F 418 -7.38 4.70 -24.70
N GLY F 419 -8.02 4.94 -23.56
CA GLY F 419 -7.70 6.07 -22.68
C GLY F 419 -6.30 5.96 -22.11
N THR F 420 -5.92 4.80 -21.59
CA THR F 420 -4.55 4.52 -21.16
C THR F 420 -3.54 4.61 -22.29
N ALA F 421 -3.83 4.07 -23.48
CA ALA F 421 -2.93 4.17 -24.62
C ALA F 421 -2.66 5.62 -25.03
N VAL F 422 -3.70 6.46 -25.11
CA VAL F 422 -3.53 7.87 -25.46
C VAL F 422 -2.71 8.60 -24.42
N TYR F 423 -2.98 8.44 -23.13
CA TYR F 423 -2.17 9.08 -22.11
C TYR F 423 -0.70 8.60 -22.12
N LYS F 424 -0.42 7.30 -22.13
CA LYS F 424 0.94 6.77 -22.07
C LYS F 424 1.80 7.17 -23.26
N VAL F 425 1.28 7.04 -24.48
CA VAL F 425 2.03 7.44 -25.67
C VAL F 425 2.18 8.95 -25.77
N ALA F 426 1.17 9.75 -25.41
CA ALA F 426 1.29 11.20 -25.47
C ALA F 426 2.26 11.75 -24.43
N GLU F 427 2.30 11.22 -23.22
CA GLU F 427 3.28 11.63 -22.20
C GLU F 427 4.70 11.37 -22.66
N TYR F 428 4.97 10.23 -23.29
CA TYR F 428 6.27 9.96 -23.89
C TYR F 428 6.58 10.87 -25.08
N ALA F 429 5.70 11.00 -26.06
CA ALA F 429 5.95 11.78 -27.27
C ALA F 429 6.09 13.30 -27.02
N ARG F 430 5.40 13.82 -26.00
CA ARG F 430 5.50 15.20 -25.47
C ARG F 430 6.94 15.58 -25.10
N ARG F 431 7.77 14.63 -24.67
CA ARG F 431 9.20 14.82 -24.35
C ARG F 431 10.04 15.23 -25.56
N PHE F 432 9.58 14.91 -26.76
CA PHE F 432 10.27 15.13 -28.05
C PHE F 432 9.55 16.14 -28.95
N GLY F 433 8.46 16.74 -28.49
CA GLY F 433 7.61 17.63 -29.28
C GLY F 433 6.89 16.96 -30.45
N VAL F 434 6.52 15.68 -30.32
CA VAL F 434 5.81 14.92 -31.36
C VAL F 434 4.32 14.87 -31.02
N PRO F 435 3.41 15.30 -31.91
CA PRO F 435 1.97 15.25 -31.64
C PRO F 435 1.38 13.86 -31.85
N ILE F 436 0.24 13.60 -31.21
CA ILE F 436 -0.47 12.31 -31.21
C ILE F 436 -1.84 12.48 -31.81
N ILE F 437 -2.23 11.57 -32.69
CA ILE F 437 -3.61 11.40 -33.14
C ILE F 437 -4.26 10.26 -32.35
N ALA F 438 -5.37 10.53 -31.66
CA ALA F 438 -6.20 9.48 -31.05
C ALA F 438 -7.15 8.87 -32.08
N ASP F 439 -7.09 7.56 -32.31
CA ASP F 439 -7.86 6.92 -33.37
C ASP F 439 -8.65 5.76 -32.79
N GLY F 440 -9.97 5.82 -32.89
CA GLY F 440 -10.87 4.76 -32.41
C GLY F 440 -11.24 4.93 -30.95
N GLY F 441 -12.30 4.23 -30.52
CA GLY F 441 -12.93 4.41 -29.21
C GLY F 441 -13.74 5.70 -29.08
N ILE F 442 -13.85 6.50 -30.13
CA ILE F 442 -14.49 7.81 -30.12
C ILE F 442 -15.90 7.66 -30.70
N GLN F 443 -16.89 8.05 -29.91
CA GLN F 443 -18.32 7.90 -30.26
C GLN F 443 -19.16 9.15 -29.95
N THR F 444 -18.78 9.93 -28.94
CA THR F 444 -19.55 11.08 -28.46
C THR F 444 -18.65 12.29 -28.36
N VAL F 445 -19.22 13.49 -28.29
CA VAL F 445 -18.43 14.71 -28.00
C VAL F 445 -17.63 14.56 -26.72
N GLY F 446 -18.16 13.85 -25.73
CA GLY F 446 -17.47 13.62 -24.47
C GLY F 446 -16.19 12.81 -24.62
N HIS F 447 -16.16 11.81 -25.49
CA HIS F 447 -14.94 11.07 -25.80
C HIS F 447 -13.93 11.94 -26.56
N VAL F 448 -14.37 12.91 -27.37
CA VAL F 448 -13.46 13.83 -28.05
C VAL F 448 -12.80 14.75 -27.03
N VAL F 449 -13.53 15.31 -26.09
CA VAL F 449 -12.95 16.18 -25.04
C VAL F 449 -12.03 15.40 -24.11
N LYS F 450 -12.36 14.16 -23.75
CA LYS F 450 -11.48 13.30 -22.96
C LYS F 450 -10.19 12.93 -23.67
N ALA F 451 -10.25 12.48 -24.93
CA ALA F 451 -9.05 12.20 -25.70
C ALA F 451 -8.16 13.43 -25.81
N LEU F 452 -8.70 14.62 -26.06
CA LEU F 452 -7.93 15.87 -26.05
C LEU F 452 -7.33 16.18 -24.68
N ALA F 453 -8.12 16.11 -23.61
CA ALA F 453 -7.64 16.35 -22.26
C ALA F 453 -6.53 15.39 -21.82
N LEU F 454 -6.54 14.13 -22.24
CA LEU F 454 -5.47 13.15 -22.00
C LEU F 454 -4.21 13.34 -22.85
N GLY F 455 -4.15 14.33 -23.73
CA GLY F 455 -2.92 14.72 -24.41
C GLY F 455 -2.86 14.42 -25.89
N ALA F 456 -3.90 13.88 -26.53
CA ALA F 456 -3.96 13.87 -27.99
C ALA F 456 -4.03 15.30 -28.54
N SER F 457 -3.35 15.59 -29.63
CA SER F 457 -3.45 16.90 -30.29
C SER F 457 -4.62 16.96 -31.28
N THR F 458 -5.01 15.82 -31.82
CA THR F 458 -6.06 15.66 -32.82
C THR F 458 -6.76 14.33 -32.63
N VAL F 459 -8.00 14.27 -33.07
CA VAL F 459 -8.84 13.09 -32.97
C VAL F 459 -9.28 12.71 -34.37
N MET F 460 -9.23 11.43 -34.68
CA MET F 460 -9.57 10.89 -35.98
C MET F 460 -10.99 10.31 -35.95
N MET F 461 -11.96 11.06 -36.47
CA MET F 461 -13.35 10.63 -36.63
C MET F 461 -13.37 9.43 -37.56
N GLY F 462 -13.83 8.26 -37.09
CA GLY F 462 -13.76 7.10 -37.95
C GLY F 462 -15.04 6.79 -38.71
N SER F 463 -16.13 6.60 -37.97
CA SER F 463 -17.40 6.22 -38.57
C SER F 463 -18.45 7.32 -38.43
N LEU F 464 -18.37 8.17 -37.40
CA LEU F 464 -19.27 9.32 -37.22
C LEU F 464 -19.39 10.19 -38.49
N LEU F 465 -18.31 10.29 -39.28
CA LEU F 465 -18.35 10.87 -40.62
C LEU F 465 -18.98 9.92 -41.64
N ALA F 466 -18.79 8.60 -41.52
CA ALA F 466 -19.42 7.69 -42.45
C ALA F 466 -20.92 7.82 -42.30
N ALA F 467 -21.69 7.48 -43.34
CA ALA F 467 -23.13 7.76 -43.40
C ALA F 467 -23.44 9.27 -43.27
N THR F 468 -22.73 10.06 -44.07
CA THR F 468 -23.00 11.47 -44.39
C THR F 468 -22.85 11.67 -45.90
N THR F 469 -23.34 12.79 -46.42
CA THR F 469 -23.35 13.11 -47.85
C THR F 469 -21.97 13.03 -48.52
N GLU F 470 -20.90 13.33 -47.78
CA GLU F 470 -19.53 13.32 -48.29
C GLU F 470 -18.92 11.92 -48.45
N ALA F 471 -19.36 10.91 -47.69
CA ALA F 471 -18.75 9.60 -47.69
C ALA F 471 -19.11 8.87 -48.99
N PRO F 472 -18.17 8.08 -49.57
CA PRO F 472 -18.37 7.29 -50.78
C PRO F 472 -19.67 6.47 -50.79
N GLY F 526 -26.50 13.05 -42.97
CA GLY F 526 -26.01 14.38 -42.63
C GLY F 526 -25.08 14.99 -43.67
N SER F 527 -24.44 16.10 -43.32
CA SER F 527 -23.43 16.79 -44.14
C SER F 527 -22.27 17.28 -43.28
N ILE F 528 -21.03 17.10 -43.72
CA ILE F 528 -19.82 17.52 -42.98
C ILE F 528 -19.86 19.02 -42.68
N GLN F 529 -20.38 19.82 -43.60
CA GLN F 529 -20.54 21.28 -43.46
C GLN F 529 -21.46 21.69 -42.29
N LYS F 530 -22.28 20.78 -41.76
CA LYS F 530 -23.20 20.98 -40.64
C LYS F 530 -22.84 20.16 -39.39
N PHE F 531 -22.35 18.93 -39.58
CA PHE F 531 -21.98 18.04 -38.48
C PHE F 531 -20.71 18.46 -37.74
N VAL F 532 -19.63 18.86 -38.43
CA VAL F 532 -18.42 19.23 -37.67
C VAL F 532 -18.54 20.56 -36.92
N PRO F 533 -19.36 21.56 -37.32
CA PRO F 533 -19.74 22.66 -36.44
C PRO F 533 -20.45 22.24 -35.15
N TYR F 534 -21.24 21.16 -35.17
CA TYR F 534 -21.84 20.58 -33.97
C TYR F 534 -20.78 19.97 -33.05
N LEU F 535 -19.82 19.20 -33.60
CA LEU F 535 -18.69 18.71 -32.82
C LEU F 535 -17.86 19.86 -32.24
N ILE F 536 -17.52 20.88 -33.04
CA ILE F 536 -16.73 22.04 -32.62
C ILE F 536 -17.42 22.78 -31.48
N ALA F 537 -18.71 23.08 -31.58
CA ALA F 537 -19.46 23.73 -30.52
C ALA F 537 -19.52 22.88 -29.23
N GLY F 538 -19.60 21.56 -29.37
CA GLY F 538 -19.50 20.61 -28.28
C GLY F 538 -18.14 20.63 -27.57
N ILE F 539 -17.03 20.60 -28.31
CA ILE F 539 -15.67 20.67 -27.75
C ILE F 539 -15.49 21.98 -26.98
N GLN F 540 -16.01 23.09 -27.51
CA GLN F 540 -15.92 24.38 -26.86
C GLN F 540 -16.73 24.46 -25.55
N HIS F 541 -17.93 23.88 -25.47
CA HIS F 541 -18.65 23.76 -24.19
C HIS F 541 -17.93 22.85 -23.19
N GLY F 542 -17.33 21.76 -23.64
CA GLY F 542 -16.53 20.89 -22.78
C GLY F 542 -15.35 21.62 -22.17
N CYS F 543 -14.55 22.32 -22.98
CA CYS F 543 -13.45 23.13 -22.48
C CYS F 543 -13.92 24.27 -21.57
N GLN F 544 -15.06 24.89 -21.86
CA GLN F 544 -15.59 25.92 -20.98
C GLN F 544 -15.97 25.37 -19.61
N ASP F 545 -16.64 24.22 -19.51
CA ASP F 545 -16.99 23.62 -18.23
C ASP F 545 -15.76 23.16 -17.42
N ILE F 546 -14.73 22.70 -18.12
CA ILE F 546 -13.40 22.39 -17.59
C ILE F 546 -12.63 23.65 -17.17
N GLY F 547 -12.99 24.83 -17.68
CA GLY F 547 -12.34 26.10 -17.39
C GLY F 547 -11.05 26.35 -18.17
N ALA F 548 -10.85 25.70 -19.31
CA ALA F 548 -9.69 25.86 -20.18
C ALA F 548 -9.99 26.74 -21.42
N ARG F 549 -9.29 27.88 -21.59
CA ARG F 549 -9.48 28.83 -22.71
C ARG F 549 -9.06 28.32 -24.10
N SER F 550 -8.28 27.26 -24.15
CA SER F 550 -7.64 26.73 -25.35
C SER F 550 -7.34 25.24 -25.14
N LEU F 551 -7.21 24.47 -26.22
CA LEU F 551 -6.77 23.07 -26.11
C LEU F 551 -5.31 22.92 -25.64
N SER F 552 -4.42 23.85 -25.97
CA SER F 552 -3.06 23.83 -25.42
C SER F 552 -3.03 24.18 -23.93
N VAL F 553 -3.94 25.04 -23.46
CA VAL F 553 -4.17 25.30 -22.03
C VAL F 553 -4.71 24.05 -21.33
N LEU F 554 -5.74 23.40 -21.88
CA LEU F 554 -6.29 22.15 -21.37
C LEU F 554 -5.21 21.10 -21.12
N ARG F 555 -4.33 20.86 -22.10
CA ARG F 555 -3.22 19.90 -21.97
C ARG F 555 -2.18 20.35 -20.95
N SER F 556 -1.86 21.65 -20.88
CA SER F 556 -0.95 22.16 -19.85
C SER F 556 -1.51 22.05 -18.42
N MET F 557 -2.82 22.21 -18.20
CA MET F 557 -3.45 21.94 -16.91
C MET F 557 -3.38 20.45 -16.54
N MET F 558 -3.49 19.55 -17.51
CA MET F 558 -3.39 18.12 -17.30
C MET F 558 -1.98 17.67 -16.90
N TYR F 559 -0.95 18.12 -17.61
CA TYR F 559 0.42 17.74 -17.27
C TYR F 559 0.95 18.38 -15.99
N SER F 560 0.45 19.55 -15.59
CA SER F 560 0.83 20.24 -14.36
C SER F 560 0.09 19.79 -13.10
N GLY F 561 -0.90 18.90 -13.20
CA GLY F 561 -1.69 18.41 -12.07
C GLY F 561 -2.84 19.30 -11.60
N GLU F 562 -3.09 20.40 -12.31
CA GLU F 562 -4.22 21.30 -12.04
C GLU F 562 -5.56 20.69 -12.48
N LEU F 563 -5.61 20.06 -13.66
CA LEU F 563 -6.78 19.34 -14.11
C LEU F 563 -6.94 18.04 -13.32
N LYS F 564 -8.14 17.79 -12.83
CA LYS F 564 -8.44 16.67 -11.93
C LYS F 564 -9.44 15.71 -12.55
N PHE F 565 -9.30 14.44 -12.19
CA PHE F 565 -10.02 13.32 -12.76
C PHE F 565 -10.63 12.47 -11.65
N GLU F 566 -11.74 11.80 -11.93
CA GLU F 566 -12.32 10.81 -11.04
C GLU F 566 -12.63 9.54 -11.82
N LYS F 567 -12.34 8.38 -11.24
CA LYS F 567 -12.66 7.07 -11.79
C LYS F 567 -14.14 6.76 -11.53
N ARG F 568 -14.86 6.22 -12.49
CA ARG F 568 -16.26 5.76 -12.36
C ARG F 568 -16.29 4.24 -12.27
N THR F 569 -16.74 3.69 -11.16
CA THR F 569 -17.18 2.28 -11.12
C THR F 569 -18.41 2.09 -12.02
N MET F 570 -18.72 0.87 -12.47
CA MET F 570 -19.78 0.62 -13.46
C MET F 570 -21.14 1.20 -13.07
N SER F 571 -21.54 1.13 -11.80
CA SER F 571 -22.80 1.71 -11.31
C SER F 571 -22.88 3.23 -11.52
N ALA F 572 -21.75 3.95 -11.47
CA ALA F 572 -21.65 5.38 -11.78
C ALA F 572 -21.73 5.70 -13.28
N GLN F 573 -21.17 4.82 -14.11
CA GLN F 573 -21.37 4.86 -15.56
C GLN F 573 -22.85 4.65 -15.91
N ILE F 574 -23.54 3.72 -15.23
CA ILE F 574 -24.97 3.46 -15.40
C ILE F 574 -25.82 4.68 -14.98
N GLU F 575 -25.51 5.33 -13.87
CA GLU F 575 -26.31 6.47 -13.38
C GLU F 575 -26.15 7.75 -14.23
N GLY F 576 -25.04 7.89 -14.97
CA GLY F 576 -24.93 8.87 -16.07
C GLY F 576 -25.54 8.38 -17.40
N GLY F 577 -25.44 7.08 -17.69
CA GLY F 577 -25.96 6.41 -18.89
C GLY F 577 -24.88 6.16 -19.95
N VAL F 578 -24.58 4.90 -20.25
CA VAL F 578 -23.51 4.48 -21.19
C VAL F 578 -23.82 3.23 -22.03
N HIS F 579 -24.82 2.42 -21.64
CA HIS F 579 -25.08 1.08 -22.20
C HIS F 579 -26.52 0.64 -21.96
N HIS G 29 -23.23 13.82 20.48
CA HIS G 29 -24.34 12.84 20.52
C HIS G 29 -23.97 11.64 21.39
N GLU G 30 -24.95 10.94 21.94
CA GLU G 30 -24.70 9.69 22.68
C GLU G 30 -24.39 8.55 21.70
N THR G 31 -23.17 8.02 21.72
CA THR G 31 -22.77 6.91 20.86
C THR G 31 -23.50 5.61 21.23
N ALA G 32 -23.54 4.62 20.34
CA ALA G 32 -24.20 3.34 20.59
C ALA G 32 -23.74 2.66 21.89
N ALA G 33 -22.45 2.72 22.22
CA ALA G 33 -21.92 2.23 23.49
C ALA G 33 -22.48 3.00 24.70
N GLN G 34 -22.56 4.32 24.61
CA GLN G 34 -23.16 5.15 25.66
C GLN G 34 -24.65 4.86 25.83
N ARG G 35 -25.42 4.77 24.74
CA ARG G 35 -26.86 4.47 24.81
C ARG G 35 -27.13 3.07 25.36
N TYR G 36 -26.39 2.06 24.89
CA TYR G 36 -26.48 0.69 25.38
C TYR G 36 -26.16 0.62 26.88
N SER G 37 -25.00 1.13 27.31
CA SER G 37 -24.60 1.08 28.71
C SER G 37 -25.51 1.91 29.62
N ALA G 38 -26.04 3.05 29.16
CA ALA G 38 -27.02 3.83 29.92
C ALA G 38 -28.32 3.05 30.15
N ARG G 39 -28.88 2.41 29.11
CA ARG G 39 -30.13 1.66 29.24
C ARG G 39 -29.98 0.30 29.95
N LEU G 40 -28.79 -0.30 29.92
CA LEU G 40 -28.48 -1.48 30.72
C LEU G 40 -28.51 -1.23 32.25
N LEU G 41 -28.55 0.02 32.72
CA LEU G 41 -28.82 0.35 34.13
C LEU G 41 -30.31 0.23 34.54
N GLN G 42 -31.25 0.09 33.59
CA GLN G 42 -32.70 0.03 33.85
C GLN G 42 -33.21 -1.36 34.31
N ALA G 43 -32.31 -2.30 34.55
CA ALA G 43 -32.54 -3.64 35.11
C ALA G 43 -31.26 -4.11 35.83
N GLY G 44 -31.24 -5.30 36.47
CA GLY G 44 -30.08 -5.70 37.25
C GLY G 44 -28.99 -6.38 36.45
N TYR G 45 -28.66 -5.85 35.27
CA TYR G 45 -27.67 -6.40 34.33
C TYR G 45 -26.47 -5.46 34.15
N MET G 76 -18.25 -2.07 37.75
CA MET G 76 -17.13 -1.21 38.13
C MET G 76 -15.81 -1.60 37.44
N ALA G 77 -14.76 -0.78 37.61
CA ALA G 77 -13.49 -0.76 36.91
C ALA G 77 -13.58 -0.42 35.42
N ASP G 78 -14.59 -0.86 34.68
CA ASP G 78 -14.82 -0.49 33.28
C ASP G 78 -14.97 1.03 33.08
N TYR G 79 -15.69 1.71 33.96
CA TYR G 79 -15.82 3.17 33.99
C TYR G 79 -14.49 3.87 34.25
N LEU G 80 -13.67 3.34 35.17
CA LEU G 80 -12.31 3.86 35.42
C LEU G 80 -11.33 3.53 34.30
N ILE G 81 -11.53 2.46 33.54
CA ILE G 81 -10.68 2.14 32.40
C ILE G 81 -10.90 3.14 31.27
N SER G 82 -12.11 3.40 30.81
CA SER G 82 -12.32 4.35 29.70
C SER G 82 -13.67 5.07 29.67
N GLY G 83 -14.24 5.43 30.82
CA GLY G 83 -15.46 6.23 30.90
C GLY G 83 -16.65 5.55 30.20
N GLY G 84 -17.36 6.31 29.37
CA GLY G 84 -18.52 5.81 28.61
C GLY G 84 -18.20 5.04 27.32
N THR G 85 -16.97 5.12 26.77
CA THR G 85 -16.61 4.46 25.50
C THR G 85 -16.23 2.98 25.70
N GLY G 86 -17.18 2.21 26.21
CA GLY G 86 -17.04 0.84 26.74
C GLY G 86 -17.02 -0.30 25.71
N TYR G 87 -16.19 -0.18 24.68
CA TYR G 87 -15.86 -1.19 23.66
C TYR G 87 -16.99 -1.60 22.70
N VAL G 88 -16.72 -1.44 21.41
CA VAL G 88 -17.46 -2.03 20.29
C VAL G 88 -16.46 -2.69 19.35
N PRO G 89 -16.74 -3.87 18.78
CA PRO G 89 -15.86 -4.48 17.81
C PRO G 89 -15.64 -3.59 16.58
N GLU G 90 -14.41 -3.53 16.08
CA GLU G 90 -14.10 -2.82 14.82
C GLU G 90 -14.69 -3.59 13.63
N ASP G 91 -15.48 -2.93 12.81
CA ASP G 91 -16.14 -3.52 11.64
C ASP G 91 -16.66 -2.43 10.70
N GLY G 92 -16.47 -2.57 9.40
CA GLY G 92 -16.85 -1.57 8.40
C GLY G 92 -15.91 -0.37 8.30
N LEU G 93 -16.08 0.42 7.25
CA LEU G 93 -15.30 1.61 6.96
C LEU G 93 -15.95 2.84 7.59
N THR G 94 -15.18 3.84 7.99
CA THR G 94 -15.73 5.19 8.21
C THR G 94 -15.99 5.88 6.87
N ALA G 95 -16.80 6.94 6.83
CA ALA G 95 -17.04 7.67 5.58
C ALA G 95 -15.75 8.24 4.99
N GLN G 96 -14.81 8.67 5.84
CA GLN G 96 -13.49 9.09 5.39
C GLN G 96 -12.71 7.94 4.73
N GLN G 97 -12.69 6.74 5.32
CA GLN G 97 -12.08 5.54 4.75
C GLN G 97 -12.77 5.02 3.48
N LEU G 98 -14.09 5.17 3.35
CA LEU G 98 -14.83 4.77 2.16
C LEU G 98 -14.42 5.62 0.96
N PHE G 99 -14.31 6.93 1.13
CA PHE G 99 -13.96 7.86 0.05
C PHE G 99 -12.46 8.13 -0.10
N ALA G 100 -11.62 7.67 0.81
CA ALA G 100 -10.15 7.68 0.68
C ALA G 100 -9.63 6.65 -0.34
N SER G 101 -10.18 6.63 -1.55
CA SER G 101 -9.81 5.75 -2.65
C SER G 101 -10.15 6.40 -4.00
N ALA G 102 -9.51 5.94 -5.08
CA ALA G 102 -9.61 6.56 -6.41
C ALA G 102 -11.00 6.43 -7.05
N ASP G 103 -11.74 5.37 -6.73
CA ASP G 103 -13.05 5.03 -7.28
C ASP G 103 -14.17 5.92 -6.72
N GLY G 104 -14.80 6.70 -7.58
CA GLY G 104 -15.99 7.48 -7.25
C GLY G 104 -17.23 6.59 -7.15
N LEU G 105 -18.03 6.82 -6.13
CA LEU G 105 -19.15 5.97 -5.74
C LEU G 105 -20.48 6.70 -5.96
N THR G 106 -21.47 5.96 -6.41
CA THR G 106 -22.89 6.35 -6.37
C THR G 106 -23.58 5.64 -5.21
N TYR G 107 -24.81 6.01 -4.90
CA TYR G 107 -25.55 5.41 -3.79
C TYR G 107 -25.71 3.88 -3.89
N ASN G 108 -25.69 3.30 -5.09
CA ASN G 108 -25.78 1.85 -5.27
C ASN G 108 -24.50 1.12 -4.85
N ASP G 109 -23.36 1.80 -4.81
CA ASP G 109 -22.06 1.18 -4.57
C ASP G 109 -21.74 0.91 -3.11
N PHE G 110 -22.57 1.33 -2.16
CA PHE G 110 -22.31 1.18 -0.73
C PHE G 110 -23.58 0.94 0.08
N LEU G 111 -23.45 0.40 1.28
CA LEU G 111 -24.49 0.28 2.29
C LEU G 111 -24.05 0.94 3.59
N ILE G 112 -25.01 1.39 4.39
CA ILE G 112 -24.79 1.85 5.77
C ILE G 112 -24.98 0.64 6.68
N LEU G 113 -24.04 0.33 7.55
CA LEU G 113 -24.18 -0.81 8.46
C LEU G 113 -25.14 -0.47 9.61
N PRO G 114 -26.03 -1.38 10.04
CA PRO G 114 -27.00 -1.12 11.10
C PRO G 114 -26.35 -0.95 12.48
N GLY G 115 -26.96 -0.11 13.31
CA GLY G 115 -26.49 0.26 14.65
C GLY G 115 -27.28 -0.38 15.78
N PHE G 116 -27.48 0.36 16.87
CA PHE G 116 -28.26 -0.03 18.04
C PHE G 116 -29.56 0.77 18.13
N ILE G 117 -30.70 0.09 18.23
CA ILE G 117 -32.02 0.74 18.26
C ILE G 117 -32.53 0.86 19.70
N ASP G 118 -32.79 2.07 20.15
CA ASP G 118 -33.34 2.35 21.48
C ASP G 118 -34.56 3.28 21.48
N PHE G 119 -35.23 3.43 20.33
CA PHE G 119 -36.33 4.37 20.11
C PHE G 119 -37.28 3.89 19.00
N ILE G 120 -38.51 4.38 19.01
CA ILE G 120 -39.54 4.14 17.99
C ILE G 120 -39.28 4.99 16.73
N ALA G 121 -39.50 4.47 15.53
CA ALA G 121 -39.20 5.19 14.28
C ALA G 121 -40.02 6.49 14.15
N ASP G 122 -41.28 6.48 14.54
CA ASP G 122 -42.16 7.65 14.56
C ASP G 122 -41.66 8.80 15.46
N GLU G 123 -40.70 8.54 16.35
CA GLU G 123 -40.04 9.54 17.21
C GLU G 123 -38.87 10.28 16.51
N VAL G 124 -38.35 9.79 15.38
CA VAL G 124 -37.18 10.36 14.68
C VAL G 124 -37.44 11.77 14.15
N ASP G 125 -36.59 12.72 14.54
CA ASP G 125 -36.66 14.12 14.13
C ASP G 125 -35.99 14.38 12.77
N LEU G 126 -36.74 14.92 11.81
CA LEU G 126 -36.29 15.21 10.45
C LEU G 126 -35.98 16.70 10.19
N THR G 127 -35.97 17.57 11.20
CA THR G 127 -35.67 18.98 10.97
C THR G 127 -34.27 19.18 10.37
N SER G 128 -34.13 20.10 9.42
CA SER G 128 -32.86 20.33 8.73
C SER G 128 -32.72 21.76 8.22
N ALA G 129 -31.50 22.21 7.95
CA ALA G 129 -31.22 23.52 7.40
C ALA G 129 -31.34 23.52 5.88
N LEU G 130 -32.03 24.49 5.31
CA LEU G 130 -32.00 24.78 3.87
C LEU G 130 -30.86 25.75 3.56
N THR G 131 -30.75 26.81 4.36
CA THR G 131 -29.70 27.84 4.26
C THR G 131 -29.14 28.13 5.66
N ARG G 132 -28.25 29.11 5.79
CA ARG G 132 -27.79 29.63 7.08
C ARG G 132 -28.92 30.11 8.02
N LYS G 133 -30.06 30.59 7.50
CA LYS G 133 -31.17 31.18 8.30
C LYS G 133 -32.53 30.49 8.20
N ILE G 134 -32.74 29.64 7.19
CA ILE G 134 -34.02 28.94 6.94
C ILE G 134 -33.88 27.47 7.31
N THR G 135 -34.79 26.97 8.13
CA THR G 135 -34.88 25.56 8.51
C THR G 135 -36.28 25.01 8.22
N LEU G 136 -36.31 23.77 7.76
CA LEU G 136 -37.51 23.03 7.40
C LEU G 136 -37.75 21.92 8.43
N LYS G 137 -39.00 21.48 8.59
CA LYS G 137 -39.33 20.32 9.42
C LYS G 137 -39.22 18.99 8.66
N THR G 138 -39.02 19.03 7.34
CA THR G 138 -38.82 17.86 6.48
C THR G 138 -37.74 18.15 5.45
N PRO G 139 -36.83 17.22 5.12
CA PRO G 139 -35.67 17.44 4.26
C PRO G 139 -35.96 17.43 2.75
N LEU G 140 -37.22 17.48 2.33
CA LEU G 140 -37.65 17.26 0.96
C LEU G 140 -37.95 18.59 0.29
N ILE G 141 -37.42 18.76 -0.90
CA ILE G 141 -37.57 19.95 -1.73
C ILE G 141 -38.09 19.54 -3.11
N SER G 142 -38.98 20.30 -3.75
CA SER G 142 -39.33 20.06 -5.14
C SER G 142 -38.41 20.83 -6.08
N SER G 143 -37.82 20.14 -7.05
CA SER G 143 -36.83 20.74 -7.95
C SER G 143 -37.38 21.91 -8.80
N PRO G 144 -36.55 22.91 -9.15
CA PRO G 144 -36.91 24.03 -10.03
C PRO G 144 -36.95 23.60 -11.51
N MET G 145 -37.74 22.58 -11.83
CA MET G 145 -38.00 22.12 -13.19
C MET G 145 -39.40 22.49 -13.63
N ASP G 146 -39.54 22.93 -14.88
CA ASP G 146 -40.80 23.37 -15.50
C ASP G 146 -41.88 22.29 -15.58
N THR G 147 -41.44 21.05 -15.54
CA THR G 147 -42.25 19.84 -15.47
C THR G 147 -42.73 19.52 -14.07
N VAL G 148 -42.30 20.26 -13.04
CA VAL G 148 -42.47 19.89 -11.63
C VAL G 148 -43.09 20.99 -10.80
N THR G 149 -42.48 22.18 -10.72
CA THR G 149 -42.78 23.14 -9.66
C THR G 149 -43.33 24.46 -10.18
N GLU G 150 -44.66 24.57 -10.13
CA GLU G 150 -45.40 25.83 -10.13
C GLU G 150 -46.14 26.00 -8.78
N ALA G 151 -46.99 27.01 -8.61
CA ALA G 151 -47.44 27.43 -7.28
C ALA G 151 -48.20 26.37 -6.46
N ASP G 152 -49.06 25.59 -7.09
CA ASP G 152 -49.79 24.52 -6.40
C ASP G 152 -48.85 23.41 -5.91
N MET G 153 -47.81 23.08 -6.68
CA MET G 153 -46.76 22.18 -6.19
C MET G 153 -45.99 22.80 -5.03
N ALA G 154 -45.61 24.07 -5.13
CA ALA G 154 -44.90 24.74 -4.05
C ALA G 154 -45.73 24.88 -2.76
N ILE G 155 -47.04 25.13 -2.86
CA ILE G 155 -47.97 25.13 -1.72
C ILE G 155 -48.00 23.75 -1.06
N ALA G 156 -48.21 22.68 -1.83
CA ALA G 156 -48.29 21.35 -1.24
C ALA G 156 -46.99 20.98 -0.52
N MET G 157 -45.82 21.23 -1.14
CA MET G 157 -44.52 21.06 -0.49
C MET G 157 -44.38 21.83 0.82
N ALA G 158 -44.69 23.12 0.83
CA ALA G 158 -44.54 23.93 2.03
C ALA G 158 -45.47 23.47 3.17
N LEU G 159 -46.73 23.13 2.87
CA LEU G 159 -47.65 22.60 3.87
C LEU G 159 -47.17 21.29 4.47
N MET G 160 -46.54 20.43 3.67
CA MET G 160 -45.93 19.21 4.16
C MET G 160 -44.64 19.42 4.98
N GLY G 161 -44.12 20.64 5.10
CA GLY G 161 -42.89 20.94 5.83
C GLY G 161 -41.61 20.91 5.02
N GLY G 162 -41.70 20.77 3.70
CA GLY G 162 -40.60 20.99 2.77
C GLY G 162 -40.58 22.42 2.23
N ILE G 163 -40.10 22.61 1.02
CA ILE G 163 -40.24 23.84 0.23
C ILE G 163 -40.26 23.48 -1.25
N GLY G 164 -40.87 24.30 -2.10
CA GLY G 164 -40.71 24.20 -3.54
C GLY G 164 -39.96 25.39 -4.10
N PHE G 165 -39.11 25.17 -5.09
CA PHE G 165 -38.51 26.26 -5.87
C PHE G 165 -39.24 26.35 -7.20
N ILE G 166 -39.93 27.45 -7.45
CA ILE G 166 -40.67 27.64 -8.70
C ILE G 166 -39.70 27.80 -9.87
N HIS G 167 -40.00 27.17 -11.00
CA HIS G 167 -39.14 27.20 -12.20
C HIS G 167 -39.11 28.56 -12.89
N HIS G 168 -38.17 28.76 -13.82
CA HIS G 168 -37.99 30.02 -14.54
C HIS G 168 -38.01 29.89 -16.06
N ASN G 169 -38.51 28.77 -16.61
CA ASN G 169 -38.82 28.64 -18.04
C ASN G 169 -40.18 29.31 -18.36
N CYS G 170 -40.33 30.56 -17.93
CA CYS G 170 -41.51 31.40 -18.05
C CYS G 170 -41.12 32.89 -18.04
N THR G 171 -42.01 33.75 -18.52
CA THR G 171 -41.80 35.20 -18.51
C THR G 171 -41.72 35.75 -17.07
N PRO G 172 -40.88 36.75 -16.76
CA PRO G 172 -40.65 37.17 -15.37
C PRO G 172 -41.88 37.48 -14.54
N GLU G 173 -42.92 38.10 -15.11
CA GLU G 173 -44.18 38.35 -14.43
C GLU G 173 -44.94 37.07 -14.05
N PHE G 174 -44.86 36.00 -14.85
CA PHE G 174 -45.53 34.74 -14.53
C PHE G 174 -44.89 34.06 -13.32
N GLN G 175 -43.56 34.04 -13.23
CA GLN G 175 -42.90 33.49 -12.04
C GLN G 175 -43.26 34.34 -10.82
N ALA G 176 -43.23 35.67 -10.93
CA ALA G 176 -43.62 36.55 -9.84
C ALA G 176 -45.07 36.33 -9.39
N ASN G 177 -45.99 36.06 -10.32
CA ASN G 177 -47.38 35.74 -10.01
C ASN G 177 -47.51 34.41 -9.28
N GLU G 178 -46.82 33.36 -9.72
CA GLU G 178 -46.82 32.08 -9.01
C GLU G 178 -46.20 32.20 -7.61
N VAL G 179 -45.15 33.02 -7.42
CA VAL G 179 -44.59 33.27 -6.08
C VAL G 179 -45.59 34.00 -5.19
N ARG G 180 -46.23 35.07 -5.69
CA ARG G 180 -47.30 35.82 -5.00
C ARG G 180 -48.42 34.89 -4.54
N LYS G 181 -48.81 33.96 -5.39
CA LYS G 181 -49.85 32.96 -5.12
C LYS G 181 -49.47 32.04 -3.95
N VAL G 182 -48.23 31.57 -3.88
CA VAL G 182 -47.74 30.78 -2.72
C VAL G 182 -47.77 31.62 -1.45
N LYS G 183 -47.29 32.87 -1.49
CA LYS G 183 -47.21 33.70 -0.28
C LYS G 183 -48.58 34.04 0.29
N LYS G 184 -49.60 34.31 -0.53
CA LYS G 184 -50.94 34.69 -0.04
C LYS G 184 -51.82 33.54 0.46
N PHE G 185 -51.52 32.28 0.16
CA PHE G 185 -52.25 31.10 0.65
C PHE G 185 -52.28 31.06 2.18
N ARG G 306 -56.21 20.72 7.13
CA ARG G 306 -56.22 20.76 8.59
C ARG G 306 -55.07 19.98 9.21
N ASP G 307 -54.72 18.86 8.60
CA ASP G 307 -53.64 17.94 8.96
C ASP G 307 -52.24 18.45 8.55
N TYR G 308 -51.85 19.66 9.02
CA TYR G 308 -50.56 20.28 8.69
C TYR G 308 -49.80 20.86 9.90
N PRO G 309 -49.28 20.02 10.82
CA PRO G 309 -48.45 20.49 11.93
C PRO G 309 -47.10 21.05 11.47
N LEU G 310 -46.52 20.44 10.42
CA LEU G 310 -45.13 20.63 10.00
C LEU G 310 -44.89 21.84 9.07
N ALA G 311 -45.89 22.68 8.83
CA ALA G 311 -45.88 23.67 7.75
C ALA G 311 -44.68 24.62 7.75
N SER G 312 -44.08 24.82 6.58
CA SER G 312 -42.98 25.76 6.37
C SER G 312 -43.49 27.18 6.20
N LYS G 313 -43.44 27.97 7.27
CA LYS G 313 -43.96 29.33 7.34
C LYS G 313 -42.90 30.33 7.77
N ASP G 314 -42.99 31.57 7.29
CA ASP G 314 -42.12 32.68 7.70
C ASP G 314 -42.56 33.34 9.01
N SER G 315 -41.85 34.38 9.44
CA SER G 315 -42.16 35.15 10.66
C SER G 315 -43.53 35.85 10.62
N GLN G 316 -44.11 36.05 9.43
CA GLN G 316 -45.45 36.61 9.24
C GLN G 316 -46.52 35.52 9.01
N LYS G 317 -46.17 34.25 9.24
CA LYS G 317 -47.01 33.04 9.13
C LYS G 317 -47.49 32.70 7.71
N GLN G 318 -46.93 33.32 6.68
CA GLN G 318 -47.14 32.95 5.27
C GLN G 318 -46.24 31.77 4.88
N LEU G 319 -46.63 30.94 3.91
CA LEU G 319 -45.80 29.81 3.47
C LEU G 319 -44.46 30.26 2.89
N LEU G 320 -43.40 29.48 3.09
CA LEU G 320 -42.11 29.71 2.44
C LEU G 320 -42.16 29.36 0.95
N CYS G 321 -41.54 30.19 0.12
CA CYS G 321 -41.44 29.97 -1.31
C CYS G 321 -40.02 30.22 -1.82
N GLY G 322 -39.51 29.29 -2.62
CA GLY G 322 -38.29 29.46 -3.40
C GLY G 322 -38.56 29.85 -4.84
N ALA G 323 -37.60 30.49 -5.49
CA ALA G 323 -37.62 30.80 -6.92
C ALA G 323 -36.29 30.47 -7.57
N ALA G 324 -36.29 30.18 -8.87
CA ALA G 324 -35.09 30.00 -9.66
C ALA G 324 -34.81 31.24 -10.52
N VAL G 325 -33.52 31.55 -10.69
CA VAL G 325 -33.03 32.70 -11.44
C VAL G 325 -31.78 32.27 -12.22
N GLY G 326 -31.57 32.80 -13.42
CA GLY G 326 -30.35 32.57 -14.20
C GLY G 326 -29.25 33.58 -13.87
N THR G 327 -28.16 33.58 -14.64
CA THR G 327 -27.01 34.48 -14.41
C THR G 327 -26.73 35.41 -15.60
N ARG G 328 -27.68 35.53 -16.54
CA ARG G 328 -27.68 36.58 -17.57
C ARG G 328 -28.04 37.94 -16.98
N GLU G 329 -27.86 39.00 -17.75
CA GLU G 329 -28.14 40.37 -17.30
C GLU G 329 -29.63 40.63 -17.03
N ASP G 330 -30.54 40.13 -17.87
CA ASP G 330 -31.98 40.37 -17.72
C ASP G 330 -32.58 39.68 -16.48
N ASP G 331 -31.91 38.67 -15.91
CA ASP G 331 -32.30 38.10 -14.62
C ASP G 331 -32.22 39.10 -13.46
N LYS G 332 -31.46 40.19 -13.57
CA LYS G 332 -31.49 41.27 -12.58
C LYS G 332 -32.86 41.95 -12.49
N TYR G 333 -33.64 41.96 -13.56
CA TYR G 333 -35.02 42.44 -13.57
C TYR G 333 -35.99 41.39 -12.98
N ARG G 334 -35.88 40.13 -13.40
CA ARG G 334 -36.67 39.02 -12.85
C ARG G 334 -36.54 38.94 -11.33
N LEU G 335 -35.33 39.10 -10.80
CA LEU G 335 -35.05 39.08 -9.37
C LEU G 335 -35.79 40.17 -8.58
N ASP G 336 -35.98 41.35 -9.15
CA ASP G 336 -36.76 42.42 -8.53
C ASP G 336 -38.24 42.01 -8.39
N LEU G 337 -38.85 41.50 -9.46
CA LEU G 337 -40.25 41.06 -9.42
C LEU G 337 -40.46 39.92 -8.42
N LEU G 338 -39.55 38.95 -8.36
CA LEU G 338 -39.56 37.89 -7.35
C LEU G 338 -39.42 38.44 -5.93
N THR G 339 -38.67 39.52 -5.76
CA THR G 339 -38.54 40.19 -4.47
C THR G 339 -39.81 40.95 -4.08
N GLN G 340 -40.46 41.67 -5.01
CA GLN G 340 -41.76 42.30 -4.77
C GLN G 340 -42.87 41.29 -4.48
N ALA G 341 -42.84 40.11 -5.12
CA ALA G 341 -43.71 38.99 -4.79
C ALA G 341 -43.44 38.37 -3.39
N GLY G 342 -42.33 38.72 -2.74
CA GLY G 342 -42.01 38.30 -1.37
C GLY G 342 -41.32 36.93 -1.26
N VAL G 343 -40.52 36.53 -2.25
CA VAL G 343 -39.77 35.27 -2.20
C VAL G 343 -38.81 35.19 -0.99
N ASP G 344 -38.63 34.01 -0.42
CA ASP G 344 -37.79 33.79 0.76
C ASP G 344 -36.35 33.37 0.44
N VAL G 345 -36.13 32.67 -0.68
CA VAL G 345 -34.84 32.09 -1.08
C VAL G 345 -34.77 31.93 -2.59
N ILE G 346 -33.61 32.25 -3.16
CA ILE G 346 -33.29 32.19 -4.59
C ILE G 346 -32.32 31.04 -4.84
N VAL G 347 -32.54 30.23 -5.86
CA VAL G 347 -31.53 29.28 -6.34
C VAL G 347 -30.98 29.79 -7.67
N LEU G 348 -29.66 29.93 -7.79
CA LEU G 348 -29.05 30.32 -9.05
C LEU G 348 -28.91 29.08 -9.89
N ASP G 349 -29.61 29.05 -11.01
CA ASP G 349 -29.79 27.84 -11.81
C ASP G 349 -28.76 27.77 -12.95
N SER G 350 -27.71 26.99 -12.77
CA SER G 350 -26.66 26.77 -13.77
C SER G 350 -26.06 25.37 -13.65
N SER G 351 -25.62 24.76 -14.75
CA SER G 351 -25.05 23.40 -14.73
C SER G 351 -23.63 23.34 -14.16
N GLN G 352 -22.91 24.46 -14.19
CA GLN G 352 -21.56 24.62 -13.69
C GLN G 352 -21.51 25.96 -12.98
N GLY G 353 -21.75 25.97 -11.67
CA GLY G 353 -21.98 27.20 -10.90
C GLY G 353 -20.74 28.02 -10.60
N ASN G 354 -19.54 27.46 -10.78
CA ASN G 354 -18.30 28.13 -10.47
C ASN G 354 -17.83 29.05 -11.60
N SER G 355 -18.42 30.23 -11.70
CA SER G 355 -18.15 31.14 -12.81
C SER G 355 -18.16 32.59 -12.34
N VAL G 356 -17.44 33.44 -13.07
CA VAL G 356 -17.47 34.89 -12.85
C VAL G 356 -18.88 35.45 -12.93
N TYR G 357 -19.71 34.90 -13.82
CA TYR G 357 -21.09 35.30 -14.04
C TYR G 357 -21.98 35.02 -12.84
N GLN G 358 -21.86 33.84 -12.25
CA GLN G 358 -22.60 33.50 -11.05
C GLN G 358 -22.08 34.22 -9.81
N ILE G 359 -20.78 34.39 -9.66
CA ILE G 359 -20.19 35.10 -8.53
C ILE G 359 -20.57 36.57 -8.56
N ALA G 360 -20.55 37.21 -9.74
CA ALA G 360 -21.09 38.53 -9.94
C ALA G 360 -22.57 38.63 -9.56
N MET G 361 -23.40 37.64 -9.92
CA MET G 361 -24.79 37.61 -9.49
C MET G 361 -24.93 37.48 -7.96
N VAL G 362 -24.23 36.56 -7.28
CA VAL G 362 -24.31 36.44 -5.80
C VAL G 362 -23.91 37.75 -5.11
N HIS G 363 -22.83 38.40 -5.55
CA HIS G 363 -22.43 39.71 -5.03
C HIS G 363 -23.51 40.78 -5.24
N TYR G 364 -24.14 40.81 -6.40
CA TYR G 364 -25.25 41.71 -6.67
C TYR G 364 -26.46 41.45 -5.75
N ILE G 365 -26.90 40.20 -5.60
CA ILE G 365 -28.05 39.88 -4.73
C ILE G 365 -27.78 40.31 -3.29
N LYS G 366 -26.58 40.02 -2.76
CA LYS G 366 -26.20 40.39 -1.39
C LYS G 366 -26.17 41.89 -1.17
N GLN G 367 -25.67 42.66 -2.13
CA GLN G 367 -25.63 44.12 -2.02
C GLN G 367 -27.03 44.74 -2.13
N LYS G 368 -27.83 44.35 -3.12
CA LYS G 368 -29.13 44.98 -3.42
C LYS G 368 -30.27 44.50 -2.51
N TYR G 369 -30.22 43.26 -2.03
CA TYR G 369 -31.25 42.63 -1.21
C TYR G 369 -30.62 41.93 0.00
N PRO G 370 -30.14 42.66 1.02
CA PRO G 370 -29.36 42.03 2.08
C PRO G 370 -30.14 41.08 2.96
N HIS G 371 -31.46 40.96 2.81
CA HIS G 371 -32.30 40.00 3.55
C HIS G 371 -32.46 38.65 2.81
N LEU G 372 -32.07 38.57 1.54
CA LEU G 372 -32.46 37.47 0.66
C LEU G 372 -31.41 36.36 0.70
N GLN G 373 -31.85 35.11 0.81
CA GLN G 373 -30.96 33.97 0.89
C GLN G 373 -30.75 33.39 -0.49
N VAL G 374 -29.50 33.04 -0.81
CA VAL G 374 -29.11 32.55 -2.13
C VAL G 374 -28.49 31.17 -2.04
N ILE G 375 -28.86 30.29 -2.97
CA ILE G 375 -28.31 28.96 -3.10
C ILE G 375 -27.53 28.87 -4.42
N GLY G 376 -26.29 28.41 -4.34
CA GLY G 376 -25.32 28.54 -5.42
C GLY G 376 -25.28 27.39 -6.42
N GLY G 377 -25.82 27.63 -7.62
CA GLY G 377 -25.39 26.95 -8.85
C GLY G 377 -25.60 25.46 -8.86
N ASN G 378 -24.71 24.76 -9.54
CA ASN G 378 -24.38 23.39 -9.23
C ASN G 378 -22.87 23.29 -9.03
N VAL G 379 -22.44 22.52 -8.03
CA VAL G 379 -21.04 22.22 -7.74
C VAL G 379 -20.86 20.75 -7.42
N VAL G 380 -19.68 20.19 -7.68
CA VAL G 380 -19.32 18.80 -7.39
C VAL G 380 -17.94 18.66 -6.78
N THR G 381 -17.14 19.72 -6.70
CA THR G 381 -15.84 19.75 -6.03
C THR G 381 -15.75 20.82 -4.97
N ALA G 382 -14.89 20.63 -3.99
CA ALA G 382 -14.65 21.59 -2.91
C ALA G 382 -14.05 22.92 -3.39
N ALA G 383 -13.35 22.95 -4.52
CA ALA G 383 -12.83 24.16 -5.13
C ALA G 383 -13.93 25.11 -5.65
N GLN G 384 -14.91 24.52 -6.35
CA GLN G 384 -16.11 25.23 -6.74
C GLN G 384 -16.88 25.73 -5.52
N ALA G 385 -17.02 24.89 -4.50
CA ALA G 385 -17.70 25.24 -3.26
C ALA G 385 -17.00 26.42 -2.56
N LYS G 386 -15.67 26.44 -2.50
CA LYS G 386 -14.89 27.56 -1.96
C LYS G 386 -15.22 28.87 -2.66
N ASN G 387 -15.11 28.95 -3.98
CA ASN G 387 -15.34 30.22 -4.68
C ASN G 387 -16.76 30.77 -4.47
N LEU G 388 -17.77 29.91 -4.33
CA LEU G 388 -19.13 30.36 -4.04
C LEU G 388 -19.34 30.68 -2.56
N ILE G 389 -18.79 29.92 -1.62
CA ILE G 389 -18.87 30.24 -0.19
C ILE G 389 -18.17 31.56 0.10
N ASP G 390 -17.06 31.84 -0.59
CA ASP G 390 -16.34 33.10 -0.57
C ASP G 390 -17.14 34.27 -1.17
N ALA G 391 -17.98 34.04 -2.20
CA ALA G 391 -18.89 35.05 -2.72
C ALA G 391 -20.03 35.44 -1.76
N GLY G 392 -20.23 34.66 -0.69
CA GLY G 392 -21.22 34.91 0.35
C GLY G 392 -22.53 34.16 0.18
N VAL G 393 -22.56 33.06 -0.57
CA VAL G 393 -23.75 32.20 -0.76
C VAL G 393 -24.20 31.49 0.54
N ASP G 394 -25.49 31.22 0.72
CA ASP G 394 -26.07 30.68 1.97
C ASP G 394 -26.35 29.17 1.96
N GLY G 395 -26.34 28.55 0.78
CA GLY G 395 -26.42 27.12 0.56
C GLY G 395 -25.79 26.77 -0.77
N LEU G 396 -25.58 25.49 -1.05
CA LEU G 396 -25.08 25.01 -2.34
C LEU G 396 -25.94 23.85 -2.82
N ARG G 397 -26.11 23.72 -4.14
CA ARG G 397 -26.73 22.56 -4.77
C ARG G 397 -25.65 21.68 -5.36
N VAL G 398 -25.69 20.39 -5.06
CA VAL G 398 -24.66 19.43 -5.47
C VAL G 398 -25.21 18.45 -6.48
N GLY G 399 -24.52 18.30 -7.61
CA GLY G 399 -25.04 17.49 -8.69
C GLY G 399 -24.47 17.89 -10.03
N MET G 400 -24.25 16.97 -10.97
CA MET G 400 -23.84 17.31 -12.35
C MET G 400 -24.16 16.18 -13.33
N GLU G 410 -22.46 12.99 -21.19
CA GLU G 410 -22.59 12.36 -22.51
C GLU G 410 -22.25 13.37 -23.63
N VAL G 411 -22.67 14.62 -23.46
CA VAL G 411 -22.26 15.79 -24.24
C VAL G 411 -21.42 16.71 -23.35
N MET G 412 -21.13 16.30 -22.11
CA MET G 412 -20.56 17.16 -21.06
C MET G 412 -19.07 16.91 -20.80
N ALA G 413 -18.58 15.66 -20.92
CA ALA G 413 -17.22 15.19 -20.61
C ALA G 413 -16.75 15.34 -19.14
N CYS G 414 -17.26 16.33 -18.41
CA CYS G 414 -16.92 16.62 -17.03
C CYS G 414 -18.16 16.52 -16.14
N GLY G 415 -17.96 16.15 -14.88
CA GLY G 415 -19.02 15.80 -13.94
C GLY G 415 -18.49 15.02 -12.75
N ARG G 416 -19.35 14.35 -11.98
CA ARG G 416 -18.91 13.48 -10.89
C ARG G 416 -19.95 12.41 -10.49
N PRO G 417 -19.52 11.24 -9.98
CA PRO G 417 -20.39 10.31 -9.25
C PRO G 417 -21.05 10.95 -8.02
N GLN G 418 -22.37 10.84 -7.92
CA GLN G 418 -23.14 11.70 -7.02
C GLN G 418 -22.92 11.43 -5.52
N GLY G 419 -22.65 10.20 -5.11
CA GLY G 419 -22.33 9.87 -3.70
C GLY G 419 -21.01 10.52 -3.26
N THR G 420 -19.96 10.40 -4.07
CA THR G 420 -18.71 11.11 -3.83
C THR G 420 -18.87 12.62 -3.86
N ALA G 421 -19.62 13.18 -4.81
CA ALA G 421 -19.85 14.63 -4.88
C ALA G 421 -20.55 15.17 -3.63
N VAL G 422 -21.60 14.50 -3.15
CA VAL G 422 -22.30 14.91 -1.93
C VAL G 422 -21.37 14.85 -0.73
N TYR G 423 -20.62 13.78 -0.52
CA TYR G 423 -19.70 13.72 0.60
C TYR G 423 -18.57 14.78 0.52
N LYS G 424 -17.87 14.93 -0.60
CA LYS G 424 -16.75 15.86 -0.74
C LYS G 424 -17.17 17.31 -0.55
N VAL G 425 -18.24 17.75 -1.20
CA VAL G 425 -18.73 19.13 -1.04
C VAL G 425 -19.32 19.36 0.35
N ALA G 426 -20.05 18.41 0.93
CA ALA G 426 -20.61 18.59 2.27
C ALA G 426 -19.53 18.67 3.35
N GLU G 427 -18.48 17.85 3.27
CA GLU G 427 -17.36 17.92 4.22
C GLU G 427 -16.67 19.27 4.16
N TYR G 428 -16.45 19.83 2.97
CA TYR G 428 -15.92 21.17 2.83
C TYR G 428 -16.87 22.25 3.36
N ALA G 429 -18.14 22.26 2.95
CA ALA G 429 -19.09 23.29 3.33
C ALA G 429 -19.42 23.31 4.83
N ARG G 430 -19.39 22.14 5.48
CA ARG G 430 -19.56 21.95 6.93
C ARG G 430 -18.53 22.73 7.77
N ARG G 431 -17.34 22.99 7.24
CA ARG G 431 -16.31 23.84 7.86
C ARG G 431 -16.74 25.30 8.04
N PHE G 432 -17.71 25.75 7.26
CA PHE G 432 -18.22 27.13 7.23
C PHE G 432 -19.68 27.25 7.69
N GLY G 433 -20.30 26.16 8.12
CA GLY G 433 -21.71 26.11 8.47
C GLY G 433 -22.67 26.35 7.30
N VAL G 434 -22.32 25.91 6.09
CA VAL G 434 -23.16 26.05 4.90
C VAL G 434 -23.87 24.73 4.59
N PRO G 435 -25.21 24.69 4.49
CA PRO G 435 -25.93 23.47 4.18
C PRO G 435 -25.87 23.11 2.69
N ILE G 436 -26.02 21.82 2.39
CA ILE G 436 -25.94 21.25 1.04
C ILE G 436 -27.28 20.64 0.65
N ILE G 437 -27.74 20.91 -0.56
CA ILE G 437 -28.83 20.19 -1.21
C ILE G 437 -28.27 19.12 -2.14
N ALA G 438 -28.62 17.86 -1.94
CA ALA G 438 -28.32 16.77 -2.88
C ALA G 438 -29.36 16.75 -4.02
N ASP G 439 -28.95 16.90 -5.27
CA ASP G 439 -29.88 17.02 -6.39
C ASP G 439 -29.52 15.99 -7.46
N GLY G 440 -30.44 15.08 -7.74
CA GLY G 440 -30.26 14.04 -8.75
C GLY G 440 -29.56 12.80 -8.21
N GLY G 441 -29.65 11.71 -8.96
CA GLY G 441 -29.23 10.37 -8.50
C GLY G 441 -30.18 9.73 -7.49
N ILE G 442 -31.28 10.39 -7.17
CA ILE G 442 -32.22 9.97 -6.13
C ILE G 442 -33.43 9.33 -6.80
N GLN G 443 -33.73 8.09 -6.41
CA GLN G 443 -34.79 7.27 -7.02
C GLN G 443 -35.63 6.50 -5.98
N THR G 444 -35.04 6.12 -4.85
CA THR G 444 -35.68 5.29 -3.83
C THR G 444 -35.51 5.94 -2.47
N VAL G 445 -36.33 5.55 -1.48
CA VAL G 445 -36.11 5.99 -0.09
C VAL G 445 -34.69 5.68 0.38
N GLY G 446 -34.10 4.57 -0.06
CA GLY G 446 -32.75 4.19 0.31
C GLY G 446 -31.70 5.20 -0.15
N HIS G 447 -31.85 5.77 -1.34
CA HIS G 447 -31.00 6.86 -1.82
C HIS G 447 -31.20 8.16 -1.04
N VAL G 448 -32.41 8.44 -0.54
CA VAL G 448 -32.67 9.62 0.30
C VAL G 448 -31.94 9.46 1.62
N VAL G 449 -32.01 8.30 2.27
CA VAL G 449 -31.31 8.04 3.54
C VAL G 449 -29.80 8.07 3.37
N LYS G 450 -29.26 7.52 2.27
CA LYS G 450 -27.83 7.60 1.95
C LYS G 450 -27.35 9.01 1.69
N ALA G 451 -28.03 9.79 0.87
CA ALA G 451 -27.65 11.18 0.63
C ALA G 451 -27.67 11.98 1.93
N LEU G 452 -28.68 11.77 2.77
CA LEU G 452 -28.78 12.45 4.08
C LEU G 452 -27.62 12.03 4.97
N ALA G 453 -27.32 10.74 5.06
CA ALA G 453 -26.25 10.23 5.90
C ALA G 453 -24.87 10.72 5.46
N LEU G 454 -24.62 10.94 4.16
CA LEU G 454 -23.36 11.47 3.61
C LEU G 454 -23.19 12.98 3.79
N GLY G 455 -24.13 13.68 4.42
CA GLY G 455 -23.94 15.07 4.82
C GLY G 455 -24.79 16.10 4.10
N ALA G 456 -25.63 15.72 3.14
CA ALA G 456 -26.65 16.62 2.62
C ALA G 456 -27.64 16.97 3.73
N SER G 457 -28.04 18.24 3.84
CA SER G 457 -29.07 18.65 4.81
C SER G 457 -30.48 18.43 4.25
N THR G 458 -30.62 18.46 2.93
CA THR G 458 -31.88 18.36 2.22
C THR G 458 -31.66 17.65 0.89
N VAL G 459 -32.71 17.02 0.40
CA VAL G 459 -32.71 16.28 -0.86
C VAL G 459 -33.76 16.89 -1.76
N MET G 460 -33.42 17.10 -3.02
CA MET G 460 -34.29 17.69 -4.01
C MET G 460 -34.92 16.60 -4.87
N MET G 461 -36.19 16.26 -4.58
CA MET G 461 -36.99 15.32 -5.35
C MET G 461 -37.17 15.90 -6.76
N GLY G 462 -36.63 15.22 -7.79
CA GLY G 462 -36.70 15.81 -9.09
C GLY G 462 -37.86 15.35 -9.94
N SER G 463 -37.97 14.04 -10.14
CA SER G 463 -38.99 13.48 -11.00
C SER G 463 -40.00 12.64 -10.24
N LEU G 464 -39.63 12.04 -9.11
CA LEU G 464 -40.57 11.29 -8.24
C LEU G 464 -41.84 12.10 -7.89
N LEU G 465 -41.72 13.43 -7.80
CA LEU G 465 -42.86 14.33 -7.70
C LEU G 465 -43.57 14.52 -9.05
N ALA G 466 -42.84 14.53 -10.17
CA ALA G 466 -43.51 14.66 -11.47
C ALA G 466 -44.41 13.45 -11.64
N ALA G 467 -45.45 13.56 -12.48
CA ALA G 467 -46.50 12.55 -12.58
C ALA G 467 -47.19 12.30 -11.22
N THR G 468 -47.57 13.41 -10.59
CA THR G 468 -48.53 13.49 -9.47
C THR G 468 -49.51 14.63 -9.76
N THR G 469 -50.62 14.66 -9.03
CA THR G 469 -51.72 15.62 -9.20
C THR G 469 -51.26 17.08 -9.15
N GLU G 470 -50.26 17.39 -8.34
CA GLU G 470 -49.75 18.76 -8.16
C GLU G 470 -48.91 19.28 -9.33
N ALA G 471 -48.26 18.41 -10.10
CA ALA G 471 -47.38 18.83 -11.18
C ALA G 471 -48.21 19.43 -12.32
N PRO G 472 -47.66 20.41 -13.06
CA PRO G 472 -48.25 20.98 -14.26
C PRO G 472 -48.76 19.94 -15.28
N GLY G 526 -50.27 10.13 -8.42
CA GLY G 526 -50.48 10.24 -6.99
C GLY G 526 -50.79 11.65 -6.50
N SER G 527 -50.60 11.90 -5.20
CA SER G 527 -50.81 13.21 -4.56
C SER G 527 -49.67 13.52 -3.59
N ILE G 528 -49.14 14.75 -3.61
CA ILE G 528 -48.06 15.17 -2.70
C ILE G 528 -48.48 15.00 -1.23
N GLN G 529 -49.75 15.26 -0.92
CA GLN G 529 -50.34 15.11 0.41
C GLN G 529 -50.28 13.67 0.96
N LYS G 530 -50.05 12.67 0.10
CA LYS G 530 -50.00 11.24 0.45
C LYS G 530 -48.61 10.61 0.17
N PHE G 531 -47.93 11.03 -0.90
CA PHE G 531 -46.62 10.52 -1.26
C PHE G 531 -45.50 11.01 -0.33
N VAL G 532 -45.44 12.29 0.06
CA VAL G 532 -44.34 12.71 0.95
C VAL G 532 -44.47 12.17 2.38
N PRO G 533 -45.65 11.89 2.97
CA PRO G 533 -45.76 11.06 4.17
C PRO G 533 -45.16 9.66 4.01
N TYR G 534 -45.26 9.04 2.84
CA TYR G 534 -44.62 7.76 2.56
C TYR G 534 -43.09 7.88 2.55
N LEU G 535 -42.54 8.91 1.89
CA LEU G 535 -41.10 9.21 1.96
C LEU G 535 -40.66 9.47 3.39
N ILE G 536 -41.37 10.29 4.15
CA ILE G 536 -41.07 10.65 5.55
C ILE G 536 -41.05 9.39 6.42
N ALA G 537 -42.06 8.53 6.36
CA ALA G 537 -42.08 7.28 7.13
C ALA G 537 -40.93 6.33 6.74
N GLY G 538 -40.57 6.30 5.45
CA GLY G 538 -39.43 5.55 4.95
C GLY G 538 -38.09 6.07 5.47
N ILE G 539 -37.86 7.40 5.46
CA ILE G 539 -36.66 8.03 6.04
C ILE G 539 -36.57 7.75 7.54
N GLN G 540 -37.69 7.78 8.27
CA GLN G 540 -37.70 7.50 9.70
C GLN G 540 -37.37 6.03 10.02
N HIS G 541 -37.86 5.07 9.26
CA HIS G 541 -37.43 3.67 9.38
C HIS G 541 -35.96 3.48 9.01
N GLY G 542 -35.47 4.16 7.97
CA GLY G 542 -34.06 4.16 7.66
C GLY G 542 -33.24 4.66 8.81
N CYS G 543 -33.53 5.82 9.38
CA CYS G 543 -32.78 6.31 10.55
C CYS G 543 -32.89 5.40 11.78
N GLN G 544 -34.04 4.77 11.99
CA GLN G 544 -34.20 3.82 13.06
C GLN G 544 -33.28 2.59 12.88
N ASP G 545 -33.17 2.00 11.69
CA ASP G 545 -32.27 0.87 11.46
C ASP G 545 -30.80 1.23 11.67
N ILE G 546 -30.43 2.44 11.29
CA ILE G 546 -29.11 3.04 11.50
C ILE G 546 -28.86 3.34 13.00
N GLY G 547 -29.91 3.52 13.79
CA GLY G 547 -29.81 3.84 15.22
C GLY G 547 -29.60 5.33 15.52
N ALA G 548 -30.01 6.22 14.62
CA ALA G 548 -29.92 7.68 14.79
C ALA G 548 -31.28 8.32 15.12
N ARG G 549 -31.40 9.02 16.26
CA ARG G 549 -32.65 9.65 16.73
C ARG G 549 -33.11 10.88 15.91
N SER G 550 -32.24 11.43 15.09
CA SER G 550 -32.39 12.68 14.39
C SER G 550 -31.46 12.69 13.18
N LEU G 551 -31.75 13.48 12.15
CA LEU G 551 -30.84 13.66 11.02
C LEU G 551 -29.57 14.43 11.38
N SER G 552 -29.59 15.36 12.33
CA SER G 552 -28.36 16.01 12.81
C SER G 552 -27.51 15.05 13.65
N VAL G 553 -28.13 14.17 14.43
CA VAL G 553 -27.46 13.04 15.08
C VAL G 553 -26.83 12.11 14.04
N LEU G 554 -27.58 11.72 13.02
CA LEU G 554 -27.06 10.90 11.92
C LEU G 554 -25.80 11.50 11.30
N ARG G 555 -25.80 12.80 10.96
CA ARG G 555 -24.63 13.44 10.34
C ARG G 555 -23.47 13.55 11.32
N SER G 556 -23.74 13.79 12.59
CA SER G 556 -22.72 13.76 13.64
C SER G 556 -22.07 12.39 13.84
N MET G 557 -22.82 11.28 13.76
CA MET G 557 -22.27 9.92 13.76
C MET G 557 -21.41 9.65 12.53
N MET G 558 -21.76 10.20 11.37
CA MET G 558 -20.98 10.01 10.15
C MET G 558 -19.63 10.73 10.21
N TYR G 559 -19.58 12.00 10.61
CA TYR G 559 -18.32 12.73 10.68
C TYR G 559 -17.40 12.28 11.83
N SER G 560 -17.94 11.69 12.90
CA SER G 560 -17.14 11.20 14.04
C SER G 560 -16.56 9.80 13.84
N GLY G 561 -16.94 9.06 12.81
CA GLY G 561 -16.46 7.71 12.52
C GLY G 561 -17.24 6.58 13.19
N GLU G 562 -18.31 6.91 13.92
CA GLU G 562 -19.20 5.94 14.55
C GLU G 562 -20.08 5.21 13.52
N LEU G 563 -20.65 5.94 12.57
CA LEU G 563 -21.41 5.36 11.48
C LEU G 563 -20.47 4.67 10.51
N LYS G 564 -20.81 3.44 10.12
CA LYS G 564 -19.95 2.57 9.32
C LYS G 564 -20.59 2.22 7.99
N PHE G 565 -19.77 2.03 6.98
CA PHE G 565 -20.15 1.82 5.60
C PHE G 565 -19.46 0.59 5.05
N GLU G 566 -20.08 -0.06 4.10
CA GLU G 566 -19.46 -1.15 3.34
C GLU G 566 -19.66 -0.90 1.85
N LYS G 567 -18.62 -1.15 1.06
CA LYS G 567 -18.66 -1.08 -0.39
C LYS G 567 -19.27 -2.35 -0.96
N ARG G 568 -20.08 -2.27 -2.01
CA ARG G 568 -20.68 -3.39 -2.74
C ARG G 568 -20.03 -3.54 -4.11
N THR G 569 -19.39 -4.66 -4.40
CA THR G 569 -19.08 -5.03 -5.78
C THR G 569 -20.37 -5.31 -6.57
N MET G 570 -20.36 -5.30 -7.90
CA MET G 570 -21.58 -5.40 -8.73
C MET G 570 -22.45 -6.61 -8.38
N SER G 571 -21.85 -7.77 -8.17
CA SER G 571 -22.52 -8.98 -7.69
C SER G 571 -23.33 -8.78 -6.40
N ALA G 572 -22.82 -7.98 -5.46
CA ALA G 572 -23.52 -7.66 -4.22
C ALA G 572 -24.66 -6.66 -4.42
N GLN G 573 -24.53 -5.74 -5.37
CA GLN G 573 -25.65 -4.89 -5.81
C GLN G 573 -26.76 -5.77 -6.43
N ILE G 574 -26.40 -6.78 -7.23
CA ILE G 574 -27.32 -7.72 -7.87
C ILE G 574 -28.04 -8.62 -6.84
N GLU G 575 -27.35 -9.16 -5.85
CA GLU G 575 -27.96 -10.06 -4.86
C GLU G 575 -28.89 -9.34 -3.87
N GLY G 576 -28.73 -8.02 -3.68
CA GLY G 576 -29.75 -7.16 -3.05
C GLY G 576 -30.88 -6.78 -4.02
N GLY G 577 -30.56 -6.39 -5.25
CA GLY G 577 -31.49 -6.06 -6.33
C GLY G 577 -31.47 -4.57 -6.68
N VAL G 578 -31.00 -4.22 -7.89
CA VAL G 578 -30.82 -2.82 -8.34
C VAL G 578 -31.08 -2.58 -9.84
N HIS G 579 -31.08 -3.62 -10.68
CA HIS G 579 -31.14 -3.52 -12.15
C HIS G 579 -31.69 -4.81 -12.78
N HIS H 29 -6.78 -30.39 13.63
CA HIS H 29 -7.00 -31.23 12.44
C HIS H 29 -5.68 -31.59 11.78
N GLU H 30 -5.59 -32.72 11.08
CA GLU H 30 -4.42 -33.08 10.27
C GLU H 30 -4.39 -32.24 8.99
N THR H 31 -3.37 -31.38 8.82
CA THR H 31 -3.23 -30.55 7.62
C THR H 31 -2.93 -31.37 6.37
N ALA H 32 -3.13 -30.83 5.17
CA ALA H 32 -2.88 -31.53 3.92
C ALA H 32 -1.46 -32.13 3.83
N ALA H 33 -0.44 -31.41 4.32
CA ALA H 33 0.93 -31.91 4.40
C ALA H 33 1.06 -33.13 5.34
N GLN H 34 0.40 -33.09 6.50
CA GLN H 34 0.39 -34.22 7.43
C GLN H 34 -0.35 -35.43 6.85
N ARG H 35 -1.51 -35.24 6.22
CA ARG H 35 -2.28 -36.34 5.62
C ARG H 35 -1.54 -36.96 4.43
N TYR H 36 -0.97 -36.14 3.56
CA TYR H 36 -0.14 -36.61 2.45
C TYR H 36 1.07 -37.40 2.94
N SER H 37 1.90 -36.82 3.81
CA SER H 37 3.09 -37.49 4.33
C SER H 37 2.78 -38.76 5.13
N ALA H 38 1.72 -38.78 5.93
CA ALA H 38 1.29 -39.99 6.64
C ALA H 38 0.87 -41.12 5.68
N ARG H 39 0.08 -40.82 4.64
CA ARG H 39 -0.35 -41.84 3.67
C ARG H 39 0.72 -42.22 2.65
N LEU H 40 1.74 -41.41 2.43
CA LEU H 40 2.93 -41.79 1.65
C LEU H 40 3.80 -42.86 2.35
N LEU H 41 3.57 -43.18 3.62
CA LEU H 41 4.14 -44.35 4.30
C LEU H 41 3.43 -45.69 3.98
N GLN H 42 2.30 -45.69 3.28
CA GLN H 42 1.53 -46.91 2.94
C GLN H 42 2.15 -47.73 1.79
N ALA H 43 3.24 -47.28 1.20
CA ALA H 43 4.08 -47.97 0.21
C ALA H 43 5.55 -47.51 0.35
N GLY H 44 6.48 -47.94 -0.53
CA GLY H 44 7.88 -47.62 -0.39
C GLY H 44 8.27 -46.27 -0.96
N TYR H 45 7.48 -45.23 -0.69
CA TYR H 45 7.68 -43.85 -1.15
C TYR H 45 7.88 -42.89 0.03
N MET H 76 13.97 -38.92 6.30
CA MET H 76 14.72 -38.35 7.41
C MET H 76 15.34 -36.98 7.05
N ALA H 77 15.84 -36.26 8.06
CA ALA H 77 16.23 -34.85 8.08
C ALA H 77 15.08 -33.87 7.84
N ASP H 78 14.12 -34.14 6.97
CA ASP H 78 12.90 -33.34 6.81
C ASP H 78 12.07 -33.26 8.09
N TYR H 79 11.93 -34.37 8.81
CA TYR H 79 11.28 -34.44 10.12
C TYR H 79 12.02 -33.61 11.18
N LEU H 80 13.35 -33.63 11.17
CA LEU H 80 14.16 -32.77 12.04
C LEU H 80 14.17 -31.31 11.62
N ILE H 81 13.92 -30.98 10.35
CA ILE H 81 13.83 -29.60 9.89
C ILE H 81 12.54 -28.96 10.41
N SER H 82 11.34 -29.52 10.18
CA SER H 82 10.11 -28.92 10.74
C SER H 82 8.96 -29.88 11.04
N GLY H 83 9.25 -31.10 11.51
CA GLY H 83 8.20 -32.05 11.91
C GLY H 83 7.26 -32.42 10.76
N GLY H 84 5.96 -32.33 11.01
CA GLY H 84 4.91 -32.62 10.02
C GLY H 84 4.59 -31.49 9.04
N THR H 85 5.09 -30.27 9.24
CA THR H 85 4.83 -29.11 8.35
C THR H 85 5.73 -29.13 7.10
N GLY H 86 5.68 -30.22 6.35
CA GLY H 86 6.60 -30.61 5.28
C GLY H 86 6.44 -29.93 3.91
N TYR H 87 6.23 -28.61 3.92
CA TYR H 87 6.16 -27.69 2.76
C TYR H 87 4.96 -27.89 1.81
N VAL H 88 4.23 -26.79 1.62
CA VAL H 88 3.24 -26.61 0.56
C VAL H 88 3.53 -25.27 -0.13
N PRO H 89 3.46 -25.17 -1.46
CA PRO H 89 3.60 -23.90 -2.15
C PRO H 89 2.55 -22.88 -1.70
N GLU H 90 2.96 -21.63 -1.47
CA GLU H 90 2.04 -20.54 -1.14
C GLU H 90 1.22 -20.15 -2.36
N ASP H 91 -0.12 -20.17 -2.23
CA ASP H 91 -1.04 -19.89 -3.33
C ASP H 91 -2.44 -19.61 -2.77
N GLY H 92 -3.12 -18.58 -3.26
CA GLY H 92 -4.43 -18.15 -2.77
C GLY H 92 -4.40 -17.36 -1.46
N LEU H 93 -5.51 -16.70 -1.14
CA LEU H 93 -5.69 -15.88 0.05
C LEU H 93 -6.18 -16.73 1.21
N THR H 94 -5.83 -16.40 2.44
CA THR H 94 -6.58 -16.90 3.61
C THR H 94 -7.91 -16.15 3.75
N ALA H 95 -8.87 -16.68 4.51
CA ALA H 95 -10.15 -15.98 4.73
C ALA H 95 -9.95 -14.59 5.34
N GLN H 96 -8.97 -14.43 6.24
CA GLN H 96 -8.59 -13.14 6.77
C GLN H 96 -8.07 -12.18 5.69
N GLN H 97 -7.17 -12.62 4.81
CA GLN H 97 -6.66 -11.84 3.69
C GLN H 97 -7.72 -11.52 2.62
N LEU H 98 -8.71 -12.39 2.41
CA LEU H 98 -9.82 -12.16 1.49
C LEU H 98 -10.72 -11.01 1.98
N PHE H 99 -11.05 -11.00 3.27
CA PHE H 99 -11.94 -10.00 3.85
C PHE H 99 -11.23 -8.75 4.40
N ALA H 100 -9.90 -8.75 4.49
CA ALA H 100 -9.08 -7.57 4.79
C ALA H 100 -9.01 -6.56 3.62
N SER H 101 -10.17 -6.17 3.09
CA SER H 101 -10.32 -5.17 2.02
C SER H 101 -11.68 -4.49 2.12
N ALA H 102 -11.83 -3.31 1.52
CA ALA H 102 -13.02 -2.46 1.62
C ALA H 102 -14.28 -3.08 0.99
N ASP H 103 -14.12 -3.91 -0.04
CA ASP H 103 -15.19 -4.51 -0.84
C ASP H 103 -15.88 -5.68 -0.12
N GLY H 104 -17.18 -5.54 0.14
CA GLY H 104 -18.01 -6.61 0.66
C GLY H 104 -18.34 -7.63 -0.44
N LEU H 105 -18.19 -8.92 -0.11
CA LEU H 105 -18.31 -10.03 -1.04
C LEU H 105 -19.58 -10.83 -0.78
N THR H 106 -20.25 -11.22 -1.86
CA THR H 106 -21.26 -12.27 -1.88
C THR H 106 -20.64 -13.60 -2.24
N TYR H 107 -21.36 -14.71 -2.07
CA TYR H 107 -20.83 -16.03 -2.43
C TYR H 107 -20.38 -16.17 -3.90
N ASN H 108 -20.90 -15.38 -4.83
CA ASN H 108 -20.48 -15.42 -6.23
C ASN H 108 -19.11 -14.78 -6.47
N ASP H 109 -18.62 -13.94 -5.56
CA ASP H 109 -17.39 -13.18 -5.73
C ASP H 109 -16.11 -13.94 -5.41
N PHE H 110 -16.18 -15.16 -4.92
CA PHE H 110 -15.01 -15.94 -4.54
C PHE H 110 -15.19 -17.44 -4.79
N LEU H 111 -14.09 -18.16 -4.89
CA LEU H 111 -14.03 -19.62 -4.93
C LEU H 111 -13.15 -20.11 -3.80
N ILE H 112 -13.45 -21.30 -3.29
CA ILE H 112 -12.57 -22.06 -2.42
C ILE H 112 -11.59 -22.84 -3.32
N LEU H 113 -10.31 -22.82 -3.03
CA LEU H 113 -9.34 -23.58 -3.82
C LEU H 113 -9.32 -25.06 -3.37
N PRO H 114 -9.22 -26.02 -4.30
CA PRO H 114 -9.22 -27.45 -3.96
C PRO H 114 -7.96 -27.88 -3.19
N GLY H 115 -8.13 -28.87 -2.32
CA GLY H 115 -7.08 -29.39 -1.43
C GLY H 115 -6.58 -30.78 -1.82
N PHE H 116 -6.32 -31.63 -0.83
CA PHE H 116 -5.88 -33.01 -0.98
C PHE H 116 -6.97 -34.00 -0.53
N ILE H 117 -7.30 -34.96 -1.37
CA ILE H 117 -8.37 -35.94 -1.09
C ILE H 117 -7.79 -37.28 -0.64
N ASP H 118 -8.11 -37.70 0.57
CA ASP H 118 -7.69 -38.99 1.14
C ASP H 118 -8.87 -39.84 1.64
N PHE H 119 -10.10 -39.54 1.24
CA PHE H 119 -11.32 -40.14 1.76
C PHE H 119 -12.46 -40.12 0.73
N ILE H 120 -13.42 -41.03 0.88
CA ILE H 120 -14.65 -41.13 0.07
C ILE H 120 -15.66 -40.05 0.51
N ALA H 121 -16.39 -39.43 -0.42
CA ALA H 121 -17.31 -38.33 -0.09
C ALA H 121 -18.45 -38.76 0.86
N ASP H 122 -18.96 -39.97 0.69
CA ASP H 122 -19.98 -40.56 1.57
C ASP H 122 -19.53 -40.73 3.03
N GLU H 123 -18.23 -40.61 3.32
CA GLU H 123 -17.66 -40.65 4.67
C GLU H 123 -17.67 -39.27 5.39
N VAL H 124 -17.92 -38.16 4.68
CA VAL H 124 -17.87 -36.80 5.26
C VAL H 124 -18.94 -36.57 6.34
N ASP H 125 -18.51 -36.22 7.55
CA ASP H 125 -19.40 -35.92 8.67
C ASP H 125 -20.01 -34.50 8.61
N LEU H 126 -21.33 -34.39 8.63
CA LEU H 126 -22.07 -33.13 8.56
C LEU H 126 -22.65 -32.66 9.91
N THR H 127 -22.32 -33.29 11.04
CA THR H 127 -22.86 -32.84 12.34
C THR H 127 -22.45 -31.41 12.65
N SER H 128 -23.37 -30.61 13.20
CA SER H 128 -23.13 -29.21 13.49
C SER H 128 -23.96 -28.69 14.67
N ALA H 129 -23.53 -27.57 15.26
CA ALA H 129 -24.24 -26.91 16.35
C ALA H 129 -25.31 -25.95 15.82
N LEU H 130 -26.53 -26.05 16.36
CA LEU H 130 -27.58 -25.05 16.19
C LEU H 130 -27.48 -23.97 17.27
N THR H 131 -27.28 -24.40 18.51
CA THR H 131 -27.10 -23.53 19.69
C THR H 131 -25.95 -24.04 20.54
N ARG H 132 -25.71 -23.44 21.71
CA ARG H 132 -24.74 -23.95 22.69
C ARG H 132 -25.01 -25.38 23.18
N LYS H 133 -26.27 -25.86 23.14
CA LYS H 133 -26.68 -27.19 23.68
C LYS H 133 -27.32 -28.16 22.68
N ILE H 134 -27.82 -27.67 21.53
CA ILE H 134 -28.51 -28.47 20.52
C ILE H 134 -27.59 -28.68 19.32
N THR H 135 -27.42 -29.92 18.90
CA THR H 135 -26.65 -30.29 17.71
C THR H 135 -27.47 -31.15 16.76
N LEU H 136 -27.37 -30.85 15.47
CA LEU H 136 -28.04 -31.54 14.39
C LEU H 136 -27.04 -32.48 13.69
N LYS H 137 -27.54 -33.51 13.01
CA LYS H 137 -26.74 -34.40 12.17
C LYS H 137 -26.62 -33.90 10.72
N THR H 138 -27.36 -32.87 10.35
CA THR H 138 -27.33 -32.21 9.05
C THR H 138 -27.46 -30.69 9.25
N PRO H 139 -26.73 -29.84 8.50
CA PRO H 139 -26.67 -28.39 8.72
C PRO H 139 -27.88 -27.59 8.18
N LEU H 140 -28.96 -28.25 7.78
CA LEU H 140 -30.07 -27.68 7.03
C LEU H 140 -31.23 -27.35 7.94
N ILE H 141 -31.73 -26.13 7.85
CA ILE H 141 -32.86 -25.61 8.63
C ILE H 141 -33.90 -25.08 7.66
N SER H 142 -35.20 -25.23 7.94
CA SER H 142 -36.24 -24.57 7.13
C SER H 142 -36.64 -23.25 7.77
N SER H 143 -36.65 -22.17 6.99
CA SER H 143 -36.89 -20.82 7.50
C SER H 143 -38.27 -20.63 8.16
N PRO H 144 -38.40 -19.75 9.16
CA PRO H 144 -39.66 -19.37 9.80
C PRO H 144 -40.51 -18.43 8.91
N MET H 145 -40.77 -18.84 7.68
CA MET H 145 -41.65 -18.14 6.75
C MET H 145 -42.99 -18.84 6.62
N ASP H 146 -44.08 -18.07 6.58
CA ASP H 146 -45.47 -18.54 6.46
C ASP H 146 -45.74 -19.35 5.20
N THR H 147 -44.92 -19.12 4.19
CA THR H 147 -44.90 -19.82 2.92
C THR H 147 -44.14 -21.13 2.97
N VAL H 148 -43.50 -21.48 4.09
CA VAL H 148 -42.52 -22.59 4.17
C VAL H 148 -42.80 -23.57 5.30
N THR H 149 -42.84 -23.11 6.56
CA THR H 149 -42.70 -24.02 7.71
C THR H 149 -43.92 -24.02 8.62
N GLU H 150 -44.78 -25.00 8.41
CA GLU H 150 -45.77 -25.50 9.37
C GLU H 150 -45.42 -26.94 9.79
N ALA H 151 -46.25 -27.63 10.57
CA ALA H 151 -45.82 -28.85 11.28
C ALA H 151 -45.34 -29.99 10.39
N ASP H 152 -45.97 -30.23 9.24
CA ASP H 152 -45.55 -31.27 8.29
C ASP H 152 -44.18 -30.98 7.69
N MET H 153 -43.89 -29.71 7.40
CA MET H 153 -42.53 -29.31 6.97
C MET H 153 -41.54 -29.44 8.11
N ALA H 154 -41.90 -29.06 9.33
CA ALA H 154 -41.02 -29.23 10.49
C ALA H 154 -40.74 -30.71 10.82
N ILE H 155 -41.73 -31.59 10.73
CA ILE H 155 -41.57 -33.03 10.85
C ILE H 155 -40.65 -33.55 9.76
N ALA H 156 -40.89 -33.19 8.49
CA ALA H 156 -40.05 -33.66 7.39
C ALA H 156 -38.60 -33.32 7.66
N MET H 157 -38.30 -32.05 7.95
CA MET H 157 -36.95 -31.58 8.29
C MET H 157 -36.30 -32.31 9.47
N ALA H 158 -37.01 -32.48 10.59
CA ALA H 158 -36.43 -33.12 11.76
C ALA H 158 -36.09 -34.60 11.51
N LEU H 159 -36.95 -35.35 10.81
CA LEU H 159 -36.67 -36.74 10.46
C LEU H 159 -35.42 -36.88 9.61
N MET H 160 -35.19 -35.94 8.70
CA MET H 160 -33.97 -35.90 7.91
C MET H 160 -32.70 -35.50 8.66
N GLY H 161 -32.80 -35.03 9.90
CA GLY H 161 -31.66 -34.62 10.72
C GLY H 161 -31.34 -33.13 10.70
N GLY H 162 -32.21 -32.31 10.11
CA GLY H 162 -32.23 -30.86 10.26
C GLY H 162 -33.17 -30.41 11.38
N ILE H 163 -33.76 -29.22 11.27
CA ILE H 163 -34.85 -28.75 12.13
C ILE H 163 -35.71 -27.76 11.33
N GLY H 164 -36.98 -27.62 11.67
CA GLY H 164 -37.80 -26.53 11.14
C GLY H 164 -38.17 -25.55 12.24
N PHE H 165 -38.20 -24.26 11.92
CA PHE H 165 -38.77 -23.26 12.80
C PHE H 165 -40.15 -22.88 12.29
N ILE H 166 -41.20 -23.20 13.05
CA ILE H 166 -42.57 -22.89 12.63
C ILE H 166 -42.77 -21.38 12.64
N HIS H 167 -43.45 -20.85 11.62
CA HIS H 167 -43.68 -19.41 11.47
C HIS H 167 -44.67 -18.84 12.48
N HIS H 168 -44.80 -17.52 12.56
CA HIS H 168 -45.69 -16.84 13.51
C HIS H 168 -46.66 -15.84 12.90
N ASN H 169 -46.94 -15.92 11.60
CA ASN H 169 -48.15 -15.34 10.99
C ASN H 169 -49.38 -16.23 11.32
N CYS H 170 -49.59 -16.45 12.61
CA CYS H 170 -50.54 -17.36 13.22
C CYS H 170 -51.17 -16.65 14.43
N THR H 171 -52.42 -16.97 14.75
CA THR H 171 -52.92 -16.75 16.13
C THR H 171 -52.10 -17.61 17.10
N PRO H 172 -51.74 -17.17 18.32
CA PRO H 172 -50.82 -17.89 19.20
C PRO H 172 -51.16 -19.37 19.44
N GLU H 173 -52.43 -19.72 19.60
CA GLU H 173 -52.86 -21.11 19.75
C GLU H 173 -52.57 -21.97 18.52
N PHE H 174 -52.64 -21.43 17.31
CA PHE H 174 -52.35 -22.21 16.10
C PHE H 174 -50.87 -22.57 15.98
N GLN H 175 -49.96 -21.64 16.32
CA GLN H 175 -48.54 -21.99 16.33
C GLN H 175 -48.27 -23.04 17.41
N ALA H 176 -48.84 -22.89 18.60
CA ALA H 176 -48.71 -23.88 19.66
C ALA H 176 -49.27 -25.25 19.25
N ASN H 177 -50.37 -25.31 18.51
CA ASN H 177 -50.91 -26.57 17.99
C ASN H 177 -49.96 -27.22 16.98
N GLU H 178 -49.41 -26.47 16.04
CA GLU H 178 -48.43 -27.02 15.10
C GLU H 178 -47.14 -27.48 15.82
N VAL H 179 -46.66 -26.78 16.85
CA VAL H 179 -45.52 -27.25 17.64
C VAL H 179 -45.84 -28.54 18.38
N ARG H 180 -47.00 -28.61 19.07
CA ARG H 180 -47.49 -29.81 19.76
C ARG H 180 -47.55 -31.02 18.81
N LYS H 181 -48.03 -30.80 17.59
CA LYS H 181 -48.11 -31.81 16.53
C LYS H 181 -46.73 -32.35 16.13
N VAL H 182 -45.70 -31.51 16.01
CA VAL H 182 -44.32 -31.97 15.77
C VAL H 182 -43.81 -32.80 16.94
N LYS H 183 -44.03 -32.36 18.18
CA LYS H 183 -43.49 -33.06 19.36
C LYS H 183 -44.11 -34.44 19.57
N LYS H 184 -45.40 -34.64 19.29
CA LYS H 184 -46.09 -35.93 19.48
C LYS H 184 -45.90 -36.97 18.36
N PHE H 185 -45.32 -36.62 17.21
CA PHE H 185 -45.01 -37.54 16.11
C PHE H 185 -44.06 -38.66 16.56
N ARG H 306 -36.97 -47.74 10.87
CA ARG H 306 -35.59 -47.37 11.18
C ARG H 306 -34.86 -46.72 9.99
N ASP H 307 -35.59 -46.38 8.93
CA ASP H 307 -35.10 -45.74 7.71
C ASP H 307 -34.81 -44.22 7.86
N TYR H 308 -34.81 -43.69 9.08
CA TYR H 308 -34.32 -42.35 9.42
C TYR H 308 -33.18 -42.45 10.46
N PRO H 309 -31.93 -42.73 10.04
CA PRO H 309 -30.81 -42.80 10.99
C PRO H 309 -30.47 -41.46 11.62
N LEU H 310 -30.60 -40.37 10.86
CA LEU H 310 -30.11 -39.03 11.21
C LEU H 310 -31.05 -38.20 12.09
N ALA H 311 -32.18 -38.76 12.54
CA ALA H 311 -33.30 -37.99 13.09
C ALA H 311 -32.93 -37.04 14.23
N SER H 312 -33.44 -35.82 14.17
CA SER H 312 -33.29 -34.80 15.22
C SER H 312 -34.29 -35.01 16.34
N LYS H 313 -33.86 -35.67 17.41
CA LYS H 313 -34.70 -36.05 18.56
C LYS H 313 -34.14 -35.50 19.88
N ASP H 314 -35.02 -35.20 20.83
CA ASP H 314 -34.65 -34.76 22.17
C ASP H 314 -34.33 -35.95 23.11
N SER H 315 -34.02 -35.65 24.38
CA SER H 315 -33.73 -36.67 25.40
C SER H 315 -34.90 -37.62 25.69
N GLN H 316 -36.13 -37.26 25.34
CA GLN H 316 -37.33 -38.08 25.46
C GLN H 316 -37.71 -38.79 24.14
N LYS H 317 -36.81 -38.74 23.14
CA LYS H 317 -36.94 -39.34 21.80
C LYS H 317 -38.07 -38.76 20.93
N GLN H 318 -38.62 -37.61 21.29
CA GLN H 318 -39.53 -36.82 20.45
C GLN H 318 -38.74 -35.97 19.46
N LEU H 319 -39.29 -35.62 18.29
CA LEU H 319 -38.60 -34.76 17.32
C LEU H 319 -38.31 -33.37 17.89
N LEU H 320 -37.21 -32.74 17.48
CA LEU H 320 -36.92 -31.34 17.79
C LEU H 320 -37.79 -30.40 16.99
N CYS H 321 -38.29 -29.34 17.62
CA CYS H 321 -39.08 -28.30 16.98
C CYS H 321 -38.61 -26.90 17.39
N GLY H 322 -38.46 -26.02 16.41
CA GLY H 322 -38.28 -24.59 16.62
C GLY H 322 -39.56 -23.79 16.42
N ALA H 323 -39.64 -22.61 16.99
CA ALA H 323 -40.74 -21.67 16.81
C ALA H 323 -40.20 -20.25 16.64
N ALA H 324 -40.95 -19.39 15.96
CA ALA H 324 -40.64 -17.98 15.85
C ALA H 324 -41.53 -17.14 16.78
N VAL H 325 -40.94 -16.09 17.34
CA VAL H 325 -41.59 -15.16 18.26
C VAL H 325 -41.15 -13.74 17.91
N GLY H 326 -42.04 -12.76 17.99
CA GLY H 326 -41.69 -11.35 17.82
C GLY H 326 -41.18 -10.72 19.11
N THR H 327 -40.97 -9.40 19.13
CA THR H 327 -40.45 -8.68 20.31
C THR H 327 -41.43 -7.63 20.85
N ARG H 328 -42.71 -7.69 20.44
CA ARG H 328 -43.82 -6.93 21.05
C ARG H 328 -44.17 -7.51 22.42
N GLU H 329 -45.01 -6.83 23.17
CA GLU H 329 -45.46 -7.27 24.50
C GLU H 329 -46.31 -8.54 24.46
N ASP H 330 -47.24 -8.67 23.50
CA ASP H 330 -48.16 -9.81 23.41
C ASP H 330 -47.45 -11.12 23.04
N ASP H 331 -46.26 -11.06 22.47
CA ASP H 331 -45.41 -12.24 22.26
C ASP H 331 -45.00 -12.93 23.57
N LYS H 332 -45.04 -12.25 24.72
CA LYS H 332 -44.83 -12.92 26.02
C LYS H 332 -45.91 -13.96 26.34
N TYR H 333 -47.14 -13.78 25.85
CA TYR H 333 -48.19 -14.79 25.94
C TYR H 333 -47.99 -15.93 24.94
N ARG H 334 -47.68 -15.61 23.68
CA ARG H 334 -47.36 -16.60 22.64
C ARG H 334 -46.25 -17.55 23.10
N LEU H 335 -45.20 -17.01 23.72
CA LEU H 335 -44.08 -17.78 24.23
C LEU H 335 -44.44 -18.80 25.30
N ASP H 336 -45.42 -18.51 26.15
CA ASP H 336 -45.92 -19.47 27.14
C ASP H 336 -46.60 -20.66 26.45
N LEU H 337 -47.47 -20.41 25.47
CA LEU H 337 -48.15 -21.48 24.74
C LEU H 337 -47.14 -22.37 23.98
N LEU H 338 -46.16 -21.78 23.32
CA LEU H 338 -45.07 -22.51 22.68
C LEU H 338 -44.25 -23.32 23.69
N THR H 339 -44.09 -22.83 24.91
CA THR H 339 -43.42 -23.59 25.98
C THR H 339 -44.27 -24.76 26.46
N GLN H 340 -45.59 -24.59 26.65
CA GLN H 340 -46.49 -25.70 27.00
C GLN H 340 -46.60 -26.74 25.90
N ALA H 341 -46.53 -26.34 24.62
CA ALA H 341 -46.40 -27.24 23.48
C ALA H 341 -45.05 -28.01 23.45
N GLY H 342 -44.08 -27.64 24.29
CA GLY H 342 -42.81 -28.34 24.43
C GLY H 342 -41.73 -27.96 23.42
N VAL H 343 -41.72 -26.72 22.92
CA VAL H 343 -40.72 -26.24 21.96
C VAL H 343 -39.27 -26.35 22.50
N ASP H 344 -38.31 -26.64 21.63
CA ASP H 344 -36.91 -26.84 22.02
C ASP H 344 -36.03 -25.57 21.87
N VAL H 345 -36.38 -24.67 20.95
CA VAL H 345 -35.59 -23.51 20.56
C VAL H 345 -36.48 -22.42 19.95
N ILE H 346 -36.27 -21.17 20.34
CA ILE H 346 -37.00 -19.99 19.90
C ILE H 346 -36.10 -19.15 19.01
N VAL H 347 -36.59 -18.68 17.86
CA VAL H 347 -35.90 -17.66 17.08
C VAL H 347 -36.62 -16.32 17.25
N LEU H 348 -35.92 -15.29 17.69
CA LEU H 348 -36.50 -13.97 17.81
C LEU H 348 -36.48 -13.35 16.42
N ASP H 349 -37.66 -13.09 15.87
CA ASP H 349 -37.83 -12.72 14.48
C ASP H 349 -37.89 -11.20 14.32
N SER H 350 -36.78 -10.59 13.89
CA SER H 350 -36.70 -9.15 13.61
C SER H 350 -35.69 -8.88 12.48
N SER H 351 -35.92 -7.85 11.67
CA SER H 351 -35.02 -7.50 10.55
C SER H 351 -33.72 -6.85 11.02
N GLN H 352 -33.72 -6.24 12.21
CA GLN H 352 -32.60 -5.57 12.85
C GLN H 352 -32.63 -5.96 14.34
N GLY H 353 -31.89 -6.99 14.72
CA GLY H 353 -32.02 -7.62 16.03
C GLY H 353 -31.38 -6.87 17.19
N ASN H 354 -30.54 -5.89 16.91
CA ASN H 354 -29.80 -5.16 17.93
C ASN H 354 -30.62 -4.02 18.51
N SER H 355 -31.52 -4.32 19.43
CA SER H 355 -32.45 -3.35 19.96
C SER H 355 -32.74 -3.59 21.43
N VAL H 356 -33.12 -2.54 22.15
CA VAL H 356 -33.59 -2.66 23.55
C VAL H 356 -34.75 -3.63 23.68
N TYR H 357 -35.64 -3.66 22.68
CA TYR H 357 -36.81 -4.52 22.64
C TYR H 357 -36.46 -6.00 22.55
N GLN H 358 -35.48 -6.35 21.70
CA GLN H 358 -35.04 -7.73 21.61
C GLN H 358 -34.18 -8.15 22.79
N ILE H 359 -33.33 -7.28 23.31
CA ILE H 359 -32.50 -7.59 24.48
C ILE H 359 -33.37 -7.78 25.72
N ALA H 360 -34.38 -6.93 25.92
CA ALA H 360 -35.40 -7.13 26.94
C ALA H 360 -36.12 -8.47 26.79
N MET H 361 -36.45 -8.89 25.56
CA MET H 361 -37.03 -10.21 25.33
C MET H 361 -36.07 -11.34 25.69
N VAL H 362 -34.80 -11.34 25.25
CA VAL H 362 -33.84 -12.40 25.63
C VAL H 362 -33.68 -12.52 27.14
N HIS H 363 -33.56 -11.40 27.85
CA HIS H 363 -33.49 -11.38 29.31
C HIS H 363 -34.74 -11.97 29.94
N TYR H 364 -35.93 -11.65 29.44
CA TYR H 364 -37.18 -12.27 29.88
C TYR H 364 -37.21 -13.78 29.66
N ILE H 365 -36.86 -14.27 28.47
CA ILE H 365 -36.88 -15.71 28.19
C ILE H 365 -35.93 -16.46 29.12
N LYS H 366 -34.73 -15.94 29.34
CA LYS H 366 -33.72 -16.58 30.21
C LYS H 366 -34.14 -16.63 31.67
N GLN H 367 -34.79 -15.58 32.17
CA GLN H 367 -35.28 -15.56 33.53
C GLN H 367 -36.49 -16.49 33.73
N LYS H 368 -37.49 -16.45 32.83
CA LYS H 368 -38.75 -17.19 32.99
C LYS H 368 -38.68 -18.65 32.57
N TYR H 369 -37.81 -18.99 31.61
CA TYR H 369 -37.67 -20.34 31.04
C TYR H 369 -36.19 -20.71 30.96
N PRO H 370 -35.51 -21.01 32.07
CA PRO H 370 -34.04 -21.16 32.03
C PRO H 370 -33.57 -22.38 31.26
N HIS H 371 -34.44 -23.25 30.77
CA HIS H 371 -34.12 -24.42 29.95
C HIS H 371 -34.19 -24.14 28.44
N LEU H 372 -34.70 -22.98 28.03
CA LEU H 372 -35.09 -22.71 26.64
C LEU H 372 -33.98 -21.99 25.88
N GLN H 373 -33.67 -22.46 24.68
CA GLN H 373 -32.59 -21.92 23.87
C GLN H 373 -33.15 -20.85 22.95
N VAL H 374 -32.42 -19.73 22.81
CA VAL H 374 -32.87 -18.58 22.05
C VAL H 374 -31.87 -18.23 20.96
N ILE H 375 -32.36 -17.91 19.78
CA ILE H 375 -31.56 -17.48 18.63
C ILE H 375 -31.90 -16.02 18.33
N GLY H 376 -30.89 -15.16 18.24
CA GLY H 376 -31.08 -13.72 18.25
C GLY H 376 -31.24 -13.06 16.89
N GLY H 377 -32.46 -12.61 16.58
CA GLY H 377 -32.72 -11.51 15.66
C GLY H 377 -32.23 -11.74 14.26
N ASN H 378 -31.86 -10.65 13.59
CA ASN H 378 -30.90 -10.68 12.52
C ASN H 378 -29.78 -9.69 12.83
N VAL H 379 -28.55 -10.11 12.57
CA VAL H 379 -27.32 -9.30 12.73
C VAL H 379 -26.44 -9.44 11.50
N VAL H 380 -25.64 -8.42 11.21
CA VAL H 380 -24.66 -8.42 10.11
C VAL H 380 -23.31 -7.84 10.52
N THR H 381 -23.19 -7.27 11.71
CA THR H 381 -21.94 -6.75 12.27
C THR H 381 -21.62 -7.35 13.64
N ALA H 382 -20.34 -7.40 13.98
CA ALA H 382 -19.85 -7.87 15.26
C ALA H 382 -20.33 -7.03 16.46
N ALA H 383 -20.67 -5.76 16.26
CA ALA H 383 -21.24 -4.90 17.32
C ALA H 383 -22.64 -5.33 17.75
N GLN H 384 -23.48 -5.66 16.77
CA GLN H 384 -24.78 -6.25 17.00
C GLN H 384 -24.67 -7.61 17.69
N ALA H 385 -23.80 -8.50 17.20
CA ALA H 385 -23.58 -9.80 17.78
C ALA H 385 -23.11 -9.67 19.21
N LYS H 386 -22.27 -8.68 19.55
CA LYS H 386 -21.81 -8.44 20.91
C LYS H 386 -22.97 -8.15 21.85
N ASN H 387 -23.80 -7.16 21.55
CA ASN H 387 -24.90 -6.81 22.44
C ASN H 387 -25.89 -7.96 22.65
N LEU H 388 -26.10 -8.84 21.67
CA LEU H 388 -26.95 -10.01 21.86
C LEU H 388 -26.23 -11.15 22.56
N ILE H 389 -24.94 -11.36 22.31
CA ILE H 389 -24.21 -12.40 23.02
C ILE H 389 -24.08 -12.05 24.48
N ASP H 390 -23.98 -10.76 24.80
CA ASP H 390 -23.96 -10.22 26.15
C ASP H 390 -25.32 -10.34 26.86
N ALA H 391 -26.44 -10.26 26.13
CA ALA H 391 -27.77 -10.52 26.65
C ALA H 391 -28.02 -12.00 27.02
N GLY H 392 -27.15 -12.91 26.58
CA GLY H 392 -27.18 -14.33 26.92
C GLY H 392 -27.81 -15.21 25.84
N VAL H 393 -27.93 -14.71 24.61
CA VAL H 393 -28.44 -15.48 23.47
C VAL H 393 -27.55 -16.68 23.15
N ASP H 394 -28.11 -17.74 22.56
CA ASP H 394 -27.39 -18.98 22.33
C ASP H 394 -27.04 -19.24 20.87
N GLY H 395 -27.68 -18.57 19.94
CA GLY H 395 -27.28 -18.63 18.55
C GLY H 395 -27.54 -17.27 17.95
N LEU H 396 -27.16 -17.12 16.71
CA LEU H 396 -27.41 -15.88 16.02
C LEU H 396 -27.85 -16.20 14.60
N ARG H 397 -28.63 -15.31 14.02
CA ARG H 397 -29.07 -15.45 12.64
C ARG H 397 -28.49 -14.29 11.84
N VAL H 398 -27.69 -14.60 10.85
CA VAL H 398 -27.02 -13.59 10.05
C VAL H 398 -27.79 -13.36 8.77
N GLY H 399 -27.88 -12.12 8.34
CA GLY H 399 -28.61 -11.80 7.14
C GLY H 399 -29.29 -10.47 7.20
N MET H 400 -29.41 -9.70 6.11
CA MET H 400 -30.22 -8.45 6.09
C MET H 400 -30.61 -8.07 4.65
N GLU H 410 -34.34 -3.80 -1.53
CA GLU H 410 -33.80 -2.88 -2.54
C GLU H 410 -33.82 -1.41 -2.05
N VAL H 411 -34.82 -1.08 -1.25
CA VAL H 411 -35.11 0.28 -0.74
C VAL H 411 -34.71 0.50 0.72
N MET H 412 -33.87 -0.36 1.30
CA MET H 412 -33.64 -0.40 2.76
C MET H 412 -32.54 0.53 3.33
N ALA H 413 -31.56 0.97 2.53
CA ALA H 413 -30.33 1.70 2.93
C ALA H 413 -29.36 0.97 3.89
N CYS H 414 -29.85 0.29 4.92
CA CYS H 414 -29.07 -0.66 5.71
C CYS H 414 -28.95 -2.01 5.03
N GLY H 415 -27.89 -2.72 5.36
CA GLY H 415 -27.71 -4.12 4.99
C GLY H 415 -26.24 -4.51 5.03
N ARG H 416 -25.91 -5.68 4.47
CA ARG H 416 -24.52 -6.06 4.17
C ARG H 416 -24.46 -7.14 3.10
N PRO H 417 -23.39 -7.22 2.28
CA PRO H 417 -23.10 -8.38 1.44
C PRO H 417 -22.94 -9.66 2.25
N GLN H 418 -23.65 -10.71 1.88
CA GLN H 418 -23.91 -11.83 2.79
C GLN H 418 -22.69 -12.71 3.10
N GLY H 419 -21.73 -12.85 2.19
CA GLY H 419 -20.48 -13.57 2.46
C GLY H 419 -19.64 -12.86 3.52
N THR H 420 -19.47 -11.55 3.39
CA THR H 420 -18.83 -10.72 4.42
C THR H 420 -19.57 -10.74 5.75
N ALA H 421 -20.90 -10.64 5.76
CA ALA H 421 -21.68 -10.68 6.98
C ALA H 421 -21.53 -12.02 7.72
N VAL H 422 -21.61 -13.14 7.02
CA VAL H 422 -21.43 -14.46 7.63
C VAL H 422 -20.04 -14.60 8.20
N TYR H 423 -19.00 -14.19 7.47
CA TYR H 423 -17.63 -14.29 7.97
C TYR H 423 -17.38 -13.39 9.19
N LYS H 424 -17.73 -12.11 9.13
CA LYS H 424 -17.51 -11.18 10.25
C LYS H 424 -18.27 -11.59 11.52
N VAL H 425 -19.55 -11.95 11.42
CA VAL H 425 -20.30 -12.32 12.62
C VAL H 425 -19.82 -13.65 13.16
N ALA H 426 -19.48 -14.58 12.29
CA ALA H 426 -19.04 -15.87 12.80
C ALA H 426 -17.68 -15.74 13.46
N GLU H 427 -16.74 -15.00 12.89
CA GLU H 427 -15.42 -14.82 13.51
C GLU H 427 -15.57 -14.17 14.88
N TYR H 428 -16.42 -13.16 15.04
CA TYR H 428 -16.67 -12.60 16.36
C TYR H 428 -17.33 -13.59 17.30
N ALA H 429 -18.44 -14.23 16.90
CA ALA H 429 -19.16 -15.08 17.83
C ALA H 429 -18.37 -16.32 18.20
N ARG H 430 -17.48 -16.82 17.34
CA ARG H 430 -16.60 -17.98 17.56
C ARG H 430 -15.70 -17.79 18.77
N ARG H 431 -15.39 -16.55 19.17
CA ARG H 431 -14.65 -16.20 20.39
C ARG H 431 -15.37 -16.59 21.67
N PHE H 432 -16.68 -16.76 21.61
CA PHE H 432 -17.58 -17.07 22.74
C PHE H 432 -18.23 -18.44 22.63
N GLY H 433 -17.96 -19.20 21.58
CA GLY H 433 -18.59 -20.50 21.34
C GLY H 433 -20.07 -20.42 20.98
N VAL H 434 -20.51 -19.34 20.32
CA VAL H 434 -21.89 -19.16 19.86
C VAL H 434 -21.97 -19.55 18.38
N PRO H 435 -22.84 -20.49 17.96
CA PRO H 435 -23.00 -20.85 16.55
C PRO H 435 -23.78 -19.80 15.77
N ILE H 436 -23.63 -19.80 14.45
CA ILE H 436 -24.21 -18.80 13.57
C ILE H 436 -25.06 -19.52 12.55
N ILE H 437 -26.20 -18.94 12.17
CA ILE H 437 -27.05 -19.44 11.08
C ILE H 437 -26.96 -18.45 9.91
N ALA H 438 -26.50 -18.92 8.75
CA ALA H 438 -26.53 -18.15 7.52
C ALA H 438 -27.92 -18.18 6.91
N ASP H 439 -28.56 -17.02 6.75
CA ASP H 439 -29.93 -16.95 6.28
C ASP H 439 -30.01 -16.01 5.08
N GLY H 440 -30.41 -16.54 3.92
CA GLY H 440 -30.55 -15.78 2.69
C GLY H 440 -29.27 -15.72 1.86
N GLY H 441 -29.40 -15.32 0.60
CA GLY H 441 -28.31 -15.35 -0.38
C GLY H 441 -27.97 -16.75 -0.88
N ILE H 442 -28.72 -17.77 -0.50
CA ILE H 442 -28.44 -19.17 -0.82
C ILE H 442 -29.35 -19.61 -1.94
N GLN H 443 -28.76 -20.06 -3.05
CA GLN H 443 -29.49 -20.49 -4.24
C GLN H 443 -29.03 -21.87 -4.77
N THR H 444 -27.79 -22.27 -4.47
CA THR H 444 -27.16 -23.49 -4.99
C THR H 444 -26.43 -24.26 -3.91
N VAL H 445 -26.08 -25.54 -4.14
CA VAL H 445 -25.16 -26.29 -3.28
C VAL H 445 -23.85 -25.53 -3.07
N GLY H 446 -23.34 -24.86 -4.09
CA GLY H 446 -22.09 -24.11 -4.01
C GLY H 446 -22.16 -23.00 -2.97
N HIS H 447 -23.29 -22.30 -2.88
CA HIS H 447 -23.53 -21.31 -1.84
C HIS H 447 -23.64 -21.94 -0.46
N VAL H 448 -24.16 -23.16 -0.31
CA VAL H 448 -24.22 -23.79 0.99
C VAL H 448 -22.84 -24.16 1.46
N VAL H 449 -22.00 -24.73 0.59
CA VAL H 449 -20.62 -25.09 0.94
C VAL H 449 -19.79 -23.85 1.27
N LYS H 450 -19.97 -22.75 0.55
CA LYS H 450 -19.31 -21.47 0.86
C LYS H 450 -19.75 -20.89 2.19
N ALA H 451 -21.05 -20.80 2.46
CA ALA H 451 -21.53 -20.32 3.75
C ALA H 451 -21.00 -21.16 4.89
N LEU H 452 -21.00 -22.48 4.75
CA LEU H 452 -20.45 -23.40 5.75
C LEU H 452 -18.97 -23.18 5.95
N ALA H 453 -18.20 -23.07 4.87
CA ALA H 453 -16.76 -22.85 4.93
C ALA H 453 -16.38 -21.52 5.56
N LEU H 454 -17.19 -20.47 5.46
CA LEU H 454 -16.98 -19.17 6.10
C LEU H 454 -17.35 -19.09 7.59
N GLY H 455 -17.88 -20.14 8.23
CA GLY H 455 -18.10 -20.15 9.67
C GLY H 455 -19.55 -20.32 10.09
N ALA H 456 -20.54 -20.16 9.21
CA ALA H 456 -21.89 -20.54 9.55
C ALA H 456 -21.93 -22.02 9.81
N SER H 457 -22.43 -22.42 10.98
CA SER H 457 -22.57 -23.83 11.38
C SER H 457 -23.80 -24.50 10.81
N THR H 458 -24.80 -23.71 10.44
CA THR H 458 -26.04 -24.17 9.81
C THR H 458 -26.50 -23.15 8.79
N VAL H 459 -27.25 -23.62 7.80
CA VAL H 459 -27.78 -22.80 6.72
C VAL H 459 -29.29 -22.94 6.73
N MET H 460 -29.99 -21.83 6.58
CA MET H 460 -31.44 -21.78 6.64
C MET H 460 -32.01 -21.68 5.22
N MET H 461 -32.44 -22.81 4.66
CA MET H 461 -33.03 -22.86 3.33
C MET H 461 -34.36 -22.11 3.33
N GLY H 462 -34.43 -21.05 2.52
CA GLY H 462 -35.60 -20.20 2.59
C GLY H 462 -36.70 -20.53 1.62
N SER H 463 -36.39 -20.53 0.33
CA SER H 463 -37.37 -20.76 -0.70
C SER H 463 -37.16 -22.07 -1.43
N LEU H 464 -35.90 -22.45 -1.68
CA LEU H 464 -35.64 -23.72 -2.33
C LEU H 464 -36.52 -24.81 -1.77
N LEU H 465 -36.89 -24.74 -0.50
CA LEU H 465 -37.82 -25.71 0.05
C LEU H 465 -39.24 -25.39 -0.37
N ALA H 466 -39.61 -24.11 -0.35
CA ALA H 466 -40.93 -23.72 -0.82
C ALA H 466 -41.14 -24.31 -2.19
N ALA H 467 -42.38 -24.59 -2.56
CA ALA H 467 -42.71 -25.27 -3.79
C ALA H 467 -42.40 -26.77 -3.72
N THR H 468 -42.45 -27.36 -2.55
CA THR H 468 -42.32 -28.80 -2.38
C THR H 468 -43.55 -29.38 -1.70
N THR H 469 -43.61 -30.71 -1.68
CA THR H 469 -44.81 -31.39 -1.23
C THR H 469 -45.26 -30.95 0.15
N GLU H 470 -44.32 -30.60 1.03
CA GLU H 470 -44.66 -30.30 2.41
C GLU H 470 -45.10 -28.86 2.62
N ALA H 471 -44.54 -27.93 1.88
CA ALA H 471 -44.85 -26.53 2.10
C ALA H 471 -46.36 -26.31 2.07
N PRO H 472 -46.90 -25.40 2.90
CA PRO H 472 -48.30 -24.98 2.89
C PRO H 472 -48.85 -24.67 1.50
N GLY H 526 -41.09 -31.05 -5.68
CA GLY H 526 -40.53 -32.30 -5.24
C GLY H 526 -40.93 -32.62 -3.81
N SER H 527 -40.23 -33.54 -3.19
CA SER H 527 -40.47 -33.88 -1.79
C SER H 527 -39.20 -33.72 -0.97
N ILE H 528 -39.35 -33.18 0.23
CA ILE H 528 -38.22 -33.04 1.13
C ILE H 528 -37.53 -34.38 1.31
N GLN H 529 -38.30 -35.41 1.61
CA GLN H 529 -37.80 -36.76 1.81
C GLN H 529 -36.91 -37.20 0.64
N LYS H 530 -37.04 -36.52 -0.52
CA LYS H 530 -36.27 -36.84 -1.71
C LYS H 530 -35.26 -35.77 -2.07
N PHE H 531 -35.42 -34.56 -1.54
CA PHE H 531 -34.60 -33.43 -1.96
C PHE H 531 -33.52 -33.08 -0.97
N VAL H 532 -33.65 -33.41 0.31
CA VAL H 532 -32.55 -33.05 1.20
C VAL H 532 -31.40 -34.02 1.00
N PRO H 533 -31.62 -35.31 0.75
CA PRO H 533 -30.47 -36.18 0.46
C PRO H 533 -29.66 -35.69 -0.72
N TYR H 534 -30.30 -35.08 -1.71
CA TYR H 534 -29.62 -34.46 -2.84
C TYR H 534 -28.73 -33.32 -2.37
N LEU H 535 -29.25 -32.44 -1.51
CA LEU H 535 -28.44 -31.36 -0.95
C LEU H 535 -27.28 -31.90 -0.13
N ILE H 536 -27.52 -32.93 0.67
CA ILE H 536 -26.54 -33.54 1.57
C ILE H 536 -25.41 -34.17 0.75
N ALA H 537 -25.71 -34.91 -0.33
CA ALA H 537 -24.67 -35.44 -1.18
C ALA H 537 -23.90 -34.32 -1.86
N GLY H 538 -24.56 -33.23 -2.22
CA GLY H 538 -23.90 -32.04 -2.76
C GLY H 538 -22.88 -31.46 -1.78
N ILE H 539 -23.27 -31.29 -0.52
CA ILE H 539 -22.37 -30.77 0.53
C ILE H 539 -21.19 -31.71 0.76
N GLN H 540 -21.42 -33.02 0.74
CA GLN H 540 -20.36 -34.01 0.92
C GLN H 540 -19.36 -34.03 -0.23
N HIS H 541 -19.80 -33.90 -1.49
CA HIS H 541 -18.88 -33.75 -2.63
C HIS H 541 -18.12 -32.44 -2.58
N GLY H 542 -18.77 -31.34 -2.17
CA GLY H 542 -18.10 -30.06 -1.93
C GLY H 542 -16.98 -30.20 -0.89
N CYS H 543 -17.27 -30.77 0.28
CA CYS H 543 -16.24 -31.00 1.28
C CYS H 543 -15.12 -31.94 0.82
N GLN H 544 -15.45 -32.96 0.03
CA GLN H 544 -14.44 -33.84 -0.53
C GLN H 544 -13.48 -33.10 -1.46
N ASP H 545 -13.96 -32.24 -2.38
CA ASP H 545 -13.09 -31.49 -3.28
C ASP H 545 -12.14 -30.52 -2.54
N ILE H 546 -12.63 -29.94 -1.45
CA ILE H 546 -11.89 -29.10 -0.51
C ILE H 546 -10.88 -29.92 0.31
N GLY H 547 -11.09 -31.22 0.47
CA GLY H 547 -10.24 -32.10 1.27
C GLY H 547 -10.54 -32.06 2.77
N ALA H 548 -11.75 -31.69 3.18
CA ALA H 548 -12.17 -31.66 4.59
C ALA H 548 -13.06 -32.87 4.95
N ARG H 549 -12.65 -33.68 5.94
CA ARG H 549 -13.38 -34.88 6.40
C ARG H 549 -14.69 -34.63 7.14
N SER H 550 -14.90 -33.42 7.60
CA SER H 550 -16.00 -33.00 8.45
C SER H 550 -16.22 -31.50 8.30
N LEU H 551 -17.43 -31.01 8.56
CA LEU H 551 -17.67 -29.56 8.60
C LEU H 551 -16.92 -28.83 9.72
N SER H 552 -16.68 -29.46 10.87
CA SER H 552 -15.87 -28.84 11.92
C SER H 552 -14.38 -28.80 11.56
N VAL H 553 -13.90 -29.84 10.86
CA VAL H 553 -12.57 -29.83 10.20
C VAL H 553 -12.49 -28.73 9.15
N LEU H 554 -13.48 -28.57 8.28
CA LEU H 554 -13.55 -27.50 7.30
C LEU H 554 -13.41 -26.12 7.94
N ARG H 555 -14.14 -25.83 9.03
CA ARG H 555 -14.07 -24.52 9.71
C ARG H 555 -12.73 -24.33 10.41
N SER H 556 -12.15 -25.39 10.98
CA SER H 556 -10.81 -25.35 11.54
C SER H 556 -9.71 -25.10 10.50
N MET H 557 -9.81 -25.62 9.28
CA MET H 557 -8.91 -25.28 8.17
C MET H 557 -9.09 -23.82 7.74
N MET H 558 -10.32 -23.29 7.80
CA MET H 558 -10.55 -21.89 7.41
C MET H 558 -9.93 -20.90 8.39
N TYR H 559 -10.14 -21.06 9.70
CA TYR H 559 -9.61 -20.13 10.69
C TYR H 559 -8.08 -20.23 10.88
N SER H 560 -7.47 -21.37 10.55
CA SER H 560 -6.01 -21.58 10.66
C SER H 560 -5.20 -21.10 9.45
N GLY H 561 -5.84 -20.71 8.35
CA GLY H 561 -5.18 -20.22 7.14
C GLY H 561 -4.80 -21.30 6.14
N GLU H 562 -5.11 -22.56 6.42
CA GLU H 562 -4.87 -23.69 5.51
C GLU H 562 -5.82 -23.70 4.31
N LEU H 563 -7.10 -23.43 4.54
CA LEU H 563 -8.08 -23.28 3.48
C LEU H 563 -7.82 -21.97 2.74
N LYS H 564 -7.78 -22.02 1.41
CA LYS H 564 -7.42 -20.88 0.56
C LYS H 564 -8.56 -20.49 -0.35
N PHE H 565 -8.64 -19.21 -0.64
CA PHE H 565 -9.72 -18.57 -1.37
C PHE H 565 -9.15 -17.75 -2.51
N GLU H 566 -9.92 -17.59 -3.58
CA GLU H 566 -9.59 -16.65 -4.64
C GLU H 566 -10.79 -15.80 -4.97
N LYS H 567 -10.57 -14.52 -5.22
CA LYS H 567 -11.59 -13.56 -5.64
C LYS H 567 -11.84 -13.69 -7.14
N ARG H 568 -13.09 -13.59 -7.59
CA ARG H 568 -13.51 -13.58 -8.99
C ARG H 568 -13.97 -12.18 -9.40
N THR H 569 -13.29 -11.53 -10.32
CA THR H 569 -13.88 -10.40 -11.07
C THR H 569 -15.03 -10.89 -11.96
N MET H 570 -15.90 -10.00 -12.44
CA MET H 570 -17.15 -10.40 -13.12
C MET H 570 -16.96 -11.36 -14.29
N SER H 571 -15.96 -11.16 -15.15
CA SER H 571 -15.66 -12.07 -16.25
C SER H 571 -15.31 -13.49 -15.80
N ALA H 572 -14.72 -13.68 -14.62
CA ALA H 572 -14.49 -15.01 -14.06
C ALA H 572 -15.77 -15.66 -13.53
N GLN H 573 -16.71 -14.86 -13.02
CA GLN H 573 -18.05 -15.32 -12.67
C GLN H 573 -18.82 -15.74 -13.93
N ILE H 574 -18.73 -14.94 -15.01
CA ILE H 574 -19.36 -15.23 -16.31
C ILE H 574 -18.79 -16.51 -16.94
N GLU H 575 -17.47 -16.74 -16.88
CA GLU H 575 -16.87 -17.94 -17.48
C GLU H 575 -17.16 -19.24 -16.70
N GLY H 576 -17.54 -19.14 -15.42
CA GLY H 576 -18.18 -20.24 -14.69
C GLY H 576 -19.69 -20.35 -14.94
N GLY H 577 -20.38 -19.21 -15.07
CA GLY H 577 -21.83 -19.09 -15.27
C GLY H 577 -22.57 -18.81 -13.95
N VAL H 578 -23.20 -17.62 -13.85
CA VAL H 578 -23.85 -17.13 -12.61
C VAL H 578 -25.15 -16.32 -12.83
N HIS H 579 -25.47 -15.92 -14.07
CA HIS H 579 -26.52 -14.93 -14.36
C HIS H 579 -27.09 -15.10 -15.77
#